data_2LSP
#
_entry.id   2LSP
#
loop_
_entity.id
_entity.type
_entity.pdbx_description
1 polymer 'NF-kB-K310ac peptide'
2 polymer 'Bromodomain-containing protein 4'
#
loop_
_entity_poly.entity_id
_entity_poly.type
_entity_poly.pdbx_seq_one_letter_code
_entity_poly.pdbx_strand_id
1 'polypeptide(L)' RTYETF(ALY)SIMKKS A
2 'polypeptide(L)'
;KDVPDSQQHPAPEKSSKVSEQLKCCSGILKEMFAKKHAAYAWPFYKPVDVEALGLHDYCDIIKHPMDMSTIKSKLEAREY
RDAQEFGADVRLMFSNCYKYNPPDHEVVAMARKLQDVFEMRFAKMPDE
;
B
#
# COMPACT_ATOMS: atom_id res chain seq x y z
N ARG A 1 12.81 8.05 19.55
CA ARG A 1 12.37 9.19 20.40
C ARG A 1 10.85 9.16 20.57
N THR A 2 10.31 10.18 21.21
CA THR A 2 8.87 10.34 21.30
C THR A 2 8.32 10.82 19.95
N TYR A 3 7.20 10.26 19.54
CA TYR A 3 6.63 10.56 18.24
C TYR A 3 5.88 11.89 18.27
N GLU A 4 6.66 12.96 18.23
CA GLU A 4 6.13 14.31 18.22
C GLU A 4 5.58 14.65 16.84
N THR A 5 6.14 14.01 15.83
CA THR A 5 5.81 14.31 14.45
C THR A 5 4.74 13.35 13.90
N PHE A 6 4.10 13.79 12.83
CA PHE A 6 3.26 12.95 12.01
C PHE A 6 3.52 13.31 10.56
OH ALY A 7 0.90 7.92 6.32
CH ALY A 7 1.48 8.19 5.27
CH3 ALY A 7 0.70 8.32 3.98
NZ ALY A 7 2.79 8.36 5.25
CE ALY A 7 3.62 8.24 6.46
CD ALY A 7 3.27 9.31 7.49
CG ALY A 7 3.79 10.67 7.06
CB ALY A 7 2.75 11.77 7.23
CA ALY A 7 3.17 12.89 8.20
N ALY A 7 3.04 12.51 9.60
C ALY A 7 2.32 14.14 7.94
O ALY A 7 1.11 14.04 7.73
HH31 ALY A 7 -0.21 7.74 4.05
HH32 ALY A 7 0.45 9.36 3.81
HH33 ALY A 7 1.29 7.96 3.16
HZ ALY A 7 3.24 8.56 4.41
HE3 ALY A 7 3.45 7.27 6.90
HE2 ALY A 7 4.65 8.33 6.19
HD3 ALY A 7 2.20 9.38 7.59
HD2 ALY A 7 3.71 9.04 8.44
HG3 ALY A 7 4.66 10.91 7.66
HG2 ALY A 7 4.07 10.62 6.03
HB3 ALY A 7 2.61 12.23 6.25
HB2 ALY A 7 1.80 11.33 7.55
HA ALY A 7 4.21 13.13 8.02
H ALY A 7 2.60 11.68 9.84
N SER A 8 2.94 15.31 8.04
CA SER A 8 2.25 16.59 7.89
C SER A 8 1.54 16.68 6.54
N ILE A 9 0.24 16.95 6.60
CA ILE A 9 -0.60 16.90 5.42
C ILE A 9 -1.17 18.27 5.09
N MET A 10 -0.70 18.84 3.97
CA MET A 10 -1.19 20.11 3.46
C MET A 10 -0.92 21.25 4.44
N LYS A 11 0.08 22.06 4.12
CA LYS A 11 0.41 23.24 4.92
C LYS A 11 -0.75 24.24 4.86
N LYS A 12 -1.70 24.07 5.78
CA LYS A 12 -2.87 24.93 5.84
C LYS A 12 -2.58 26.15 6.71
N SER A 13 -1.61 26.01 7.58
CA SER A 13 -1.21 27.09 8.45
C SER A 13 -0.29 28.06 7.71
N LYS B 1 3.64 -27.59 -16.78
CA LYS B 1 2.17 -27.67 -16.84
C LYS B 1 1.67 -28.73 -15.86
N ASP B 2 0.79 -28.30 -14.94
CA ASP B 2 0.23 -29.20 -13.93
C ASP B 2 1.34 -29.86 -13.11
N VAL B 3 1.99 -29.08 -12.27
CA VAL B 3 3.08 -29.58 -11.45
C VAL B 3 2.71 -29.57 -9.97
N PRO B 4 3.12 -30.59 -9.21
CA PRO B 4 2.86 -30.69 -7.78
C PRO B 4 3.95 -30.02 -6.93
N ASP B 5 4.88 -29.36 -7.61
CA ASP B 5 5.97 -28.68 -6.92
C ASP B 5 5.53 -27.31 -6.45
N SER B 6 5.09 -27.25 -5.19
CA SER B 6 4.55 -26.02 -4.63
C SER B 6 5.13 -25.71 -3.26
N GLN B 7 6.43 -25.94 -3.11
CA GLN B 7 7.11 -25.66 -1.85
C GLN B 7 7.71 -24.27 -1.90
N GLN B 8 8.72 -24.09 -2.74
CA GLN B 8 9.40 -22.81 -2.88
C GLN B 8 8.49 -21.80 -3.58
N HIS B 9 7.66 -22.29 -4.48
CA HIS B 9 6.69 -21.44 -5.16
C HIS B 9 5.32 -22.07 -5.12
N PRO B 10 4.34 -21.24 -4.77
CA PRO B 10 2.94 -21.62 -4.78
C PRO B 10 2.44 -21.71 -6.21
N ALA B 11 3.13 -21.00 -7.08
CA ALA B 11 2.79 -20.91 -8.47
C ALA B 11 3.39 -22.05 -9.25
N PRO B 12 2.83 -22.29 -10.42
CA PRO B 12 3.29 -23.30 -11.36
C PRO B 12 4.78 -23.14 -11.69
N GLU B 13 5.07 -22.30 -12.67
CA GLU B 13 6.39 -21.74 -12.81
C GLU B 13 6.35 -20.37 -12.18
N LYS B 14 5.22 -19.69 -12.41
CA LYS B 14 4.86 -18.47 -11.73
C LYS B 14 3.49 -18.02 -12.22
N SER B 15 2.63 -17.68 -11.28
CA SER B 15 1.31 -17.14 -11.57
C SER B 15 0.39 -18.13 -12.27
N SER B 16 -0.45 -18.76 -11.47
CA SER B 16 -1.64 -19.40 -11.98
C SER B 16 -2.81 -18.46 -11.69
N LYS B 17 -2.71 -17.78 -10.54
CA LYS B 17 -3.64 -16.73 -10.16
C LYS B 17 -2.93 -15.38 -10.11
N VAL B 18 -1.69 -15.39 -9.63
CA VAL B 18 -0.93 -14.18 -9.30
C VAL B 18 -1.07 -13.06 -10.29
N SER B 19 -0.42 -13.21 -11.42
CA SER B 19 -0.27 -12.12 -12.35
C SER B 19 -1.64 -11.64 -12.84
N GLU B 20 -2.60 -12.55 -12.81
CA GLU B 20 -4.00 -12.25 -13.07
C GLU B 20 -4.53 -11.37 -11.93
N GLN B 21 -4.18 -11.76 -10.72
CA GLN B 21 -4.48 -11.03 -9.52
C GLN B 21 -3.82 -9.67 -9.49
N LEU B 22 -2.54 -9.64 -9.79
CA LEU B 22 -1.75 -8.40 -9.80
C LEU B 22 -2.35 -7.45 -10.78
N LYS B 23 -2.58 -7.97 -11.94
CA LYS B 23 -3.29 -7.25 -12.96
C LYS B 23 -4.61 -6.70 -12.41
N CYS B 24 -5.24 -7.50 -11.57
CA CYS B 24 -6.43 -7.07 -10.84
C CYS B 24 -6.02 -6.01 -9.84
N CYS B 25 -4.96 -6.30 -9.10
CA CYS B 25 -4.44 -5.47 -8.07
C CYS B 25 -4.18 -4.09 -8.61
N SER B 26 -3.41 -4.02 -9.66
CA SER B 26 -3.14 -2.75 -10.33
C SER B 26 -4.42 -2.03 -10.67
N GLY B 27 -5.40 -2.70 -11.24
CA GLY B 27 -6.64 -2.02 -11.59
C GLY B 27 -7.40 -1.62 -10.35
N ILE B 28 -6.94 -2.17 -9.26
CA ILE B 28 -7.54 -2.03 -7.96
C ILE B 28 -6.84 -0.93 -7.17
N LEU B 29 -5.54 -0.89 -7.33
CA LEU B 29 -4.73 0.14 -6.76
C LEU B 29 -4.73 1.36 -7.61
N LYS B 30 -4.68 1.13 -8.90
CA LYS B 30 -4.73 2.21 -9.83
C LYS B 30 -6.13 2.76 -9.81
N GLU B 31 -7.04 1.91 -9.32
CA GLU B 31 -8.34 2.34 -8.92
C GLU B 31 -8.16 3.31 -7.79
N MET B 32 -7.39 2.95 -6.78
CA MET B 32 -7.21 3.81 -5.64
C MET B 32 -6.49 5.04 -6.10
N PHE B 33 -5.66 4.84 -7.10
CA PHE B 33 -4.92 5.88 -7.69
C PHE B 33 -5.80 6.80 -8.53
N ALA B 34 -7.07 6.43 -8.63
CA ALA B 34 -8.06 7.25 -9.31
C ALA B 34 -8.33 8.51 -8.52
N LYS B 35 -8.58 9.60 -9.22
CA LYS B 35 -8.76 10.91 -8.61
C LYS B 35 -9.99 10.95 -7.70
N LYS B 36 -10.59 9.79 -7.48
CA LYS B 36 -11.70 9.68 -6.56
C LYS B 36 -11.16 9.32 -5.20
N HIS B 37 -10.17 8.41 -5.18
CA HIS B 37 -9.57 8.02 -3.94
C HIS B 37 -8.47 8.97 -3.61
N ALA B 38 -8.22 9.88 -4.51
CA ALA B 38 -7.18 10.85 -4.29
C ALA B 38 -7.60 11.96 -3.36
N ALA B 39 -8.77 11.86 -2.79
CA ALA B 39 -9.07 12.63 -1.60
C ALA B 39 -8.52 11.89 -0.41
N TYR B 40 -8.34 10.60 -0.60
CA TYR B 40 -7.98 9.69 0.45
C TYR B 40 -7.04 8.58 0.01
N ALA B 41 -6.07 8.88 -0.83
CA ALA B 41 -5.11 7.88 -1.29
C ALA B 41 -3.90 8.56 -1.78
N TRP B 42 -3.96 9.84 -1.84
CA TRP B 42 -2.94 10.64 -2.46
C TRP B 42 -1.69 10.80 -1.56
N PRO B 43 -1.79 10.68 -0.19
CA PRO B 43 -0.60 10.61 0.66
C PRO B 43 0.00 9.23 0.54
N PHE B 44 -0.77 8.41 -0.17
CA PHE B 44 -0.47 7.04 -0.43
C PHE B 44 0.01 6.90 -1.86
N TYR B 45 -0.56 7.66 -2.82
CA TYR B 45 -0.09 7.59 -4.20
C TYR B 45 1.42 7.67 -4.27
N LYS B 46 2.01 8.25 -3.26
CA LYS B 46 3.43 8.48 -3.26
C LYS B 46 4.00 8.29 -1.85
N PRO B 47 5.32 8.04 -1.76
CA PRO B 47 6.02 7.70 -0.51
C PRO B 47 6.01 8.81 0.53
N VAL B 48 6.34 8.39 1.73
CA VAL B 48 6.57 9.27 2.86
C VAL B 48 7.90 9.99 2.64
N ASP B 49 7.84 11.29 2.73
CA ASP B 49 9.02 12.11 2.59
C ASP B 49 9.32 12.67 3.93
N VAL B 50 10.20 12.00 4.59
CA VAL B 50 10.39 12.15 6.02
C VAL B 50 11.16 13.40 6.33
N GLU B 51 11.84 13.89 5.32
CA GLU B 51 12.56 15.15 5.37
C GLU B 51 11.61 16.27 4.98
N ALA B 52 10.46 15.84 4.46
CA ALA B 52 9.44 16.75 3.95
C ALA B 52 8.37 17.02 4.99
N LEU B 53 7.64 15.97 5.33
CA LEU B 53 6.55 16.03 6.29
C LEU B 53 7.10 16.42 7.66
N GLY B 54 8.42 16.31 7.78
CA GLY B 54 9.10 16.73 8.98
C GLY B 54 9.28 15.61 9.98
N LEU B 55 9.21 14.39 9.49
CA LEU B 55 9.28 13.19 10.30
C LEU B 55 10.53 13.15 11.18
N HIS B 56 11.63 12.62 10.63
CA HIS B 56 12.91 12.48 11.33
C HIS B 56 12.83 11.35 12.35
N ASP B 57 11.63 11.13 12.84
CA ASP B 57 11.28 9.99 13.67
C ASP B 57 11.07 8.77 12.79
N TYR B 58 10.61 9.03 11.58
CA TYR B 58 10.33 8.03 10.54
C TYR B 58 11.05 6.72 10.67
N CYS B 59 12.32 6.73 10.64
CA CYS B 59 13.10 5.50 10.63
C CYS B 59 12.92 4.71 11.96
N ASP B 60 12.13 5.25 12.88
CA ASP B 60 11.74 4.52 14.10
C ASP B 60 10.48 3.77 13.80
N ILE B 61 9.69 4.45 13.00
CA ILE B 61 8.35 4.04 12.71
C ILE B 61 8.33 3.23 11.45
N ILE B 62 8.65 3.92 10.41
CA ILE B 62 8.46 3.50 9.07
C ILE B 62 9.70 2.74 8.59
N LYS B 63 9.62 1.42 8.64
CA LYS B 63 10.73 0.58 8.25
C LYS B 63 10.64 0.43 6.76
N HIS B 64 9.42 0.14 6.40
CA HIS B 64 9.08 -0.18 5.05
C HIS B 64 7.86 0.60 4.64
N PRO B 65 8.09 1.88 4.43
CA PRO B 65 7.09 2.79 3.98
C PRO B 65 6.57 2.34 2.67
N MET B 66 5.33 2.08 2.69
CA MET B 66 4.64 1.66 1.53
C MET B 66 3.72 2.75 1.12
N ASP B 67 3.39 2.78 -0.14
CA ASP B 67 2.45 3.72 -0.65
C ASP B 67 1.78 3.08 -1.83
N MET B 68 0.68 3.66 -2.25
CA MET B 68 -0.04 3.16 -3.40
C MET B 68 0.92 2.91 -4.53
N SER B 69 1.55 3.99 -5.00
CA SER B 69 2.49 3.94 -6.11
C SER B 69 3.47 2.82 -5.96
N THR B 70 3.88 2.52 -4.75
CA THR B 70 4.91 1.51 -4.59
C THR B 70 4.30 0.14 -4.68
N ILE B 71 3.12 -0.06 -4.10
CA ILE B 71 2.54 -1.38 -4.21
C ILE B 71 1.86 -1.46 -5.55
N LYS B 72 1.79 -0.32 -6.19
CA LYS B 72 1.27 -0.22 -7.50
C LYS B 72 2.35 -0.60 -8.46
N SER B 73 3.50 -0.02 -8.20
CA SER B 73 4.64 -0.14 -9.06
C SER B 73 5.28 -1.49 -8.90
N LYS B 74 5.38 -1.96 -7.69
CA LYS B 74 5.87 -3.29 -7.45
C LYS B 74 4.94 -4.30 -8.01
N LEU B 75 3.66 -4.03 -7.84
CA LEU B 75 2.64 -4.72 -8.51
C LEU B 75 2.97 -4.87 -9.98
N GLU B 76 3.07 -3.72 -10.63
CA GLU B 76 3.34 -3.66 -12.05
C GLU B 76 4.75 -4.15 -12.38
N ALA B 77 5.67 -3.96 -11.44
CA ALA B 77 7.03 -4.46 -11.53
C ALA B 77 7.03 -5.95 -11.46
N ARG B 78 5.95 -6.44 -10.90
CA ARG B 78 5.72 -7.85 -10.78
C ARG B 78 6.61 -8.42 -9.68
N GLU B 79 6.94 -7.54 -8.71
CA GLU B 79 7.59 -7.96 -7.49
C GLU B 79 6.57 -8.74 -6.71
N TYR B 80 5.32 -8.34 -6.97
CA TYR B 80 4.17 -8.96 -6.35
C TYR B 80 4.08 -10.39 -6.65
N ARG B 81 4.37 -11.12 -5.60
CA ARG B 81 4.35 -12.54 -5.61
C ARG B 81 2.97 -12.98 -5.96
N ASP B 82 2.07 -12.06 -5.65
CA ASP B 82 0.71 -12.07 -6.09
C ASP B 82 -0.03 -10.95 -5.40
N ALA B 83 -1.32 -10.94 -5.56
CA ALA B 83 -2.18 -10.00 -4.91
C ALA B 83 -1.97 -9.93 -3.43
N GLN B 84 -1.56 -11.01 -2.84
CA GLN B 84 -1.39 -11.02 -1.44
C GLN B 84 -0.10 -10.31 -1.09
N GLU B 85 0.63 -9.96 -2.16
CA GLU B 85 1.75 -9.07 -2.04
C GLU B 85 1.24 -7.66 -2.32
N PHE B 86 0.25 -7.58 -3.21
CA PHE B 86 -0.45 -6.36 -3.48
C PHE B 86 -1.05 -5.81 -2.22
N GLY B 87 -2.07 -6.52 -1.75
CA GLY B 87 -2.78 -6.13 -0.57
C GLY B 87 -1.94 -6.15 0.65
N ALA B 88 -0.75 -6.66 0.52
CA ALA B 88 0.15 -6.65 1.61
C ALA B 88 0.68 -5.26 1.82
N ASP B 89 1.14 -4.65 0.76
CA ASP B 89 1.79 -3.37 0.87
C ASP B 89 0.78 -2.24 0.74
N VAL B 90 -0.41 -2.52 0.17
CA VAL B 90 -1.53 -1.54 0.24
C VAL B 90 -1.87 -1.35 1.68
N ARG B 91 -1.90 -2.43 2.38
CA ARG B 91 -2.24 -2.38 3.76
C ARG B 91 -1.04 -1.99 4.58
N LEU B 92 0.17 -2.23 4.05
CA LEU B 92 1.38 -1.88 4.73
C LEU B 92 1.49 -0.37 4.60
N MET B 93 1.09 0.12 3.44
CA MET B 93 1.04 1.54 3.22
C MET B 93 -0.07 2.16 4.07
N PHE B 94 -1.17 1.42 4.23
CA PHE B 94 -2.20 1.81 5.20
C PHE B 94 -1.58 1.75 6.61
N SER B 95 -0.68 0.81 6.83
CA SER B 95 -0.01 0.64 8.12
C SER B 95 0.90 1.80 8.41
N ASN B 96 1.82 2.13 7.48
CA ASN B 96 2.81 3.19 7.74
C ASN B 96 2.09 4.46 8.17
N CYS B 97 0.88 4.59 7.69
CA CYS B 97 -0.02 5.65 8.16
C CYS B 97 -0.36 5.45 9.64
N TYR B 98 -0.92 4.31 9.97
CA TYR B 98 -1.36 4.02 11.34
C TYR B 98 -0.20 4.00 12.35
N LYS B 99 0.92 3.38 11.97
CA LYS B 99 2.09 3.27 12.87
C LYS B 99 2.60 4.63 13.28
N TYR B 100 2.74 5.49 12.30
CA TYR B 100 3.34 6.80 12.52
C TYR B 100 2.34 7.74 13.15
N ASN B 101 1.18 7.80 12.56
CA ASN B 101 0.21 8.83 12.84
C ASN B 101 -0.90 8.31 13.75
N PRO B 102 -1.61 9.20 14.45
CA PRO B 102 -2.78 8.82 15.22
C PRO B 102 -3.88 8.39 14.26
N PRO B 103 -4.75 7.47 14.67
CA PRO B 103 -5.74 6.88 13.77
C PRO B 103 -6.86 7.85 13.38
N ASP B 104 -6.73 9.11 13.75
CA ASP B 104 -7.71 10.12 13.35
C ASP B 104 -7.08 11.00 12.28
N HIS B 105 -5.82 10.70 12.01
CA HIS B 105 -5.01 11.45 11.09
C HIS B 105 -5.54 11.38 9.67
N GLU B 106 -5.27 12.40 8.88
CA GLU B 106 -5.64 12.41 7.47
C GLU B 106 -5.10 11.21 6.69
N VAL B 107 -3.80 11.00 6.68
CA VAL B 107 -3.26 9.83 6.02
C VAL B 107 -3.92 8.56 6.49
N VAL B 108 -4.04 8.37 7.78
CA VAL B 108 -4.67 7.16 8.24
C VAL B 108 -6.14 7.12 7.82
N ALA B 109 -6.67 8.32 7.61
CA ALA B 109 -8.06 8.52 7.23
C ALA B 109 -8.28 7.96 5.84
N MET B 110 -7.29 8.16 5.02
CA MET B 110 -7.28 7.61 3.67
C MET B 110 -7.22 6.12 3.78
N ALA B 111 -6.17 5.68 4.44
CA ALA B 111 -5.92 4.26 4.63
C ALA B 111 -7.19 3.46 4.99
N ARG B 112 -7.98 3.95 5.94
CA ARG B 112 -9.21 3.26 6.32
C ARG B 112 -10.27 3.36 5.20
N LYS B 113 -10.20 4.43 4.45
CA LYS B 113 -11.12 4.72 3.40
C LYS B 113 -10.74 3.99 2.12
N LEU B 114 -9.47 4.08 1.77
CA LEU B 114 -8.85 3.20 0.79
C LEU B 114 -9.06 1.76 1.17
N GLN B 115 -9.32 1.51 2.43
CA GLN B 115 -9.56 0.17 2.90
C GLN B 115 -10.95 -0.27 2.50
N ASP B 116 -11.86 0.69 2.42
CA ASP B 116 -13.18 0.46 1.86
C ASP B 116 -13.03 0.03 0.41
N VAL B 117 -12.41 0.88 -0.39
CA VAL B 117 -12.15 0.57 -1.78
C VAL B 117 -11.21 -0.61 -1.94
N PHE B 118 -9.96 -0.50 -1.47
CA PHE B 118 -8.92 -1.49 -1.70
C PHE B 118 -9.40 -2.89 -1.34
N GLU B 119 -9.87 -3.08 -0.11
CA GLU B 119 -10.19 -4.41 0.35
C GLU B 119 -11.40 -4.98 -0.41
N MET B 120 -12.37 -4.11 -0.72
CA MET B 120 -13.49 -4.49 -1.59
C MET B 120 -12.98 -4.89 -2.97
N ARG B 121 -12.07 -4.08 -3.50
CA ARG B 121 -11.35 -4.38 -4.71
C ARG B 121 -10.74 -5.76 -4.61
N PHE B 122 -9.90 -5.88 -3.59
CA PHE B 122 -9.09 -7.04 -3.30
C PHE B 122 -9.92 -8.29 -3.23
N ALA B 123 -11.13 -8.12 -2.77
CA ALA B 123 -12.03 -9.24 -2.56
C ALA B 123 -12.63 -9.69 -3.88
N LYS B 124 -12.73 -8.78 -4.85
CA LYS B 124 -13.23 -9.13 -6.18
C LYS B 124 -12.10 -9.63 -7.04
N MET B 125 -10.99 -9.98 -6.42
CA MET B 125 -9.86 -10.45 -7.18
C MET B 125 -10.05 -11.94 -7.50
N PRO B 126 -9.22 -12.51 -8.39
CA PRO B 126 -9.20 -13.94 -8.61
C PRO B 126 -8.78 -14.69 -7.34
N ASP B 127 -8.65 -15.99 -7.46
CA ASP B 127 -8.31 -16.87 -6.35
C ASP B 127 -8.55 -18.26 -6.80
N GLU B 128 -9.70 -18.31 -7.41
CA GLU B 128 -10.33 -19.50 -7.91
C GLU B 128 -9.96 -20.78 -7.16
N ARG A 1 0.06 4.88 15.72
CA ARG A 1 -0.67 5.91 16.49
C ARG A 1 0.21 7.12 16.74
N THR A 2 -0.28 8.09 17.51
CA THR A 2 0.44 9.34 17.75
C THR A 2 1.87 9.08 18.24
N TYR A 3 2.84 9.51 17.45
CA TYR A 3 4.24 9.34 17.80
C TYR A 3 4.97 10.67 17.65
N GLU A 4 4.48 11.69 18.36
CA GLU A 4 5.00 13.05 18.31
C GLU A 4 4.80 13.67 16.91
N THR A 5 5.66 13.31 15.98
CA THR A 5 5.54 13.80 14.62
C THR A 5 4.46 12.99 13.88
N PHE A 6 3.97 13.55 12.79
CA PHE A 6 3.07 12.86 11.90
C PHE A 6 3.40 13.25 10.46
OH ALY A 7 0.88 8.04 6.15
CH ALY A 7 1.55 8.27 5.15
CH3 ALY A 7 0.84 8.47 3.82
NZ ALY A 7 2.85 8.35 5.20
CE ALY A 7 3.60 8.16 6.45
CD ALY A 7 3.28 9.26 7.46
CG ALY A 7 3.82 10.59 7.02
CB ALY A 7 2.78 11.71 7.12
CA ALY A 7 3.17 12.83 8.10
N ALY A 7 2.99 12.44 9.49
C ALY A 7 2.30 14.07 7.83
O ALY A 7 1.10 13.94 7.61
HH31 ALY A 7 -0.08 7.90 3.82
HH32 ALY A 7 0.62 9.52 3.69
HH33 ALY A 7 1.48 8.13 3.02
HZ ALY A 7 3.36 8.53 4.38
HE3 ALY A 7 3.35 7.21 6.87
HE2 ALY A 7 4.66 8.19 6.23
HD3 ALY A 7 2.21 9.33 7.57
HD2 ALY A 7 3.72 8.99 8.41
HG3 ALY A 7 4.68 10.85 7.63
HG2 ALY A 7 4.13 10.51 5.99
HB3 ALY A 7 2.69 12.15 6.13
HB2 ALY A 7 1.82 11.28 7.42
HA ALY A 7 4.21 13.08 7.96
H ALY A 7 2.57 11.59 9.72
N SER A 8 2.92 15.24 7.90
CA SER A 8 2.20 16.52 7.84
C SER A 8 1.39 16.67 6.55
N ILE A 9 0.07 16.65 6.70
CA ILE A 9 -0.84 16.89 5.59
C ILE A 9 -1.32 18.34 5.64
N MET A 10 -1.36 18.88 6.85
CA MET A 10 -1.68 20.28 7.06
C MET A 10 -0.47 21.14 6.70
N LYS A 11 -0.17 21.20 5.41
CA LYS A 11 1.00 21.91 4.91
C LYS A 11 0.90 23.40 5.19
N LYS A 12 1.75 23.88 6.10
CA LYS A 12 1.78 25.28 6.46
C LYS A 12 2.78 26.02 5.57
N SER A 13 2.40 26.21 4.32
CA SER A 13 3.24 26.86 3.34
C SER A 13 2.42 27.86 2.52
N LYS B 1 4.40 -32.00 -11.68
CA LYS B 1 4.19 -30.95 -12.70
C LYS B 1 2.71 -30.57 -12.81
N ASP B 2 1.93 -31.44 -13.44
CA ASP B 2 0.52 -31.15 -13.73
C ASP B 2 -0.39 -31.49 -12.56
N VAL B 3 0.08 -31.19 -11.36
CA VAL B 3 -0.66 -31.48 -10.14
C VAL B 3 -1.31 -30.22 -9.59
N PRO B 4 -2.41 -30.37 -8.85
CA PRO B 4 -3.11 -29.24 -8.22
C PRO B 4 -2.39 -28.75 -6.97
N ASP B 5 -1.23 -28.14 -7.19
CA ASP B 5 -0.39 -27.69 -6.09
C ASP B 5 -0.75 -26.27 -5.67
N SER B 6 -1.37 -26.16 -4.50
CA SER B 6 -1.73 -24.86 -3.95
C SER B 6 -0.83 -24.52 -2.76
N GLN B 7 -0.11 -25.52 -2.27
CA GLN B 7 0.76 -25.36 -1.12
C GLN B 7 1.92 -24.42 -1.41
N GLN B 8 1.94 -23.28 -0.72
CA GLN B 8 3.04 -22.31 -0.78
C GLN B 8 3.18 -21.66 -2.16
N HIS B 9 2.31 -22.02 -3.10
CA HIS B 9 2.35 -21.41 -4.42
C HIS B 9 0.95 -21.06 -4.87
N PRO B 10 0.81 -19.82 -5.32
CA PRO B 10 -0.41 -19.30 -5.87
C PRO B 10 -0.47 -19.50 -7.38
N ALA B 11 0.46 -20.31 -7.85
CA ALA B 11 0.65 -20.54 -9.26
C ALA B 11 1.42 -21.80 -9.50
N PRO B 12 1.36 -22.27 -10.73
CA PRO B 12 2.16 -23.37 -11.22
C PRO B 12 3.64 -23.07 -11.14
N GLU B 13 4.08 -22.06 -11.89
CA GLU B 13 5.47 -21.64 -11.88
C GLU B 13 5.59 -20.15 -11.58
N LYS B 14 4.57 -19.40 -11.99
CA LYS B 14 4.60 -17.96 -11.92
C LYS B 14 3.22 -17.42 -11.67
N SER B 15 2.34 -17.67 -12.63
CA SER B 15 1.02 -17.11 -12.56
C SER B 15 0.02 -17.97 -13.35
N SER B 16 -1.21 -17.48 -13.40
CA SER B 16 -2.40 -18.14 -13.92
C SER B 16 -3.52 -17.65 -13.04
N LYS B 17 -3.12 -17.38 -11.81
CA LYS B 17 -3.93 -16.70 -10.83
C LYS B 17 -3.26 -15.38 -10.43
N VAL B 18 -1.97 -15.46 -10.09
CA VAL B 18 -1.20 -14.33 -9.53
C VAL B 18 -1.22 -13.09 -10.39
N SER B 19 -0.56 -13.15 -11.53
CA SER B 19 -0.34 -11.98 -12.34
C SER B 19 -1.69 -11.43 -12.79
N GLU B 20 -2.67 -12.31 -12.77
CA GLU B 20 -4.05 -11.95 -13.05
C GLU B 20 -4.63 -11.22 -11.85
N GLN B 21 -4.29 -11.71 -10.66
CA GLN B 21 -4.54 -10.98 -9.43
C GLN B 21 -3.89 -9.64 -9.46
N LEU B 22 -2.60 -9.61 -9.76
CA LEU B 22 -1.80 -8.41 -9.79
C LEU B 22 -2.37 -7.42 -10.77
N LYS B 23 -2.64 -7.94 -11.92
CA LYS B 23 -3.37 -7.20 -12.92
C LYS B 23 -4.65 -6.62 -12.32
N CYS B 24 -5.33 -7.46 -11.57
CA CYS B 24 -6.50 -7.04 -10.80
C CYS B 24 -6.09 -5.98 -9.81
N CYS B 25 -5.01 -6.28 -9.09
CA CYS B 25 -4.47 -5.45 -8.06
C CYS B 25 -4.22 -4.08 -8.60
N SER B 26 -3.46 -4.03 -9.66
CA SER B 26 -3.19 -2.77 -10.35
C SER B 26 -4.47 -2.03 -10.66
N GLY B 27 -5.47 -2.68 -11.23
CA GLY B 27 -6.70 -1.98 -11.57
C GLY B 27 -7.45 -1.58 -10.31
N ILE B 28 -6.97 -2.14 -9.23
CA ILE B 28 -7.55 -2.00 -7.92
C ILE B 28 -6.85 -0.90 -7.14
N LEU B 29 -5.55 -0.86 -7.30
CA LEU B 29 -4.73 0.18 -6.74
C LEU B 29 -4.73 1.38 -7.61
N LYS B 30 -4.69 1.15 -8.90
CA LYS B 30 -4.72 2.23 -9.83
C LYS B 30 -6.14 2.77 -9.82
N GLU B 31 -7.03 1.92 -9.31
CA GLU B 31 -8.33 2.37 -8.89
C GLU B 31 -8.15 3.34 -7.78
N MET B 32 -7.37 2.98 -6.75
CA MET B 32 -7.20 3.84 -5.62
C MET B 32 -6.48 5.06 -6.08
N PHE B 33 -5.66 4.84 -7.09
CA PHE B 33 -4.91 5.88 -7.71
C PHE B 33 -5.80 6.77 -8.58
N ALA B 34 -7.08 6.43 -8.64
CA ALA B 34 -8.07 7.23 -9.34
C ALA B 34 -8.36 8.49 -8.57
N LYS B 35 -8.67 9.54 -9.32
CA LYS B 35 -8.90 10.88 -8.77
C LYS B 35 -10.12 10.90 -7.84
N LYS B 36 -10.67 9.73 -7.57
CA LYS B 36 -11.77 9.60 -6.64
C LYS B 36 -11.21 9.27 -5.28
N HIS B 37 -10.21 8.39 -5.24
CA HIS B 37 -9.60 8.02 -4.00
C HIS B 37 -8.48 8.96 -3.72
N ALA B 38 -8.26 9.89 -4.61
CA ALA B 38 -7.21 10.86 -4.41
C ALA B 38 -7.62 11.98 -3.47
N ALA B 39 -8.82 11.88 -2.93
CA ALA B 39 -9.15 12.67 -1.76
C ALA B 39 -8.62 11.94 -0.55
N TYR B 40 -8.40 10.66 -0.74
CA TYR B 40 -8.08 9.77 0.33
C TYR B 40 -7.13 8.65 -0.08
N ALA B 41 -6.13 8.94 -0.89
CA ALA B 41 -5.16 7.93 -1.28
C ALA B 41 -3.92 8.58 -1.79
N TRP B 42 -3.97 9.86 -1.85
CA TRP B 42 -2.96 10.66 -2.50
C TRP B 42 -1.67 10.82 -1.65
N PRO B 43 -1.74 10.72 -0.28
CA PRO B 43 -0.53 10.69 0.55
C PRO B 43 0.06 9.30 0.45
N PHE B 44 -0.73 8.47 -0.22
CA PHE B 44 -0.43 7.09 -0.44
C PHE B 44 0.01 6.92 -1.89
N TYR B 45 -0.58 7.66 -2.83
CA TYR B 45 -0.13 7.62 -4.23
C TYR B 45 1.38 7.70 -4.32
N LYS B 46 2.01 8.25 -3.29
CA LYS B 46 3.43 8.49 -3.29
C LYS B 46 4.01 8.25 -1.89
N PRO B 47 5.32 8.02 -1.82
CA PRO B 47 6.04 7.65 -0.58
C PRO B 47 6.04 8.73 0.48
N VAL B 48 6.46 8.32 1.66
CA VAL B 48 6.68 9.18 2.80
C VAL B 48 8.02 9.89 2.63
N ASP B 49 7.96 11.19 2.71
CA ASP B 49 9.13 12.03 2.61
C ASP B 49 9.41 12.57 3.97
N VAL B 50 10.28 11.87 4.63
CA VAL B 50 10.45 11.98 6.05
C VAL B 50 11.17 13.26 6.41
N GLU B 51 11.88 13.78 5.43
CA GLU B 51 12.57 15.06 5.55
C GLU B 51 11.62 16.17 5.16
N ALA B 52 10.50 15.76 4.60
CA ALA B 52 9.49 16.66 4.09
C ALA B 52 8.38 16.90 5.11
N LEU B 53 7.68 15.83 5.43
CA LEU B 53 6.56 15.87 6.36
C LEU B 53 7.05 16.24 7.76
N GLY B 54 8.37 16.14 7.94
CA GLY B 54 8.98 16.52 9.19
C GLY B 54 9.14 15.37 10.15
N LEU B 55 9.20 14.17 9.60
CA LEU B 55 9.28 12.94 10.38
C LEU B 55 10.52 12.89 11.27
N HIS B 56 11.62 12.40 10.71
CA HIS B 56 12.90 12.25 11.43
C HIS B 56 12.80 11.10 12.43
N ASP B 57 11.58 10.83 12.86
CA ASP B 57 11.25 9.69 13.68
C ASP B 57 11.03 8.46 12.82
N TYR B 58 10.59 8.75 11.60
CA TYR B 58 10.28 7.80 10.52
C TYR B 58 10.96 6.47 10.61
N CYS B 59 12.24 6.46 10.65
CA CYS B 59 12.98 5.21 10.65
C CYS B 59 12.74 4.40 11.94
N ASP B 60 11.94 4.94 12.85
CA ASP B 60 11.50 4.21 14.05
C ASP B 60 10.21 3.55 13.74
N ILE B 61 9.50 4.22 12.88
CA ILE B 61 8.14 3.88 12.56
C ILE B 61 8.10 3.08 11.29
N ILE B 62 8.46 3.79 10.27
CA ILE B 62 8.31 3.38 8.92
C ILE B 62 9.54 2.62 8.48
N LYS B 63 9.50 1.31 8.68
CA LYS B 63 10.60 0.43 8.33
C LYS B 63 10.54 0.27 6.85
N HIS B 64 9.32 0.02 6.46
CA HIS B 64 8.99 -0.33 5.13
C HIS B 64 7.81 0.47 4.66
N PRO B 65 8.07 1.72 4.39
CA PRO B 65 7.09 2.63 3.87
C PRO B 65 6.53 2.13 2.61
N MET B 66 5.27 1.93 2.66
CA MET B 66 4.53 1.49 1.53
C MET B 66 3.52 2.52 1.18
N ASP B 67 3.34 2.74 -0.08
CA ASP B 67 2.42 3.71 -0.56
C ASP B 67 1.77 3.10 -1.77
N MET B 68 0.68 3.68 -2.19
CA MET B 68 -0.03 3.20 -3.34
C MET B 68 0.93 2.95 -4.47
N SER B 69 1.56 4.03 -4.97
CA SER B 69 2.49 3.96 -6.10
C SER B 69 3.49 2.85 -5.95
N THR B 70 3.89 2.56 -4.73
CA THR B 70 4.92 1.56 -4.57
C THR B 70 4.31 0.18 -4.65
N ILE B 71 3.13 -0.02 -4.08
CA ILE B 71 2.54 -1.33 -4.19
C ILE B 71 1.86 -1.41 -5.54
N LYS B 72 1.80 -0.26 -6.17
CA LYS B 72 1.23 -0.12 -7.46
C LYS B 72 2.28 -0.49 -8.45
N SER B 73 3.46 0.00 -8.17
CA SER B 73 4.60 -0.16 -9.03
C SER B 73 5.22 -1.49 -8.87
N LYS B 74 5.37 -1.95 -7.64
CA LYS B 74 5.85 -3.27 -7.38
C LYS B 74 4.93 -4.29 -7.94
N LEU B 75 3.66 -4.02 -7.80
CA LEU B 75 2.65 -4.71 -8.49
C LEU B 75 3.01 -4.88 -9.95
N GLU B 76 3.11 -3.75 -10.62
CA GLU B 76 3.41 -3.72 -12.03
C GLU B 76 4.83 -4.20 -12.34
N ALA B 77 5.73 -3.99 -11.38
CA ALA B 77 7.10 -4.45 -11.45
C ALA B 77 7.12 -5.93 -11.34
N ARG B 78 6.04 -6.43 -10.81
CA ARG B 78 5.83 -7.82 -10.65
C ARG B 78 6.73 -8.35 -9.55
N GLU B 79 7.04 -7.46 -8.59
CA GLU B 79 7.68 -7.87 -7.36
C GLU B 79 6.65 -8.70 -6.64
N TYR B 80 5.40 -8.33 -6.91
CA TYR B 80 4.23 -8.97 -6.34
C TYR B 80 4.16 -10.40 -6.67
N ARG B 81 4.37 -11.15 -5.62
CA ARG B 81 4.35 -12.58 -5.67
C ARG B 81 2.95 -13.01 -6.03
N ASP B 82 2.06 -12.08 -5.74
CA ASP B 82 0.68 -12.12 -6.09
C ASP B 82 -0.02 -10.98 -5.38
N ALA B 83 -1.33 -10.92 -5.49
CA ALA B 83 -2.11 -9.91 -4.82
C ALA B 83 -1.88 -9.87 -3.35
N GLN B 84 -1.48 -10.97 -2.78
CA GLN B 84 -1.29 -11.02 -1.38
C GLN B 84 0.01 -10.32 -1.05
N GLU B 85 0.72 -9.96 -2.11
CA GLU B 85 1.84 -9.04 -1.98
C GLU B 85 1.33 -7.64 -2.31
N PHE B 86 0.34 -7.57 -3.21
CA PHE B 86 -0.37 -6.35 -3.48
C PHE B 86 -0.99 -5.78 -2.21
N GLY B 87 -2.00 -6.49 -1.73
CA GLY B 87 -2.71 -6.09 -0.54
C GLY B 87 -1.88 -6.23 0.68
N ALA B 88 -0.68 -6.71 0.51
CA ALA B 88 0.25 -6.74 1.58
C ALA B 88 0.80 -5.37 1.79
N ASP B 89 1.15 -4.74 0.69
CA ASP B 89 1.81 -3.48 0.74
C ASP B 89 0.81 -2.35 0.64
N VAL B 90 -0.38 -2.61 0.09
CA VAL B 90 -1.49 -1.63 0.19
C VAL B 90 -1.84 -1.48 1.63
N ARG B 91 -1.87 -2.58 2.31
CA ARG B 91 -2.23 -2.57 3.70
C ARG B 91 -1.02 -2.20 4.56
N LEU B 92 0.20 -2.48 4.09
CA LEU B 92 1.41 -2.00 4.74
C LEU B 92 1.45 -0.50 4.52
N MET B 93 1.05 -0.11 3.35
CA MET B 93 0.80 1.27 2.99
C MET B 93 -0.20 1.87 3.99
N PHE B 94 -1.30 1.17 4.20
CA PHE B 94 -2.27 1.56 5.22
C PHE B 94 -1.67 1.40 6.63
N SER B 95 -0.61 0.61 6.75
CA SER B 95 0.05 0.44 8.05
C SER B 95 0.92 1.64 8.35
N ASN B 96 1.81 1.99 7.42
CA ASN B 96 2.76 3.07 7.66
C ASN B 96 2.04 4.34 8.09
N CYS B 97 0.83 4.51 7.58
CA CYS B 97 0.02 5.66 7.98
C CYS B 97 -0.63 5.46 9.35
N TYR B 98 -1.13 4.26 9.65
CA TYR B 98 -1.84 4.03 10.92
C TYR B 98 -0.81 3.98 12.04
N LYS B 99 0.39 3.68 11.61
CA LYS B 99 1.50 3.39 12.47
C LYS B 99 2.17 4.66 12.96
N TYR B 100 2.50 5.51 12.02
CA TYR B 100 3.18 6.75 12.30
C TYR B 100 2.21 7.74 12.93
N ASN B 101 1.02 7.76 12.39
CA ASN B 101 0.05 8.79 12.70
C ASN B 101 -1.06 8.23 13.58
N PRO B 102 -1.85 9.10 14.23
CA PRO B 102 -3.06 8.67 14.91
C PRO B 102 -4.10 8.24 13.89
N PRO B 103 -4.93 7.24 14.22
CA PRO B 103 -5.93 6.71 13.26
C PRO B 103 -7.06 7.71 12.97
N ASP B 104 -6.89 8.93 13.46
CA ASP B 104 -7.86 10.00 13.22
C ASP B 104 -7.25 10.98 12.23
N HIS B 105 -6.00 10.70 11.90
CA HIS B 105 -5.19 11.50 10.99
C HIS B 105 -5.76 11.52 9.58
N GLU B 106 -5.28 12.44 8.76
CA GLU B 106 -5.72 12.54 7.38
C GLU B 106 -5.11 11.45 6.50
N VAL B 107 -3.79 11.23 6.57
CA VAL B 107 -3.23 10.08 5.87
C VAL B 107 -3.93 8.81 6.26
N VAL B 108 -4.03 8.53 7.55
CA VAL B 108 -4.66 7.29 7.96
C VAL B 108 -6.10 7.24 7.47
N ALA B 109 -6.64 8.43 7.27
CA ALA B 109 -8.00 8.59 6.80
C ALA B 109 -8.13 7.92 5.48
N MET B 110 -7.16 8.20 4.62
CA MET B 110 -7.06 7.55 3.32
C MET B 110 -7.17 6.09 3.50
N ALA B 111 -6.22 5.57 4.23
CA ALA B 111 -6.11 4.16 4.49
C ALA B 111 -7.44 3.54 4.92
N ARG B 112 -8.20 4.27 5.72
CA ARG B 112 -9.49 3.80 6.22
C ARG B 112 -10.51 3.59 5.08
N LYS B 113 -10.62 4.55 4.16
CA LYS B 113 -11.61 4.45 3.09
C LYS B 113 -10.98 3.89 1.81
N LEU B 114 -9.64 4.02 1.68
CA LEU B 114 -8.90 3.22 0.73
C LEU B 114 -9.09 1.77 1.07
N GLN B 115 -9.38 1.51 2.32
CA GLN B 115 -9.66 0.16 2.74
C GLN B 115 -11.06 -0.22 2.29
N ASP B 116 -11.97 0.74 2.36
CA ASP B 116 -13.28 0.58 1.75
C ASP B 116 -13.12 0.11 0.30
N VAL B 117 -12.46 0.94 -0.50
CA VAL B 117 -12.18 0.59 -1.89
C VAL B 117 -11.23 -0.60 -2.00
N PHE B 118 -9.99 -0.46 -1.54
CA PHE B 118 -8.96 -1.49 -1.73
C PHE B 118 -9.43 -2.86 -1.29
N GLU B 119 -9.92 -2.97 -0.06
CA GLU B 119 -10.22 -4.26 0.52
C GLU B 119 -11.38 -4.91 -0.24
N MET B 120 -12.34 -4.10 -0.66
CA MET B 120 -13.45 -4.55 -1.51
C MET B 120 -12.92 -4.97 -2.88
N ARG B 121 -12.08 -4.11 -3.46
CA ARG B 121 -11.35 -4.41 -4.67
C ARG B 121 -10.69 -5.78 -4.55
N PHE B 122 -9.87 -5.87 -3.53
CA PHE B 122 -9.01 -7.00 -3.23
C PHE B 122 -9.80 -8.29 -3.14
N ALA B 123 -11.05 -8.15 -2.76
CA ALA B 123 -11.91 -9.30 -2.56
C ALA B 123 -12.47 -9.79 -3.88
N LYS B 124 -12.60 -8.89 -4.86
CA LYS B 124 -13.08 -9.29 -6.19
C LYS B 124 -11.98 -9.96 -6.99
N MET B 125 -10.83 -10.15 -6.38
CA MET B 125 -9.71 -10.71 -7.11
C MET B 125 -9.91 -12.21 -7.36
N PRO B 126 -9.03 -12.82 -8.19
CA PRO B 126 -8.97 -14.27 -8.34
C PRO B 126 -8.60 -14.96 -7.02
N ASP B 127 -8.43 -16.27 -7.02
CA ASP B 127 -8.25 -17.00 -5.76
C ASP B 127 -7.61 -18.33 -5.90
N GLU B 128 -8.03 -18.98 -6.96
CA GLU B 128 -7.95 -20.43 -7.15
C GLU B 128 -9.10 -21.10 -6.40
N ARG A 1 6.18 5.91 23.73
CA ARG A 1 5.78 6.43 22.41
C ARG A 1 5.68 7.96 22.47
N THR A 2 6.79 8.61 22.79
CA THR A 2 6.84 10.06 22.86
C THR A 2 7.08 10.65 21.47
N TYR A 3 7.96 10.02 20.71
CA TYR A 3 8.24 10.47 19.35
C TYR A 3 7.02 10.24 18.46
N GLU A 4 6.55 11.32 17.85
CA GLU A 4 5.40 11.22 16.96
C GLU A 4 5.67 11.97 15.66
N THR A 5 5.69 13.30 15.72
CA THR A 5 5.83 14.16 14.53
C THR A 5 4.59 14.07 13.63
N PHE A 6 4.25 12.85 13.23
CA PHE A 6 3.22 12.54 12.23
C PHE A 6 3.53 13.21 10.88
OH ALY A 7 1.37 10.14 6.07
CH ALY A 7 2.09 9.83 5.12
CH3 ALY A 7 1.78 10.40 3.73
NZ ALY A 7 3.13 9.03 5.26
CE ALY A 7 3.55 8.43 6.54
CD ALY A 7 3.59 9.44 7.70
CG ALY A 7 4.26 10.75 7.31
CB ALY A 7 3.27 11.93 7.38
CA ALY A 7 3.57 12.98 8.46
N ALY A 7 3.46 12.42 9.80
C ALY A 7 2.58 14.14 8.32
O ALY A 7 1.37 13.90 8.37
HH31 ALY A 7 1.39 9.60 3.10
HH32 ALY A 7 1.04 11.18 3.83
HH33 ALY A 7 2.68 10.79 3.30
HZ ALY A 7 3.66 8.83 4.46
HE3 ALY A 7 2.86 7.64 6.79
HE2 ALY A 7 4.54 8.01 6.42
HD3 ALY A 7 2.57 9.64 8.01
HD2 ALY A 7 4.13 9.00 8.52
HG3 ALY A 7 5.10 10.94 7.96
HG2 ALY A 7 4.60 10.66 6.29
HB3 ALY A 7 3.30 12.41 6.41
HB2 ALY A 7 2.28 11.53 7.55
HA ALY A 7 4.60 13.34 8.34
H ALY A 7 3.32 11.47 9.92
N SER A 8 3.08 15.37 8.19
CA SER A 8 2.25 16.59 8.30
C SER A 8 0.94 16.54 7.51
N ILE A 9 1.04 16.66 6.18
CA ILE A 9 -0.12 16.75 5.29
C ILE A 9 -0.73 18.14 5.29
N MET A 10 -0.75 18.74 4.12
CA MET A 10 -1.46 19.99 3.90
C MET A 10 -2.85 19.67 3.39
N LYS A 11 -3.84 20.43 3.81
CA LYS A 11 -5.22 20.10 3.51
C LYS A 11 -5.59 20.57 2.10
N LYS A 12 -5.07 19.83 1.11
CA LYS A 12 -5.33 20.10 -0.31
C LYS A 12 -4.63 21.36 -0.78
N SER A 13 -5.05 22.51 -0.27
CA SER A 13 -4.45 23.79 -0.64
C SER A 13 -4.10 24.59 0.60
N LYS B 1 9.00 -27.09 -13.83
CA LYS B 1 8.22 -25.92 -13.41
C LYS B 1 8.47 -25.60 -11.94
N ASP B 2 9.57 -24.91 -11.68
CA ASP B 2 9.95 -24.55 -10.31
C ASP B 2 10.36 -23.10 -10.22
N VAL B 3 9.44 -22.26 -9.76
CA VAL B 3 9.71 -20.85 -9.58
C VAL B 3 10.69 -20.63 -8.42
N PRO B 4 11.52 -19.58 -8.50
CA PRO B 4 12.47 -19.24 -7.43
C PRO B 4 11.78 -18.55 -6.26
N ASP B 5 10.89 -19.26 -5.61
CA ASP B 5 10.13 -18.71 -4.49
C ASP B 5 10.92 -18.79 -3.19
N SER B 6 10.71 -17.80 -2.33
CA SER B 6 11.33 -17.76 -1.02
C SER B 6 10.25 -17.73 0.06
N GLN B 7 9.00 -17.67 -0.40
CA GLN B 7 7.85 -17.65 0.48
C GLN B 7 6.75 -18.53 -0.11
N GLN B 8 7.18 -19.66 -0.66
CA GLN B 8 6.27 -20.61 -1.31
C GLN B 8 5.63 -20.01 -2.56
N HIS B 9 4.89 -20.81 -3.31
CA HIS B 9 4.28 -20.33 -4.55
C HIS B 9 2.78 -20.48 -4.53
N PRO B 10 2.12 -19.37 -4.84
CA PRO B 10 0.68 -19.32 -5.03
C PRO B 10 0.29 -19.75 -6.44
N ALA B 11 1.30 -20.04 -7.24
CA ALA B 11 1.10 -20.32 -8.64
C ALA B 11 1.73 -21.63 -9.06
N PRO B 12 1.26 -22.13 -10.18
CA PRO B 12 1.80 -23.30 -10.84
C PRO B 12 3.26 -23.13 -11.25
N GLU B 13 3.50 -22.23 -12.19
CA GLU B 13 4.84 -21.99 -12.70
C GLU B 13 5.08 -20.52 -12.94
N LYS B 14 4.17 -19.69 -12.45
CA LYS B 14 4.22 -18.25 -12.69
C LYS B 14 3.04 -17.57 -12.04
N SER B 15 1.88 -17.74 -12.65
CA SER B 15 0.69 -17.09 -12.17
C SER B 15 -0.54 -17.94 -12.45
N SER B 16 -1.18 -17.75 -13.60
CA SER B 16 -2.51 -18.30 -13.89
C SER B 16 -3.57 -17.72 -12.93
N LYS B 17 -3.14 -17.42 -11.72
CA LYS B 17 -3.94 -16.72 -10.73
C LYS B 17 -3.30 -15.38 -10.36
N VAL B 18 -2.02 -15.41 -10.04
CA VAL B 18 -1.29 -14.28 -9.44
C VAL B 18 -1.29 -13.03 -10.25
N SER B 19 -0.60 -13.10 -11.36
CA SER B 19 -0.37 -11.95 -12.21
C SER B 19 -1.72 -11.40 -12.65
N GLU B 20 -2.69 -12.29 -12.63
CA GLU B 20 -4.07 -11.97 -12.90
C GLU B 20 -4.67 -11.22 -11.71
N GLN B 21 -4.27 -11.60 -10.49
CA GLN B 21 -4.62 -10.83 -9.32
C GLN B 21 -3.91 -9.52 -9.35
N LEU B 22 -2.65 -9.54 -9.74
CA LEU B 22 -1.81 -8.36 -9.75
C LEU B 22 -2.34 -7.34 -10.71
N LYS B 23 -2.64 -7.83 -11.87
CA LYS B 23 -3.39 -7.08 -12.85
C LYS B 23 -4.67 -6.57 -12.21
N CYS B 24 -5.38 -7.46 -11.56
CA CYS B 24 -6.53 -7.06 -10.77
C CYS B 24 -6.11 -5.96 -9.80
N CYS B 25 -5.03 -6.23 -9.09
CA CYS B 25 -4.51 -5.40 -8.07
C CYS B 25 -4.21 -4.02 -8.61
N SER B 26 -3.42 -3.98 -9.66
CA SER B 26 -3.10 -2.71 -10.31
C SER B 26 -4.37 -1.99 -10.69
N GLY B 27 -5.32 -2.66 -11.32
CA GLY B 27 -6.55 -1.96 -11.67
C GLY B 27 -7.33 -1.54 -10.43
N ILE B 28 -6.91 -2.10 -9.32
CA ILE B 28 -7.54 -1.97 -8.03
C ILE B 28 -6.86 -0.88 -7.20
N LEU B 29 -5.56 -0.83 -7.33
CA LEU B 29 -4.75 0.20 -6.73
C LEU B 29 -4.73 1.41 -7.59
N LYS B 30 -4.68 1.17 -8.87
CA LYS B 30 -4.70 2.24 -9.82
C LYS B 30 -6.11 2.77 -9.86
N GLU B 31 -7.00 1.94 -9.30
CA GLU B 31 -8.31 2.39 -8.92
C GLU B 31 -8.16 3.36 -7.79
N MET B 32 -7.40 2.99 -6.75
CA MET B 32 -7.24 3.83 -5.60
C MET B 32 -6.52 5.08 -6.03
N PHE B 33 -5.67 4.87 -7.02
CA PHE B 33 -4.91 5.90 -7.60
C PHE B 33 -5.77 6.85 -8.45
N ALA B 34 -7.03 6.46 -8.64
CA ALA B 34 -7.98 7.27 -9.39
C ALA B 34 -8.35 8.50 -8.58
N LYS B 35 -8.66 9.59 -9.27
CA LYS B 35 -8.85 10.90 -8.66
C LYS B 35 -10.03 10.92 -7.66
N LYS B 36 -10.59 9.76 -7.40
CA LYS B 36 -11.68 9.64 -6.46
C LYS B 36 -11.14 9.30 -5.09
N HIS B 37 -10.16 8.40 -5.05
CA HIS B 37 -9.55 8.04 -3.80
C HIS B 37 -8.43 8.97 -3.54
N ALA B 38 -8.22 9.89 -4.43
CA ALA B 38 -7.19 10.88 -4.24
C ALA B 38 -7.63 11.98 -3.29
N ALA B 39 -8.82 11.84 -2.75
CA ALA B 39 -9.16 12.58 -1.55
C ALA B 39 -8.62 11.84 -0.36
N TYR B 40 -8.43 10.55 -0.57
CA TYR B 40 -8.10 9.65 0.51
C TYR B 40 -7.14 8.54 0.09
N ALA B 41 -6.12 8.84 -0.70
CA ALA B 41 -5.14 7.85 -1.12
C ALA B 41 -3.91 8.52 -1.62
N TRP B 42 -4.00 9.80 -1.72
CA TRP B 42 -2.98 10.60 -2.36
C TRP B 42 -1.71 10.76 -1.49
N PRO B 43 -1.79 10.64 -0.13
CA PRO B 43 -0.58 10.60 0.71
C PRO B 43 0.03 9.22 0.61
N PHE B 44 -0.74 8.38 -0.07
CA PHE B 44 -0.43 7.01 -0.33
C PHE B 44 0.03 6.89 -1.78
N TYR B 45 -0.57 7.66 -2.71
CA TYR B 45 -0.14 7.61 -4.11
C TYR B 45 1.37 7.64 -4.24
N LYS B 46 2.05 8.17 -3.24
CA LYS B 46 3.50 8.17 -3.24
C LYS B 46 4.09 8.13 -1.82
N PRO B 47 5.42 7.92 -1.76
CA PRO B 47 6.16 7.62 -0.51
C PRO B 47 6.17 8.74 0.52
N VAL B 48 6.60 8.36 1.70
CA VAL B 48 6.83 9.25 2.83
C VAL B 48 8.18 9.95 2.64
N ASP B 49 8.12 11.26 2.67
CA ASP B 49 9.32 12.07 2.54
C ASP B 49 9.62 12.61 3.91
N VAL B 50 10.49 11.91 4.55
CA VAL B 50 10.67 11.99 5.98
C VAL B 50 11.42 13.24 6.37
N GLU B 51 12.15 13.76 5.41
CA GLU B 51 12.87 15.00 5.58
C GLU B 51 11.95 16.16 5.21
N ALA B 52 10.82 15.77 4.63
CA ALA B 52 9.82 16.70 4.14
C ALA B 52 8.74 16.95 5.17
N LEU B 53 8.04 15.88 5.52
CA LEU B 53 6.92 15.93 6.45
C LEU B 53 7.43 16.25 7.85
N GLY B 54 8.74 16.19 8.00
CA GLY B 54 9.39 16.54 9.25
C GLY B 54 9.55 15.38 10.19
N LEU B 55 9.56 14.18 9.62
CA LEU B 55 9.63 12.94 10.37
C LEU B 55 10.88 12.86 11.23
N HIS B 56 11.97 12.36 10.64
CA HIS B 56 13.26 12.18 11.32
C HIS B 56 13.17 10.99 12.28
N ASP B 57 11.98 10.79 12.81
CA ASP B 57 11.63 9.64 13.62
C ASP B 57 11.38 8.43 12.76
N TYR B 58 10.91 8.74 11.55
CA TYR B 58 10.57 7.80 10.47
C TYR B 58 11.23 6.46 10.52
N CYS B 59 12.52 6.43 10.54
CA CYS B 59 13.25 5.16 10.52
C CYS B 59 12.91 4.30 11.76
N ASP B 60 12.22 4.88 12.74
CA ASP B 60 11.82 4.16 13.94
C ASP B 60 10.49 3.52 13.67
N ILE B 61 9.77 4.19 12.81
CA ILE B 61 8.42 3.87 12.51
C ILE B 61 8.35 3.09 11.23
N ILE B 62 8.73 3.78 10.22
CA ILE B 62 8.57 3.38 8.86
C ILE B 62 9.79 2.60 8.41
N LYS B 63 9.75 1.29 8.60
CA LYS B 63 10.85 0.41 8.23
C LYS B 63 10.79 0.26 6.76
N HIS B 64 9.57 0.01 6.36
CA HIS B 64 9.23 -0.29 5.01
C HIS B 64 8.05 0.55 4.60
N PRO B 65 8.33 1.80 4.32
CA PRO B 65 7.35 2.72 3.84
C PRO B 65 6.76 2.24 2.56
N MET B 66 5.51 2.03 2.65
CA MET B 66 4.75 1.62 1.53
C MET B 66 3.84 2.73 1.13
N ASP B 67 3.46 2.76 -0.11
CA ASP B 67 2.51 3.71 -0.59
C ASP B 67 1.83 3.08 -1.77
N MET B 68 0.72 3.65 -2.16
CA MET B 68 -0.02 3.16 -3.30
C MET B 68 0.93 2.90 -4.45
N SER B 69 1.53 3.97 -4.96
CA SER B 69 2.45 3.89 -6.10
C SER B 69 3.48 2.80 -5.94
N THR B 70 3.90 2.53 -4.73
CA THR B 70 4.93 1.54 -4.57
C THR B 70 4.32 0.16 -4.68
N ILE B 71 3.15 -0.06 -4.10
CA ILE B 71 2.56 -1.37 -4.20
C ILE B 71 1.86 -1.46 -5.53
N LYS B 72 1.76 -0.30 -6.16
CA LYS B 72 1.16 -0.15 -7.43
C LYS B 72 2.18 -0.52 -8.45
N SER B 73 3.37 -0.01 -8.22
CA SER B 73 4.48 -0.18 -9.10
C SER B 73 5.10 -1.52 -8.93
N LYS B 74 5.33 -1.95 -7.71
CA LYS B 74 5.83 -3.26 -7.45
C LYS B 74 4.92 -4.31 -7.97
N LEU B 75 3.65 -4.06 -7.78
CA LEU B 75 2.64 -4.79 -8.42
C LEU B 75 2.95 -5.00 -9.89
N GLU B 76 3.00 -3.89 -10.58
CA GLU B 76 3.26 -3.89 -12.01
C GLU B 76 4.68 -4.35 -12.34
N ALA B 77 5.59 -4.07 -11.42
CA ALA B 77 6.97 -4.52 -11.49
C ALA B 77 7.02 -6.00 -11.34
N ARG B 78 5.93 -6.52 -10.84
CA ARG B 78 5.74 -7.93 -10.70
C ARG B 78 6.62 -8.45 -9.59
N GLU B 79 6.92 -7.55 -8.63
CA GLU B 79 7.54 -7.94 -7.40
C GLU B 79 6.52 -8.74 -6.64
N TYR B 80 5.26 -8.33 -6.88
CA TYR B 80 4.11 -8.93 -6.24
C TYR B 80 4.00 -10.36 -6.56
N ARG B 81 4.29 -11.11 -5.50
CA ARG B 81 4.26 -12.53 -5.54
C ARG B 81 2.86 -12.96 -5.89
N ASP B 82 1.98 -12.04 -5.57
CA ASP B 82 0.60 -12.06 -5.96
C ASP B 82 -0.11 -10.92 -5.28
N ALA B 83 -1.39 -10.88 -5.44
CA ALA B 83 -2.22 -9.90 -4.78
C ALA B 83 -2.00 -9.82 -3.30
N GLN B 84 -1.61 -10.90 -2.70
CA GLN B 84 -1.42 -10.90 -1.29
C GLN B 84 -0.10 -10.22 -0.98
N GLU B 85 0.61 -9.91 -2.05
CA GLU B 85 1.75 -9.02 -1.96
C GLU B 85 1.25 -7.61 -2.26
N PHE B 86 0.27 -7.54 -3.17
CA PHE B 86 -0.42 -6.32 -3.44
C PHE B 86 -1.01 -5.73 -2.19
N GLY B 87 -2.04 -6.40 -1.69
CA GLY B 87 -2.69 -6.00 -0.48
C GLY B 87 -1.74 -5.82 0.64
N ALA B 88 -0.70 -6.60 0.63
CA ALA B 88 0.23 -6.58 1.70
C ALA B 88 0.81 -5.22 1.88
N ASP B 89 1.21 -4.62 0.78
CA ASP B 89 1.86 -3.34 0.85
C ASP B 89 0.84 -2.21 0.74
N VAL B 90 -0.37 -2.50 0.22
CA VAL B 90 -1.48 -1.54 0.30
C VAL B 90 -1.80 -1.31 1.74
N ARG B 91 -1.79 -2.38 2.47
CA ARG B 91 -2.14 -2.33 3.85
C ARG B 91 -0.92 -2.04 4.70
N LEU B 92 0.27 -2.17 4.11
CA LEU B 92 1.46 -1.75 4.78
C LEU B 92 1.54 -0.27 4.60
N MET B 93 1.16 0.20 3.43
CA MET B 93 1.10 1.62 3.21
C MET B 93 -0.01 2.22 4.05
N PHE B 94 -1.10 1.47 4.23
CA PHE B 94 -2.11 1.87 5.20
C PHE B 94 -1.48 1.82 6.60
N SER B 95 -0.55 0.87 6.77
CA SER B 95 0.11 0.64 8.06
C SER B 95 1.09 1.75 8.39
N ASN B 96 1.98 2.12 7.44
CA ASN B 96 2.97 3.16 7.70
C ASN B 96 2.24 4.39 8.18
N CYS B 97 1.01 4.50 7.70
CA CYS B 97 0.15 5.63 8.05
C CYS B 97 -0.51 5.46 9.43
N TYR B 98 -0.93 4.26 9.78
CA TYR B 98 -1.58 4.01 11.08
C TYR B 98 -0.53 3.98 12.17
N LYS B 99 0.67 3.74 11.70
CA LYS B 99 1.81 3.47 12.52
C LYS B 99 2.48 4.75 12.96
N TYR B 100 2.75 5.58 11.98
CA TYR B 100 3.44 6.84 12.22
C TYR B 100 2.47 7.85 12.80
N ASN B 101 1.34 7.99 12.12
CA ASN B 101 0.35 9.00 12.45
C ASN B 101 -0.67 8.42 13.41
N PRO B 102 -1.35 9.27 14.19
CA PRO B 102 -2.46 8.82 15.02
C PRO B 102 -3.63 8.41 14.15
N PRO B 103 -4.45 7.45 14.58
CA PRO B 103 -5.53 6.89 13.74
C PRO B 103 -6.68 7.88 13.49
N ASP B 104 -6.47 9.13 13.88
CA ASP B 104 -7.44 10.18 13.65
C ASP B 104 -6.90 11.08 12.55
N HIS B 105 -5.68 10.75 12.13
CA HIS B 105 -4.94 11.52 11.16
C HIS B 105 -5.58 11.45 9.77
N GLU B 106 -5.10 12.32 8.90
CA GLU B 106 -5.58 12.40 7.53
C GLU B 106 -5.08 11.26 6.67
N VAL B 107 -3.82 10.92 6.78
CA VAL B 107 -3.32 9.78 6.03
C VAL B 107 -3.97 8.50 6.49
N VAL B 108 -4.07 8.30 7.78
CA VAL B 108 -4.72 7.10 8.26
C VAL B 108 -6.16 7.08 7.77
N ALA B 109 -6.66 8.29 7.53
CA ALA B 109 -7.99 8.49 7.03
C ALA B 109 -8.13 7.82 5.69
N MET B 110 -7.19 8.12 4.81
CA MET B 110 -7.11 7.48 3.50
C MET B 110 -7.19 6.01 3.69
N ALA B 111 -6.23 5.53 4.43
CA ALA B 111 -6.05 4.11 4.66
C ALA B 111 -7.37 3.39 4.97
N ARG B 112 -8.23 3.96 5.79
CA ARG B 112 -9.44 3.25 6.19
C ARG B 112 -10.51 3.23 5.09
N LYS B 113 -10.58 4.28 4.26
CA LYS B 113 -11.58 4.26 3.19
C LYS B 113 -10.95 3.77 1.89
N LEU B 114 -9.62 3.88 1.77
CA LEU B 114 -8.88 3.09 0.80
C LEU B 114 -9.08 1.65 1.12
N GLN B 115 -9.32 1.36 2.37
CA GLN B 115 -9.57 -0.01 2.79
C GLN B 115 -10.99 -0.39 2.41
N ASP B 116 -11.86 0.61 2.35
CA ASP B 116 -13.19 0.41 1.78
C ASP B 116 -13.05 -0.03 0.33
N VAL B 117 -12.42 0.83 -0.46
CA VAL B 117 -12.18 0.54 -1.86
C VAL B 117 -11.25 -0.66 -2.05
N PHE B 118 -10.00 -0.54 -1.59
CA PHE B 118 -8.97 -1.53 -1.83
C PHE B 118 -9.44 -2.92 -1.45
N GLU B 119 -10.04 -3.04 -0.28
CA GLU B 119 -10.33 -4.34 0.27
C GLU B 119 -11.44 -5.02 -0.53
N MET B 120 -12.47 -4.25 -0.93
CA MET B 120 -13.52 -4.81 -1.76
C MET B 120 -12.95 -5.13 -3.14
N ARG B 121 -12.10 -4.23 -3.64
CA ARG B 121 -11.33 -4.49 -4.84
C ARG B 121 -10.67 -5.86 -4.74
N PHE B 122 -9.90 -5.97 -3.66
CA PHE B 122 -9.10 -7.13 -3.33
C PHE B 122 -9.94 -8.40 -3.29
N ALA B 123 -11.22 -8.21 -3.05
CA ALA B 123 -12.14 -9.32 -2.92
C ALA B 123 -12.65 -9.77 -4.28
N LYS B 124 -12.59 -8.85 -5.25
CA LYS B 124 -13.04 -9.17 -6.62
C LYS B 124 -11.95 -9.89 -7.39
N MET B 125 -10.90 -10.30 -6.68
CA MET B 125 -9.75 -10.87 -7.36
C MET B 125 -9.96 -12.35 -7.74
N PRO B 126 -8.99 -12.90 -8.52
CA PRO B 126 -8.89 -14.34 -8.85
C PRO B 126 -8.92 -15.28 -7.63
N ASP B 127 -8.20 -16.40 -7.74
CA ASP B 127 -8.42 -17.54 -6.86
C ASP B 127 -7.87 -17.38 -5.48
N GLU B 128 -6.59 -17.67 -5.39
CA GLU B 128 -5.88 -17.83 -4.14
C GLU B 128 -6.24 -19.15 -3.49
N ARG A 1 9.35 6.12 26.50
CA ARG A 1 9.92 6.74 25.29
C ARG A 1 8.80 7.35 24.44
N THR A 2 8.85 8.65 24.25
CA THR A 2 7.86 9.34 23.43
C THR A 2 8.53 9.99 22.22
N TYR A 3 7.97 9.77 21.05
CA TYR A 3 8.54 10.29 19.82
C TYR A 3 7.43 10.63 18.82
N GLU A 4 7.52 10.06 17.61
CA GLU A 4 6.49 10.22 16.59
C GLU A 4 6.46 11.65 16.05
N THR A 5 5.61 11.89 15.07
CA THR A 5 5.48 13.19 14.44
C THR A 5 4.09 13.35 13.84
N PHE A 6 4.03 13.31 12.51
CA PHE A 6 2.83 13.64 11.76
C PHE A 6 3.22 13.80 10.30
OH ALY A 7 0.93 8.06 6.35
CH ALY A 7 1.58 8.26 5.33
CH3 ALY A 7 0.86 8.38 3.99
NZ ALY A 7 2.88 8.37 5.37
CE ALY A 7 3.65 8.27 6.61
CD ALY A 7 3.28 9.37 7.60
CG ALY A 7 3.79 10.72 7.16
CB ALY A 7 2.70 11.80 7.18
CA ALY A 7 3.07 13.04 8.01
N ALY A 7 2.85 12.84 9.45
C ALY A 7 2.21 14.23 7.57
O ALY A 7 1.02 14.09 7.34
HH31 ALY A 7 -0.05 7.79 4.02
HH32 ALY A 7 0.61 9.41 3.81
HH33 ALY A 7 1.49 8.00 3.21
HZ ALY A 7 3.38 8.53 4.53
HE3 ALY A 7 3.45 7.32 7.06
HE2 ALY A 7 4.70 8.35 6.39
HD3 ALY A 7 2.21 9.41 7.68
HD2 ALY A 7 3.70 9.13 8.56
HG3 ALY A 7 4.61 11.02 7.79
HG2 ALY A 7 4.14 10.62 6.13
HB3 ALY A 7 2.57 12.13 6.15
HB2 ALY A 7 1.77 11.36 7.54
HA ALY A 7 4.12 13.25 7.87
H ALY A 7 2.43 12.02 9.78
N SER A 8 2.84 15.42 7.53
CA SER A 8 2.16 16.68 7.24
C SER A 8 1.22 16.58 6.03
N ILE A 9 -0.03 16.98 6.26
CA ILE A 9 -1.04 16.98 5.23
C ILE A 9 -1.63 18.36 5.09
N MET A 10 -2.39 18.79 6.09
CA MET A 10 -2.86 20.15 6.17
C MET A 10 -1.71 21.07 6.57
N LYS A 11 -1.42 22.05 5.74
CA LYS A 11 -0.33 22.96 6.01
C LYS A 11 -0.72 24.04 6.99
N LYS A 12 -0.13 23.99 8.18
CA LYS A 12 -0.28 25.06 9.14
C LYS A 12 0.80 26.09 8.89
N SER A 13 1.81 25.67 8.14
CA SER A 13 2.88 26.55 7.71
C SER A 13 3.11 26.35 6.21
N LYS B 1 -11.56 -24.07 3.19
CA LYS B 1 -10.54 -24.42 4.20
C LYS B 1 -9.74 -25.64 3.77
N ASP B 2 -8.83 -26.07 4.63
CA ASP B 2 -7.94 -27.20 4.36
C ASP B 2 -6.98 -26.88 3.23
N VAL B 3 -5.79 -26.44 3.60
CA VAL B 3 -4.74 -26.16 2.64
C VAL B 3 -3.51 -27.00 2.97
N PRO B 4 -2.69 -27.32 1.97
CA PRO B 4 -1.44 -28.04 2.18
C PRO B 4 -0.31 -27.09 2.54
N ASP B 5 -0.69 -25.94 3.13
CA ASP B 5 0.21 -24.85 3.44
C ASP B 5 0.83 -24.28 2.17
N SER B 6 1.93 -24.90 1.73
CA SER B 6 2.67 -24.49 0.54
C SER B 6 2.92 -22.98 0.51
N GLN B 7 3.29 -22.41 1.66
CA GLN B 7 3.59 -20.98 1.74
C GLN B 7 4.86 -20.63 0.97
N GLN B 8 5.54 -21.67 0.49
CA GLN B 8 6.73 -21.49 -0.35
C GLN B 8 6.32 -21.03 -1.74
N HIS B 9 5.02 -21.16 -2.05
CA HIS B 9 4.48 -20.72 -3.32
C HIS B 9 3.51 -19.58 -3.11
N PRO B 10 3.60 -18.60 -3.98
CA PRO B 10 2.67 -17.50 -4.03
C PRO B 10 1.50 -17.82 -4.94
N ALA B 11 1.65 -18.95 -5.62
CA ALA B 11 0.71 -19.38 -6.64
C ALA B 11 0.30 -20.80 -6.42
N PRO B 12 -0.81 -21.15 -7.05
CA PRO B 12 -1.29 -22.52 -7.10
C PRO B 12 -0.23 -23.44 -7.70
N GLU B 13 -0.02 -23.28 -8.99
CA GLU B 13 1.16 -23.82 -9.65
C GLU B 13 1.90 -22.68 -10.32
N LYS B 14 1.14 -21.63 -10.63
CA LYS B 14 1.68 -20.39 -11.17
C LYS B 14 0.59 -19.35 -11.18
N SER B 15 0.78 -18.37 -12.00
CA SER B 15 0.09 -17.13 -11.84
C SER B 15 -1.18 -17.05 -12.66
N SER B 16 -1.84 -18.19 -12.88
CA SER B 16 -3.16 -18.21 -13.49
C SER B 16 -4.14 -17.51 -12.55
N LYS B 17 -3.72 -17.36 -11.30
CA LYS B 17 -4.42 -16.52 -10.35
C LYS B 17 -3.64 -15.23 -10.14
N VAL B 18 -2.44 -15.39 -9.58
CA VAL B 18 -1.58 -14.26 -9.17
C VAL B 18 -1.54 -13.12 -10.13
N SER B 19 -0.94 -13.37 -11.27
CA SER B 19 -0.66 -12.32 -12.21
C SER B 19 -1.96 -11.68 -12.67
N GLU B 20 -3.04 -12.45 -12.55
CA GLU B 20 -4.39 -11.95 -12.80
C GLU B 20 -4.85 -11.12 -11.61
N GLN B 21 -4.46 -11.55 -10.41
CA GLN B 21 -4.71 -10.80 -9.19
C GLN B 21 -3.96 -9.51 -9.22
N LEU B 22 -2.71 -9.56 -9.63
CA LEU B 22 -1.84 -8.39 -9.70
C LEU B 22 -2.39 -7.42 -10.70
N LYS B 23 -2.64 -7.95 -11.86
CA LYS B 23 -3.29 -7.20 -12.91
C LYS B 23 -4.60 -6.63 -12.40
N CYS B 24 -5.22 -7.39 -11.53
CA CYS B 24 -6.41 -6.93 -10.83
C CYS B 24 -6.01 -5.85 -9.86
N CYS B 25 -4.99 -6.18 -9.09
CA CYS B 25 -4.52 -5.38 -8.01
C CYS B 25 -4.16 -4.01 -8.52
N SER B 26 -3.41 -3.99 -9.61
CA SER B 26 -3.10 -2.72 -10.25
C SER B 26 -4.36 -1.98 -10.65
N GLY B 27 -5.35 -2.65 -11.21
CA GLY B 27 -6.58 -1.97 -11.57
C GLY B 27 -7.36 -1.57 -10.33
N ILE B 28 -6.89 -2.12 -9.23
CA ILE B 28 -7.49 -2.01 -7.93
C ILE B 28 -6.83 -0.89 -7.15
N LEU B 29 -5.53 -0.81 -7.33
CA LEU B 29 -4.71 0.22 -6.76
C LEU B 29 -4.67 1.42 -7.63
N LYS B 30 -4.65 1.19 -8.92
CA LYS B 30 -4.70 2.27 -9.84
C LYS B 30 -6.12 2.79 -9.82
N GLU B 31 -7.00 1.94 -9.28
CA GLU B 31 -8.30 2.38 -8.84
C GLU B 31 -8.08 3.30 -7.67
N MET B 32 -7.29 2.87 -6.67
CA MET B 32 -7.07 3.66 -5.50
C MET B 32 -6.43 4.94 -5.94
N PHE B 33 -5.66 4.81 -7.00
CA PHE B 33 -4.95 5.89 -7.58
C PHE B 33 -5.87 6.80 -8.40
N ALA B 34 -7.13 6.41 -8.50
CA ALA B 34 -8.14 7.20 -9.19
C ALA B 34 -8.41 8.47 -8.45
N LYS B 35 -8.71 9.52 -9.19
CA LYS B 35 -8.88 10.87 -8.61
C LYS B 35 -10.06 10.94 -7.65
N LYS B 36 -10.64 9.80 -7.35
CA LYS B 36 -11.71 9.71 -6.39
C LYS B 36 -11.12 9.34 -5.04
N HIS B 37 -10.19 8.40 -5.05
CA HIS B 37 -9.55 8.00 -3.83
C HIS B 37 -8.44 8.94 -3.55
N ALA B 38 -8.22 9.85 -4.45
CA ALA B 38 -7.19 10.85 -4.25
C ALA B 38 -7.63 11.95 -3.32
N ALA B 39 -8.81 11.82 -2.77
CA ALA B 39 -9.16 12.58 -1.60
C ALA B 39 -8.60 11.87 -0.39
N TYR B 40 -8.40 10.57 -0.58
CA TYR B 40 -8.04 9.70 0.50
C TYR B 40 -7.09 8.57 0.08
N ALA B 41 -6.10 8.88 -0.73
CA ALA B 41 -5.11 7.88 -1.15
C ALA B 41 -3.89 8.55 -1.64
N TRP B 42 -3.96 9.84 -1.75
CA TRP B 42 -2.94 10.63 -2.39
C TRP B 42 -1.67 10.78 -1.52
N PRO B 43 -1.74 10.67 -0.15
CA PRO B 43 -0.55 10.62 0.69
C PRO B 43 0.06 9.23 0.59
N PHE B 44 -0.72 8.40 -0.10
CA PHE B 44 -0.40 7.03 -0.36
C PHE B 44 0.04 6.90 -1.80
N TYR B 45 -0.56 7.66 -2.73
CA TYR B 45 -0.10 7.65 -4.12
C TYR B 45 1.41 7.74 -4.20
N LYS B 46 2.03 8.28 -3.16
CA LYS B 46 3.45 8.47 -3.12
C LYS B 46 4.02 8.23 -1.73
N PRO B 47 5.32 7.95 -1.68
CA PRO B 47 6.08 7.64 -0.45
C PRO B 47 6.00 8.72 0.62
N VAL B 48 6.45 8.34 1.79
CA VAL B 48 6.65 9.23 2.92
C VAL B 48 7.97 9.97 2.74
N ASP B 49 7.89 11.27 2.79
CA ASP B 49 9.06 12.12 2.69
C ASP B 49 9.32 12.66 4.05
N VAL B 50 10.18 11.99 4.72
CA VAL B 50 10.34 12.13 6.14
C VAL B 50 11.07 13.40 6.48
N GLU B 51 11.80 13.89 5.49
CA GLU B 51 12.49 15.16 5.57
C GLU B 51 11.53 16.27 5.17
N ALA B 52 10.41 15.84 4.64
CA ALA B 52 9.38 16.74 4.13
C ALA B 52 8.29 16.99 5.16
N LEU B 53 7.60 15.92 5.50
CA LEU B 53 6.46 15.96 6.39
C LEU B 53 6.91 16.31 7.80
N GLY B 54 8.23 16.25 8.01
CA GLY B 54 8.81 16.65 9.28
C GLY B 54 8.96 15.50 10.24
N LEU B 55 9.12 14.31 9.70
CA LEU B 55 9.20 13.09 10.50
C LEU B 55 10.45 13.07 11.37
N HIS B 56 11.57 12.60 10.81
CA HIS B 56 12.86 12.54 11.51
C HIS B 56 12.85 11.38 12.51
N ASP B 57 11.67 11.05 12.97
CA ASP B 57 11.43 9.88 13.79
C ASP B 57 11.12 8.69 12.91
N TYR B 58 10.68 8.99 11.70
CA TYR B 58 10.32 8.02 10.67
C TYR B 58 10.99 6.68 10.76
N CYS B 59 12.28 6.66 10.72
CA CYS B 59 13.01 5.40 10.72
C CYS B 59 12.81 4.62 12.03
N ASP B 60 12.07 5.20 12.97
CA ASP B 60 11.71 4.53 14.20
C ASP B 60 10.42 3.81 13.96
N ILE B 61 9.64 4.44 13.12
CA ILE B 61 8.31 4.02 12.82
C ILE B 61 8.29 3.19 11.58
N ILE B 62 8.59 3.87 10.52
CA ILE B 62 8.40 3.43 9.18
C ILE B 62 9.60 2.63 8.73
N LYS B 63 9.46 1.32 8.82
CA LYS B 63 10.54 0.40 8.50
C LYS B 63 10.50 0.20 7.04
N HIS B 64 9.27 0.04 6.61
CA HIS B 64 8.96 -0.33 5.29
C HIS B 64 7.82 0.49 4.79
N PRO B 65 8.11 1.76 4.54
CA PRO B 65 7.16 2.70 4.04
C PRO B 65 6.64 2.24 2.72
N MET B 66 5.39 2.04 2.74
CA MET B 66 4.68 1.64 1.57
C MET B 66 3.77 2.76 1.18
N ASP B 67 3.43 2.79 -0.07
CA ASP B 67 2.49 3.73 -0.56
C ASP B 67 1.84 3.11 -1.75
N MET B 68 0.74 3.68 -2.16
CA MET B 68 0.02 3.19 -3.32
C MET B 68 0.99 2.95 -4.44
N SER B 69 1.59 4.03 -4.94
CA SER B 69 2.51 3.98 -6.07
C SER B 69 3.53 2.87 -5.94
N THR B 70 3.94 2.57 -4.72
CA THR B 70 4.95 1.55 -4.57
C THR B 70 4.32 0.19 -4.68
N ILE B 71 3.15 -0.02 -4.09
CA ILE B 71 2.55 -1.33 -4.20
C ILE B 71 1.85 -1.40 -5.52
N LYS B 72 1.78 -0.26 -6.16
CA LYS B 72 1.20 -0.11 -7.44
C LYS B 72 2.23 -0.51 -8.44
N SER B 73 3.42 -0.03 -8.18
CA SER B 73 4.55 -0.19 -9.05
C SER B 73 5.14 -1.55 -8.91
N LYS B 74 5.28 -2.03 -7.71
CA LYS B 74 5.75 -3.36 -7.46
C LYS B 74 4.82 -4.38 -8.03
N LEU B 75 3.55 -4.10 -7.87
CA LEU B 75 2.51 -4.79 -8.53
C LEU B 75 2.82 -4.96 -9.99
N GLU B 76 2.99 -3.82 -10.64
CA GLU B 76 3.27 -3.78 -12.05
C GLU B 76 4.68 -4.28 -12.38
N ALA B 77 5.59 -4.04 -11.46
CA ALA B 77 6.96 -4.51 -11.54
C ALA B 77 6.96 -6.00 -11.46
N ARG B 78 5.88 -6.48 -10.90
CA ARG B 78 5.64 -7.88 -10.73
C ARG B 78 6.57 -8.42 -9.66
N GLU B 79 6.90 -7.54 -8.71
CA GLU B 79 7.59 -7.94 -7.50
C GLU B 79 6.58 -8.70 -6.69
N TYR B 80 5.33 -8.37 -6.99
CA TYR B 80 4.19 -9.01 -6.42
C TYR B 80 4.19 -10.44 -6.73
N ARG B 81 4.44 -11.16 -5.68
CA ARG B 81 4.45 -12.57 -5.70
C ARG B 81 3.08 -12.97 -6.11
N ASP B 82 2.19 -12.08 -5.69
CA ASP B 82 0.80 -12.17 -5.95
C ASP B 82 0.09 -11.01 -5.29
N ALA B 83 -1.19 -10.97 -5.51
CA ALA B 83 -2.09 -10.05 -4.87
C ALA B 83 -1.88 -9.87 -3.40
N GLN B 84 -1.56 -10.92 -2.74
CA GLN B 84 -1.42 -10.86 -1.33
C GLN B 84 -0.09 -10.21 -1.00
N GLU B 85 0.67 -9.94 -2.06
CA GLU B 85 1.80 -9.03 -1.95
C GLU B 85 1.29 -7.63 -2.24
N PHE B 86 0.31 -7.54 -3.16
CA PHE B 86 -0.41 -6.32 -3.40
C PHE B 86 -1.02 -5.78 -2.11
N GLY B 87 -2.04 -6.50 -1.66
CA GLY B 87 -2.77 -6.09 -0.49
C GLY B 87 -1.95 -6.13 0.75
N ALA B 88 -0.76 -6.63 0.61
CA ALA B 88 0.15 -6.60 1.69
C ALA B 88 0.70 -5.22 1.88
N ASP B 89 1.10 -4.61 0.78
CA ASP B 89 1.75 -3.34 0.83
C ASP B 89 0.74 -2.21 0.71
N VAL B 90 -0.46 -2.49 0.17
CA VAL B 90 -1.56 -1.51 0.25
C VAL B 90 -1.89 -1.33 1.69
N ARG B 91 -1.89 -2.41 2.39
CA ARG B 91 -2.24 -2.37 3.79
C ARG B 91 -1.01 -2.04 4.60
N LEU B 92 0.17 -2.21 4.01
CA LEU B 92 1.38 -1.85 4.68
C LEU B 92 1.52 -0.35 4.54
N MET B 93 1.08 0.16 3.41
CA MET B 93 1.03 1.58 3.22
C MET B 93 -0.09 2.16 4.05
N PHE B 94 -1.17 1.38 4.23
CA PHE B 94 -2.18 1.76 5.22
C PHE B 94 -1.58 1.61 6.61
N SER B 95 -0.58 0.74 6.73
CA SER B 95 0.09 0.52 7.99
C SER B 95 0.95 1.70 8.33
N ASN B 96 1.87 2.09 7.43
CA ASN B 96 2.82 3.16 7.71
C ASN B 96 2.11 4.43 8.12
N CYS B 97 0.89 4.62 7.63
CA CYS B 97 0.09 5.75 8.07
C CYS B 97 -0.41 5.52 9.50
N TYR B 98 -0.91 4.31 9.80
CA TYR B 98 -1.41 3.99 11.13
C TYR B 98 -0.28 3.94 12.18
N LYS B 99 0.84 3.29 11.85
CA LYS B 99 1.96 3.14 12.79
C LYS B 99 2.51 4.48 13.21
N TYR B 100 2.61 5.37 12.25
CA TYR B 100 3.22 6.66 12.48
C TYR B 100 2.25 7.62 13.13
N ASN B 101 1.08 7.71 12.56
CA ASN B 101 0.14 8.75 12.90
C ASN B 101 -0.99 8.19 13.75
N PRO B 102 -1.75 9.05 14.44
CA PRO B 102 -2.95 8.62 15.14
C PRO B 102 -4.01 8.21 14.12
N PRO B 103 -4.85 7.22 14.44
CA PRO B 103 -5.83 6.69 13.50
C PRO B 103 -6.96 7.68 13.20
N ASP B 104 -6.80 8.92 13.67
CA ASP B 104 -7.76 9.98 13.41
C ASP B 104 -7.16 10.92 12.37
N HIS B 105 -5.92 10.63 12.05
CA HIS B 105 -5.12 11.41 11.11
C HIS B 105 -5.72 11.39 9.71
N GLU B 106 -5.29 12.32 8.88
CA GLU B 106 -5.74 12.38 7.50
C GLU B 106 -5.10 11.30 6.62
N VAL B 107 -3.79 11.11 6.70
CA VAL B 107 -3.19 9.96 6.01
C VAL B 107 -3.86 8.68 6.43
N VAL B 108 -3.98 8.42 7.72
CA VAL B 108 -4.58 7.18 8.15
C VAL B 108 -6.02 7.10 7.67
N ALA B 109 -6.58 8.28 7.44
CA ALA B 109 -7.92 8.43 6.97
C ALA B 109 -8.05 7.78 5.62
N MET B 110 -7.10 8.09 4.77
CA MET B 110 -6.99 7.46 3.46
C MET B 110 -7.11 6.00 3.62
N ALA B 111 -6.18 5.50 4.38
CA ALA B 111 -6.04 4.10 4.62
C ALA B 111 -7.36 3.40 4.97
N ARG B 112 -8.19 4.02 5.78
CA ARG B 112 -9.42 3.36 6.23
C ARG B 112 -10.50 3.32 5.14
N LYS B 113 -10.57 4.33 4.28
CA LYS B 113 -11.57 4.31 3.23
C LYS B 113 -10.95 3.81 1.91
N LEU B 114 -9.61 3.94 1.78
CA LEU B 114 -8.87 3.15 0.81
C LEU B 114 -9.05 1.71 1.14
N GLN B 115 -9.26 1.42 2.39
CA GLN B 115 -9.52 0.07 2.83
C GLN B 115 -10.90 -0.36 2.37
N ASP B 116 -11.82 0.59 2.40
CA ASP B 116 -13.13 0.41 1.81
C ASP B 116 -12.99 -0.01 0.35
N VAL B 117 -12.38 0.86 -0.45
CA VAL B 117 -12.14 0.57 -1.85
C VAL B 117 -11.23 -0.64 -2.01
N PHE B 118 -10.00 -0.53 -1.51
CA PHE B 118 -8.95 -1.52 -1.74
C PHE B 118 -9.40 -2.93 -1.40
N GLU B 119 -9.91 -3.13 -0.20
CA GLU B 119 -10.19 -4.48 0.24
C GLU B 119 -11.40 -5.06 -0.51
N MET B 120 -12.36 -4.21 -0.86
CA MET B 120 -13.47 -4.65 -1.71
C MET B 120 -12.94 -4.99 -3.09
N ARG B 121 -12.05 -4.13 -3.58
CA ARG B 121 -11.29 -4.38 -4.79
C ARG B 121 -10.64 -5.76 -4.70
N PHE B 122 -9.95 -5.94 -3.59
CA PHE B 122 -9.19 -7.14 -3.28
C PHE B 122 -10.11 -8.36 -3.27
N ALA B 123 -11.39 -8.11 -3.17
CA ALA B 123 -12.38 -9.17 -3.18
C ALA B 123 -13.02 -9.34 -4.57
N LYS B 124 -12.94 -8.30 -5.40
CA LYS B 124 -13.38 -8.40 -6.80
C LYS B 124 -12.33 -9.12 -7.60
N MET B 125 -11.19 -9.26 -6.97
CA MET B 125 -10.04 -9.91 -7.53
C MET B 125 -10.33 -11.37 -7.84
N PRO B 126 -9.66 -11.93 -8.87
CA PRO B 126 -9.69 -13.34 -9.13
C PRO B 126 -8.80 -14.03 -8.12
N ASP B 127 -9.38 -14.83 -7.27
CA ASP B 127 -8.69 -15.41 -6.11
C ASP B 127 -8.90 -16.87 -6.07
N GLU B 128 -10.15 -17.12 -6.23
CA GLU B 128 -10.78 -18.40 -6.05
C GLU B 128 -10.23 -19.15 -4.85
N ARG A 1 11.23 7.09 23.42
CA ARG A 1 11.12 8.52 23.03
C ARG A 1 9.68 8.89 22.78
N THR A 2 9.32 10.11 23.14
CA THR A 2 7.97 10.60 22.91
C THR A 2 7.91 11.39 21.61
N TYR A 3 8.06 10.68 20.50
CA TYR A 3 8.06 11.30 19.18
C TYR A 3 6.63 11.47 18.67
N GLU A 4 6.15 12.69 18.66
CA GLU A 4 4.76 12.98 18.32
C GLU A 4 4.63 13.55 16.92
N THR A 5 5.69 13.45 16.13
CA THR A 5 5.60 13.86 14.73
C THR A 5 4.62 12.96 14.00
N PHE A 6 3.98 13.52 12.98
CA PHE A 6 3.14 12.75 12.09
C PHE A 6 3.45 13.16 10.67
OH ALY A 7 0.84 7.92 6.27
CH ALY A 7 1.45 8.19 5.23
CH3 ALY A 7 0.67 8.37 3.93
NZ ALY A 7 2.76 8.31 5.21
CE ALY A 7 3.58 8.15 6.41
CD ALY A 7 3.23 9.18 7.48
CG ALY A 7 3.77 10.55 7.13
CB ALY A 7 2.73 11.66 7.32
CA ALY A 7 3.16 12.77 8.29
N ALY A 7 3.02 12.37 9.68
C ALY A 7 2.34 14.03 8.04
O ALY A 7 1.15 13.94 7.76
HH31 ALY A 7 -0.27 7.84 3.99
HH32 ALY A 7 0.47 9.42 3.77
HH33 ALY A 7 1.24 7.98 3.11
HZ ALY A 7 3.21 8.53 4.37
HE3 ALY A 7 3.42 7.16 6.82
HE2 ALY A 7 4.62 8.27 6.14
HD3 ALY A 7 2.16 9.24 7.57
HD2 ALY A 7 3.66 8.87 8.42
HG3 ALY A 7 4.63 10.77 7.75
HG2 ALY A 7 4.07 10.55 6.10
HB3 ALY A 7 2.58 12.11 6.35
HB2 ALY A 7 1.79 11.21 7.67
HA ALY A 7 4.22 12.98 8.12
H ALY A 7 2.57 11.52 9.91
N SER A 8 2.98 15.19 8.20
CA SER A 8 2.30 16.48 8.06
C SER A 8 1.64 16.63 6.71
N ILE A 9 0.32 16.69 6.72
CA ILE A 9 -0.47 16.80 5.51
C ILE A 9 -0.78 18.25 5.22
N MET A 10 -0.04 18.81 4.28
CA MET A 10 -0.09 20.23 3.98
C MET A 10 -0.92 20.49 2.73
N LYS A 11 -1.68 19.49 2.31
CA LYS A 11 -2.47 19.59 1.10
C LYS A 11 -3.84 18.95 1.28
N LYS A 12 -4.78 19.71 1.83
CA LYS A 12 -6.14 19.19 1.99
C LYS A 12 -6.90 19.33 0.67
N SER A 13 -6.37 20.14 -0.22
CA SER A 13 -6.93 20.28 -1.56
C SER A 13 -5.83 20.03 -2.60
N LYS B 1 5.21 -12.83 7.97
CA LYS B 1 5.86 -11.96 6.97
C LYS B 1 7.13 -12.61 6.45
N ASP B 2 7.00 -13.83 5.95
CA ASP B 2 8.15 -14.57 5.42
C ASP B 2 8.24 -14.40 3.92
N VAL B 3 9.45 -14.54 3.39
CA VAL B 3 9.71 -14.29 1.98
C VAL B 3 9.67 -15.59 1.16
N PRO B 4 9.32 -15.45 -0.14
CA PRO B 4 9.16 -16.59 -1.07
C PRO B 4 10.39 -17.49 -1.17
N ASP B 5 11.54 -16.95 -0.77
CA ASP B 5 12.80 -17.68 -0.86
C ASP B 5 12.78 -18.96 -0.02
N SER B 6 11.99 -18.95 1.05
CA SER B 6 11.89 -20.12 1.92
C SER B 6 10.87 -21.13 1.37
N GLN B 7 11.00 -21.40 0.06
CA GLN B 7 10.14 -22.36 -0.64
C GLN B 7 8.67 -21.96 -0.57
N GLN B 8 8.42 -20.69 -0.29
CA GLN B 8 7.05 -20.18 -0.26
C GLN B 8 6.63 -19.78 -1.66
N HIS B 9 5.68 -20.50 -2.22
CA HIS B 9 5.16 -20.15 -3.53
C HIS B 9 3.89 -19.37 -3.39
N PRO B 10 3.82 -18.26 -4.08
CA PRO B 10 2.64 -17.43 -4.18
C PRO B 10 1.74 -17.90 -5.32
N ALA B 11 2.31 -18.81 -6.10
CA ALA B 11 1.68 -19.33 -7.29
C ALA B 11 1.64 -20.83 -7.23
N PRO B 12 0.78 -21.38 -8.07
CA PRO B 12 0.69 -22.82 -8.29
C PRO B 12 2.04 -23.38 -8.70
N GLU B 13 2.40 -23.14 -9.95
CA GLU B 13 3.77 -23.30 -10.40
C GLU B 13 4.31 -21.94 -10.77
N LYS B 14 3.39 -21.09 -11.24
CA LYS B 14 3.67 -19.70 -11.54
C LYS B 14 2.38 -18.95 -11.73
N SER B 15 2.48 -17.83 -12.38
CA SER B 15 1.50 -16.80 -12.28
C SER B 15 0.33 -17.00 -13.23
N SER B 16 -0.21 -18.21 -13.23
CA SER B 16 -1.47 -18.50 -13.89
C SER B 16 -2.58 -17.79 -13.14
N LYS B 17 -2.32 -17.49 -11.87
CA LYS B 17 -3.24 -16.74 -11.05
C LYS B 17 -2.66 -15.38 -10.68
N VAL B 18 -1.46 -15.40 -10.12
CA VAL B 18 -0.78 -14.21 -9.60
C VAL B 18 -0.81 -13.04 -10.53
N SER B 19 -0.14 -13.15 -11.64
CA SER B 19 0.05 -12.02 -12.52
C SER B 19 -1.30 -11.49 -13.00
N GLU B 20 -2.31 -12.34 -12.91
CA GLU B 20 -3.69 -11.96 -13.17
C GLU B 20 -4.27 -11.28 -11.93
N GLN B 21 -3.91 -11.80 -10.76
CA GLN B 21 -4.17 -11.17 -9.49
C GLN B 21 -3.62 -9.77 -9.45
N LEU B 22 -2.36 -9.65 -9.79
CA LEU B 22 -1.63 -8.39 -9.82
C LEU B 22 -2.28 -7.47 -10.78
N LYS B 23 -2.65 -8.04 -11.88
CA LYS B 23 -3.40 -7.31 -12.88
C LYS B 23 -4.71 -6.81 -12.29
N CYS B 24 -5.29 -7.61 -11.43
CA CYS B 24 -6.43 -7.21 -10.64
C CYS B 24 -5.97 -6.11 -9.72
N CYS B 25 -4.89 -6.42 -9.02
CA CYS B 25 -4.28 -5.56 -8.05
C CYS B 25 -4.11 -4.17 -8.61
N SER B 26 -3.36 -4.09 -9.69
CA SER B 26 -3.13 -2.82 -10.36
C SER B 26 -4.42 -2.11 -10.67
N GLY B 27 -5.42 -2.79 -11.20
CA GLY B 27 -6.65 -2.10 -11.54
C GLY B 27 -7.40 -1.70 -10.30
N ILE B 28 -6.92 -2.24 -9.22
CA ILE B 28 -7.51 -2.12 -7.91
C ILE B 28 -6.81 -1.00 -7.14
N LEU B 29 -5.52 -0.95 -7.30
CA LEU B 29 -4.70 0.11 -6.75
C LEU B 29 -4.70 1.31 -7.64
N LYS B 30 -4.70 1.07 -8.92
CA LYS B 30 -4.75 2.14 -9.85
C LYS B 30 -6.16 2.69 -9.81
N GLU B 31 -7.05 1.85 -9.29
CA GLU B 31 -8.34 2.31 -8.84
C GLU B 31 -8.10 3.24 -7.69
N MET B 32 -7.29 2.83 -6.71
CA MET B 32 -7.05 3.63 -5.54
C MET B 32 -6.42 4.91 -6.02
N PHE B 33 -5.65 4.74 -7.08
CA PHE B 33 -4.94 5.82 -7.69
C PHE B 33 -5.86 6.72 -8.52
N ALA B 34 -7.13 6.33 -8.59
CA ALA B 34 -8.13 7.11 -9.27
C ALA B 34 -8.38 8.39 -8.54
N LYS B 35 -8.69 9.45 -9.29
CA LYS B 35 -8.85 10.78 -8.73
C LYS B 35 -10.06 10.85 -7.79
N LYS B 36 -10.64 9.70 -7.51
CA LYS B 36 -11.73 9.59 -6.56
C LYS B 36 -11.17 9.27 -5.19
N HIS B 37 -10.17 8.37 -5.16
CA HIS B 37 -9.55 8.00 -3.92
C HIS B 37 -8.46 8.96 -3.62
N ALA B 38 -8.21 9.86 -4.52
CA ALA B 38 -7.17 10.83 -4.33
C ALA B 38 -7.57 11.95 -3.39
N ALA B 39 -8.75 11.83 -2.81
CA ALA B 39 -9.06 12.61 -1.63
C ALA B 39 -8.50 11.88 -0.43
N TYR B 40 -8.31 10.59 -0.62
CA TYR B 40 -7.95 9.70 0.44
C TYR B 40 -7.01 8.59 0.00
N ALA B 41 -6.04 8.90 -0.85
CA ALA B 41 -5.09 7.90 -1.30
C ALA B 41 -3.87 8.58 -1.81
N TRP B 42 -3.93 9.86 -1.85
CA TRP B 42 -2.91 10.66 -2.47
C TRP B 42 -1.67 10.83 -1.56
N PRO B 43 -1.78 10.72 -0.19
CA PRO B 43 -0.60 10.66 0.67
C PRO B 43 0.02 9.28 0.53
N PHE B 44 -0.77 8.46 -0.17
CA PHE B 44 -0.47 7.09 -0.43
C PHE B 44 0.03 6.94 -1.85
N TYR B 45 -0.54 7.69 -2.81
CA TYR B 45 -0.06 7.62 -4.19
C TYR B 45 1.45 7.67 -4.26
N LYS B 46 2.07 8.25 -3.25
CA LYS B 46 3.49 8.47 -3.24
C LYS B 46 4.06 8.27 -1.83
N PRO B 47 5.37 8.05 -1.73
CA PRO B 47 6.07 7.69 -0.48
C PRO B 47 6.01 8.76 0.59
N VAL B 48 6.38 8.35 1.78
CA VAL B 48 6.57 9.21 2.92
C VAL B 48 7.86 10.00 2.74
N ASP B 49 7.72 11.29 2.80
CA ASP B 49 8.84 12.19 2.65
C ASP B 49 9.18 12.70 4.01
N VAL B 50 10.10 11.99 4.61
CA VAL B 50 10.33 12.08 6.02
C VAL B 50 11.02 13.38 6.40
N GLU B 51 11.67 13.94 5.42
CA GLU B 51 12.33 15.24 5.58
C GLU B 51 11.34 16.34 5.25
N ALA B 52 10.22 15.91 4.71
CA ALA B 52 9.17 16.81 4.24
C ALA B 52 8.10 17.01 5.28
N LEU B 53 7.43 15.90 5.60
CA LEU B 53 6.35 15.88 6.56
C LEU B 53 6.89 16.25 7.94
N GLY B 54 8.21 16.18 8.06
CA GLY B 54 8.88 16.57 9.27
C GLY B 54 9.08 15.42 10.22
N LEU B 55 9.16 14.22 9.66
CA LEU B 55 9.29 13.00 10.42
C LEU B 55 10.53 12.99 11.30
N HIS B 56 11.66 12.61 10.71
CA HIS B 56 12.97 12.56 11.39
C HIS B 56 13.03 11.36 12.32
N ASP B 57 11.86 10.96 12.77
CA ASP B 57 11.68 9.77 13.59
C ASP B 57 11.34 8.58 12.73
N TYR B 58 10.87 8.89 11.53
CA TYR B 58 10.50 7.92 10.49
C TYR B 58 11.16 6.58 10.57
N CYS B 59 12.45 6.55 10.53
CA CYS B 59 13.17 5.29 10.51
C CYS B 59 12.96 4.47 11.80
N ASP B 60 12.26 5.06 12.79
CA ASP B 60 11.90 4.34 14.00
C ASP B 60 10.61 3.64 13.76
N ILE B 61 9.83 4.31 12.95
CA ILE B 61 8.49 3.93 12.69
C ILE B 61 8.43 3.11 11.44
N ILE B 62 8.75 3.78 10.39
CA ILE B 62 8.53 3.36 9.05
C ILE B 62 9.72 2.55 8.56
N LYS B 63 9.58 1.24 8.61
CA LYS B 63 10.64 0.33 8.26
C LYS B 63 10.59 0.18 6.78
N HIS B 64 9.37 -0.03 6.37
CA HIS B 64 9.04 -0.34 5.02
C HIS B 64 7.86 0.48 4.60
N PRO B 65 8.13 1.75 4.40
CA PRO B 65 7.14 2.68 3.95
C PRO B 65 6.60 2.26 2.65
N MET B 66 5.36 2.05 2.68
CA MET B 66 4.64 1.66 1.51
C MET B 66 3.73 2.77 1.14
N ASP B 67 3.38 2.82 -0.11
CA ASP B 67 2.44 3.75 -0.59
C ASP B 67 1.79 3.12 -1.78
N MET B 68 0.70 3.70 -2.22
CA MET B 68 0.00 3.18 -3.36
C MET B 68 0.97 2.92 -4.49
N SER B 69 1.56 3.99 -5.03
CA SER B 69 2.51 3.91 -6.14
C SER B 69 3.54 2.83 -5.94
N THR B 70 3.94 2.57 -4.72
CA THR B 70 4.95 1.56 -4.54
C THR B 70 4.34 0.19 -4.65
N ILE B 71 3.16 -0.03 -4.09
CA ILE B 71 2.56 -1.34 -4.21
C ILE B 71 1.88 -1.42 -5.55
N LYS B 72 1.81 -0.27 -6.18
CA LYS B 72 1.22 -0.12 -7.46
C LYS B 72 2.26 -0.46 -8.48
N SER B 73 3.44 0.04 -8.21
CA SER B 73 4.57 -0.09 -9.08
C SER B 73 5.20 -1.42 -8.95
N LYS B 74 5.41 -1.86 -7.72
CA LYS B 74 5.91 -3.18 -7.46
C LYS B 74 5.00 -4.22 -8.02
N LEU B 75 3.73 -3.96 -7.86
CA LEU B 75 2.72 -4.67 -8.53
C LEU B 75 3.08 -4.85 -10.00
N GLU B 76 3.17 -3.74 -10.68
CA GLU B 76 3.45 -3.71 -12.10
C GLU B 76 4.89 -4.12 -12.43
N ALA B 77 5.77 -3.90 -11.47
CA ALA B 77 7.16 -4.32 -11.53
C ALA B 77 7.22 -5.81 -11.41
N ARG B 78 6.12 -6.32 -10.92
CA ARG B 78 5.93 -7.73 -10.78
C ARG B 78 6.84 -8.25 -9.67
N GLU B 79 7.11 -7.36 -8.71
CA GLU B 79 7.75 -7.74 -7.47
C GLU B 79 6.73 -8.52 -6.70
N TYR B 80 5.49 -8.17 -7.01
CA TYR B 80 4.32 -8.82 -6.43
C TYR B 80 4.31 -10.25 -6.75
N ARG B 81 4.57 -10.96 -5.68
CA ARG B 81 4.60 -12.38 -5.68
C ARG B 81 3.25 -12.83 -6.12
N ASP B 82 2.31 -11.94 -5.79
CA ASP B 82 0.94 -12.07 -6.14
C ASP B 82 0.15 -10.96 -5.46
N ALA B 83 -1.14 -10.98 -5.66
CA ALA B 83 -2.06 -10.07 -5.01
C ALA B 83 -1.86 -9.96 -3.53
N GLN B 84 -1.48 -11.04 -2.92
CA GLN B 84 -1.31 -10.99 -1.51
C GLN B 84 -0.02 -10.29 -1.17
N GLU B 85 0.72 -9.96 -2.22
CA GLU B 85 1.82 -9.04 -2.08
C GLU B 85 1.27 -7.64 -2.34
N PHE B 86 0.29 -7.57 -3.25
CA PHE B 86 -0.43 -6.37 -3.51
C PHE B 86 -1.08 -5.83 -2.26
N GLY B 87 -2.10 -6.55 -1.83
CA GLY B 87 -2.87 -6.14 -0.68
C GLY B 87 -2.09 -6.18 0.58
N ALA B 88 -0.88 -6.66 0.48
CA ALA B 88 -0.01 -6.65 1.60
C ALA B 88 0.53 -5.27 1.82
N ASP B 89 0.99 -4.67 0.75
CA ASP B 89 1.67 -3.40 0.86
C ASP B 89 0.69 -2.25 0.69
N VAL B 90 -0.50 -2.51 0.14
CA VAL B 90 -1.59 -1.53 0.23
C VAL B 90 -1.91 -1.35 1.67
N ARG B 91 -1.99 -2.45 2.35
CA ARG B 91 -2.30 -2.43 3.75
C ARG B 91 -1.07 -2.07 4.59
N LEU B 92 0.13 -2.26 4.03
CA LEU B 92 1.35 -1.89 4.69
C LEU B 92 1.47 -0.40 4.52
N MET B 93 1.05 0.08 3.38
CA MET B 93 1.01 1.50 3.15
C MET B 93 -0.08 2.13 3.99
N PHE B 94 -1.19 1.40 4.18
CA PHE B 94 -2.19 1.81 5.18
C PHE B 94 -1.56 1.74 6.57
N SER B 95 -0.63 0.80 6.73
CA SER B 95 0.02 0.55 8.00
C SER B 95 0.96 1.69 8.35
N ASN B 96 1.89 2.05 7.43
CA ASN B 96 2.86 3.11 7.71
C ASN B 96 2.14 4.38 8.13
N CYS B 97 0.91 4.51 7.65
CA CYS B 97 0.02 5.55 8.13
C CYS B 97 -0.32 5.34 9.60
N TYR B 98 -0.90 4.20 9.93
CA TYR B 98 -1.35 3.92 11.30
C TYR B 98 -0.19 3.88 12.32
N LYS B 99 0.97 3.35 11.92
CA LYS B 99 2.12 3.25 12.83
C LYS B 99 2.63 4.61 13.23
N TYR B 100 2.83 5.45 12.24
CA TYR B 100 3.43 6.74 12.45
C TYR B 100 2.42 7.69 13.07
N ASN B 101 1.24 7.71 12.49
CA ASN B 101 0.27 8.72 12.79
C ASN B 101 -0.81 8.18 13.71
N PRO B 102 -1.50 9.06 14.45
CA PRO B 102 -2.66 8.66 15.23
C PRO B 102 -3.77 8.27 14.28
N PRO B 103 -4.63 7.31 14.64
CA PRO B 103 -5.68 6.80 13.76
C PRO B 103 -6.77 7.83 13.48
N ASP B 104 -6.55 9.07 13.92
CA ASP B 104 -7.47 10.16 13.68
C ASP B 104 -6.91 11.03 12.57
N HIS B 105 -5.70 10.68 12.18
CA HIS B 105 -4.92 11.43 11.20
C HIS B 105 -5.55 11.39 9.82
N GLU B 106 -5.23 12.38 8.99
CA GLU B 106 -5.71 12.42 7.62
C GLU B 106 -5.16 11.29 6.76
N VAL B 107 -3.85 11.05 6.77
CA VAL B 107 -3.30 9.90 6.07
C VAL B 107 -3.98 8.62 6.52
N VAL B 108 -4.04 8.38 7.81
CA VAL B 108 -4.65 7.14 8.26
C VAL B 108 -6.12 7.10 7.83
N ALA B 109 -6.66 8.29 7.65
CA ALA B 109 -8.04 8.48 7.29
C ALA B 109 -8.28 7.97 5.88
N MET B 110 -7.28 8.19 5.05
CA MET B 110 -7.28 7.66 3.71
C MET B 110 -7.21 6.17 3.80
N ALA B 111 -6.17 5.73 4.44
CA ALA B 111 -5.91 4.29 4.63
C ALA B 111 -7.18 3.50 4.97
N ARG B 112 -7.98 3.98 5.90
CA ARG B 112 -9.20 3.25 6.27
C ARG B 112 -10.28 3.42 5.19
N LYS B 113 -10.18 4.50 4.44
CA LYS B 113 -11.10 4.83 3.40
C LYS B 113 -10.74 4.09 2.10
N LEU B 114 -9.46 4.16 1.76
CA LEU B 114 -8.86 3.27 0.77
C LEU B 114 -9.11 1.83 1.14
N GLN B 115 -9.39 1.58 2.39
CA GLN B 115 -9.69 0.24 2.82
C GLN B 115 -11.10 -0.13 2.38
N ASP B 116 -11.98 0.85 2.36
CA ASP B 116 -13.30 0.67 1.76
C ASP B 116 -13.14 0.21 0.32
N VAL B 117 -12.42 1.00 -0.46
CA VAL B 117 -12.15 0.66 -1.85
C VAL B 117 -11.22 -0.55 -1.98
N PHE B 118 -9.98 -0.43 -1.52
CA PHE B 118 -8.96 -1.46 -1.72
C PHE B 118 -9.45 -2.82 -1.28
N GLU B 119 -9.96 -2.89 -0.06
CA GLU B 119 -10.32 -4.18 0.50
C GLU B 119 -11.48 -4.78 -0.29
N MET B 120 -12.45 -3.94 -0.68
CA MET B 120 -13.55 -4.37 -1.55
C MET B 120 -13.00 -4.84 -2.89
N ARG B 121 -12.07 -4.07 -3.44
CA ARG B 121 -11.35 -4.41 -4.62
C ARG B 121 -10.75 -5.80 -4.48
N PHE B 122 -9.99 -5.92 -3.41
CA PHE B 122 -9.18 -7.09 -3.10
C PHE B 122 -10.06 -8.28 -2.75
N ALA B 123 -11.31 -8.01 -2.45
CA ALA B 123 -12.18 -9.04 -1.92
C ALA B 123 -12.95 -9.74 -3.02
N LYS B 124 -13.28 -9.01 -4.08
CA LYS B 124 -13.92 -9.62 -5.24
C LYS B 124 -12.88 -9.96 -6.29
N MET B 125 -11.63 -9.94 -5.83
CA MET B 125 -10.49 -10.43 -6.56
C MET B 125 -10.67 -11.93 -6.85
N PRO B 126 -9.87 -12.51 -7.74
CA PRO B 126 -9.93 -13.93 -8.03
C PRO B 126 -9.22 -14.75 -6.97
N ASP B 127 -8.94 -16.00 -7.29
CA ASP B 127 -8.30 -16.95 -6.37
C ASP B 127 -7.45 -17.89 -7.12
N GLU B 128 -8.11 -18.50 -8.07
CA GLU B 128 -7.62 -19.59 -8.86
C GLU B 128 -8.66 -20.03 -9.87
N ARG A 1 4.16 5.43 20.57
CA ARG A 1 5.11 5.13 19.46
C ARG A 1 4.92 6.12 18.31
N THR A 2 3.81 6.84 18.33
CA THR A 2 3.57 7.90 17.36
C THR A 2 4.37 9.13 17.74
N TYR A 3 4.64 10.01 16.79
CA TYR A 3 5.41 11.21 17.03
C TYR A 3 4.67 12.44 16.55
N GLU A 4 4.82 13.52 17.31
CA GLU A 4 4.09 14.77 17.11
C GLU A 4 4.28 15.33 15.71
N THR A 5 5.35 14.91 15.04
CA THR A 5 5.60 15.32 13.68
C THR A 5 4.47 14.85 12.76
N PHE A 6 4.23 13.52 12.77
CA PHE A 6 3.34 12.84 11.81
C PHE A 6 3.65 13.22 10.34
OH ALY A 7 0.89 7.95 6.27
CH ALY A 7 1.48 8.17 5.20
CH3 ALY A 7 0.66 8.33 3.92
NZ ALY A 7 2.79 8.29 5.15
CE ALY A 7 3.63 8.15 6.34
CD ALY A 7 3.35 9.24 7.37
CG ALY A 7 3.87 10.58 6.93
CB ALY A 7 2.83 11.69 7.05
CA ALY A 7 3.24 12.83 8.00
N ALY A 7 3.09 12.47 9.41
C ALY A 7 2.39 14.07 7.73
O ALY A 7 1.18 13.96 7.52
HH31 ALY A 7 -0.31 7.87 4.05
HH32 ALY A 7 0.54 9.39 3.70
HH33 ALY A 7 1.19 7.86 3.11
HZ ALY A 7 3.22 8.47 4.29
HE3 ALY A 7 3.45 7.19 6.79
HE2 ALY A 7 4.67 8.22 6.04
HD3 ALY A 7 2.28 9.31 7.51
HD2 ALY A 7 3.82 8.97 8.31
HG3 ALY A 7 4.74 10.84 7.52
HG2 ALY A 7 4.15 10.51 5.88
HB3 ALY A 7 2.70 12.12 6.07
HB2 ALY A 7 1.88 11.26 7.38
HA ALY A 7 4.29 13.06 7.84
H ALY A 7 2.56 11.67 9.66
N SER A 8 3.01 15.24 7.79
CA SER A 8 2.31 16.51 7.63
C SER A 8 1.46 16.55 6.36
N ILE A 9 0.19 16.93 6.52
CA ILE A 9 -0.76 16.94 5.42
C ILE A 9 -1.31 18.35 5.18
N MET A 10 -0.78 19.01 4.16
CA MET A 10 -1.19 20.37 3.79
C MET A 10 -0.89 21.35 4.92
N LYS A 11 -1.19 22.63 4.67
CA LYS A 11 -0.98 23.69 5.66
C LYS A 11 0.46 23.68 6.15
N LYS A 12 1.39 23.57 5.22
CA LYS A 12 2.81 23.51 5.52
C LYS A 12 3.26 24.73 6.31
N SER A 13 4.00 24.49 7.38
CA SER A 13 4.63 25.56 8.11
C SER A 13 6.03 25.83 7.55
N LYS B 1 22.16 -21.02 -11.84
CA LYS B 1 22.27 -20.38 -10.51
C LYS B 1 22.31 -21.43 -9.41
N ASP B 2 22.45 -20.97 -8.18
CA ASP B 2 22.52 -21.86 -7.03
C ASP B 2 21.13 -22.21 -6.54
N VAL B 3 21.04 -23.31 -5.79
CA VAL B 3 19.80 -23.85 -5.20
C VAL B 3 18.76 -24.22 -6.27
N PRO B 4 17.99 -25.29 -6.03
CA PRO B 4 17.00 -25.79 -6.99
C PRO B 4 15.68 -25.04 -6.91
N ASP B 5 15.74 -23.74 -6.68
CA ASP B 5 14.53 -22.93 -6.51
C ASP B 5 14.64 -21.63 -7.28
N SER B 6 13.64 -21.36 -8.09
CA SER B 6 13.56 -20.12 -8.84
C SER B 6 12.72 -19.11 -8.08
N GLN B 7 13.30 -18.54 -7.02
CA GLN B 7 12.59 -17.62 -6.14
C GLN B 7 12.22 -16.33 -6.88
N GLN B 8 12.81 -16.13 -8.06
CA GLN B 8 12.46 -15.00 -8.89
C GLN B 8 10.98 -15.06 -9.29
N HIS B 9 10.44 -16.28 -9.36
CA HIS B 9 9.04 -16.46 -9.66
C HIS B 9 8.30 -16.94 -8.44
N PRO B 10 7.18 -16.31 -8.17
CA PRO B 10 6.28 -16.69 -7.09
C PRO B 10 5.31 -17.77 -7.55
N ALA B 11 5.30 -17.97 -8.85
CA ALA B 11 4.41 -18.88 -9.52
C ALA B 11 5.14 -20.10 -9.97
N PRO B 12 4.36 -21.13 -10.28
CA PRO B 12 4.85 -22.38 -10.82
C PRO B 12 5.66 -22.19 -12.09
N GLU B 13 5.33 -21.12 -12.81
CA GLU B 13 6.08 -20.73 -14.00
C GLU B 13 5.67 -19.33 -14.46
N LYS B 14 4.39 -19.02 -14.32
CA LYS B 14 3.86 -17.74 -14.76
C LYS B 14 3.10 -17.06 -13.64
N SER B 15 1.91 -17.56 -13.36
CA SER B 15 1.08 -16.96 -12.36
C SER B 15 -0.01 -17.91 -11.87
N SER B 16 -0.75 -18.47 -12.83
CA SER B 16 -1.96 -19.24 -12.54
C SER B 16 -3.04 -18.32 -11.98
N LYS B 17 -2.77 -17.73 -10.82
CA LYS B 17 -3.63 -16.71 -10.26
C LYS B 17 -2.90 -15.36 -10.17
N VAL B 18 -1.66 -15.41 -9.70
CA VAL B 18 -0.87 -14.23 -9.27
C VAL B 18 -0.98 -13.03 -10.17
N SER B 19 -0.29 -13.08 -11.29
CA SER B 19 -0.14 -11.91 -12.14
C SER B 19 -1.49 -11.46 -12.64
N GLU B 20 -2.44 -12.38 -12.59
CA GLU B 20 -3.81 -12.12 -12.91
C GLU B 20 -4.48 -11.37 -11.75
N GLN B 21 -4.10 -11.72 -10.52
CA GLN B 21 -4.52 -10.96 -9.35
C GLN B 21 -3.83 -9.63 -9.36
N LEU B 22 -2.55 -9.63 -9.69
CA LEU B 22 -1.73 -8.42 -9.72
C LEU B 22 -2.29 -7.44 -10.71
N LYS B 23 -2.46 -7.95 -11.89
CA LYS B 23 -3.14 -7.21 -12.94
C LYS B 23 -4.47 -6.67 -12.42
N CYS B 24 -5.11 -7.47 -11.60
CA CYS B 24 -6.32 -7.06 -10.90
C CYS B 24 -5.96 -5.99 -9.90
N CYS B 25 -4.94 -6.29 -9.11
CA CYS B 25 -4.44 -5.47 -8.06
C CYS B 25 -4.18 -4.08 -8.58
N SER B 26 -3.39 -4.01 -9.63
CA SER B 26 -3.11 -2.75 -10.29
C SER B 26 -4.40 -2.02 -10.63
N GLY B 27 -5.36 -2.68 -11.26
CA GLY B 27 -6.60 -1.98 -11.62
C GLY B 27 -7.38 -1.60 -10.38
N ILE B 28 -6.93 -2.17 -9.28
CA ILE B 28 -7.53 -2.03 -7.98
C ILE B 28 -6.83 -0.93 -7.19
N LEU B 29 -5.52 -0.86 -7.36
CA LEU B 29 -4.71 0.17 -6.77
C LEU B 29 -4.71 1.39 -7.63
N LYS B 30 -4.69 1.18 -8.92
CA LYS B 30 -4.80 2.28 -9.84
C LYS B 30 -6.20 2.83 -9.72
N GLU B 31 -7.08 1.94 -9.27
CA GLU B 31 -8.37 2.36 -8.81
C GLU B 31 -8.15 3.28 -7.66
N MET B 32 -7.36 2.86 -6.67
CA MET B 32 -7.11 3.64 -5.50
C MET B 32 -6.48 4.93 -5.95
N PHE B 33 -5.70 4.79 -7.00
CA PHE B 33 -4.98 5.87 -7.60
C PHE B 33 -5.91 6.79 -8.41
N ALA B 34 -7.17 6.39 -8.50
CA ALA B 34 -8.19 7.17 -9.21
C ALA B 34 -8.47 8.46 -8.46
N LYS B 35 -8.77 9.51 -9.21
CA LYS B 35 -8.95 10.85 -8.66
C LYS B 35 -10.14 10.92 -7.69
N LYS B 36 -10.71 9.76 -7.39
CA LYS B 36 -11.79 9.66 -6.43
C LYS B 36 -11.20 9.33 -5.08
N HIS B 37 -10.24 8.40 -5.08
CA HIS B 37 -9.61 8.01 -3.85
C HIS B 37 -8.50 8.96 -3.57
N ALA B 38 -8.29 9.90 -4.45
CA ALA B 38 -7.24 10.86 -4.26
C ALA B 38 -7.62 11.98 -3.31
N ALA B 39 -8.81 11.90 -2.75
CA ALA B 39 -9.09 12.65 -1.56
C ALA B 39 -8.55 11.89 -0.37
N TYR B 40 -8.38 10.60 -0.59
CA TYR B 40 -8.03 9.68 0.46
C TYR B 40 -7.10 8.58 0.02
N ALA B 41 -6.09 8.89 -0.78
CA ALA B 41 -5.12 7.90 -1.20
C ALA B 41 -3.90 8.57 -1.71
N TRP B 42 -3.98 9.85 -1.77
CA TRP B 42 -2.97 10.66 -2.41
C TRP B 42 -1.69 10.82 -1.55
N PRO B 43 -1.76 10.70 -0.18
CA PRO B 43 -0.56 10.64 0.65
C PRO B 43 0.04 9.26 0.51
N PHE B 44 -0.75 8.43 -0.18
CA PHE B 44 -0.44 7.06 -0.45
C PHE B 44 0.02 6.93 -1.89
N TYR B 45 -0.58 7.69 -2.83
CA TYR B 45 -0.17 7.65 -4.24
C TYR B 45 1.33 7.71 -4.40
N LYS B 46 2.02 8.20 -3.38
CA LYS B 46 3.46 8.21 -3.38
C LYS B 46 4.04 8.13 -1.97
N PRO B 47 5.35 7.92 -1.88
CA PRO B 47 6.06 7.59 -0.64
C PRO B 47 5.99 8.66 0.43
N VAL B 48 6.39 8.25 1.61
CA VAL B 48 6.60 9.13 2.72
C VAL B 48 7.93 9.84 2.54
N ASP B 49 7.86 11.14 2.54
CA ASP B 49 9.03 11.97 2.37
C ASP B 49 9.35 12.53 3.72
N VAL B 50 10.24 11.84 4.34
CA VAL B 50 10.46 11.96 5.75
C VAL B 50 11.23 13.21 6.09
N GLU B 51 11.89 13.72 5.09
CA GLU B 51 12.60 14.98 5.17
C GLU B 51 11.66 16.11 4.77
N ALA B 52 10.53 15.69 4.23
CA ALA B 52 9.52 16.60 3.71
C ALA B 52 8.44 16.88 4.74
N LEU B 53 7.72 15.82 5.09
CA LEU B 53 6.66 15.89 6.08
C LEU B 53 7.24 16.26 7.43
N GLY B 54 8.57 16.15 7.52
CA GLY B 54 9.31 16.59 8.68
C GLY B 54 9.52 15.48 9.70
N LEU B 55 9.37 14.25 9.25
CA LEU B 55 9.44 13.07 10.10
C LEU B 55 10.67 13.06 11.00
N HIS B 56 11.79 12.59 10.46
CA HIS B 56 13.08 12.56 11.17
C HIS B 56 13.09 11.44 12.20
N ASP B 57 11.90 10.96 12.53
CA ASP B 57 11.70 9.80 13.36
C ASP B 57 11.39 8.60 12.52
N TYR B 58 10.90 8.87 11.32
CA TYR B 58 10.53 7.89 10.30
C TYR B 58 11.23 6.56 10.38
N CYS B 59 12.51 6.57 10.31
CA CYS B 59 13.27 5.34 10.28
C CYS B 59 13.15 4.55 11.60
N ASP B 60 12.38 5.09 12.55
CA ASP B 60 12.05 4.39 13.79
C ASP B 60 10.75 3.67 13.57
N ILE B 61 9.94 4.34 12.79
CA ILE B 61 8.58 3.94 12.56
C ILE B 61 8.50 3.10 11.31
N ILE B 62 8.77 3.80 10.25
CA ILE B 62 8.53 3.35 8.91
C ILE B 62 9.71 2.55 8.42
N LYS B 63 9.60 1.23 8.56
CA LYS B 63 10.66 0.32 8.17
C LYS B 63 10.55 0.12 6.71
N HIS B 64 9.31 -0.06 6.36
CA HIS B 64 8.92 -0.43 5.05
C HIS B 64 7.75 0.39 4.60
N PRO B 65 8.03 1.64 4.33
CA PRO B 65 7.07 2.58 3.84
C PRO B 65 6.50 2.10 2.56
N MET B 66 5.25 1.91 2.61
CA MET B 66 4.52 1.48 1.47
C MET B 66 3.52 2.54 1.12
N ASP B 67 3.34 2.74 -0.14
CA ASP B 67 2.43 3.73 -0.63
C ASP B 67 1.82 3.16 -1.86
N MET B 68 0.71 3.70 -2.25
CA MET B 68 -0.01 3.22 -3.40
C MET B 68 0.95 2.99 -4.54
N SER B 69 1.55 4.07 -5.02
CA SER B 69 2.50 4.01 -6.13
C SER B 69 3.50 2.89 -5.98
N THR B 70 3.93 2.64 -4.77
CA THR B 70 4.97 1.63 -4.60
C THR B 70 4.35 0.26 -4.70
N ILE B 71 3.20 0.05 -4.09
CA ILE B 71 2.61 -1.26 -4.16
C ILE B 71 1.91 -1.39 -5.49
N LYS B 72 1.80 -0.25 -6.15
CA LYS B 72 1.25 -0.19 -7.44
C LYS B 72 2.32 -0.59 -8.41
N SER B 73 3.46 -0.01 -8.17
CA SER B 73 4.60 -0.13 -9.05
C SER B 73 5.25 -1.45 -8.90
N LYS B 74 5.37 -1.92 -7.69
CA LYS B 74 5.87 -3.23 -7.42
C LYS B 74 4.93 -4.27 -7.97
N LEU B 75 3.67 -4.00 -7.78
CA LEU B 75 2.65 -4.72 -8.43
C LEU B 75 2.95 -4.88 -9.90
N GLU B 76 3.03 -3.73 -10.56
CA GLU B 76 3.27 -3.68 -11.98
C GLU B 76 4.70 -4.14 -12.34
N ALA B 77 5.63 -3.94 -11.41
CA ALA B 77 6.99 -4.43 -11.52
C ALA B 77 7.00 -5.91 -11.44
N ARG B 78 5.93 -6.39 -10.85
CA ARG B 78 5.70 -7.79 -10.70
C ARG B 78 6.61 -8.34 -9.60
N GLU B 79 6.94 -7.46 -8.65
CA GLU B 79 7.59 -7.86 -7.41
C GLU B 79 6.58 -8.68 -6.67
N TYR B 80 5.34 -8.28 -6.89
CA TYR B 80 4.19 -8.88 -6.26
C TYR B 80 4.12 -10.34 -6.51
N ARG B 81 4.40 -11.02 -5.43
CA ARG B 81 4.41 -12.44 -5.39
C ARG B 81 3.04 -12.92 -5.73
N ASP B 82 2.12 -12.00 -5.51
CA ASP B 82 0.75 -12.08 -5.94
C ASP B 82 -0.01 -10.95 -5.28
N ALA B 83 -1.29 -10.96 -5.47
CA ALA B 83 -2.19 -10.02 -4.83
C ALA B 83 -1.98 -9.92 -3.35
N GLN B 84 -1.57 -10.98 -2.74
CA GLN B 84 -1.39 -10.98 -1.33
C GLN B 84 -0.09 -10.28 -1.01
N GLU B 85 0.64 -9.94 -2.08
CA GLU B 85 1.76 -9.02 -1.97
C GLU B 85 1.22 -7.64 -2.26
N PHE B 86 0.24 -7.57 -3.15
CA PHE B 86 -0.48 -6.37 -3.43
C PHE B 86 -1.11 -5.82 -2.17
N GLY B 87 -2.13 -6.53 -1.71
CA GLY B 87 -2.85 -6.15 -0.53
C GLY B 87 -2.02 -6.24 0.70
N ALA B 88 -0.82 -6.71 0.54
CA ALA B 88 0.10 -6.69 1.62
C ALA B 88 0.65 -5.32 1.80
N ASP B 89 1.04 -4.73 0.70
CA ASP B 89 1.72 -3.48 0.74
C ASP B 89 0.73 -2.34 0.60
N VAL B 90 -0.49 -2.60 0.10
CA VAL B 90 -1.59 -1.61 0.20
C VAL B 90 -1.92 -1.42 1.64
N ARG B 91 -2.05 -2.52 2.33
CA ARG B 91 -2.36 -2.45 3.72
C ARG B 91 -1.14 -2.02 4.53
N LEU B 92 0.06 -2.39 4.08
CA LEU B 92 1.28 -1.95 4.73
C LEU B 92 1.40 -0.46 4.48
N MET B 93 1.03 -0.09 3.26
CA MET B 93 0.84 1.28 2.87
C MET B 93 -0.08 1.97 3.88
N PHE B 94 -1.23 1.34 4.11
CA PHE B 94 -2.16 1.80 5.13
C PHE B 94 -1.50 1.75 6.52
N SER B 95 -0.58 0.80 6.72
CA SER B 95 0.07 0.61 8.00
C SER B 95 1.01 1.74 8.30
N ASN B 96 1.92 2.07 7.36
CA ASN B 96 2.91 3.12 7.61
C ASN B 96 2.20 4.39 8.04
N CYS B 97 0.99 4.52 7.56
CA CYS B 97 0.11 5.59 8.01
C CYS B 97 -0.23 5.41 9.50
N TYR B 98 -0.80 4.26 9.85
CA TYR B 98 -1.22 4.00 11.23
C TYR B 98 -0.03 3.95 12.22
N LYS B 99 1.08 3.35 11.82
CA LYS B 99 2.25 3.19 12.71
C LYS B 99 2.84 4.53 13.09
N TYR B 100 2.88 5.44 12.13
CA TYR B 100 3.49 6.72 12.34
C TYR B 100 2.51 7.68 12.99
N ASN B 101 1.32 7.73 12.43
CA ASN B 101 0.35 8.74 12.76
C ASN B 101 -0.73 8.16 13.65
N PRO B 102 -1.45 8.99 14.41
CA PRO B 102 -2.61 8.54 15.16
C PRO B 102 -3.70 8.15 14.17
N PRO B 103 -4.54 7.16 14.51
CA PRO B 103 -5.55 6.64 13.58
C PRO B 103 -6.70 7.64 13.33
N ASP B 104 -6.54 8.85 13.82
CA ASP B 104 -7.51 9.92 13.59
C ASP B 104 -6.94 10.86 12.54
N HIS B 105 -5.70 10.56 12.16
CA HIS B 105 -4.94 11.36 11.22
C HIS B 105 -5.58 11.37 9.83
N GLU B 106 -5.14 12.31 9.01
CA GLU B 106 -5.63 12.43 7.65
C GLU B 106 -5.07 11.35 6.72
N VAL B 107 -3.76 11.14 6.72
CA VAL B 107 -3.22 9.99 6.00
C VAL B 107 -3.90 8.72 6.40
N VAL B 108 -3.94 8.44 7.69
CA VAL B 108 -4.54 7.19 8.13
C VAL B 108 -6.01 7.14 7.72
N ALA B 109 -6.55 8.33 7.52
CA ALA B 109 -7.94 8.52 7.17
C ALA B 109 -8.18 7.97 5.77
N MET B 110 -7.19 8.15 4.94
CA MET B 110 -7.20 7.57 3.61
C MET B 110 -7.23 6.10 3.77
N ALA B 111 -6.21 5.62 4.45
CA ALA B 111 -6.00 4.20 4.66
C ALA B 111 -7.28 3.43 4.96
N ARG B 112 -8.04 3.87 5.96
CA ARG B 112 -9.27 3.18 6.31
C ARG B 112 -10.33 3.32 5.20
N LYS B 113 -10.26 4.41 4.47
CA LYS B 113 -11.17 4.72 3.43
C LYS B 113 -10.79 4.00 2.14
N LEU B 114 -9.51 4.07 1.79
CA LEU B 114 -8.90 3.21 0.81
C LEU B 114 -9.13 1.76 1.15
N GLN B 115 -9.39 1.49 2.41
CA GLN B 115 -9.64 0.14 2.84
C GLN B 115 -11.05 -0.26 2.44
N ASP B 116 -11.94 0.71 2.38
CA ASP B 116 -13.25 0.48 1.78
C ASP B 116 -13.07 0.03 0.33
N VAL B 117 -12.44 0.89 -0.46
CA VAL B 117 -12.17 0.58 -1.85
C VAL B 117 -11.24 -0.63 -1.99
N PHE B 118 -10.00 -0.50 -1.52
CA PHE B 118 -8.98 -1.52 -1.73
C PHE B 118 -9.47 -2.89 -1.32
N GLU B 119 -9.94 -3.02 -0.09
CA GLU B 119 -10.30 -4.32 0.44
C GLU B 119 -11.41 -4.96 -0.39
N MET B 120 -12.40 -4.16 -0.81
CA MET B 120 -13.46 -4.69 -1.66
C MET B 120 -12.90 -5.03 -3.03
N ARG B 121 -12.04 -4.16 -3.53
CA ARG B 121 -11.28 -4.41 -4.74
C ARG B 121 -10.63 -5.78 -4.64
N PHE B 122 -9.90 -5.93 -3.55
CA PHE B 122 -9.12 -7.12 -3.25
C PHE B 122 -9.98 -8.36 -3.21
N ALA B 123 -11.26 -8.14 -3.01
CA ALA B 123 -12.22 -9.22 -2.99
C ALA B 123 -12.77 -9.47 -4.38
N LYS B 124 -12.73 -8.44 -5.23
CA LYS B 124 -13.15 -8.55 -6.62
C LYS B 124 -12.10 -9.29 -7.43
N MET B 125 -10.99 -9.61 -6.79
CA MET B 125 -9.90 -10.26 -7.47
C MET B 125 -10.28 -11.68 -7.85
N PRO B 126 -9.55 -12.27 -8.80
CA PRO B 126 -9.65 -13.67 -9.11
C PRO B 126 -8.72 -14.45 -8.22
N ASP B 127 -9.29 -15.24 -7.34
CA ASP B 127 -8.55 -16.02 -6.35
C ASP B 127 -8.51 -17.42 -6.81
N GLU B 128 -9.62 -17.73 -7.37
CA GLU B 128 -10.06 -19.04 -7.77
C GLU B 128 -9.35 -20.16 -7.00
N ARG A 1 8.32 13.49 23.76
CA ARG A 1 7.12 12.72 23.39
C ARG A 1 7.49 11.55 22.47
N THR A 2 8.72 11.55 22.00
CA THR A 2 9.22 10.51 21.09
C THR A 2 8.52 10.62 19.72
N TYR A 3 7.32 10.08 19.61
CA TYR A 3 6.57 10.13 18.36
C TYR A 3 5.68 11.37 18.35
N GLU A 4 6.32 12.53 18.29
CA GLU A 4 5.61 13.79 18.32
C GLU A 4 5.55 14.42 16.92
N THR A 5 5.71 13.58 15.91
CA THR A 5 5.57 14.01 14.54
C THR A 5 4.56 13.14 13.81
N PHE A 6 4.01 13.67 12.74
CA PHE A 6 3.16 12.90 11.85
C PHE A 6 3.49 13.28 10.41
OH ALY A 7 1.00 8.37 6.16
CH ALY A 7 1.64 8.47 5.11
CH3 ALY A 7 0.90 8.71 3.80
NZ ALY A 7 2.95 8.38 5.09
CE ALY A 7 3.74 8.14 6.30
CD ALY A 7 3.44 9.18 7.39
CG ALY A 7 3.96 10.55 7.01
CB ALY A 7 2.88 11.64 7.10
CA ALY A 7 3.24 12.79 8.04
N ALY A 7 3.07 12.45 9.45
C ALY A 7 2.34 13.99 7.74
O ALY A 7 1.15 13.83 7.50
HH31 ALY A 7 -0.08 8.25 3.86
HH32 ALY A 7 0.78 9.77 3.65
HH33 ALY A 7 1.45 8.28 2.99
HZ ALY A 7 3.42 8.47 4.23
HE3 ALY A 7 3.51 7.16 6.69
HE2 ALY A 7 4.79 8.20 6.05
HD3 ALY A 7 2.37 9.25 7.53
HD2 ALY A 7 3.92 8.87 8.31
HG3 ALY A 7 4.78 10.82 7.66
HG2 ALY A 7 4.32 10.52 5.99
HB3 ALY A 7 2.76 12.04 6.11
HB2 ALY A 7 1.94 11.17 7.42
HA ALY A 7 4.28 13.07 7.89
H ALY A 7 2.64 11.59 9.70
N SER A 8 2.92 15.20 7.80
CA SER A 8 2.18 16.44 7.67
C SER A 8 1.31 16.48 6.41
N ILE A 9 0.05 16.84 6.61
CA ILE A 9 -0.90 16.95 5.52
C ILE A 9 -1.42 18.38 5.44
N MET A 10 -1.55 18.90 4.22
CA MET A 10 -1.98 20.28 4.01
C MET A 10 -1.06 21.26 4.71
N LYS A 11 0.10 21.51 4.11
CA LYS A 11 1.07 22.44 4.67
C LYS A 11 0.43 23.79 4.96
N LYS A 12 0.93 24.48 5.97
CA LYS A 12 0.33 25.70 6.47
C LYS A 12 -1.05 25.36 7.06
N SER A 13 -1.04 24.47 8.02
CA SER A 13 -2.27 24.00 8.65
C SER A 13 -2.78 25.02 9.66
N LYS B 1 17.35 -6.46 7.33
CA LYS B 1 17.80 -6.71 5.95
C LYS B 1 17.10 -7.94 5.40
N ASP B 2 16.76 -7.89 4.12
CA ASP B 2 16.16 -9.03 3.43
C ASP B 2 17.24 -9.93 2.85
N VAL B 3 17.05 -11.23 2.99
CA VAL B 3 17.97 -12.21 2.42
C VAL B 3 17.42 -12.74 1.11
N PRO B 4 18.29 -12.96 0.12
CA PRO B 4 17.89 -13.38 -1.22
C PRO B 4 17.33 -14.80 -1.25
N ASP B 5 16.48 -15.06 -2.26
CA ASP B 5 15.86 -16.36 -2.46
C ASP B 5 15.00 -16.75 -1.26
N SER B 6 13.85 -16.12 -1.14
CA SER B 6 12.92 -16.44 -0.06
C SER B 6 11.50 -16.56 -0.62
N GLN B 7 11.27 -17.61 -1.40
CA GLN B 7 9.98 -17.85 -2.05
C GLN B 7 9.62 -16.66 -2.95
N GLN B 8 10.37 -16.51 -4.04
CA GLN B 8 10.17 -15.41 -4.97
C GLN B 8 8.74 -15.39 -5.50
N HIS B 9 8.28 -16.55 -5.96
CA HIS B 9 6.93 -16.66 -6.49
C HIS B 9 6.29 -17.96 -6.04
N PRO B 10 5.01 -17.88 -5.72
CA PRO B 10 4.21 -19.02 -5.32
C PRO B 10 3.62 -19.71 -6.54
N ALA B 11 3.84 -19.09 -7.68
CA ALA B 11 3.23 -19.49 -8.92
C ALA B 11 4.12 -20.41 -9.70
N PRO B 12 3.48 -21.05 -10.68
CA PRO B 12 4.14 -21.86 -11.69
C PRO B 12 5.00 -21.04 -12.64
N GLU B 13 6.13 -20.55 -12.12
CA GLU B 13 7.07 -19.67 -12.82
C GLU B 13 6.37 -18.52 -13.57
N LYS B 14 5.17 -18.17 -13.14
CA LYS B 14 4.41 -17.12 -13.80
C LYS B 14 3.26 -16.64 -12.93
N SER B 15 2.16 -17.37 -12.95
CA SER B 15 0.98 -16.88 -12.27
C SER B 15 -0.02 -17.95 -11.89
N SER B 16 -0.65 -18.57 -12.89
CA SER B 16 -1.89 -19.29 -12.68
C SER B 16 -2.96 -18.26 -12.30
N LYS B 17 -2.83 -17.67 -11.12
CA LYS B 17 -3.66 -16.53 -10.75
C LYS B 17 -2.88 -15.25 -10.55
N VAL B 18 -1.75 -15.35 -9.89
CA VAL B 18 -0.94 -14.19 -9.46
C VAL B 18 -1.03 -12.99 -10.36
N SER B 19 -0.42 -13.08 -11.52
CA SER B 19 -0.28 -11.93 -12.38
C SER B 19 -1.64 -11.42 -12.80
N GLU B 20 -2.63 -12.30 -12.77
CA GLU B 20 -4.02 -11.95 -13.04
C GLU B 20 -4.59 -11.24 -11.81
N GLN B 21 -4.19 -11.72 -10.64
CA GLN B 21 -4.47 -11.09 -9.38
C GLN B 21 -3.87 -9.70 -9.34
N LEU B 22 -2.59 -9.62 -9.70
CA LEU B 22 -1.82 -8.39 -9.74
C LEU B 22 -2.41 -7.43 -10.72
N LYS B 23 -2.68 -7.98 -11.87
CA LYS B 23 -3.33 -7.23 -12.92
C LYS B 23 -4.64 -6.69 -12.41
N CYS B 24 -5.26 -7.49 -11.59
CA CYS B 24 -6.43 -7.08 -10.85
C CYS B 24 -6.03 -6.00 -9.87
N CYS B 25 -5.02 -6.31 -9.06
CA CYS B 25 -4.50 -5.44 -8.05
C CYS B 25 -4.20 -4.07 -8.60
N SER B 26 -3.44 -4.01 -9.65
CA SER B 26 -3.12 -2.75 -10.28
C SER B 26 -4.37 -2.00 -10.70
N GLY B 27 -5.39 -2.69 -11.19
CA GLY B 27 -6.62 -2.01 -11.56
C GLY B 27 -7.38 -1.61 -10.32
N ILE B 28 -6.91 -2.17 -9.24
CA ILE B 28 -7.49 -2.05 -7.93
C ILE B 28 -6.82 -0.92 -7.17
N LEU B 29 -5.52 -0.86 -7.32
CA LEU B 29 -4.70 0.18 -6.77
C LEU B 29 -4.70 1.38 -7.65
N LYS B 30 -4.69 1.15 -8.94
CA LYS B 30 -4.75 2.23 -9.85
C LYS B 30 -6.17 2.77 -9.82
N GLU B 31 -7.05 1.92 -9.28
CA GLU B 31 -8.33 2.37 -8.82
C GLU B 31 -8.10 3.29 -7.67
N MET B 32 -7.32 2.87 -6.67
CA MET B 32 -7.06 3.66 -5.51
C MET B 32 -6.44 4.95 -5.96
N PHE B 33 -5.67 4.79 -7.03
CA PHE B 33 -4.96 5.87 -7.63
C PHE B 33 -5.88 6.77 -8.45
N ALA B 34 -7.13 6.38 -8.54
CA ALA B 34 -8.14 7.17 -9.23
C ALA B 34 -8.39 8.45 -8.49
N LYS B 35 -8.68 9.51 -9.24
CA LYS B 35 -8.85 10.85 -8.68
C LYS B 35 -10.04 10.93 -7.73
N LYS B 36 -10.63 9.77 -7.44
CA LYS B 36 -11.71 9.68 -6.49
C LYS B 36 -11.16 9.31 -5.14
N HIS B 37 -10.19 8.39 -5.12
CA HIS B 37 -9.58 8.02 -3.88
C HIS B 37 -8.47 8.95 -3.58
N ALA B 38 -8.22 9.85 -4.49
CA ALA B 38 -7.20 10.84 -4.28
C ALA B 38 -7.66 11.95 -3.36
N ALA B 39 -8.85 11.82 -2.82
CA ALA B 39 -9.22 12.58 -1.65
C ALA B 39 -8.65 11.89 -0.43
N TYR B 40 -8.42 10.60 -0.61
CA TYR B 40 -8.06 9.73 0.47
C TYR B 40 -7.11 8.61 0.04
N ALA B 41 -6.11 8.92 -0.78
CA ALA B 41 -5.14 7.93 -1.20
C ALA B 41 -3.92 8.60 -1.71
N TRP B 42 -3.99 9.88 -1.77
CA TRP B 42 -2.99 10.69 -2.43
C TRP B 42 -1.71 10.85 -1.58
N PRO B 43 -1.77 10.75 -0.21
CA PRO B 43 -0.57 10.70 0.61
C PRO B 43 0.05 9.33 0.47
N PHE B 44 -0.75 8.48 -0.17
CA PHE B 44 -0.44 7.10 -0.42
C PHE B 44 0.01 6.94 -1.86
N TYR B 45 -0.57 7.71 -2.79
CA TYR B 45 -0.11 7.64 -4.18
C TYR B 45 1.41 7.69 -4.25
N LYS B 46 2.02 8.28 -3.24
CA LYS B 46 3.45 8.49 -3.23
C LYS B 46 4.04 8.28 -1.84
N PRO B 47 5.36 8.03 -1.78
CA PRO B 47 6.10 7.67 -0.55
C PRO B 47 6.11 8.77 0.50
N VAL B 48 6.54 8.37 1.67
CA VAL B 48 6.80 9.25 2.80
C VAL B 48 8.11 9.98 2.56
N ASP B 49 8.04 11.28 2.70
CA ASP B 49 9.23 12.11 2.61
C ASP B 49 9.48 12.67 3.97
N VAL B 50 10.37 12.02 4.63
CA VAL B 50 10.53 12.15 6.05
C VAL B 50 11.25 13.44 6.39
N GLU B 51 11.97 13.93 5.40
CA GLU B 51 12.64 15.22 5.48
C GLU B 51 11.66 16.31 5.10
N ALA B 52 10.54 15.87 4.54
CA ALA B 52 9.51 16.76 4.04
C ALA B 52 8.41 16.99 5.07
N LEU B 53 7.69 15.92 5.36
CA LEU B 53 6.56 15.96 6.29
C LEU B 53 7.05 16.35 7.68
N GLY B 54 8.36 16.27 7.86
CA GLY B 54 8.99 16.68 9.09
C GLY B 54 9.14 15.56 10.09
N LEU B 55 9.20 14.35 9.56
CA LEU B 55 9.29 13.14 10.35
C LEU B 55 10.49 13.15 11.29
N HIS B 56 11.65 12.76 10.75
CA HIS B 56 12.92 12.72 11.49
C HIS B 56 12.92 11.54 12.47
N ASP B 57 11.72 11.19 12.89
CA ASP B 57 11.47 10.00 13.71
C ASP B 57 11.23 8.81 12.83
N TYR B 58 10.83 9.08 11.60
CA TYR B 58 10.52 8.09 10.57
C TYR B 58 11.21 6.75 10.71
N CYS B 59 12.49 6.75 10.69
CA CYS B 59 13.25 5.51 10.72
C CYS B 59 13.03 4.72 12.02
N ASP B 60 12.25 5.28 12.95
CA ASP B 60 11.87 4.59 14.17
C ASP B 60 10.58 3.87 13.90
N ILE B 61 9.83 4.49 13.05
CA ILE B 61 8.49 4.09 12.75
C ILE B 61 8.48 3.25 11.52
N ILE B 62 8.79 3.94 10.47
CA ILE B 62 8.59 3.50 9.14
C ILE B 62 9.76 2.68 8.66
N LYS B 63 9.61 1.37 8.77
CA LYS B 63 10.63 0.43 8.37
C LYS B 63 10.48 0.24 6.90
N HIS B 64 9.22 0.13 6.57
CA HIS B 64 8.78 -0.21 5.27
C HIS B 64 7.66 0.72 4.87
N PRO B 65 8.05 1.91 4.53
CA PRO B 65 7.16 2.88 4.01
C PRO B 65 6.63 2.41 2.71
N MET B 66 5.39 2.23 2.72
CA MET B 66 4.69 1.78 1.56
C MET B 66 3.73 2.84 1.15
N ASP B 67 3.39 2.86 -0.10
CA ASP B 67 2.43 3.79 -0.61
C ASP B 67 1.78 3.13 -1.77
N MET B 68 0.69 3.69 -2.21
CA MET B 68 -0.01 3.18 -3.36
C MET B 68 0.97 2.93 -4.48
N SER B 69 1.55 4.00 -5.02
CA SER B 69 2.50 3.92 -6.13
C SER B 69 3.52 2.84 -5.95
N THR B 70 3.95 2.57 -4.73
CA THR B 70 4.96 1.56 -4.57
C THR B 70 4.35 0.19 -4.68
N ILE B 71 3.17 -0.02 -4.11
CA ILE B 71 2.58 -1.34 -4.24
C ILE B 71 1.89 -1.41 -5.57
N LYS B 72 1.80 -0.26 -6.20
CA LYS B 72 1.22 -0.11 -7.47
C LYS B 72 2.25 -0.49 -8.48
N SER B 73 3.44 -0.01 -8.22
CA SER B 73 4.56 -0.16 -9.08
C SER B 73 5.17 -1.51 -8.92
N LYS B 74 5.37 -1.95 -7.71
CA LYS B 74 5.85 -3.28 -7.45
C LYS B 74 4.92 -4.30 -8.02
N LEU B 75 3.65 -4.02 -7.86
CA LEU B 75 2.64 -4.72 -8.53
C LEU B 75 2.98 -4.90 -9.99
N GLU B 76 3.08 -3.77 -10.66
CA GLU B 76 3.36 -3.73 -12.09
C GLU B 76 4.79 -4.19 -12.41
N ALA B 77 5.68 -4.00 -11.45
CA ALA B 77 7.05 -4.47 -11.53
C ALA B 77 7.07 -5.96 -11.42
N ARG B 78 5.97 -6.46 -10.90
CA ARG B 78 5.74 -7.87 -10.77
C ARG B 78 6.62 -8.42 -9.65
N GLU B 79 6.96 -7.55 -8.70
CA GLU B 79 7.61 -7.95 -7.48
C GLU B 79 6.57 -8.69 -6.67
N TYR B 80 5.33 -8.31 -6.97
CA TYR B 80 4.17 -8.91 -6.35
C TYR B 80 4.07 -10.35 -6.63
N ARG B 81 4.33 -11.08 -5.56
CA ARG B 81 4.32 -12.50 -5.56
C ARG B 81 2.96 -12.94 -6.00
N ASP B 82 2.05 -12.02 -5.73
CA ASP B 82 0.68 -12.07 -6.14
C ASP B 82 -0.04 -10.95 -5.42
N ALA B 83 -1.34 -10.89 -5.53
CA ALA B 83 -2.12 -9.87 -4.85
C ALA B 83 -1.91 -9.85 -3.38
N GLN B 84 -1.52 -10.95 -2.82
CA GLN B 84 -1.34 -11.01 -1.42
C GLN B 84 -0.05 -10.31 -1.07
N GLU B 85 0.69 -9.98 -2.13
CA GLU B 85 1.81 -9.06 -2.00
C GLU B 85 1.28 -7.65 -2.29
N PHE B 86 0.32 -7.56 -3.22
CA PHE B 86 -0.38 -6.35 -3.48
C PHE B 86 -1.00 -5.79 -2.21
N GLY B 87 -2.02 -6.49 -1.75
CA GLY B 87 -2.74 -6.09 -0.57
C GLY B 87 -1.93 -6.19 0.67
N ALA B 88 -0.72 -6.65 0.52
CA ALA B 88 0.18 -6.66 1.62
C ALA B 88 0.71 -5.28 1.87
N ASP B 89 1.15 -4.65 0.80
CA ASP B 89 1.81 -3.39 0.91
C ASP B 89 0.80 -2.25 0.71
N VAL B 90 -0.38 -2.53 0.14
CA VAL B 90 -1.48 -1.55 0.21
C VAL B 90 -1.84 -1.40 1.66
N ARG B 91 -1.97 -2.51 2.31
CA ARG B 91 -2.33 -2.50 3.69
C ARG B 91 -1.14 -2.10 4.55
N LEU B 92 0.08 -2.29 4.05
CA LEU B 92 1.25 -1.85 4.77
C LEU B 92 1.33 -0.38 4.58
N MET B 93 1.06 0.05 3.37
CA MET B 93 1.03 1.46 3.10
C MET B 93 -0.08 2.09 3.92
N PHE B 94 -1.15 1.33 4.18
CA PHE B 94 -2.14 1.77 5.15
C PHE B 94 -1.53 1.73 6.57
N SER B 95 -0.82 0.64 6.86
CA SER B 95 -0.24 0.42 8.18
C SER B 95 0.77 1.49 8.52
N ASN B 96 1.68 1.81 7.60
CA ASN B 96 2.76 2.71 7.93
C ASN B 96 2.22 4.09 8.15
N CYS B 97 1.06 4.33 7.57
CA CYS B 97 0.29 5.52 7.92
C CYS B 97 -0.25 5.40 9.34
N TYR B 98 -0.76 4.23 9.68
CA TYR B 98 -1.32 3.97 11.02
C TYR B 98 -0.26 3.98 12.13
N LYS B 99 0.93 3.45 11.85
CA LYS B 99 2.00 3.36 12.86
C LYS B 99 2.53 4.73 13.22
N TYR B 100 2.76 5.52 12.20
CA TYR B 100 3.35 6.83 12.39
C TYR B 100 2.34 7.80 12.98
N ASN B 101 1.17 7.80 12.39
CA ASN B 101 0.16 8.81 12.69
C ASN B 101 -0.95 8.20 13.52
N PRO B 102 -1.68 9.03 14.29
CA PRO B 102 -2.85 8.57 15.02
C PRO B 102 -3.92 8.12 14.04
N PRO B 103 -4.71 7.10 14.38
CA PRO B 103 -5.68 6.52 13.45
C PRO B 103 -6.87 7.45 13.13
N ASP B 104 -6.77 8.70 13.58
CA ASP B 104 -7.79 9.70 13.26
C ASP B 104 -7.19 10.69 12.27
N HIS B 105 -5.91 10.48 12.01
CA HIS B 105 -5.13 11.32 11.12
C HIS B 105 -5.71 11.34 9.70
N GLU B 106 -5.26 12.30 8.90
CA GLU B 106 -5.71 12.42 7.52
C GLU B 106 -5.10 11.35 6.63
N VAL B 107 -3.78 11.15 6.67
CA VAL B 107 -3.21 10.01 5.96
C VAL B 107 -3.88 8.73 6.37
N VAL B 108 -3.96 8.45 7.65
CA VAL B 108 -4.55 7.20 8.07
C VAL B 108 -6.01 7.12 7.63
N ALA B 109 -6.56 8.30 7.41
CA ALA B 109 -7.93 8.44 6.94
C ALA B 109 -8.04 7.76 5.62
N MET B 110 -7.10 8.07 4.75
CA MET B 110 -7.01 7.46 3.43
C MET B 110 -7.06 5.99 3.59
N ALA B 111 -6.08 5.51 4.32
CA ALA B 111 -5.93 4.10 4.59
C ALA B 111 -7.24 3.43 4.99
N ARG B 112 -8.04 4.13 5.76
CA ARG B 112 -9.28 3.58 6.27
C ARG B 112 -10.35 3.43 5.18
N LYS B 113 -10.47 4.40 4.28
CA LYS B 113 -11.49 4.32 3.25
C LYS B 113 -10.88 3.80 1.94
N LEU B 114 -9.56 3.92 1.79
CA LEU B 114 -8.84 3.14 0.82
C LEU B 114 -9.01 1.69 1.14
N GLN B 115 -9.27 1.39 2.39
CA GLN B 115 -9.54 0.02 2.79
C GLN B 115 -10.95 -0.34 2.37
N ASP B 116 -11.84 0.63 2.44
CA ASP B 116 -13.17 0.49 1.86
C ASP B 116 -13.04 0.06 0.40
N VAL B 117 -12.39 0.91 -0.40
CA VAL B 117 -12.15 0.61 -1.80
C VAL B 117 -11.22 -0.59 -1.97
N PHE B 118 -9.97 -0.48 -1.52
CA PHE B 118 -8.95 -1.50 -1.75
C PHE B 118 -9.42 -2.88 -1.35
N GLU B 119 -9.94 -3.01 -0.14
CA GLU B 119 -10.26 -4.33 0.38
C GLU B 119 -11.44 -4.94 -0.39
N MET B 120 -12.38 -4.08 -0.80
CA MET B 120 -13.47 -4.50 -1.68
C MET B 120 -12.91 -4.93 -3.04
N ARG B 121 -12.02 -4.09 -3.55
CA ARG B 121 -11.29 -4.37 -4.76
C ARG B 121 -10.67 -5.75 -4.67
N PHE B 122 -9.89 -5.91 -3.62
CA PHE B 122 -9.10 -7.09 -3.32
C PHE B 122 -10.00 -8.31 -3.18
N ALA B 123 -11.20 -8.08 -2.71
CA ALA B 123 -12.09 -9.17 -2.36
C ALA B 123 -12.65 -9.85 -3.60
N LYS B 124 -12.82 -9.09 -4.67
CA LYS B 124 -13.30 -9.67 -5.91
C LYS B 124 -12.14 -9.86 -6.89
N MET B 125 -10.92 -9.75 -6.38
CA MET B 125 -9.73 -10.14 -7.13
C MET B 125 -9.84 -11.63 -7.48
N PRO B 126 -9.28 -12.09 -8.62
CA PRO B 126 -9.43 -13.45 -9.05
C PRO B 126 -8.58 -14.41 -8.21
N ASP B 127 -9.27 -15.17 -7.43
CA ASP B 127 -8.68 -15.98 -6.35
C ASP B 127 -8.43 -17.39 -6.75
N GLU B 128 -9.33 -17.83 -7.59
CA GLU B 128 -9.64 -19.22 -7.89
C GLU B 128 -10.76 -19.70 -7.00
N ARG A 1 4.82 3.04 18.54
CA ARG A 1 5.91 3.68 17.77
C ARG A 1 5.44 4.98 17.12
N THR A 2 4.30 5.50 17.56
CA THR A 2 3.80 6.77 17.07
C THR A 2 4.37 7.91 17.94
N TYR A 3 4.87 8.96 17.31
CA TYR A 3 5.52 10.04 18.04
C TYR A 3 4.85 11.38 17.77
N GLU A 4 5.48 12.45 18.22
CA GLU A 4 4.93 13.80 18.07
C GLU A 4 4.70 14.14 16.59
N THR A 5 5.73 13.96 15.78
CA THR A 5 5.62 14.26 14.36
C THR A 5 4.65 13.32 13.66
N PHE A 6 4.01 13.81 12.61
CA PHE A 6 3.16 13.00 11.76
C PHE A 6 3.44 13.37 10.31
OH ALY A 7 1.02 7.94 6.26
CH ALY A 7 1.57 8.19 5.19
CH3 ALY A 7 0.74 8.33 3.92
NZ ALY A 7 2.89 8.34 5.12
CE ALY A 7 3.75 8.22 6.30
CD ALY A 7 3.44 9.29 7.34
CG ALY A 7 3.91 10.65 6.89
CB ALY A 7 2.82 11.72 7.01
CA ALY A 7 3.17 12.88 7.95
N ALY A 7 3.04 12.52 9.36
C ALY A 7 2.27 14.08 7.67
O ALY A 7 1.04 13.91 7.58
HH31 ALY A 7 -0.20 7.82 4.05
HH32 ALY A 7 0.57 9.37 3.72
HH33 ALY A 7 1.28 7.88 3.09
HZ ALY A 7 3.31 8.54 4.25
HE3 ALY A 7 3.60 7.25 6.74
HE2 ALY A 7 4.78 8.32 5.99
HD3 ALY A 7 2.37 9.32 7.51
HD2 ALY A 7 3.94 9.03 8.27
HG3 ALY A 7 4.76 10.95 7.48
HG2 ALY A 7 4.20 10.58 5.86
HB3 ALY A 7 2.67 12.14 6.02
HB2 ALY A 7 1.89 11.24 7.34
HA ALY A 7 4.20 13.16 7.79
H ALY A 7 2.65 11.66 9.61
N SER A 8 2.85 15.27 7.61
CA SER A 8 2.11 16.50 7.41
C SER A 8 1.19 16.43 6.19
N ILE A 9 -0.04 16.88 6.37
CA ILE A 9 -1.05 16.84 5.32
C ILE A 9 -1.73 18.19 5.20
N MET A 10 -2.70 18.43 6.07
CA MET A 10 -3.40 19.69 6.12
C MET A 10 -3.16 20.33 7.49
N LYS A 11 -2.73 19.47 8.42
CA LYS A 11 -2.41 19.88 9.79
C LYS A 11 -3.67 20.35 10.49
N LYS A 12 -4.78 19.72 10.13
CA LYS A 12 -6.08 20.09 10.67
C LYS A 12 -6.17 19.69 12.14
N SER A 13 -5.70 18.49 12.46
CA SER A 13 -5.74 18.00 13.82
C SER A 13 -4.34 17.57 14.28
N LYS B 1 18.25 -21.82 4.83
CA LYS B 1 18.13 -20.47 5.43
C LYS B 1 16.75 -19.91 5.17
N ASP B 2 16.47 -19.60 3.92
CA ASP B 2 15.17 -19.08 3.53
C ASP B 2 14.22 -20.22 3.17
N VAL B 3 13.02 -20.19 3.70
CA VAL B 3 12.04 -21.22 3.41
C VAL B 3 10.73 -20.61 2.92
N PRO B 4 10.05 -21.30 2.00
CA PRO B 4 8.77 -20.86 1.46
C PRO B 4 7.61 -21.23 2.38
N ASP B 5 7.84 -21.07 3.69
CA ASP B 5 6.85 -21.41 4.70
C ASP B 5 5.56 -20.63 4.50
N SER B 6 5.68 -19.33 4.36
CA SER B 6 4.53 -18.47 4.15
C SER B 6 4.31 -18.25 2.66
N GLN B 7 4.97 -19.08 1.85
CA GLN B 7 4.91 -19.03 0.40
C GLN B 7 5.53 -17.76 -0.16
N GLN B 8 6.65 -17.93 -0.85
CA GLN B 8 7.26 -16.81 -1.56
C GLN B 8 6.46 -16.55 -2.83
N HIS B 9 5.98 -17.63 -3.43
CA HIS B 9 5.06 -17.55 -4.55
C HIS B 9 4.05 -18.67 -4.44
N PRO B 10 2.82 -18.34 -4.76
CA PRO B 10 1.74 -19.30 -4.87
C PRO B 10 1.76 -19.95 -6.24
N ALA B 11 2.50 -19.31 -7.13
CA ALA B 11 2.62 -19.73 -8.50
C ALA B 11 3.79 -20.67 -8.68
N PRO B 12 3.81 -21.30 -9.84
CA PRO B 12 4.93 -22.09 -10.30
C PRO B 12 6.15 -21.22 -10.56
N GLU B 13 6.23 -20.70 -11.77
CA GLU B 13 7.20 -19.67 -12.10
C GLU B 13 6.48 -18.47 -12.70
N LYS B 14 5.24 -18.72 -13.09
CA LYS B 14 4.42 -17.71 -13.73
C LYS B 14 3.40 -17.16 -12.77
N SER B 15 2.20 -17.71 -12.75
CA SER B 15 1.17 -17.05 -12.01
C SER B 15 0.09 -17.98 -11.48
N SER B 16 -0.55 -18.73 -12.37
CA SER B 16 -1.78 -19.45 -12.05
C SER B 16 -2.88 -18.43 -11.75
N LYS B 17 -2.73 -17.71 -10.65
CA LYS B 17 -3.55 -16.54 -10.37
C LYS B 17 -2.75 -15.26 -10.38
N VAL B 18 -1.60 -15.30 -9.72
CA VAL B 18 -0.81 -14.11 -9.35
C VAL B 18 -0.87 -12.96 -10.33
N SER B 19 -0.10 -13.02 -11.41
CA SER B 19 0.07 -11.86 -12.27
C SER B 19 -1.28 -11.38 -12.81
N GLU B 20 -2.24 -12.28 -12.80
CA GLU B 20 -3.63 -11.97 -13.14
C GLU B 20 -4.28 -11.23 -11.97
N GLN B 21 -4.07 -11.76 -10.77
CA GLN B 21 -4.41 -11.07 -9.53
C GLN B 21 -3.78 -9.71 -9.45
N LEU B 22 -2.50 -9.64 -9.77
CA LEU B 22 -1.72 -8.42 -9.75
C LEU B 22 -2.27 -7.44 -10.73
N LYS B 23 -2.49 -7.96 -11.90
CA LYS B 23 -3.19 -7.23 -12.93
C LYS B 23 -4.52 -6.68 -12.37
N CYS B 24 -5.18 -7.52 -11.59
CA CYS B 24 -6.37 -7.11 -10.86
C CYS B 24 -5.99 -6.05 -9.85
N CYS B 25 -4.94 -6.36 -9.09
CA CYS B 25 -4.44 -5.51 -8.05
C CYS B 25 -4.20 -4.13 -8.58
N SER B 26 -3.42 -4.07 -9.63
CA SER B 26 -3.12 -2.79 -10.26
C SER B 26 -4.39 -2.06 -10.66
N GLY B 27 -5.36 -2.73 -11.26
CA GLY B 27 -6.60 -2.05 -11.62
C GLY B 27 -7.37 -1.64 -10.38
N ILE B 28 -6.93 -2.22 -9.29
CA ILE B 28 -7.53 -2.06 -7.99
C ILE B 28 -6.83 -0.95 -7.21
N LEU B 29 -5.52 -0.88 -7.39
CA LEU B 29 -4.70 0.17 -6.85
C LEU B 29 -4.73 1.38 -7.70
N LYS B 30 -4.73 1.17 -9.00
CA LYS B 30 -4.85 2.26 -9.90
C LYS B 30 -6.24 2.82 -9.78
N GLU B 31 -7.10 1.95 -9.30
CA GLU B 31 -8.39 2.35 -8.81
C GLU B 31 -8.15 3.28 -7.66
N MET B 32 -7.33 2.86 -6.69
CA MET B 32 -7.07 3.65 -5.53
C MET B 32 -6.45 4.94 -6.00
N PHE B 33 -5.68 4.79 -7.06
CA PHE B 33 -4.98 5.87 -7.68
C PHE B 33 -5.93 6.76 -8.50
N ALA B 34 -7.20 6.39 -8.52
CA ALA B 34 -8.22 7.17 -9.20
C ALA B 34 -8.46 8.47 -8.46
N LYS B 35 -8.77 9.51 -9.22
CA LYS B 35 -8.94 10.86 -8.69
C LYS B 35 -10.11 10.95 -7.70
N LYS B 36 -10.68 9.80 -7.38
CA LYS B 36 -11.74 9.73 -6.39
C LYS B 36 -11.14 9.38 -5.06
N HIS B 37 -10.22 8.41 -5.05
CA HIS B 37 -9.57 8.02 -3.83
C HIS B 37 -8.46 8.96 -3.56
N ALA B 38 -8.26 9.90 -4.44
CA ALA B 38 -7.22 10.88 -4.27
C ALA B 38 -7.62 11.98 -3.32
N ALA B 39 -8.78 11.87 -2.72
CA ALA B 39 -9.07 12.63 -1.52
C ALA B 39 -8.47 11.88 -0.34
N TYR B 40 -8.30 10.59 -0.56
CA TYR B 40 -7.91 9.68 0.48
C TYR B 40 -6.99 8.57 0.01
N ALA B 41 -6.01 8.88 -0.82
CA ALA B 41 -5.05 7.90 -1.28
C ALA B 41 -3.86 8.58 -1.81
N TRP B 42 -3.95 9.86 -1.87
CA TRP B 42 -2.93 10.67 -2.49
C TRP B 42 -1.68 10.80 -1.60
N PRO B 43 -1.80 10.69 -0.23
CA PRO B 43 -0.62 10.61 0.63
C PRO B 43 -0.02 9.23 0.50
N PHE B 44 -0.80 8.41 -0.19
CA PHE B 44 -0.45 7.06 -0.48
C PHE B 44 0.06 6.97 -1.90
N TYR B 45 -0.54 7.70 -2.86
CA TYR B 45 -0.09 7.64 -4.26
C TYR B 45 1.40 7.67 -4.35
N LYS B 46 2.03 8.35 -3.42
CA LYS B 46 3.45 8.59 -3.46
C LYS B 46 4.06 8.42 -2.07
N PRO B 47 5.37 8.17 -2.03
CA PRO B 47 6.12 7.79 -0.80
C PRO B 47 6.11 8.88 0.26
N VAL B 48 6.53 8.46 1.45
CA VAL B 48 6.74 9.33 2.58
C VAL B 48 8.04 10.09 2.39
N ASP B 49 7.93 11.39 2.50
CA ASP B 49 9.07 12.27 2.38
C ASP B 49 9.34 12.81 3.74
N VAL B 50 10.21 12.14 4.40
CA VAL B 50 10.38 12.24 5.82
C VAL B 50 11.08 13.53 6.21
N GLU B 51 11.75 14.09 5.24
CA GLU B 51 12.41 15.37 5.40
C GLU B 51 11.44 16.47 4.97
N ALA B 52 10.36 16.02 4.36
CA ALA B 52 9.34 16.91 3.82
C ALA B 52 8.21 17.13 4.81
N LEU B 53 7.57 16.03 5.18
CA LEU B 53 6.45 16.05 6.11
C LEU B 53 6.95 16.45 7.49
N GLY B 54 8.27 16.39 7.64
CA GLY B 54 8.91 16.81 8.87
C GLY B 54 9.10 15.67 9.85
N LEU B 55 9.12 14.45 9.33
CA LEU B 55 9.26 13.24 10.12
C LEU B 55 10.51 13.24 10.98
N HIS B 56 11.63 12.81 10.39
CA HIS B 56 12.94 12.74 11.06
C HIS B 56 12.94 11.54 12.03
N ASP B 57 11.79 11.32 12.62
CA ASP B 57 11.52 10.14 13.43
C ASP B 57 11.31 8.95 12.53
N TYR B 58 10.82 9.19 11.33
CA TYR B 58 10.51 8.19 10.31
C TYR B 58 11.24 6.88 10.43
N CYS B 59 12.53 6.91 10.36
CA CYS B 59 13.31 5.69 10.34
C CYS B 59 13.15 4.88 11.66
N ASP B 60 12.41 5.44 12.62
CA ASP B 60 12.10 4.73 13.85
C ASP B 60 10.82 3.99 13.63
N ILE B 61 10.02 4.58 12.79
CA ILE B 61 8.68 4.16 12.56
C ILE B 61 8.61 3.33 11.33
N ILE B 62 8.88 4.02 10.26
CA ILE B 62 8.61 3.59 8.93
C ILE B 62 9.79 2.80 8.39
N LYS B 63 9.67 1.50 8.52
CA LYS B 63 10.68 0.57 8.05
C LYS B 63 10.46 0.38 6.60
N HIS B 64 9.17 0.25 6.34
CA HIS B 64 8.67 -0.10 5.06
C HIS B 64 7.53 0.83 4.70
N PRO B 65 7.90 2.03 4.34
CA PRO B 65 6.97 2.97 3.86
C PRO B 65 6.40 2.48 2.58
N MET B 66 5.15 2.27 2.64
CA MET B 66 4.42 1.79 1.50
C MET B 66 3.47 2.84 1.05
N ASP B 67 3.33 2.95 -0.24
CA ASP B 67 2.50 3.93 -0.82
C ASP B 67 1.95 3.33 -2.06
N MET B 68 0.83 3.85 -2.48
CA MET B 68 0.11 3.28 -3.58
C MET B 68 1.04 3.04 -4.72
N SER B 69 1.65 4.10 -5.23
CA SER B 69 2.57 4.02 -6.35
C SER B 69 3.59 2.92 -6.15
N THR B 70 3.95 2.63 -4.91
CA THR B 70 4.95 1.62 -4.69
C THR B 70 4.32 0.25 -4.77
N ILE B 71 3.15 0.05 -4.18
CA ILE B 71 2.56 -1.26 -4.28
C ILE B 71 1.88 -1.38 -5.61
N LYS B 72 1.80 -0.24 -6.28
CA LYS B 72 1.23 -0.12 -7.56
C LYS B 72 2.27 -0.51 -8.55
N SER B 73 3.46 -0.01 -8.29
CA SER B 73 4.58 -0.19 -9.15
C SER B 73 5.21 -1.53 -8.96
N LYS B 74 5.39 -1.93 -7.73
CA LYS B 74 5.88 -3.25 -7.43
C LYS B 74 4.95 -4.29 -7.98
N LEU B 75 3.69 -4.01 -7.83
CA LEU B 75 2.68 -4.73 -8.48
C LEU B 75 3.02 -4.96 -9.94
N GLU B 76 3.12 -3.85 -10.64
CA GLU B 76 3.40 -3.85 -12.06
C GLU B 76 4.83 -4.30 -12.38
N ALA B 77 5.72 -4.07 -11.42
CA ALA B 77 7.09 -4.53 -11.47
C ALA B 77 7.13 -6.01 -11.33
N ARG B 78 6.04 -6.50 -10.81
CA ARG B 78 5.81 -7.91 -10.64
C ARG B 78 6.70 -8.42 -9.50
N GLU B 79 7.00 -7.50 -8.57
CA GLU B 79 7.61 -7.87 -7.31
C GLU B 79 6.57 -8.61 -6.52
N TYR B 80 5.33 -8.25 -6.84
CA TYR B 80 4.17 -8.84 -6.23
C TYR B 80 4.10 -10.28 -6.52
N ARG B 81 4.38 -10.98 -5.45
CA ARG B 81 4.40 -12.41 -5.44
C ARG B 81 3.05 -12.89 -5.83
N ASP B 82 2.11 -11.99 -5.56
CA ASP B 82 0.74 -12.09 -5.95
C ASP B 82 -0.04 -10.97 -5.30
N ALA B 83 -1.33 -10.98 -5.48
CA ALA B 83 -2.20 -10.00 -4.88
C ALA B 83 -2.02 -9.87 -3.40
N GLN B 84 -1.63 -10.92 -2.76
CA GLN B 84 -1.47 -10.87 -1.34
C GLN B 84 -0.17 -10.19 -1.02
N GLU B 85 0.58 -9.91 -2.08
CA GLU B 85 1.71 -9.01 -1.97
C GLU B 85 1.21 -7.62 -2.27
N PHE B 86 0.24 -7.54 -3.18
CA PHE B 86 -0.47 -6.33 -3.46
C PHE B 86 -1.09 -5.77 -2.21
N GLY B 87 -2.11 -6.48 -1.74
CA GLY B 87 -2.84 -6.07 -0.58
C GLY B 87 -2.02 -6.09 0.67
N ALA B 88 -0.81 -6.55 0.55
CA ALA B 88 0.08 -6.51 1.64
C ALA B 88 0.62 -5.13 1.82
N ASP B 89 1.09 -4.56 0.72
CA ASP B 89 1.73 -3.28 0.79
C ASP B 89 0.70 -2.17 0.69
N VAL B 90 -0.49 -2.43 0.08
CA VAL B 90 -1.59 -1.45 0.12
C VAL B 90 -1.92 -1.24 1.55
N ARG B 91 -2.09 -2.33 2.24
CA ARG B 91 -2.42 -2.28 3.62
C ARG B 91 -1.23 -1.82 4.42
N LEU B 92 -0.02 -1.93 3.86
CA LEU B 92 1.15 -1.48 4.56
C LEU B 92 1.25 0.01 4.38
N MET B 93 0.82 0.53 3.24
CA MET B 93 0.64 1.96 3.10
C MET B 93 -0.30 2.35 4.19
N PHE B 94 -1.36 1.57 4.30
CA PHE B 94 -2.38 1.84 5.29
C PHE B 94 -1.78 1.75 6.69
N SER B 95 -0.92 0.74 6.90
CA SER B 95 -0.29 0.50 8.19
C SER B 95 0.73 1.56 8.53
N ASN B 96 1.59 1.93 7.57
CA ASN B 96 2.66 2.85 7.89
C ASN B 96 2.09 4.22 8.16
N CYS B 97 0.87 4.40 7.70
CA CYS B 97 0.07 5.53 8.11
C CYS B 97 -0.31 5.37 9.58
N TYR B 98 -0.81 4.18 9.92
CA TYR B 98 -1.29 3.91 11.28
C TYR B 98 -0.16 3.89 12.32
N LYS B 99 1.01 3.39 11.94
CA LYS B 99 2.15 3.30 12.87
C LYS B 99 2.67 4.68 13.22
N TYR B 100 2.92 5.46 12.20
CA TYR B 100 3.51 6.77 12.38
C TYR B 100 2.51 7.72 13.00
N ASN B 101 1.32 7.73 12.43
CA ASN B 101 0.34 8.74 12.74
C ASN B 101 -0.75 8.15 13.61
N PRO B 102 -1.44 8.98 14.40
CA PRO B 102 -2.58 8.52 15.18
C PRO B 102 -3.70 8.12 14.24
N PRO B 103 -4.53 7.16 14.62
CA PRO B 103 -5.58 6.62 13.73
C PRO B 103 -6.71 7.63 13.48
N ASP B 104 -6.53 8.86 13.93
CA ASP B 104 -7.49 9.93 13.69
C ASP B 104 -6.90 10.89 12.67
N HIS B 105 -5.69 10.54 12.24
CA HIS B 105 -4.92 11.30 11.29
C HIS B 105 -5.57 11.30 9.90
N GLU B 106 -5.13 12.20 9.04
CA GLU B 106 -5.64 12.29 7.67
C GLU B 106 -5.09 11.17 6.78
N VAL B 107 -3.78 10.94 6.76
CA VAL B 107 -3.25 9.77 6.05
C VAL B 107 -3.89 8.49 6.51
N VAL B 108 -3.98 8.29 7.81
CA VAL B 108 -4.58 7.05 8.28
C VAL B 108 -6.04 7.00 7.86
N ALA B 109 -6.59 8.19 7.66
CA ALA B 109 -7.97 8.37 7.32
C ALA B 109 -8.23 7.85 5.93
N MET B 110 -7.26 8.07 5.09
CA MET B 110 -7.27 7.54 3.74
C MET B 110 -7.18 6.07 3.81
N ALA B 111 -6.15 5.64 4.48
CA ALA B 111 -5.87 4.23 4.67
C ALA B 111 -7.12 3.40 4.98
N ARG B 112 -7.95 3.85 5.91
CA ARG B 112 -9.19 3.11 6.23
C ARG B 112 -10.26 3.33 5.17
N LYS B 113 -10.14 4.41 4.44
CA LYS B 113 -11.06 4.77 3.38
C LYS B 113 -10.71 4.05 2.08
N LEU B 114 -9.43 4.11 1.73
CA LEU B 114 -8.83 3.23 0.75
C LEU B 114 -9.07 1.79 1.13
N GLN B 115 -9.30 1.56 2.39
CA GLN B 115 -9.55 0.21 2.86
C GLN B 115 -10.95 -0.23 2.43
N ASP B 116 -11.86 0.73 2.38
CA ASP B 116 -13.19 0.49 1.83
C ASP B 116 -13.06 0.06 0.38
N VAL B 117 -12.40 0.90 -0.43
CA VAL B 117 -12.16 0.60 -1.82
C VAL B 117 -11.25 -0.60 -1.99
N PHE B 118 -10.01 -0.48 -1.50
CA PHE B 118 -8.98 -1.48 -1.74
C PHE B 118 -9.45 -2.86 -1.35
N GLU B 119 -9.93 -3.00 -0.13
CA GLU B 119 -10.23 -4.33 0.36
C GLU B 119 -11.46 -4.90 -0.35
N MET B 120 -12.40 -4.04 -0.73
CA MET B 120 -13.51 -4.47 -1.58
C MET B 120 -12.98 -4.94 -2.92
N ARG B 121 -12.11 -4.11 -3.51
CA ARG B 121 -11.40 -4.44 -4.72
C ARG B 121 -10.77 -5.82 -4.59
N PHE B 122 -9.94 -5.89 -3.57
CA PHE B 122 -9.10 -7.03 -3.26
C PHE B 122 -9.92 -8.28 -3.01
N ALA B 123 -11.09 -8.08 -2.45
CA ALA B 123 -11.87 -9.19 -1.95
C ALA B 123 -12.52 -9.95 -3.08
N LYS B 124 -12.85 -9.24 -4.15
CA LYS B 124 -13.42 -9.90 -5.30
C LYS B 124 -12.34 -10.12 -6.38
N MET B 125 -11.09 -10.20 -5.95
CA MET B 125 -10.00 -10.62 -6.83
C MET B 125 -10.22 -12.10 -7.15
N PRO B 126 -9.73 -12.57 -8.30
CA PRO B 126 -9.91 -13.93 -8.69
C PRO B 126 -8.99 -14.83 -7.89
N ASP B 127 -9.59 -15.73 -7.16
CA ASP B 127 -8.89 -16.60 -6.22
C ASP B 127 -8.26 -17.73 -6.93
N GLU B 128 -9.09 -18.23 -7.78
CA GLU B 128 -8.93 -19.46 -8.50
C GLU B 128 -8.01 -20.46 -7.80
N ARG A 1 11.43 9.30 19.53
CA ARG A 1 11.66 10.59 20.23
C ARG A 1 10.44 11.49 20.05
N THR A 2 9.98 11.60 18.81
CA THR A 2 8.80 12.40 18.52
C THR A 2 7.84 11.63 17.60
N TYR A 3 7.23 10.57 18.13
CA TYR A 3 6.24 9.80 17.38
C TYR A 3 5.02 10.65 17.11
N GLU A 4 4.86 11.70 17.91
CA GLU A 4 3.75 12.63 17.78
C GLU A 4 3.99 13.62 16.64
N THR A 5 4.98 13.33 15.79
CA THR A 5 5.30 14.19 14.66
C THR A 5 4.10 14.39 13.75
N PHE A 6 3.43 13.30 13.35
CA PHE A 6 2.27 13.40 12.46
C PHE A 6 2.73 13.79 11.05
OH ALY A 7 0.99 8.03 6.44
CH ALY A 7 1.82 8.34 5.60
CH3 ALY A 7 1.38 8.48 4.13
NZ ALY A 7 3.07 8.57 5.92
CE ALY A 7 3.57 8.47 7.30
CD ALY A 7 3.12 9.66 8.14
CG ALY A 7 3.63 10.96 7.57
CB ALY A 7 2.60 12.08 7.68
CA ALY A 7 2.94 13.21 8.67
N ALY A 7 2.63 12.87 10.07
C ALY A 7 2.13 14.45 8.28
O ALY A 7 0.93 14.35 8.05
HH31 ALY A 7 0.78 7.62 3.86
HH32 ALY A 7 0.79 9.38 4.02
HH33 ALY A 7 2.25 8.53 3.50
HZ ALY A 7 3.70 8.83 5.22
HE3 ALY A 7 3.18 7.57 7.74
HE2 ALY A 7 4.65 8.44 7.28
HD3 ALY A 7 2.05 9.69 8.16
HD2 ALY A 7 3.50 9.54 9.14
HG3 ALY A 7 4.53 11.25 8.08
HG2 ALY A 7 3.85 10.81 6.52
HB3 ALY A 7 2.51 12.52 6.69
HB2 ALY A 7 1.63 11.63 7.95
HA ALY A 7 4.01 13.41 8.60
H ALY A 7 2.33 11.96 10.30
N SER A 8 2.78 15.62 8.24
CA SER A 8 2.07 16.88 8.03
C SER A 8 1.27 16.91 6.72
N ILE A 9 -0.03 17.13 6.88
CA ILE A 9 -0.94 17.22 5.74
C ILE A 9 -1.90 18.38 5.95
N MET A 10 -2.25 19.06 4.88
CA MET A 10 -3.14 20.21 4.95
C MET A 10 -4.43 19.94 4.18
N LYS A 11 -4.80 18.66 4.12
CA LYS A 11 -6.01 18.23 3.42
C LYS A 11 -6.79 17.26 4.29
N LYS A 12 -8.01 17.64 4.66
CA LYS A 12 -8.84 16.77 5.48
C LYS A 12 -9.53 15.72 4.63
N SER A 13 -9.67 14.53 5.18
CA SER A 13 -10.29 13.41 4.50
C SER A 13 -11.10 12.60 5.48
N LYS B 1 28.52 -11.15 -2.70
CA LYS B 1 27.59 -11.52 -1.62
C LYS B 1 26.25 -11.95 -2.20
N ASP B 2 25.89 -13.21 -2.00
CA ASP B 2 24.62 -13.73 -2.49
C ASP B 2 23.47 -13.23 -1.63
N VAL B 3 22.77 -12.23 -2.14
CA VAL B 3 21.63 -11.66 -1.43
C VAL B 3 20.33 -12.21 -1.99
N PRO B 4 19.26 -12.23 -1.20
CA PRO B 4 17.97 -12.77 -1.61
C PRO B 4 17.23 -11.86 -2.59
N ASP B 5 17.53 -12.02 -3.87
CA ASP B 5 16.84 -11.28 -4.92
C ASP B 5 15.82 -12.16 -5.62
N SER B 6 15.63 -13.35 -5.08
CA SER B 6 14.66 -14.29 -5.62
C SER B 6 13.24 -13.86 -5.26
N GLN B 7 12.26 -14.59 -5.76
CA GLN B 7 10.88 -14.28 -5.46
C GLN B 7 10.11 -15.54 -5.12
N GLN B 8 9.49 -15.55 -3.95
CA GLN B 8 8.70 -16.69 -3.53
C GLN B 8 7.36 -16.71 -4.27
N HIS B 9 7.20 -17.70 -5.13
CA HIS B 9 5.96 -17.84 -5.90
C HIS B 9 5.10 -18.92 -5.30
N PRO B 10 3.81 -18.63 -5.19
CA PRO B 10 2.81 -19.58 -4.83
C PRO B 10 2.32 -20.30 -6.09
N ALA B 11 1.20 -19.84 -6.65
CA ALA B 11 0.77 -20.22 -7.99
C ALA B 11 0.52 -21.69 -8.17
N PRO B 12 -0.15 -21.99 -9.27
CA PRO B 12 -0.25 -23.34 -9.79
C PRO B 12 1.10 -23.83 -10.33
N GLU B 13 1.90 -22.86 -10.75
CA GLU B 13 3.20 -23.13 -11.34
C GLU B 13 3.98 -21.82 -11.56
N LYS B 14 3.24 -20.74 -11.79
CA LYS B 14 3.85 -19.45 -12.11
C LYS B 14 2.97 -18.31 -11.67
N SER B 15 1.97 -17.99 -12.46
CA SER B 15 1.19 -16.84 -12.14
C SER B 15 -0.13 -16.78 -12.92
N SER B 16 -0.70 -17.95 -13.20
CA SER B 16 -2.04 -18.04 -13.80
C SER B 16 -3.08 -17.49 -12.81
N LYS B 17 -2.62 -17.31 -11.58
CA LYS B 17 -3.41 -16.73 -10.52
C LYS B 17 -2.83 -15.38 -10.14
N VAL B 18 -1.57 -15.38 -9.74
CA VAL B 18 -0.87 -14.20 -9.26
C VAL B 18 -0.99 -13.02 -10.18
N SER B 19 -0.30 -13.11 -11.30
CA SER B 19 -0.17 -12.01 -12.23
C SER B 19 -1.55 -11.50 -12.64
N GLU B 20 -2.50 -12.40 -12.60
CA GLU B 20 -3.88 -12.10 -12.89
C GLU B 20 -4.52 -11.36 -11.72
N GLN B 21 -4.10 -11.71 -10.50
CA GLN B 21 -4.48 -10.92 -9.34
C GLN B 21 -3.80 -9.59 -9.38
N LEU B 22 -2.52 -9.58 -9.72
CA LEU B 22 -1.71 -8.36 -9.73
C LEU B 22 -2.28 -7.40 -10.72
N LYS B 23 -2.50 -7.89 -11.89
CA LYS B 23 -3.23 -7.16 -12.91
C LYS B 23 -4.52 -6.62 -12.32
N CYS B 24 -5.19 -7.47 -11.58
CA CYS B 24 -6.39 -7.08 -10.83
C CYS B 24 -6.01 -6.00 -9.84
N CYS B 25 -4.94 -6.26 -9.11
CA CYS B 25 -4.45 -5.43 -8.06
C CYS B 25 -4.19 -4.05 -8.59
N SER B 26 -3.41 -4.00 -9.65
CA SER B 26 -3.13 -2.74 -10.33
C SER B 26 -4.40 -2.00 -10.66
N GLY B 27 -5.39 -2.66 -11.26
CA GLY B 27 -6.62 -1.96 -11.61
C GLY B 27 -7.38 -1.56 -10.37
N ILE B 28 -6.93 -2.12 -9.28
CA ILE B 28 -7.54 -1.99 -7.99
C ILE B 28 -6.85 -0.89 -7.18
N LEU B 29 -5.54 -0.84 -7.34
CA LEU B 29 -4.73 0.20 -6.76
C LEU B 29 -4.71 1.41 -7.62
N LYS B 30 -4.70 1.18 -8.90
CA LYS B 30 -4.75 2.27 -9.82
C LYS B 30 -6.15 2.83 -9.79
N GLU B 31 -7.06 1.98 -9.26
CA GLU B 31 -8.34 2.44 -8.81
C GLU B 31 -8.12 3.35 -7.65
N MET B 32 -7.32 2.91 -6.66
CA MET B 32 -7.08 3.69 -5.49
C MET B 32 -6.44 4.98 -5.94
N PHE B 33 -5.66 4.82 -7.00
CA PHE B 33 -4.95 5.89 -7.61
C PHE B 33 -5.85 6.78 -8.44
N ALA B 34 -7.12 6.43 -8.48
CA ALA B 34 -8.12 7.22 -9.18
C ALA B 34 -8.39 8.51 -8.44
N LYS B 35 -8.67 9.56 -9.19
CA LYS B 35 -8.85 10.90 -8.66
C LYS B 35 -10.05 10.98 -7.71
N LYS B 36 -10.62 9.84 -7.40
CA LYS B 36 -11.71 9.75 -6.45
C LYS B 36 -11.15 9.39 -5.09
N HIS B 37 -10.20 8.46 -5.07
CA HIS B 37 -9.58 8.06 -3.84
C HIS B 37 -8.45 8.99 -3.55
N ALA B 38 -8.24 9.94 -4.43
CA ALA B 38 -7.17 10.89 -4.23
C ALA B 38 -7.55 12.00 -3.28
N ALA B 39 -8.73 11.91 -2.71
CA ALA B 39 -9.02 12.67 -1.52
C ALA B 39 -8.49 11.90 -0.34
N TYR B 40 -8.34 10.61 -0.55
CA TYR B 40 -7.99 9.70 0.50
C TYR B 40 -7.06 8.57 0.06
N ALA B 41 -6.06 8.88 -0.76
CA ALA B 41 -5.09 7.88 -1.19
C ALA B 41 -3.87 8.55 -1.68
N TRP B 42 -3.94 9.83 -1.75
CA TRP B 42 -2.93 10.65 -2.37
C TRP B 42 -1.65 10.78 -1.49
N PRO B 43 -1.73 10.64 -0.13
CA PRO B 43 -0.54 10.57 0.71
C PRO B 43 0.07 9.20 0.55
N PHE B 44 -0.72 8.37 -0.12
CA PHE B 44 -0.40 7.01 -0.41
C PHE B 44 0.05 6.89 -1.85
N TYR B 45 -0.54 7.68 -2.77
CA TYR B 45 -0.08 7.65 -4.17
C TYR B 45 1.43 7.70 -4.27
N LYS B 46 2.09 8.21 -3.24
CA LYS B 46 3.53 8.23 -3.18
C LYS B 46 4.06 8.20 -1.74
N PRO B 47 5.38 8.00 -1.61
CA PRO B 47 6.05 7.71 -0.33
C PRO B 47 5.91 8.80 0.71
N VAL B 48 6.28 8.42 1.92
CA VAL B 48 6.40 9.31 3.05
C VAL B 48 7.69 10.10 2.93
N ASP B 49 7.55 11.40 2.94
CA ASP B 49 8.69 12.29 2.80
C ASP B 49 9.00 12.82 4.16
N VAL B 50 9.93 12.16 4.77
CA VAL B 50 10.14 12.26 6.18
C VAL B 50 10.84 13.54 6.55
N GLU B 51 11.49 14.09 5.55
CA GLU B 51 12.15 15.38 5.66
C GLU B 51 11.16 16.47 5.31
N ALA B 52 10.03 16.03 4.80
CA ALA B 52 8.97 16.92 4.35
C ALA B 52 7.91 17.11 5.41
N LEU B 53 7.24 16.00 5.73
CA LEU B 53 6.15 15.99 6.67
C LEU B 53 6.66 16.32 8.07
N GLY B 54 7.98 16.26 8.22
CA GLY B 54 8.62 16.64 9.45
C GLY B 54 8.86 15.49 10.39
N LEU B 55 8.98 14.30 9.81
CA LEU B 55 9.13 13.07 10.57
C LEU B 55 10.39 13.05 11.41
N HIS B 56 11.52 12.69 10.79
CA HIS B 56 12.84 12.63 11.45
C HIS B 56 12.92 11.41 12.37
N ASP B 57 11.76 11.05 12.90
CA ASP B 57 11.59 9.84 13.68
C ASP B 57 11.26 8.66 12.78
N TYR B 58 10.74 8.99 11.61
CA TYR B 58 10.36 8.04 10.56
C TYR B 58 11.05 6.70 10.60
N CYS B 59 12.34 6.71 10.52
CA CYS B 59 13.12 5.47 10.46
C CYS B 59 12.97 4.62 11.74
N ASP B 60 12.25 5.16 12.71
CA ASP B 60 11.94 4.44 13.95
C ASP B 60 10.63 3.73 13.74
N ILE B 61 9.80 4.42 13.00
CA ILE B 61 8.47 3.98 12.74
C ILE B 61 8.41 3.17 11.48
N ILE B 62 8.66 3.88 10.42
CA ILE B 62 8.43 3.45 9.08
C ILE B 62 9.63 2.68 8.58
N LYS B 63 9.59 1.36 8.77
CA LYS B 63 10.68 0.50 8.39
C LYS B 63 10.60 0.33 6.91
N HIS B 64 9.38 0.12 6.54
CA HIS B 64 9.01 -0.24 5.22
C HIS B 64 7.85 0.58 4.78
N PRO B 65 8.12 1.84 4.51
CA PRO B 65 7.14 2.75 4.00
C PRO B 65 6.61 2.28 2.71
N MET B 66 5.37 2.07 2.73
CA MET B 66 4.66 1.67 1.56
C MET B 66 3.76 2.78 1.16
N ASP B 67 3.41 2.81 -0.10
CA ASP B 67 2.47 3.74 -0.60
C ASP B 67 1.84 3.11 -1.79
N MET B 68 0.73 3.66 -2.20
CA MET B 68 0.01 3.17 -3.35
C MET B 68 0.98 2.93 -4.48
N SER B 69 1.56 4.00 -5.00
CA SER B 69 2.50 3.93 -6.13
C SER B 69 3.54 2.85 -5.95
N THR B 70 3.96 2.58 -4.74
CA THR B 70 4.97 1.56 -4.57
C THR B 70 4.35 0.20 -4.69
N ILE B 71 3.17 -0.01 -4.13
CA ILE B 71 2.57 -1.32 -4.23
C ILE B 71 1.87 -1.40 -5.56
N LYS B 72 1.78 -0.25 -6.19
CA LYS B 72 1.20 -0.11 -7.47
C LYS B 72 2.23 -0.48 -8.49
N SER B 73 3.42 0.01 -8.21
CA SER B 73 4.55 -0.17 -9.07
C SER B 73 5.10 -1.56 -8.93
N LYS B 74 5.32 -2.00 -7.72
CA LYS B 74 5.79 -3.33 -7.46
C LYS B 74 4.85 -4.35 -8.03
N LEU B 75 3.58 -4.06 -7.86
CA LEU B 75 2.55 -4.76 -8.50
C LEU B 75 2.84 -4.97 -9.97
N GLU B 76 2.98 -3.84 -10.64
CA GLU B 76 3.27 -3.83 -12.07
C GLU B 76 4.66 -4.36 -12.37
N ALA B 77 5.58 -4.09 -11.45
CA ALA B 77 6.96 -4.56 -11.50
C ALA B 77 7.00 -6.03 -11.36
N ARG B 78 5.91 -6.53 -10.85
CA ARG B 78 5.74 -7.95 -10.71
C ARG B 78 6.63 -8.47 -9.60
N GLU B 79 6.91 -7.57 -8.64
CA GLU B 79 7.56 -7.95 -7.40
C GLU B 79 6.52 -8.69 -6.60
N TYR B 80 5.28 -8.36 -6.92
CA TYR B 80 4.14 -8.97 -6.31
C TYR B 80 4.07 -10.42 -6.56
N ARG B 81 4.36 -11.09 -5.47
CA ARG B 81 4.35 -12.52 -5.40
C ARG B 81 2.96 -12.98 -5.70
N ASP B 82 2.07 -12.03 -5.46
CA ASP B 82 0.71 -12.04 -5.91
C ASP B 82 -0.03 -10.91 -5.25
N ALA B 83 -1.32 -10.90 -5.39
CA ALA B 83 -2.17 -9.93 -4.77
C ALA B 83 -1.97 -9.84 -3.29
N GLN B 84 -1.55 -10.89 -2.68
CA GLN B 84 -1.38 -10.87 -1.28
C GLN B 84 -0.07 -10.21 -0.97
N GLU B 85 0.67 -9.91 -2.05
CA GLU B 85 1.79 -9.00 -1.96
C GLU B 85 1.27 -7.60 -2.26
N PHE B 86 0.28 -7.53 -3.15
CA PHE B 86 -0.45 -6.31 -3.41
C PHE B 86 -1.04 -5.77 -2.14
N GLY B 87 -2.06 -6.47 -1.64
CA GLY B 87 -2.73 -6.08 -0.44
C GLY B 87 -1.85 -6.16 0.76
N ALA B 88 -0.66 -6.61 0.57
CA ALA B 88 0.29 -6.61 1.63
C ALA B 88 0.82 -5.22 1.83
N ASP B 89 1.20 -4.61 0.72
CA ASP B 89 1.83 -3.32 0.78
C ASP B 89 0.78 -2.21 0.69
N VAL B 90 -0.41 -2.50 0.12
CA VAL B 90 -1.53 -1.54 0.21
C VAL B 90 -1.86 -1.37 1.65
N ARG B 91 -1.86 -2.46 2.34
CA ARG B 91 -2.22 -2.44 3.72
C ARG B 91 -1.01 -2.10 4.56
N LEU B 92 0.19 -2.25 4.00
CA LEU B 92 1.38 -1.86 4.71
C LEU B 92 1.48 -0.37 4.58
N MET B 93 1.08 0.14 3.42
CA MET B 93 1.02 1.57 3.24
C MET B 93 -0.13 2.13 4.08
N PHE B 94 -1.18 1.31 4.25
CA PHE B 94 -2.20 1.65 5.24
C PHE B 94 -1.62 1.50 6.65
N SER B 95 -0.54 0.74 6.77
CA SER B 95 0.13 0.59 8.04
C SER B 95 0.98 1.79 8.33
N ASN B 96 1.84 2.19 7.38
CA ASN B 96 2.81 3.26 7.64
C ASN B 96 2.10 4.51 8.11
N CYS B 97 0.87 4.68 7.64
CA CYS B 97 0.04 5.76 8.16
C CYS B 97 -0.45 5.45 9.57
N TYR B 98 -0.93 4.24 9.83
CA TYR B 98 -1.39 3.87 11.17
C TYR B 98 -0.25 3.87 12.20
N LYS B 99 0.87 3.22 11.86
CA LYS B 99 2.02 3.09 12.77
C LYS B 99 2.56 4.43 13.21
N TYR B 100 2.68 5.33 12.26
CA TYR B 100 3.30 6.61 12.52
C TYR B 100 2.33 7.56 13.21
N ASN B 101 1.12 7.60 12.70
CA ASN B 101 0.19 8.66 13.03
C ASN B 101 -0.92 8.16 13.92
N PRO B 102 -1.68 9.08 14.53
CA PRO B 102 -2.89 8.73 15.26
C PRO B 102 -3.95 8.32 14.25
N PRO B 103 -4.84 7.40 14.61
CA PRO B 103 -5.83 6.86 13.67
C PRO B 103 -6.91 7.88 13.30
N ASP B 104 -6.72 9.13 13.71
CA ASP B 104 -7.66 10.19 13.38
C ASP B 104 -7.03 11.07 12.30
N HIS B 105 -5.82 10.68 11.94
CA HIS B 105 -5.01 11.41 10.98
C HIS B 105 -5.56 11.29 9.57
N GLU B 106 -5.34 12.32 8.76
CA GLU B 106 -5.67 12.29 7.35
C GLU B 106 -5.05 11.10 6.61
N VAL B 107 -3.73 10.96 6.66
CA VAL B 107 -3.11 9.80 6.04
C VAL B 107 -3.80 8.52 6.46
N VAL B 108 -3.96 8.30 7.75
CA VAL B 108 -4.58 7.05 8.17
C VAL B 108 -6.03 7.00 7.68
N ALA B 109 -6.57 8.19 7.46
CA ALA B 109 -7.95 8.36 7.05
C ALA B 109 -8.15 7.83 5.66
N MET B 110 -7.13 8.04 4.84
CA MET B 110 -7.06 7.43 3.53
C MET B 110 -7.13 5.97 3.71
N ALA B 111 -6.18 5.49 4.44
CA ALA B 111 -5.99 4.08 4.67
C ALA B 111 -7.28 3.32 4.98
N ARG B 112 -8.08 3.81 5.92
CA ARG B 112 -9.31 3.10 6.28
C ARG B 112 -10.37 3.27 5.20
N LYS B 113 -10.26 4.34 4.44
CA LYS B 113 -11.16 4.67 3.39
C LYS B 113 -10.77 3.96 2.09
N LEU B 114 -9.50 4.07 1.75
CA LEU B 114 -8.87 3.22 0.77
C LEU B 114 -9.09 1.77 1.12
N GLN B 115 -9.35 1.51 2.37
CA GLN B 115 -9.59 0.16 2.82
C GLN B 115 -10.97 -0.28 2.36
N ASP B 116 -11.91 0.66 2.39
CA ASP B 116 -13.24 0.43 1.82
C ASP B 116 -13.12 0.03 0.37
N VAL B 117 -12.41 0.84 -0.40
CA VAL B 117 -12.18 0.55 -1.82
C VAL B 117 -11.22 -0.62 -2.00
N PHE B 118 -9.99 -0.50 -1.51
CA PHE B 118 -8.95 -1.49 -1.73
C PHE B 118 -9.43 -2.89 -1.38
N GLU B 119 -9.96 -3.07 -0.17
CA GLU B 119 -10.34 -4.41 0.24
C GLU B 119 -11.55 -4.90 -0.55
N MET B 120 -12.47 -3.98 -0.87
CA MET B 120 -13.59 -4.28 -1.78
C MET B 120 -13.03 -4.82 -3.09
N ARG B 121 -12.15 -4.04 -3.67
CA ARG B 121 -11.39 -4.39 -4.84
C ARG B 121 -10.77 -5.78 -4.67
N PHE B 122 -9.93 -5.86 -3.65
CA PHE B 122 -9.10 -7.00 -3.34
C PHE B 122 -9.90 -8.27 -3.20
N ALA B 123 -11.10 -8.11 -2.70
CA ALA B 123 -11.94 -9.24 -2.38
C ALA B 123 -12.61 -9.79 -3.62
N LYS B 124 -12.65 -8.98 -4.68
CA LYS B 124 -13.18 -9.42 -5.95
C LYS B 124 -12.05 -9.91 -6.87
N MET B 125 -10.88 -10.15 -6.29
CA MET B 125 -9.74 -10.61 -7.08
C MET B 125 -9.86 -12.12 -7.35
N PRO B 126 -8.96 -12.69 -8.18
CA PRO B 126 -8.81 -14.13 -8.27
C PRO B 126 -8.41 -14.73 -6.93
N ASP B 127 -8.00 -15.99 -6.95
CA ASP B 127 -7.62 -16.70 -5.73
C ASP B 127 -7.24 -18.08 -6.12
N GLU B 128 -8.12 -18.56 -6.94
CA GLU B 128 -8.13 -19.89 -7.47
C GLU B 128 -7.35 -20.90 -6.62
N ARG A 1 10.14 16.77 21.71
CA ARG A 1 10.40 16.90 20.26
C ARG A 1 10.58 15.54 19.61
N THR A 2 10.96 14.54 20.39
CA THR A 2 11.11 13.19 19.86
C THR A 2 9.75 12.55 19.63
N TYR A 3 9.56 11.99 18.44
CA TYR A 3 8.29 11.40 18.02
C TYR A 3 7.17 12.45 18.13
N GLU A 4 5.92 11.98 18.16
CA GLU A 4 4.74 12.85 18.23
C GLU A 4 4.52 13.56 16.89
N THR A 5 5.49 13.47 16.01
CA THR A 5 5.35 13.95 14.65
C THR A 5 4.36 13.05 13.89
N PHE A 6 3.82 13.58 12.82
CA PHE A 6 2.98 12.81 11.93
C PHE A 6 3.32 13.18 10.50
OH ALY A 7 0.86 8.04 6.29
CH ALY A 7 1.49 8.19 5.24
CH3 ALY A 7 0.73 8.37 3.93
NZ ALY A 7 2.81 8.21 5.22
CE ALY A 7 3.62 8.05 6.43
CD ALY A 7 3.28 9.10 7.49
CG ALY A 7 3.79 10.47 7.10
CB ALY A 7 2.71 11.54 7.21
CA ALY A 7 3.07 12.71 8.13
N ALY A 7 2.90 12.37 9.54
C ALY A 7 2.18 13.92 7.83
O ALY A 7 1.00 13.77 7.54
HH31 ALY A 7 -0.18 7.78 3.97
HH32 ALY A 7 0.47 9.41 3.80
HH33 ALY A 7 1.34 8.03 3.11
HZ ALY A 7 3.27 8.34 4.36
HE3 ALY A 7 3.44 7.07 6.83
HE2 ALY A 7 4.66 8.15 6.16
HD3 ALY A 7 2.20 9.14 7.59
HD2 ALY A 7 3.71 8.80 8.43
HG3 ALY A 7 4.61 10.74 7.75
HG2 ALY A 7 4.14 10.43 6.08
HB3 ALY A 7 2.57 11.95 6.21
HB2 ALY A 7 1.77 11.09 7.53
HA ALY A 7 4.11 12.96 7.99
H ALY A 7 2.45 11.52 9.79
N SER A 8 2.77 15.12 7.93
CA SER A 8 2.05 16.38 7.74
C SER A 8 1.26 16.38 6.43
N ILE A 9 0.04 16.91 6.49
CA ILE A 9 -0.85 16.88 5.36
C ILE A 9 -1.31 18.28 4.99
N MET A 10 -1.89 18.99 5.93
CA MET A 10 -2.35 20.35 5.68
C MET A 10 -1.29 21.37 6.07
N LYS A 11 -0.39 20.97 6.97
CA LYS A 11 0.68 21.86 7.43
C LYS A 11 1.91 21.74 6.55
N LYS A 12 1.75 21.99 5.27
CA LYS A 12 2.85 21.93 4.32
C LYS A 12 3.63 23.23 4.30
N SER A 13 4.61 23.34 5.19
CA SER A 13 5.43 24.52 5.28
C SER A 13 6.87 24.18 4.90
N LYS B 1 4.87 -20.69 11.78
CA LYS B 1 4.38 -20.99 10.41
C LYS B 1 5.09 -22.22 9.86
N ASP B 2 4.33 -23.07 9.16
CA ASP B 2 4.86 -24.32 8.64
C ASP B 2 5.24 -24.18 7.18
N VAL B 3 6.53 -24.10 6.91
CA VAL B 3 7.01 -23.96 5.53
C VAL B 3 7.23 -25.33 4.89
N PRO B 4 6.93 -25.45 3.60
CA PRO B 4 7.07 -26.70 2.85
C PRO B 4 8.52 -26.97 2.43
N ASP B 5 8.74 -28.09 1.76
CA ASP B 5 10.08 -28.48 1.35
C ASP B 5 10.69 -27.49 0.36
N SER B 6 10.09 -27.41 -0.82
CA SER B 6 10.62 -26.54 -1.88
C SER B 6 9.50 -25.80 -2.61
N GLN B 7 8.32 -26.40 -2.68
CA GLN B 7 7.21 -25.82 -3.42
C GLN B 7 6.50 -24.75 -2.59
N GLN B 8 6.99 -23.53 -2.71
CA GLN B 8 6.38 -22.40 -2.03
C GLN B 8 5.93 -21.37 -3.06
N HIS B 9 4.83 -21.68 -3.74
CA HIS B 9 4.29 -20.78 -4.75
C HIS B 9 2.91 -20.31 -4.36
N PRO B 10 2.66 -19.05 -4.62
CA PRO B 10 1.37 -18.41 -4.39
C PRO B 10 0.48 -18.57 -5.61
N ALA B 11 0.74 -19.61 -6.36
CA ALA B 11 0.14 -19.79 -7.66
C ALA B 11 -0.01 -21.24 -8.01
N PRO B 12 -0.85 -21.46 -9.01
CA PRO B 12 -0.97 -22.74 -9.71
C PRO B 12 0.25 -22.97 -10.59
N GLU B 13 1.35 -23.43 -9.97
CA GLU B 13 2.69 -23.54 -10.56
C GLU B 13 3.24 -22.21 -11.07
N LYS B 14 2.36 -21.31 -11.49
CA LYS B 14 2.74 -19.97 -11.91
C LYS B 14 1.58 -19.04 -11.91
N SER B 15 1.86 -17.87 -12.41
CA SER B 15 1.06 -16.71 -12.14
C SER B 15 -0.08 -16.54 -13.13
N SER B 16 -0.62 -17.67 -13.58
CA SER B 16 -1.85 -17.68 -14.37
C SER B 16 -3.03 -17.32 -13.46
N LYS B 17 -2.72 -17.19 -12.17
CA LYS B 17 -3.65 -16.68 -11.18
C LYS B 17 -3.12 -15.37 -10.60
N VAL B 18 -1.88 -15.42 -10.13
CA VAL B 18 -1.22 -14.29 -9.45
C VAL B 18 -1.25 -13.04 -10.26
N SER B 19 -0.55 -13.08 -11.36
CA SER B 19 -0.37 -11.92 -12.19
C SER B 19 -1.70 -11.49 -12.79
N GLU B 20 -2.71 -12.33 -12.60
CA GLU B 20 -4.09 -11.97 -12.88
C GLU B 20 -4.64 -11.18 -11.70
N GLN B 21 -4.32 -11.64 -10.49
CA GLN B 21 -4.64 -10.90 -9.29
C GLN B 21 -3.95 -9.58 -9.33
N LEU B 22 -2.69 -9.60 -9.73
CA LEU B 22 -1.84 -8.41 -9.77
C LEU B 22 -2.38 -7.42 -10.75
N LYS B 23 -2.62 -7.92 -11.93
CA LYS B 23 -3.32 -7.14 -12.95
C LYS B 23 -4.63 -6.61 -12.39
N CYS B 24 -5.24 -7.42 -11.55
CA CYS B 24 -6.43 -7.01 -10.83
C CYS B 24 -6.04 -5.94 -9.83
N CYS B 25 -4.99 -6.27 -9.08
CA CYS B 25 -4.45 -5.45 -8.04
C CYS B 25 -4.19 -4.07 -8.56
N SER B 26 -3.42 -4.01 -9.63
CA SER B 26 -3.11 -2.74 -10.26
C SER B 26 -4.38 -2.01 -10.67
N GLY B 27 -5.35 -2.70 -11.24
CA GLY B 27 -6.59 -2.00 -11.61
C GLY B 27 -7.36 -1.59 -10.37
N ILE B 28 -6.91 -2.14 -9.26
CA ILE B 28 -7.50 -2.01 -7.96
C ILE B 28 -6.81 -0.90 -7.17
N LEU B 29 -5.51 -0.84 -7.34
CA LEU B 29 -4.69 0.19 -6.77
C LEU B 29 -4.66 1.40 -7.64
N LYS B 30 -4.63 1.17 -8.93
CA LYS B 30 -4.68 2.23 -9.86
C LYS B 30 -6.11 2.77 -9.83
N GLU B 31 -6.99 1.92 -9.30
CA GLU B 31 -8.28 2.35 -8.87
C GLU B 31 -8.07 3.26 -7.70
N MET B 32 -7.29 2.85 -6.70
CA MET B 32 -7.07 3.64 -5.54
C MET B 32 -6.44 4.93 -5.98
N PHE B 33 -5.66 4.79 -7.04
CA PHE B 33 -4.96 5.87 -7.64
C PHE B 33 -5.89 6.76 -8.46
N ALA B 34 -7.15 6.37 -8.54
CA ALA B 34 -8.16 7.15 -9.23
C ALA B 34 -8.42 8.44 -8.49
N LYS B 35 -8.72 9.48 -9.26
CA LYS B 35 -8.90 10.83 -8.71
C LYS B 35 -10.10 10.91 -7.76
N LYS B 36 -10.66 9.75 -7.45
CA LYS B 36 -11.75 9.66 -6.50
C LYS B 36 -11.19 9.29 -5.14
N HIS B 37 -10.21 8.37 -5.13
CA HIS B 37 -9.60 7.97 -3.90
C HIS B 37 -8.49 8.91 -3.61
N ALA B 38 -8.27 9.87 -4.48
CA ALA B 38 -7.25 10.84 -4.28
C ALA B 38 -7.67 11.95 -3.34
N ALA B 39 -8.85 11.83 -2.78
CA ALA B 39 -9.19 12.57 -1.59
C ALA B 39 -8.64 11.83 -0.40
N TYR B 40 -8.45 10.55 -0.62
CA TYR B 40 -8.15 9.63 0.44
C TYR B 40 -7.16 8.54 0.03
N ALA B 41 -6.15 8.88 -0.77
CA ALA B 41 -5.15 7.90 -1.17
C ALA B 41 -3.94 8.58 -1.68
N TRP B 42 -4.01 9.86 -1.74
CA TRP B 42 -3.00 10.66 -2.39
C TRP B 42 -1.73 10.82 -1.52
N PRO B 43 -1.82 10.71 -0.15
CA PRO B 43 -0.62 10.64 0.70
C PRO B 43 -0.02 9.27 0.56
N PHE B 44 -0.79 8.44 -0.13
CA PHE B 44 -0.48 7.07 -0.38
C PHE B 44 -0.01 6.94 -1.82
N TYR B 45 -0.59 7.70 -2.76
CA TYR B 45 -0.13 7.66 -4.15
C TYR B 45 1.38 7.70 -4.24
N LYS B 46 2.04 8.22 -3.23
CA LYS B 46 3.48 8.24 -3.19
C LYS B 46 4.05 8.18 -1.77
N PRO B 47 5.38 7.97 -1.68
CA PRO B 47 6.09 7.65 -0.43
C PRO B 47 6.00 8.72 0.64
N VAL B 48 6.43 8.33 1.82
CA VAL B 48 6.63 9.20 2.95
C VAL B 48 7.92 9.99 2.75
N ASP B 49 7.78 11.28 2.82
CA ASP B 49 8.90 12.19 2.69
C ASP B 49 9.19 12.73 4.05
N VAL B 50 10.09 12.06 4.68
CA VAL B 50 10.28 12.15 6.11
C VAL B 50 10.94 13.45 6.50
N GLU B 51 11.61 14.03 5.55
CA GLU B 51 12.24 15.33 5.72
C GLU B 51 11.24 16.41 5.35
N ALA B 52 10.15 15.96 4.76
CA ALA B 52 9.11 16.82 4.24
C ALA B 52 7.99 17.00 5.23
N LEU B 53 7.38 15.90 5.58
CA LEU B 53 6.28 15.87 6.53
C LEU B 53 6.79 16.26 7.91
N GLY B 54 8.11 16.20 8.06
CA GLY B 54 8.75 16.60 9.28
C GLY B 54 8.94 15.48 10.26
N LEU B 55 9.02 14.27 9.72
CA LEU B 55 9.14 13.06 10.51
C LEU B 55 10.36 13.07 11.41
N HIS B 56 11.52 12.71 10.85
CA HIS B 56 12.80 12.71 11.56
C HIS B 56 12.89 11.50 12.48
N ASP B 57 11.73 11.05 12.92
CA ASP B 57 11.59 9.82 13.70
C ASP B 57 11.29 8.65 12.80
N TYR B 58 10.83 8.97 11.61
CA TYR B 58 10.48 8.00 10.56
C TYR B 58 11.15 6.66 10.65
N CYS B 59 12.44 6.64 10.65
CA CYS B 59 13.18 5.38 10.67
C CYS B 59 12.95 4.58 11.97
N ASP B 60 12.20 5.16 12.90
CA ASP B 60 11.83 4.46 14.14
C ASP B 60 10.54 3.76 13.87
N ILE B 61 9.81 4.35 12.97
CA ILE B 61 8.48 3.96 12.68
C ILE B 61 8.43 3.17 11.41
N ILE B 62 8.72 3.89 10.37
CA ILE B 62 8.50 3.48 9.02
C ILE B 62 9.71 2.70 8.53
N LYS B 63 9.63 1.39 8.70
CA LYS B 63 10.69 0.49 8.34
C LYS B 63 10.63 0.29 6.87
N HIS B 64 9.40 0.08 6.49
CA HIS B 64 9.05 -0.29 5.18
C HIS B 64 7.90 0.55 4.71
N PRO B 65 8.19 1.81 4.46
CA PRO B 65 7.24 2.74 3.95
C PRO B 65 6.69 2.27 2.65
N MET B 66 5.44 2.09 2.69
CA MET B 66 4.71 1.68 1.53
C MET B 66 3.78 2.78 1.14
N ASP B 67 3.43 2.82 -0.12
CA ASP B 67 2.46 3.76 -0.60
C ASP B 67 1.81 3.12 -1.77
N MET B 68 0.71 3.69 -2.21
CA MET B 68 0.01 3.19 -3.36
C MET B 68 0.98 2.94 -4.48
N SER B 69 1.56 4.02 -5.01
CA SER B 69 2.51 3.95 -6.13
C SER B 69 3.55 2.86 -5.95
N THR B 70 3.95 2.59 -4.73
CA THR B 70 4.96 1.55 -4.57
C THR B 70 4.34 0.20 -4.69
N ILE B 71 3.16 -0.02 -4.11
CA ILE B 71 2.57 -1.33 -4.23
C ILE B 71 1.88 -1.41 -5.55
N LYS B 72 1.79 -0.26 -6.19
CA LYS B 72 1.21 -0.11 -7.46
C LYS B 72 2.23 -0.47 -8.48
N SER B 73 3.44 -0.02 -8.20
CA SER B 73 4.56 -0.19 -9.07
C SER B 73 5.17 -1.54 -8.92
N LYS B 74 5.34 -1.98 -7.70
CA LYS B 74 5.83 -3.31 -7.43
C LYS B 74 4.91 -4.33 -7.99
N LEU B 75 3.64 -4.05 -7.83
CA LEU B 75 2.62 -4.73 -8.51
C LEU B 75 2.97 -4.93 -9.98
N GLU B 76 3.09 -3.80 -10.65
CA GLU B 76 3.37 -3.79 -12.06
C GLU B 76 4.79 -4.25 -12.38
N ALA B 77 5.68 -4.04 -11.43
CA ALA B 77 7.06 -4.51 -11.48
C ALA B 77 7.08 -5.99 -11.37
N ARG B 78 5.97 -6.48 -10.85
CA ARG B 78 5.74 -7.88 -10.71
C ARG B 78 6.64 -8.42 -9.60
N GLU B 79 6.94 -7.54 -8.65
CA GLU B 79 7.57 -7.95 -7.40
C GLU B 79 6.54 -8.74 -6.67
N TYR B 80 5.31 -8.36 -6.94
CA TYR B 80 4.14 -8.98 -6.36
C TYR B 80 4.09 -10.42 -6.66
N ARG B 81 4.35 -11.15 -5.60
CA ARG B 81 4.33 -12.57 -5.63
C ARG B 81 2.94 -12.97 -5.99
N ASP B 82 2.05 -12.05 -5.65
CA ASP B 82 0.67 -12.12 -5.95
C ASP B 82 -0.05 -10.96 -5.29
N ALA B 83 -1.34 -10.93 -5.46
CA ALA B 83 -2.19 -9.96 -4.82
C ALA B 83 -1.96 -9.86 -3.35
N GLN B 84 -1.59 -10.93 -2.73
CA GLN B 84 -1.41 -10.91 -1.33
C GLN B 84 -0.09 -10.24 -1.01
N GLU B 85 0.65 -9.95 -2.07
CA GLU B 85 1.78 -9.04 -1.97
C GLU B 85 1.25 -7.63 -2.27
N PHE B 86 0.27 -7.55 -3.19
CA PHE B 86 -0.43 -6.34 -3.45
C PHE B 86 -1.04 -5.77 -2.19
N GLY B 87 -2.06 -6.46 -1.72
CA GLY B 87 -2.78 -6.06 -0.54
C GLY B 87 -1.96 -6.13 0.69
N ALA B 88 -0.75 -6.60 0.55
CA ALA B 88 0.14 -6.60 1.65
C ALA B 88 0.69 -5.23 1.86
N ASP B 89 1.08 -4.61 0.78
CA ASP B 89 1.75 -3.35 0.86
C ASP B 89 0.75 -2.21 0.69
N VAL B 90 -0.44 -2.49 0.13
CA VAL B 90 -1.55 -1.51 0.21
C VAL B 90 -1.88 -1.35 1.66
N ARG B 91 -1.97 -2.45 2.33
CA ARG B 91 -2.33 -2.42 3.71
C ARG B 91 -1.12 -2.03 4.56
N LEU B 92 0.10 -2.22 4.04
CA LEU B 92 1.28 -1.81 4.75
C LEU B 92 1.38 -0.33 4.57
N MET B 93 1.07 0.12 3.38
CA MET B 93 1.06 1.53 3.13
C MET B 93 -0.05 2.16 3.97
N PHE B 94 -1.12 1.40 4.19
CA PHE B 94 -2.13 1.81 5.18
C PHE B 94 -1.50 1.76 6.58
N SER B 95 -0.58 0.80 6.78
CA SER B 95 0.09 0.63 8.06
C SER B 95 1.02 1.78 8.35
N ASN B 96 1.92 2.13 7.41
CA ASN B 96 2.92 3.19 7.67
C ASN B 96 2.19 4.43 8.12
N CYS B 97 0.97 4.53 7.65
CA CYS B 97 0.08 5.59 8.09
C CYS B 97 -0.27 5.39 9.57
N TYR B 98 -0.83 4.24 9.91
CA TYR B 98 -1.28 3.98 11.28
C TYR B 98 -0.11 3.95 12.28
N LYS B 99 1.00 3.31 11.90
CA LYS B 99 2.17 3.17 12.80
C LYS B 99 2.71 4.52 13.21
N TYR B 100 2.77 5.42 12.26
CA TYR B 100 3.36 6.72 12.50
C TYR B 100 2.36 7.65 13.14
N ASN B 101 1.21 7.76 12.51
CA ASN B 101 0.23 8.76 12.85
C ASN B 101 -0.82 8.19 13.77
N PRO B 102 -1.58 9.05 14.47
CA PRO B 102 -2.74 8.62 15.22
C PRO B 102 -3.83 8.19 14.24
N PRO B 103 -4.65 7.20 14.58
CA PRO B 103 -5.63 6.64 13.66
C PRO B 103 -6.79 7.59 13.36
N ASP B 104 -6.68 8.83 13.81
CA ASP B 104 -7.68 9.85 13.52
C ASP B 104 -7.10 10.80 12.48
N HIS B 105 -5.85 10.53 12.14
CA HIS B 105 -5.07 11.33 11.20
C HIS B 105 -5.70 11.34 9.81
N GLU B 106 -5.29 12.29 8.99
CA GLU B 106 -5.76 12.36 7.60
C GLU B 106 -5.18 11.26 6.72
N VAL B 107 -3.86 11.07 6.73
CA VAL B 107 -3.29 9.92 6.02
C VAL B 107 -3.97 8.65 6.44
N VAL B 108 -4.01 8.37 7.72
CA VAL B 108 -4.60 7.12 8.15
C VAL B 108 -6.06 7.06 7.73
N ALA B 109 -6.62 8.23 7.53
CA ALA B 109 -8.00 8.40 7.17
C ALA B 109 -8.22 7.86 5.77
N MET B 110 -7.24 8.11 4.93
CA MET B 110 -7.21 7.51 3.61
C MET B 110 -7.22 6.05 3.78
N ALA B 111 -6.20 5.58 4.45
CA ALA B 111 -5.95 4.17 4.65
C ALA B 111 -7.23 3.37 4.94
N ARG B 112 -7.96 3.71 5.99
CA ARG B 112 -9.17 2.97 6.33
C ARG B 112 -10.27 3.18 5.30
N LYS B 113 -10.14 4.26 4.55
CA LYS B 113 -11.10 4.64 3.55
C LYS B 113 -10.75 4.02 2.17
N LEU B 114 -9.47 4.03 1.83
CA LEU B 114 -8.91 3.18 0.80
C LEU B 114 -9.16 1.73 1.13
N GLN B 115 -9.36 1.44 2.39
CA GLN B 115 -9.63 0.08 2.80
C GLN B 115 -11.05 -0.29 2.43
N ASP B 116 -11.92 0.72 2.38
CA ASP B 116 -13.24 0.55 1.78
C ASP B 116 -13.07 0.05 0.34
N VAL B 117 -12.45 0.90 -0.48
CA VAL B 117 -12.19 0.56 -1.87
C VAL B 117 -11.27 -0.65 -2.01
N PHE B 118 -10.01 -0.50 -1.57
CA PHE B 118 -8.98 -1.51 -1.77
C PHE B 118 -9.44 -2.88 -1.33
N GLU B 119 -9.95 -3.00 -0.11
CA GLU B 119 -10.26 -4.30 0.43
C GLU B 119 -11.40 -4.96 -0.36
N MET B 120 -12.39 -4.17 -0.78
CA MET B 120 -13.46 -4.72 -1.62
C MET B 120 -12.90 -5.08 -2.97
N ARG B 121 -12.05 -4.20 -3.51
CA ARG B 121 -11.30 -4.46 -4.71
C ARG B 121 -10.64 -5.82 -4.60
N PHE B 122 -9.88 -5.95 -3.53
CA PHE B 122 -9.07 -7.11 -3.22
C PHE B 122 -9.92 -8.37 -3.16
N ALA B 123 -11.20 -8.18 -2.89
CA ALA B 123 -12.12 -9.28 -2.79
C ALA B 123 -12.71 -9.61 -4.15
N LYS B 124 -12.69 -8.63 -5.05
CA LYS B 124 -13.17 -8.82 -6.42
C LYS B 124 -12.13 -9.57 -7.22
N MET B 125 -10.99 -9.86 -6.61
CA MET B 125 -9.89 -10.47 -7.33
C MET B 125 -10.21 -11.89 -7.75
N PRO B 126 -9.51 -12.38 -8.78
CA PRO B 126 -9.56 -13.74 -9.20
C PRO B 126 -8.52 -14.56 -8.45
N ASP B 127 -8.97 -15.55 -7.73
CA ASP B 127 -8.07 -16.38 -6.95
C ASP B 127 -8.23 -17.81 -7.38
N GLU B 128 -7.66 -18.68 -6.58
CA GLU B 128 -7.79 -20.10 -6.78
C GLU B 128 -7.50 -20.84 -5.47
N ARG A 1 0.94 9.19 21.85
CA ARG A 1 1.81 9.87 22.85
C ARG A 1 3.27 9.50 22.66
N THR A 2 3.52 8.31 22.12
CA THR A 2 4.88 7.82 21.94
C THR A 2 5.51 8.40 20.66
N TYR A 3 4.71 8.51 19.62
CA TYR A 3 5.19 9.03 18.34
C TYR A 3 4.49 10.33 17.98
N GLU A 4 5.30 11.34 17.73
CA GLU A 4 4.79 12.68 17.43
C GLU A 4 5.10 13.06 15.99
N THR A 5 4.96 14.35 15.68
CA THR A 5 5.19 14.89 14.35
C THR A 5 4.07 14.50 13.39
N PHE A 6 3.94 13.19 13.15
CA PHE A 6 3.04 12.61 12.12
C PHE A 6 3.29 13.21 10.72
OH ALY A 7 0.96 7.82 6.40
CH ALY A 7 1.58 8.09 5.38
CH3 ALY A 7 0.85 8.09 4.05
NZ ALY A 7 2.87 8.37 5.42
CE ALY A 7 3.63 8.38 6.66
CD ALY A 7 3.20 9.51 7.59
CG ALY A 7 3.66 10.85 7.06
CB ALY A 7 2.62 11.96 7.27
CA ALY A 7 3.00 13.00 8.34
N ALY A 7 2.91 12.48 9.68
C ALY A 7 2.06 14.22 8.23
O ALY A 7 0.85 14.04 8.29
HH31 ALY A 7 -0.02 7.45 4.12
HH32 ALY A 7 0.53 9.09 3.82
HH33 ALY A 7 1.50 7.73 3.27
HZ ALY A 7 3.33 8.58 4.58
HE3 ALY A 7 3.48 7.44 7.17
HE2 ALY A 7 4.67 8.49 6.43
HD3 ALY A 7 2.12 9.52 7.66
HD2 ALY A 7 3.63 9.35 8.57
HG3 ALY A 7 4.57 11.13 7.58
HG2 ALY A 7 3.86 10.75 6.02
HB3 ALY A 7 2.53 12.47 6.32
HB2 ALY A 7 1.66 11.50 7.53
HA ALY A 7 4.04 13.31 8.18
H ALY A 7 2.54 11.58 9.84
N SER A 8 2.63 15.43 8.10
CA SER A 8 1.87 16.70 8.18
C SER A 8 0.51 16.66 7.49
N ILE A 9 0.51 16.67 6.16
CA ILE A 9 -0.69 16.79 5.33
C ILE A 9 -1.20 18.24 5.36
N MET A 10 -1.54 18.75 4.18
CA MET A 10 -1.96 20.14 4.04
C MET A 10 -3.48 20.25 4.08
N LYS A 11 -3.97 21.45 4.39
CA LYS A 11 -5.40 21.70 4.44
C LYS A 11 -5.72 23.14 4.09
N LYS A 12 -5.66 23.46 2.81
CA LYS A 12 -6.03 24.78 2.32
C LYS A 12 -6.83 24.64 1.03
N SER A 13 -7.43 23.48 0.84
CA SER A 13 -8.21 23.21 -0.35
C SER A 13 -9.67 22.93 0.03
N LYS B 1 -6.80 -35.78 -6.85
CA LYS B 1 -5.44 -36.07 -7.33
C LYS B 1 -4.42 -35.22 -6.57
N ASP B 2 -3.27 -35.81 -6.27
CA ASP B 2 -2.22 -35.11 -5.52
C ASP B 2 -1.57 -34.04 -6.36
N VAL B 3 -1.78 -32.79 -5.98
CA VAL B 3 -1.11 -31.67 -6.60
C VAL B 3 0.01 -31.18 -5.68
N PRO B 4 1.11 -30.68 -6.26
CA PRO B 4 2.28 -30.20 -5.50
C PRO B 4 1.91 -29.12 -4.49
N ASP B 5 1.78 -29.52 -3.24
CA ASP B 5 1.42 -28.59 -2.18
C ASP B 5 2.61 -27.72 -1.81
N SER B 6 2.57 -26.49 -2.28
CA SER B 6 3.62 -25.53 -1.98
C SER B 6 3.00 -24.15 -1.78
N GLN B 7 2.55 -23.89 -0.56
CA GLN B 7 1.92 -22.62 -0.22
C GLN B 7 2.95 -21.49 -0.22
N GLN B 8 4.21 -21.86 -0.40
CA GLN B 8 5.28 -20.88 -0.52
C GLN B 8 5.22 -20.19 -1.88
N HIS B 9 4.53 -20.81 -2.82
CA HIS B 9 4.33 -20.23 -4.13
C HIS B 9 2.85 -20.17 -4.46
N PRO B 10 2.45 -19.04 -4.99
CA PRO B 10 1.10 -18.81 -5.47
C PRO B 10 0.99 -19.12 -6.96
N ALA B 11 1.99 -19.84 -7.45
CA ALA B 11 2.17 -20.07 -8.86
C ALA B 11 3.15 -21.18 -9.10
N PRO B 12 3.19 -21.65 -10.33
CA PRO B 12 4.17 -22.60 -10.79
C PRO B 12 5.58 -22.05 -10.67
N GLU B 13 5.84 -20.96 -11.38
CA GLU B 13 7.11 -20.26 -11.28
C GLU B 13 6.93 -18.78 -11.58
N LYS B 14 5.68 -18.32 -11.59
CA LYS B 14 5.37 -16.94 -11.93
C LYS B 14 3.92 -16.61 -11.66
N SER B 15 3.03 -17.08 -12.51
CA SER B 15 1.64 -16.71 -12.37
C SER B 15 0.69 -17.76 -12.93
N SER B 16 0.08 -18.49 -12.03
CA SER B 16 -1.11 -19.24 -12.34
C SER B 16 -2.31 -18.36 -11.98
N LYS B 17 -2.25 -17.78 -10.79
CA LYS B 17 -3.22 -16.81 -10.34
C LYS B 17 -2.62 -15.43 -10.16
N VAL B 18 -1.34 -15.42 -9.80
CA VAL B 18 -0.64 -14.21 -9.36
C VAL B 18 -0.85 -13.02 -10.24
N SER B 19 -0.20 -13.02 -11.36
CA SER B 19 -0.15 -11.86 -12.21
C SER B 19 -1.53 -11.54 -12.77
N GLU B 20 -2.46 -12.48 -12.62
CA GLU B 20 -3.88 -12.22 -12.85
C GLU B 20 -4.42 -11.41 -11.66
N GLN B 21 -4.08 -11.87 -10.46
CA GLN B 21 -4.30 -11.13 -9.22
C GLN B 21 -3.74 -9.74 -9.33
N LEU B 22 -2.47 -9.66 -9.68
CA LEU B 22 -1.72 -8.41 -9.76
C LEU B 22 -2.33 -7.48 -10.74
N LYS B 23 -2.58 -8.02 -11.89
CA LYS B 23 -3.28 -7.30 -12.93
C LYS B 23 -4.60 -6.75 -12.37
N CYS B 24 -5.21 -7.54 -11.53
CA CYS B 24 -6.40 -7.14 -10.80
C CYS B 24 -6.01 -6.06 -9.81
N CYS B 25 -4.97 -6.36 -9.05
CA CYS B 25 -4.45 -5.51 -8.03
C CYS B 25 -4.21 -4.13 -8.58
N SER B 26 -3.47 -4.08 -9.66
CA SER B 26 -3.21 -2.82 -10.35
C SER B 26 -4.49 -2.06 -10.65
N GLY B 27 -5.49 -2.71 -11.22
CA GLY B 27 -6.73 -1.99 -11.56
C GLY B 27 -7.47 -1.58 -10.31
N ILE B 28 -7.01 -2.15 -9.23
CA ILE B 28 -7.58 -2.00 -7.93
C ILE B 28 -6.86 -0.89 -7.17
N LEU B 29 -5.55 -0.88 -7.30
CA LEU B 29 -4.71 0.16 -6.75
C LEU B 29 -4.70 1.37 -7.62
N LYS B 30 -4.68 1.13 -8.90
CA LYS B 30 -4.68 2.20 -9.83
C LYS B 30 -6.07 2.81 -9.80
N GLU B 31 -7.01 2.02 -9.29
CA GLU B 31 -8.28 2.58 -8.91
C GLU B 31 -8.07 3.41 -7.68
N MET B 32 -7.30 2.93 -6.71
CA MET B 32 -7.04 3.70 -5.52
C MET B 32 -6.40 4.97 -5.96
N PHE B 33 -5.62 4.81 -7.02
CA PHE B 33 -4.88 5.88 -7.62
C PHE B 33 -5.78 6.80 -8.44
N ALA B 34 -7.05 6.46 -8.51
CA ALA B 34 -8.04 7.28 -9.19
C ALA B 34 -8.31 8.53 -8.41
N LYS B 35 -8.58 9.60 -9.13
CA LYS B 35 -8.78 10.92 -8.54
C LYS B 35 -10.01 10.96 -7.62
N LYS B 36 -10.59 9.79 -7.38
CA LYS B 36 -11.69 9.66 -6.45
C LYS B 36 -11.14 9.30 -5.09
N HIS B 37 -10.14 8.40 -5.08
CA HIS B 37 -9.53 8.02 -3.85
C HIS B 37 -8.42 8.95 -3.54
N ALA B 38 -8.20 9.90 -4.41
CA ALA B 38 -7.15 10.86 -4.20
C ALA B 38 -7.57 11.98 -3.26
N ALA B 39 -8.75 11.87 -2.71
CA ALA B 39 -9.08 12.63 -1.53
C ALA B 39 -8.54 11.89 -0.33
N TYR B 40 -8.34 10.60 -0.54
CA TYR B 40 -7.99 9.72 0.52
C TYR B 40 -7.06 8.59 0.09
N ALA B 41 -6.04 8.88 -0.72
CA ALA B 41 -5.09 7.87 -1.14
C ALA B 41 -3.85 8.54 -1.63
N TRP B 42 -3.92 9.82 -1.70
CA TRP B 42 -2.89 10.62 -2.33
C TRP B 42 -1.62 10.75 -1.47
N PRO B 43 -1.68 10.61 -0.10
CA PRO B 43 -0.48 10.55 0.72
C PRO B 43 0.09 9.15 0.62
N PHE B 44 -0.69 8.35 -0.10
CA PHE B 44 -0.39 6.98 -0.39
C PHE B 44 0.06 6.88 -1.83
N TYR B 45 -0.53 7.64 -2.75
CA TYR B 45 -0.07 7.60 -4.14
C TYR B 45 1.44 7.70 -4.22
N LYS B 46 2.04 8.28 -3.20
CA LYS B 46 3.45 8.57 -3.20
C LYS B 46 4.02 8.39 -1.80
N PRO B 47 5.34 8.18 -1.72
CA PRO B 47 6.06 7.86 -0.46
C PRO B 47 6.05 8.97 0.56
N VAL B 48 6.38 8.57 1.77
CA VAL B 48 6.58 9.44 2.91
C VAL B 48 7.90 10.20 2.73
N ASP B 49 7.81 11.49 2.82
CA ASP B 49 8.96 12.35 2.73
C ASP B 49 9.23 12.87 4.11
N VAL B 50 10.10 12.17 4.75
CA VAL B 50 10.27 12.25 6.17
C VAL B 50 10.97 13.53 6.57
N GLU B 51 11.67 14.08 5.61
CA GLU B 51 12.35 15.35 5.77
C GLU B 51 11.39 16.47 5.39
N ALA B 52 10.29 16.05 4.79
CA ALA B 52 9.28 16.96 4.29
C ALA B 52 8.17 17.17 5.29
N LEU B 53 7.48 16.07 5.61
CA LEU B 53 6.38 16.07 6.55
C LEU B 53 6.90 16.40 7.95
N GLY B 54 8.23 16.34 8.08
CA GLY B 54 8.89 16.75 9.29
C GLY B 54 9.09 15.61 10.26
N LEU B 55 9.05 14.39 9.75
CA LEU B 55 9.13 13.19 10.55
C LEU B 55 10.34 13.18 11.47
N HIS B 56 11.49 12.79 10.94
CA HIS B 56 12.77 12.76 11.68
C HIS B 56 12.79 11.59 12.64
N ASP B 57 11.61 11.08 12.91
CA ASP B 57 11.42 9.88 13.71
C ASP B 57 11.14 8.70 12.82
N TYR B 58 10.68 9.01 11.63
CA TYR B 58 10.34 8.06 10.57
C TYR B 58 11.04 6.72 10.66
N CYS B 59 12.33 6.74 10.63
CA CYS B 59 13.09 5.49 10.62
C CYS B 59 12.87 4.65 11.90
N ASP B 60 12.13 5.21 12.87
CA ASP B 60 11.78 4.48 14.09
C ASP B 60 10.49 3.77 13.84
N ILE B 61 9.75 4.37 12.95
CA ILE B 61 8.41 3.98 12.67
C ILE B 61 8.36 3.21 11.40
N ILE B 62 8.65 3.94 10.36
CA ILE B 62 8.42 3.54 9.03
C ILE B 62 9.60 2.75 8.51
N LYS B 63 9.49 1.45 8.67
CA LYS B 63 10.51 0.51 8.25
C LYS B 63 10.36 0.31 6.79
N HIS B 64 9.10 0.20 6.48
CA HIS B 64 8.65 -0.14 5.18
C HIS B 64 7.53 0.79 4.79
N PRO B 65 7.90 1.99 4.46
CA PRO B 65 6.98 2.96 3.95
C PRO B 65 6.42 2.48 2.66
N MET B 66 5.17 2.28 2.71
CA MET B 66 4.45 1.81 1.57
C MET B 66 3.48 2.84 1.12
N ASP B 67 3.36 2.96 -0.17
CA ASP B 67 2.52 3.93 -0.76
C ASP B 67 1.90 3.25 -1.94
N MET B 68 0.72 3.69 -2.32
CA MET B 68 0.02 3.12 -3.42
C MET B 68 0.97 2.91 -4.56
N SER B 69 1.58 3.99 -5.03
CA SER B 69 2.51 3.94 -6.17
C SER B 69 3.53 2.86 -6.00
N THR B 70 3.97 2.60 -4.79
CA THR B 70 4.99 1.60 -4.61
C THR B 70 4.37 0.23 -4.73
N ILE B 71 3.19 0.00 -4.16
CA ILE B 71 2.62 -1.31 -4.29
C ILE B 71 1.93 -1.40 -5.62
N LYS B 72 1.81 -0.25 -6.25
CA LYS B 72 1.24 -0.12 -7.54
C LYS B 72 2.28 -0.48 -8.54
N SER B 73 3.47 0.01 -8.25
CA SER B 73 4.60 -0.13 -9.11
C SER B 73 5.23 -1.48 -8.95
N LYS B 74 5.38 -1.92 -7.74
CA LYS B 74 5.87 -3.24 -7.46
C LYS B 74 4.95 -4.27 -8.03
N LEU B 75 3.67 -3.99 -7.87
CA LEU B 75 2.67 -4.70 -8.54
C LEU B 75 3.02 -4.89 -10.00
N GLU B 76 3.13 -3.77 -10.67
CA GLU B 76 3.43 -3.74 -12.08
C GLU B 76 4.86 -4.21 -12.39
N ALA B 77 5.75 -3.98 -11.44
CA ALA B 77 7.13 -4.43 -11.51
C ALA B 77 7.17 -5.91 -11.41
N ARG B 78 6.07 -6.41 -10.88
CA ARG B 78 5.86 -7.82 -10.74
C ARG B 78 6.74 -8.34 -9.63
N GLU B 79 7.03 -7.46 -8.66
CA GLU B 79 7.64 -7.85 -7.41
C GLU B 79 6.60 -8.65 -6.66
N TYR B 80 5.36 -8.26 -6.94
CA TYR B 80 4.21 -8.86 -6.34
C TYR B 80 4.15 -10.31 -6.61
N ARG B 81 4.42 -10.99 -5.52
CA ARG B 81 4.44 -12.42 -5.48
C ARG B 81 3.08 -12.87 -5.89
N ASP B 82 2.15 -11.97 -5.64
CA ASP B 82 0.78 -12.05 -6.06
C ASP B 82 0.01 -10.94 -5.36
N ALA B 83 -1.28 -10.92 -5.55
CA ALA B 83 -2.17 -9.98 -4.88
C ALA B 83 -1.91 -9.86 -3.42
N GLN B 84 -1.54 -10.92 -2.81
CA GLN B 84 -1.41 -10.92 -1.41
C GLN B 84 -0.09 -10.26 -1.06
N GLU B 85 0.66 -9.95 -2.11
CA GLU B 85 1.77 -9.03 -1.99
C GLU B 85 1.25 -7.63 -2.26
N PHE B 86 0.28 -7.55 -3.20
CA PHE B 86 -0.43 -6.33 -3.46
C PHE B 86 -1.05 -5.77 -2.20
N GLY B 87 -2.05 -6.49 -1.72
CA GLY B 87 -2.78 -6.09 -0.53
C GLY B 87 -1.95 -6.15 0.70
N ALA B 88 -0.73 -6.59 0.55
CA ALA B 88 0.18 -6.57 1.63
C ALA B 88 0.74 -5.20 1.82
N ASP B 89 1.09 -4.58 0.73
CA ASP B 89 1.72 -3.29 0.78
C ASP B 89 0.69 -2.17 0.62
N VAL B 90 -0.51 -2.49 0.08
CA VAL B 90 -1.62 -1.53 0.16
C VAL B 90 -1.96 -1.38 1.60
N ARG B 91 -2.02 -2.50 2.26
CA ARG B 91 -2.36 -2.50 3.66
C ARG B 91 -1.14 -2.17 4.50
N LEU B 92 0.06 -2.19 3.90
CA LEU B 92 1.22 -1.70 4.57
C LEU B 92 1.23 -0.20 4.40
N MET B 93 0.79 0.28 3.24
CA MET B 93 0.44 1.70 3.10
C MET B 93 -0.43 2.07 4.26
N PHE B 94 -1.49 1.29 4.40
CA PHE B 94 -2.46 1.56 5.40
C PHE B 94 -1.84 1.33 6.78
N SER B 95 -0.84 0.47 6.83
CA SER B 95 -0.13 0.17 8.06
C SER B 95 0.75 1.33 8.48
N ASN B 96 1.66 1.75 7.58
CA ASN B 96 2.67 2.75 7.94
C ASN B 96 2.03 4.06 8.29
N CYS B 97 0.84 4.29 7.76
CA CYS B 97 0.09 5.47 8.13
C CYS B 97 -0.47 5.30 9.54
N TYR B 98 -0.96 4.11 9.85
CA TYR B 98 -1.51 3.82 11.18
C TYR B 98 -0.42 3.77 12.27
N LYS B 99 0.77 3.27 11.93
CA LYS B 99 1.87 3.17 12.92
C LYS B 99 2.34 4.55 13.34
N TYR B 100 2.70 5.34 12.35
CA TYR B 100 3.26 6.64 12.58
C TYR B 100 2.23 7.58 13.19
N ASN B 101 1.08 7.62 12.55
CA ASN B 101 0.08 8.63 12.85
C ASN B 101 -1.05 8.01 13.66
N PRO B 102 -1.81 8.84 14.39
CA PRO B 102 -3.00 8.37 15.11
C PRO B 102 -4.07 8.00 14.10
N PRO B 103 -4.93 7.03 14.41
CA PRO B 103 -5.94 6.53 13.45
C PRO B 103 -7.06 7.55 13.18
N ASP B 104 -6.90 8.76 13.68
CA ASP B 104 -7.84 9.84 13.45
C ASP B 104 -7.20 10.81 12.46
N HIS B 105 -5.97 10.47 12.10
CA HIS B 105 -5.16 11.26 11.19
C HIS B 105 -5.75 11.28 9.78
N GLU B 106 -5.20 12.14 8.95
CA GLU B 106 -5.62 12.27 7.57
C GLU B 106 -5.01 11.19 6.67
N VAL B 107 -3.71 10.96 6.73
CA VAL B 107 -3.15 9.80 6.04
C VAL B 107 -3.84 8.53 6.45
N VAL B 108 -3.98 8.30 7.74
CA VAL B 108 -4.61 7.06 8.17
C VAL B 108 -6.05 7.02 7.68
N ALA B 109 -6.59 8.21 7.47
CA ALA B 109 -7.94 8.39 6.99
C ALA B 109 -8.07 7.72 5.66
N MET B 110 -7.10 8.03 4.80
CA MET B 110 -7.01 7.41 3.48
C MET B 110 -7.13 5.95 3.65
N ALA B 111 -6.18 5.44 4.39
CA ALA B 111 -6.06 4.04 4.65
C ALA B 111 -7.37 3.39 5.06
N ARG B 112 -8.19 4.12 5.79
CA ARG B 112 -9.46 3.60 6.28
C ARG B 112 -10.49 3.46 5.15
N LYS B 113 -10.57 4.44 4.26
CA LYS B 113 -11.56 4.38 3.19
C LYS B 113 -10.93 3.85 1.89
N LEU B 114 -9.61 3.97 1.76
CA LEU B 114 -8.86 3.17 0.81
C LEU B 114 -9.05 1.73 1.15
N GLN B 115 -9.35 1.47 2.40
CA GLN B 115 -9.65 0.13 2.84
C GLN B 115 -11.04 -0.24 2.35
N ASP B 116 -11.94 0.73 2.42
CA ASP B 116 -13.25 0.60 1.82
C ASP B 116 -13.10 0.14 0.37
N VAL B 117 -12.44 0.97 -0.43
CA VAL B 117 -12.16 0.64 -1.81
C VAL B 117 -11.24 -0.58 -1.94
N PHE B 118 -9.99 -0.47 -1.48
CA PHE B 118 -8.97 -1.49 -1.74
C PHE B 118 -9.45 -2.86 -1.30
N GLU B 119 -9.98 -2.95 -0.11
CA GLU B 119 -10.27 -4.25 0.46
C GLU B 119 -11.44 -4.91 -0.26
N MET B 120 -12.43 -4.12 -0.69
CA MET B 120 -13.51 -4.69 -1.49
C MET B 120 -12.99 -5.00 -2.89
N ARG B 121 -12.06 -4.16 -3.37
CA ARG B 121 -11.34 -4.42 -4.60
C ARG B 121 -10.70 -5.80 -4.53
N PHE B 122 -9.89 -5.93 -3.49
CA PHE B 122 -9.11 -7.12 -3.22
C PHE B 122 -9.98 -8.36 -3.22
N ALA B 123 -11.22 -8.16 -2.84
CA ALA B 123 -12.16 -9.24 -2.74
C ALA B 123 -12.79 -9.55 -4.10
N LYS B 124 -12.73 -8.59 -5.01
CA LYS B 124 -13.21 -8.80 -6.38
C LYS B 124 -12.12 -9.42 -7.24
N MET B 125 -11.06 -9.91 -6.59
CA MET B 125 -9.95 -10.51 -7.32
C MET B 125 -10.28 -11.97 -7.67
N PRO B 126 -9.42 -12.64 -8.46
CA PRO B 126 -9.62 -14.03 -8.80
C PRO B 126 -9.28 -14.93 -7.61
N ASP B 127 -9.22 -16.23 -7.83
CA ASP B 127 -9.31 -17.16 -6.70
C ASP B 127 -8.28 -18.25 -6.65
N GLU B 128 -8.26 -19.03 -7.72
CA GLU B 128 -7.67 -20.39 -7.77
C GLU B 128 -8.73 -21.42 -7.40
N ARG A 1 11.33 15.54 22.64
CA ARG A 1 12.28 14.94 21.68
C ARG A 1 12.08 13.43 21.60
N THR A 2 10.83 13.03 21.44
CA THR A 2 10.49 11.62 21.27
C THR A 2 9.44 11.46 20.18
N TYR A 3 9.92 11.32 18.94
CA TYR A 3 9.04 11.26 17.77
C TYR A 3 8.35 12.61 17.58
N GLU A 4 7.10 12.70 18.02
CA GLU A 4 6.34 13.95 17.96
C GLU A 4 6.30 14.49 16.54
N THR A 5 6.03 13.61 15.60
CA THR A 5 5.93 13.99 14.19
C THR A 5 4.89 13.11 13.50
N PHE A 6 4.34 13.63 12.41
CA PHE A 6 3.45 12.87 11.56
C PHE A 6 3.76 13.21 10.11
OH ALY A 7 1.03 8.02 6.09
CH ALY A 7 1.69 8.10 5.05
CH3 ALY A 7 0.97 8.20 3.72
NZ ALY A 7 3.00 8.10 5.08
CE ALY A 7 3.77 8.01 6.33
CD ALY A 7 3.46 9.16 7.28
CG ALY A 7 3.99 10.47 6.74
CB ALY A 7 2.97 11.60 6.83
CA ALY A 7 3.39 12.75 7.76
N ALY A 7 3.23 12.43 9.17
C ALY A 7 2.56 14.00 7.44
O ALY A 7 1.36 13.88 7.19
HH31 ALY A 7 0.19 7.47 3.68
HH32 ALY A 7 0.56 9.19 3.62
HH33 ALY A 7 1.68 8.01 2.93
HZ ALY A 7 3.50 8.17 4.24
HE3 ALY A 7 3.52 7.08 6.83
HE2 ALY A 7 4.83 8.02 6.09
HD3 ALY A 7 2.38 9.24 7.38
HD2 ALY A 7 3.90 8.96 8.23
HG3 ALY A 7 4.87 10.75 7.30
HG2 ALY A 7 4.25 10.33 5.70
HB3 ALY A 7 2.85 12.01 5.83
HB2 ALY A 7 2.01 11.20 7.17
HA ALY A 7 4.44 12.97 7.59
H ALY A 7 2.73 11.63 9.43
N SER A 8 3.19 15.17 7.51
CA SER A 8 2.51 16.45 7.34
C SER A 8 1.70 16.52 6.03
N ILE A 9 0.41 16.78 6.17
CA ILE A 9 -0.50 16.79 5.04
C ILE A 9 -0.80 18.22 4.60
N MET A 10 -0.02 18.67 3.61
CA MET A 10 -0.15 20.01 3.07
C MET A 10 0.76 20.18 1.86
N LYS A 11 1.94 19.56 1.93
CA LYS A 11 2.92 19.65 0.85
C LYS A 11 2.42 19.00 -0.42
N LYS A 12 1.77 17.85 -0.28
CA LYS A 12 1.19 17.16 -1.42
C LYS A 12 -0.28 17.51 -1.58
N SER A 13 -0.59 18.80 -1.51
CA SER A 13 -1.96 19.31 -1.61
C SER A 13 -2.78 18.89 -0.40
N LYS B 1 14.20 -32.72 14.37
CA LYS B 1 14.14 -31.37 13.78
C LYS B 1 13.23 -31.37 12.57
N ASP B 2 12.74 -30.20 12.19
CA ASP B 2 11.88 -30.07 11.03
C ASP B 2 12.72 -30.00 9.77
N VAL B 3 12.58 -31.03 8.92
CA VAL B 3 13.29 -31.11 7.66
C VAL B 3 13.13 -29.82 6.84
N PRO B 4 14.23 -29.37 6.21
CA PRO B 4 14.24 -28.17 5.36
C PRO B 4 13.27 -28.27 4.19
N ASP B 5 12.03 -27.86 4.42
CA ASP B 5 11.01 -27.84 3.38
C ASP B 5 10.39 -26.46 3.28
N SER B 6 10.92 -25.65 2.40
CA SER B 6 10.43 -24.29 2.22
C SER B 6 9.40 -24.24 1.11
N GLN B 7 8.17 -23.88 1.46
CA GLN B 7 7.13 -23.70 0.47
C GLN B 7 6.62 -22.27 0.53
N GLN B 8 7.16 -21.42 -0.32
CA GLN B 8 6.81 -20.01 -0.30
C GLN B 8 6.39 -19.51 -1.68
N HIS B 9 5.92 -20.42 -2.52
CA HIS B 9 5.38 -20.01 -3.81
C HIS B 9 3.87 -19.93 -3.72
N PRO B 10 3.33 -18.81 -4.15
CA PRO B 10 1.92 -18.56 -4.21
C PRO B 10 1.35 -19.01 -5.55
N ALA B 11 2.22 -19.53 -6.38
CA ALA B 11 1.90 -19.91 -7.74
C ALA B 11 2.57 -21.20 -8.11
N PRO B 12 2.11 -21.74 -9.24
CA PRO B 12 2.74 -22.87 -9.89
C PRO B 12 4.06 -22.49 -10.55
N GLU B 13 4.99 -22.02 -9.70
CA GLU B 13 6.28 -21.46 -10.14
C GLU B 13 6.14 -20.52 -11.33
N LYS B 14 5.00 -19.82 -11.38
CA LYS B 14 4.76 -18.81 -12.41
C LYS B 14 3.71 -17.85 -11.97
N SER B 15 2.51 -17.94 -12.54
CA SER B 15 1.56 -16.88 -12.31
C SER B 15 0.16 -17.20 -12.84
N SER B 16 -0.32 -18.42 -12.59
CA SER B 16 -1.69 -18.78 -12.95
C SER B 16 -2.67 -17.80 -12.32
N LYS B 17 -2.44 -17.46 -11.04
CA LYS B 17 -3.18 -16.37 -10.44
C LYS B 17 -2.38 -15.11 -10.43
N VAL B 18 -1.25 -15.16 -9.74
CA VAL B 18 -0.44 -13.99 -9.38
C VAL B 18 -0.51 -12.87 -10.38
N SER B 19 0.19 -13.00 -11.48
CA SER B 19 0.35 -11.91 -12.40
C SER B 19 -1.00 -11.39 -12.90
N GLU B 20 -1.98 -12.28 -12.86
CA GLU B 20 -3.36 -11.94 -13.22
C GLU B 20 -4.03 -11.27 -12.01
N GLN B 21 -3.66 -11.73 -10.81
CA GLN B 21 -4.03 -11.13 -9.55
C GLN B 21 -3.49 -9.73 -9.47
N LEU B 22 -2.21 -9.59 -9.78
CA LEU B 22 -1.49 -8.33 -9.76
C LEU B 22 -2.09 -7.39 -10.75
N LYS B 23 -2.33 -7.94 -11.90
CA LYS B 23 -3.06 -7.25 -12.94
C LYS B 23 -4.38 -6.74 -12.38
N CYS B 24 -5.00 -7.57 -11.57
CA CYS B 24 -6.21 -7.22 -10.85
C CYS B 24 -5.87 -6.14 -9.83
N CYS B 25 -4.82 -6.41 -9.07
CA CYS B 25 -4.32 -5.56 -8.05
C CYS B 25 -4.13 -4.17 -8.58
N SER B 26 -3.36 -4.07 -9.64
CA SER B 26 -3.13 -2.79 -10.30
C SER B 26 -4.44 -2.10 -10.62
N GLY B 27 -5.40 -2.79 -11.22
CA GLY B 27 -6.65 -2.11 -11.58
C GLY B 27 -7.40 -1.70 -10.34
N ILE B 28 -6.97 -2.27 -9.25
CA ILE B 28 -7.56 -2.13 -7.96
C ILE B 28 -6.90 -1.00 -7.18
N LEU B 29 -5.59 -0.96 -7.26
CA LEU B 29 -4.79 0.10 -6.69
C LEU B 29 -4.81 1.30 -7.57
N LYS B 30 -4.76 1.07 -8.86
CA LYS B 30 -4.77 2.13 -9.78
C LYS B 30 -6.15 2.72 -9.79
N GLU B 31 -7.11 1.93 -9.30
CA GLU B 31 -8.38 2.47 -8.97
C GLU B 31 -8.20 3.36 -7.79
N MET B 32 -7.44 2.93 -6.78
CA MET B 32 -7.24 3.73 -5.62
C MET B 32 -6.54 4.98 -6.05
N PHE B 33 -5.76 4.81 -7.10
CA PHE B 33 -5.02 5.87 -7.70
C PHE B 33 -5.92 6.80 -8.53
N ALA B 34 -7.18 6.43 -8.66
CA ALA B 34 -8.17 7.24 -9.36
C ALA B 34 -8.44 8.49 -8.58
N LYS B 35 -8.67 9.58 -9.30
CA LYS B 35 -8.82 10.90 -8.68
C LYS B 35 -10.02 10.96 -7.74
N LYS B 36 -10.65 9.82 -7.51
CA LYS B 36 -11.74 9.72 -6.57
C LYS B 36 -11.18 9.37 -5.21
N HIS B 37 -10.23 8.44 -5.19
CA HIS B 37 -9.63 8.03 -3.96
C HIS B 37 -8.51 8.96 -3.64
N ALA B 38 -8.27 9.90 -4.52
CA ALA B 38 -7.21 10.86 -4.32
C ALA B 38 -7.59 11.98 -3.38
N ALA B 39 -8.77 11.89 -2.81
CA ALA B 39 -9.06 12.67 -1.63
C ALA B 39 -8.53 11.92 -0.43
N TYR B 40 -8.37 10.63 -0.63
CA TYR B 40 -8.08 9.72 0.44
C TYR B 40 -7.13 8.61 0.04
N ALA B 41 -6.14 8.89 -0.80
CA ALA B 41 -5.17 7.89 -1.22
C ALA B 41 -3.93 8.54 -1.71
N TRP B 42 -3.98 9.82 -1.81
CA TRP B 42 -2.97 10.58 -2.49
C TRP B 42 -1.66 10.74 -1.67
N PRO B 43 -1.69 10.64 -0.29
CA PRO B 43 -0.46 10.59 0.51
C PRO B 43 0.14 9.21 0.40
N PHE B 44 -0.67 8.37 -0.25
CA PHE B 44 -0.36 7.00 -0.51
C PHE B 44 0.04 6.87 -1.98
N TYR B 45 -0.63 7.61 -2.89
CA TYR B 45 -0.24 7.62 -4.31
C TYR B 45 1.25 7.77 -4.49
N LYS B 46 1.90 8.33 -3.50
CA LYS B 46 3.29 8.65 -3.57
C LYS B 46 3.93 8.42 -2.21
N PRO B 47 5.24 8.22 -2.20
CA PRO B 47 5.98 7.79 -1.00
C PRO B 47 6.02 8.79 0.13
N VAL B 48 6.29 8.26 1.29
CA VAL B 48 6.59 9.03 2.47
C VAL B 48 7.95 9.69 2.27
N ASP B 49 7.93 10.99 2.27
CA ASP B 49 9.13 11.77 2.10
C ASP B 49 9.46 12.32 3.44
N VAL B 50 10.32 11.60 4.07
CA VAL B 50 10.54 11.72 5.49
C VAL B 50 11.31 12.98 5.82
N GLU B 51 12.02 13.44 4.84
CA GLU B 51 12.75 14.69 4.91
C GLU B 51 11.83 15.84 4.54
N ALA B 52 10.68 15.44 4.02
CA ALA B 52 9.69 16.38 3.53
C ALA B 52 8.62 16.67 4.56
N LEU B 53 7.92 15.63 4.95
CA LEU B 53 6.82 15.73 5.90
C LEU B 53 7.35 16.12 7.26
N GLY B 54 8.66 16.00 7.41
CA GLY B 54 9.33 16.38 8.63
C GLY B 54 9.46 15.24 9.61
N LEU B 55 9.47 14.02 9.08
CA LEU B 55 9.53 12.82 9.88
C LEU B 55 10.76 12.78 10.77
N HIS B 56 11.90 12.38 10.21
CA HIS B 56 13.20 12.34 10.89
C HIS B 56 13.27 11.14 11.83
N ASP B 57 12.11 10.75 12.31
CA ASP B 57 11.94 9.55 13.12
C ASP B 57 11.56 8.38 12.25
N TYR B 58 11.06 8.68 11.07
CA TYR B 58 10.62 7.71 10.07
C TYR B 58 11.27 6.35 10.13
N CYS B 59 12.56 6.31 10.05
CA CYS B 59 13.29 5.04 10.05
C CYS B 59 13.07 4.24 11.35
N ASP B 60 12.40 4.85 12.31
CA ASP B 60 12.07 4.21 13.57
C ASP B 60 10.74 3.57 13.44
N ILE B 61 9.93 4.23 12.65
CA ILE B 61 8.57 3.85 12.44
C ILE B 61 8.49 2.97 11.23
N ILE B 62 8.77 3.62 10.15
CA ILE B 62 8.55 3.13 8.83
C ILE B 62 9.72 2.28 8.39
N LYS B 63 9.53 0.97 8.44
CA LYS B 63 10.58 0.02 8.13
C LYS B 63 10.53 -0.20 6.66
N HIS B 64 9.31 -0.43 6.26
CA HIS B 64 8.98 -0.77 4.91
C HIS B 64 7.80 0.05 4.46
N PRO B 65 8.08 1.31 4.24
CA PRO B 65 7.11 2.26 3.80
C PRO B 65 6.49 1.83 2.52
N MET B 66 5.23 1.67 2.60
CA MET B 66 4.45 1.30 1.47
C MET B 66 3.46 2.38 1.19
N ASP B 67 3.30 2.68 -0.06
CA ASP B 67 2.45 3.76 -0.50
C ASP B 67 1.79 3.21 -1.73
N MET B 68 0.61 3.70 -2.07
CA MET B 68 -0.10 3.24 -3.26
C MET B 68 0.86 3.01 -4.38
N SER B 69 1.45 4.10 -4.87
CA SER B 69 2.43 4.07 -5.98
C SER B 69 3.42 2.95 -5.84
N THR B 70 3.84 2.69 -4.64
CA THR B 70 4.88 1.70 -4.46
C THR B 70 4.29 0.33 -4.59
N ILE B 71 3.13 0.11 -4.03
CA ILE B 71 2.54 -1.20 -4.13
C ILE B 71 1.84 -1.30 -5.45
N LYS B 72 1.74 -0.15 -6.09
CA LYS B 72 1.16 -0.03 -7.37
C LYS B 72 2.20 -0.36 -8.38
N SER B 73 3.37 0.13 -8.10
CA SER B 73 4.50 0.03 -8.97
C SER B 73 5.19 -1.28 -8.83
N LYS B 74 5.36 -1.74 -7.62
CA LYS B 74 5.87 -3.05 -7.36
C LYS B 74 4.97 -4.09 -7.93
N LEU B 75 3.69 -3.85 -7.75
CA LEU B 75 2.70 -4.55 -8.44
C LEU B 75 3.04 -4.71 -9.90
N GLU B 76 3.12 -3.57 -10.57
CA GLU B 76 3.40 -3.54 -11.99
C GLU B 76 4.84 -3.97 -12.31
N ALA B 77 5.73 -3.73 -11.37
CA ALA B 77 7.11 -4.17 -11.43
C ALA B 77 7.15 -5.66 -11.37
N ARG B 78 6.06 -6.18 -10.84
CA ARG B 78 5.88 -7.59 -10.72
C ARG B 78 6.80 -8.11 -9.63
N GLU B 79 7.09 -7.23 -8.67
CA GLU B 79 7.77 -7.63 -7.46
C GLU B 79 6.80 -8.49 -6.71
N TYR B 80 5.52 -8.12 -6.90
CA TYR B 80 4.40 -8.79 -6.28
C TYR B 80 4.39 -10.23 -6.55
N ARG B 81 4.66 -10.93 -5.46
CA ARG B 81 4.67 -12.36 -5.46
C ARG B 81 3.32 -12.82 -5.87
N ASP B 82 2.38 -11.91 -5.62
CA ASP B 82 1.03 -12.02 -6.07
C ASP B 82 0.20 -10.92 -5.40
N ALA B 83 -1.07 -10.95 -5.63
CA ALA B 83 -2.02 -10.07 -5.00
C ALA B 83 -1.84 -9.97 -3.51
N GLN B 84 -1.45 -11.05 -2.91
CA GLN B 84 -1.28 -11.05 -1.50
C GLN B 84 -0.01 -10.34 -1.15
N GLU B 85 0.75 -9.96 -2.18
CA GLU B 85 1.83 -9.01 -1.98
C GLU B 85 1.27 -7.62 -2.27
N PHE B 86 0.31 -7.56 -3.19
CA PHE B 86 -0.43 -6.37 -3.46
C PHE B 86 -1.10 -5.85 -2.21
N GLY B 87 -2.11 -6.59 -1.79
CA GLY B 87 -2.93 -6.20 -0.67
C GLY B 87 -2.20 -6.27 0.62
N ALA B 88 -1.00 -6.80 0.57
CA ALA B 88 -0.19 -6.80 1.73
C ALA B 88 0.47 -5.47 1.89
N ASP B 89 0.85 -4.90 0.76
CA ASP B 89 1.61 -3.69 0.75
C ASP B 89 0.68 -2.50 0.61
N VAL B 90 -0.55 -2.72 0.12
CA VAL B 90 -1.62 -1.70 0.23
C VAL B 90 -1.95 -1.52 1.69
N ARG B 91 -2.03 -2.63 2.38
CA ARG B 91 -2.34 -2.57 3.78
C ARG B 91 -1.10 -2.23 4.61
N LEU B 92 0.10 -2.53 4.07
CA LEU B 92 1.34 -2.10 4.68
C LEU B 92 1.44 -0.60 4.42
N MET B 93 0.99 -0.23 3.25
CA MET B 93 0.78 1.15 2.86
C MET B 93 -0.15 1.82 3.88
N PHE B 94 -1.28 1.18 4.12
CA PHE B 94 -2.22 1.65 5.15
C PHE B 94 -1.57 1.52 6.53
N SER B 95 -0.61 0.63 6.65
CA SER B 95 0.08 0.41 7.91
C SER B 95 0.99 1.58 8.21
N ASN B 96 1.89 1.92 7.28
CA ASN B 96 2.89 2.95 7.52
C ASN B 96 2.22 4.27 7.91
N CYS B 97 1.01 4.48 7.43
CA CYS B 97 0.27 5.66 7.87
C CYS B 97 -0.21 5.49 9.32
N TYR B 98 -0.73 4.31 9.66
CA TYR B 98 -1.19 4.05 11.03
C TYR B 98 -0.04 4.05 12.04
N LYS B 99 1.05 3.35 11.72
CA LYS B 99 2.20 3.24 12.63
C LYS B 99 2.75 4.60 12.98
N TYR B 100 2.91 5.43 11.98
CA TYR B 100 3.55 6.71 12.16
C TYR B 100 2.59 7.71 12.81
N ASN B 101 1.38 7.77 12.28
CA ASN B 101 0.45 8.82 12.62
C ASN B 101 -0.65 8.29 13.55
N PRO B 102 -1.37 9.18 14.24
CA PRO B 102 -2.54 8.79 15.02
C PRO B 102 -3.66 8.39 14.06
N PRO B 103 -4.55 7.50 14.48
CA PRO B 103 -5.58 6.96 13.58
C PRO B 103 -6.69 7.98 13.27
N ASP B 104 -6.49 9.21 13.72
CA ASP B 104 -7.41 10.29 13.44
C ASP B 104 -6.84 11.15 12.34
N HIS B 105 -5.61 10.78 11.97
CA HIS B 105 -4.82 11.53 11.01
C HIS B 105 -5.44 11.53 9.62
N GLU B 106 -5.03 12.46 8.78
CA GLU B 106 -5.51 12.52 7.42
C GLU B 106 -4.94 11.40 6.54
N VAL B 107 -3.61 11.19 6.57
CA VAL B 107 -3.07 10.01 5.89
C VAL B 107 -3.77 8.76 6.33
N VAL B 108 -3.85 8.50 7.61
CA VAL B 108 -4.45 7.26 8.06
C VAL B 108 -5.91 7.21 7.61
N ALA B 109 -6.44 8.39 7.38
CA ALA B 109 -7.82 8.57 6.99
C ALA B 109 -8.03 7.99 5.61
N MET B 110 -7.04 8.18 4.77
CA MET B 110 -6.98 7.54 3.47
C MET B 110 -7.11 6.08 3.69
N ALA B 111 -6.15 5.58 4.41
CA ALA B 111 -6.01 4.16 4.63
C ALA B 111 -7.31 3.45 4.98
N ARG B 112 -8.03 3.91 5.99
CA ARG B 112 -9.28 3.27 6.41
C ARG B 112 -10.34 3.41 5.32
N LYS B 113 -10.19 4.44 4.53
CA LYS B 113 -11.14 4.82 3.52
C LYS B 113 -10.81 4.15 2.18
N LEU B 114 -9.52 4.16 1.81
CA LEU B 114 -8.96 3.29 0.80
C LEU B 114 -9.22 1.85 1.15
N GLN B 115 -9.48 1.61 2.40
CA GLN B 115 -9.75 0.27 2.86
C GLN B 115 -11.15 -0.14 2.43
N ASP B 116 -12.07 0.81 2.44
CA ASP B 116 -13.37 0.58 1.83
C ASP B 116 -13.19 0.11 0.39
N VAL B 117 -12.51 0.94 -0.40
CA VAL B 117 -12.24 0.61 -1.79
C VAL B 117 -11.30 -0.60 -1.93
N PHE B 118 -10.05 -0.46 -1.48
CA PHE B 118 -9.03 -1.49 -1.67
C PHE B 118 -9.52 -2.85 -1.21
N GLU B 119 -10.03 -2.92 0.00
CA GLU B 119 -10.38 -4.21 0.57
C GLU B 119 -11.50 -4.87 -0.24
N MET B 120 -12.48 -4.09 -0.71
CA MET B 120 -13.52 -4.66 -1.54
C MET B 120 -12.95 -5.00 -2.92
N ARG B 121 -12.00 -4.19 -3.37
CA ARG B 121 -11.25 -4.47 -4.57
C ARG B 121 -10.62 -5.84 -4.47
N PHE B 122 -9.84 -5.98 -3.40
CA PHE B 122 -9.07 -7.16 -3.11
C PHE B 122 -9.96 -8.37 -3.00
N ALA B 123 -11.21 -8.10 -2.70
CA ALA B 123 -12.19 -9.15 -2.57
C ALA B 123 -12.81 -9.48 -3.92
N LYS B 124 -12.86 -8.48 -4.80
CA LYS B 124 -13.26 -8.70 -6.18
C LYS B 124 -12.21 -9.52 -6.91
N MET B 125 -10.98 -9.49 -6.38
CA MET B 125 -9.91 -10.27 -6.98
C MET B 125 -10.27 -11.75 -6.96
N PRO B 126 -9.75 -12.50 -7.94
CA PRO B 126 -10.10 -13.89 -8.12
C PRO B 126 -9.43 -14.80 -7.09
N ASP B 127 -9.59 -16.09 -7.27
CA ASP B 127 -9.01 -17.05 -6.35
C ASP B 127 -7.84 -17.75 -6.95
N GLU B 128 -8.17 -18.69 -7.84
CA GLU B 128 -7.26 -19.68 -8.37
C GLU B 128 -8.00 -20.57 -9.37
N ARG A 1 7.13 11.67 26.04
CA ARG A 1 8.08 11.45 24.92
C ARG A 1 7.35 10.81 23.73
N THR A 2 6.28 11.44 23.29
CA THR A 2 5.54 10.95 22.15
C THR A 2 5.99 11.66 20.88
N TYR A 3 6.70 10.93 20.03
CA TYR A 3 7.21 11.49 18.79
C TYR A 3 6.11 11.55 17.73
N GLU A 4 5.16 12.44 17.94
CA GLU A 4 4.03 12.59 17.06
C GLU A 4 4.26 13.72 16.05
N THR A 5 5.29 13.57 15.23
CA THR A 5 5.47 14.47 14.10
C THR A 5 4.32 14.29 13.12
N PHE A 6 3.98 13.01 12.91
CA PHE A 6 3.03 12.55 11.89
C PHE A 6 3.38 13.10 10.49
OH ALY A 7 0.88 7.73 6.31
CH ALY A 7 1.48 8.02 5.27
CH3 ALY A 7 0.70 8.11 3.96
NZ ALY A 7 2.77 8.26 5.28
CE ALY A 7 3.58 8.20 6.49
CD ALY A 7 3.25 9.34 7.45
CG ALY A 7 3.74 10.65 6.91
CB ALY A 7 2.73 11.79 7.07
CA ALY A 7 3.14 12.84 8.10
N ALY A 7 2.95 12.37 9.46
C ALY A 7 2.33 14.12 7.90
O ALY A 7 1.12 14.07 7.68
HH31 ALY A 7 -0.17 7.47 4.02
HH32 ALY A 7 0.38 9.12 3.80
HH33 ALY A 7 1.34 7.78 3.15
HZ ALY A 7 3.22 8.49 4.43
HE3 ALY A 7 3.39 7.26 7.00
HE2 ALY A 7 4.62 8.26 6.23
HD3 ALY A 7 2.17 9.39 7.57
HD2 ALY A 7 3.71 9.15 8.40
HG3 ALY A 7 4.65 10.93 7.43
HG2 ALY A 7 3.96 10.54 5.85
HB3 ALY A 7 2.65 12.28 6.10
HB2 ALY A 7 1.76 11.36 7.33
HA ALY A 7 4.20 13.05 7.98
H ALY A 7 2.47 11.54 9.63
N SER A 8 3.01 15.26 8.03
CA SER A 8 2.37 16.56 8.01
C SER A 8 1.56 16.80 6.73
N ILE A 9 0.24 16.75 6.87
CA ILE A 9 -0.67 17.04 5.79
C ILE A 9 -1.46 18.30 6.09
N MET A 10 -1.63 18.56 7.39
CA MET A 10 -2.33 19.75 7.85
C MET A 10 -1.48 20.98 7.61
N LYS A 11 -0.17 20.79 7.67
CA LYS A 11 0.78 21.85 7.38
C LYS A 11 1.76 21.39 6.32
N LYS A 12 2.31 22.33 5.55
CA LYS A 12 3.29 22.03 4.51
C LYS A 12 2.64 21.19 3.41
N SER A 13 3.48 20.64 2.53
CA SER A 13 3.01 19.78 1.47
C SER A 13 3.91 18.56 1.33
N LYS B 1 26.83 -22.38 -9.79
CA LYS B 1 25.86 -21.34 -10.21
C LYS B 1 24.43 -21.79 -9.92
N ASP B 2 23.85 -21.23 -8.86
CA ASP B 2 22.48 -21.54 -8.46
C ASP B 2 21.96 -20.47 -7.52
N VAL B 3 20.64 -20.34 -7.47
CA VAL B 3 20.01 -19.39 -6.56
C VAL B 3 19.08 -20.11 -5.59
N PRO B 4 18.97 -19.61 -4.36
CA PRO B 4 18.11 -20.20 -3.34
C PRO B 4 16.65 -19.77 -3.52
N ASP B 5 16.17 -19.86 -4.75
CA ASP B 5 14.84 -19.41 -5.09
C ASP B 5 13.88 -20.59 -5.12
N SER B 6 13.50 -21.07 -3.95
CA SER B 6 12.60 -22.20 -3.82
C SER B 6 11.71 -22.03 -2.60
N GLN B 7 10.50 -22.58 -2.66
CA GLN B 7 9.52 -22.44 -1.59
C GLN B 7 9.27 -20.96 -1.31
N GLN B 8 9.11 -20.18 -2.37
CA GLN B 8 8.97 -18.74 -2.25
C GLN B 8 7.80 -18.24 -3.10
N HIS B 9 7.34 -19.08 -4.02
CA HIS B 9 6.30 -18.67 -4.95
C HIS B 9 4.98 -19.33 -4.62
N PRO B 10 3.92 -18.56 -4.76
CA PRO B 10 2.56 -19.02 -4.63
C PRO B 10 2.01 -19.49 -5.98
N ALA B 11 2.93 -19.71 -6.89
CA ALA B 11 2.60 -20.00 -8.27
C ALA B 11 3.68 -20.84 -8.91
N PRO B 12 3.33 -21.38 -10.07
CA PRO B 12 4.26 -22.10 -10.95
C PRO B 12 5.35 -21.19 -11.50
N GLU B 13 6.30 -20.84 -10.62
CA GLU B 13 7.43 -19.94 -10.93
C GLU B 13 7.00 -18.68 -11.69
N LYS B 14 5.75 -18.27 -11.54
CA LYS B 14 5.24 -17.13 -12.28
C LYS B 14 3.85 -16.74 -11.79
N SER B 15 2.82 -17.32 -12.39
CA SER B 15 1.47 -16.94 -12.07
C SER B 15 0.46 -17.97 -12.52
N SER B 16 -0.16 -18.60 -11.56
CA SER B 16 -1.36 -19.36 -11.82
C SER B 16 -2.55 -18.43 -11.64
N LYS B 17 -2.54 -17.74 -10.49
CA LYS B 17 -3.52 -16.71 -10.20
C LYS B 17 -2.84 -15.35 -10.10
N VAL B 18 -1.61 -15.36 -9.60
CA VAL B 18 -0.88 -14.15 -9.23
C VAL B 18 -1.01 -13.02 -10.20
N SER B 19 -0.35 -13.12 -11.33
CA SER B 19 -0.22 -12.00 -12.24
C SER B 19 -1.61 -11.57 -12.71
N GLU B 20 -2.53 -12.52 -12.73
CA GLU B 20 -3.93 -12.26 -13.00
C GLU B 20 -4.50 -11.39 -11.88
N GLN B 21 -4.13 -11.76 -10.65
CA GLN B 21 -4.46 -11.01 -9.47
C GLN B 21 -3.79 -9.67 -9.44
N LEU B 22 -2.53 -9.62 -9.77
CA LEU B 22 -1.74 -8.40 -9.78
C LEU B 22 -2.31 -7.43 -10.77
N LYS B 23 -2.53 -7.96 -11.92
CA LYS B 23 -3.25 -7.26 -12.96
C LYS B 23 -4.58 -6.73 -12.42
N CYS B 24 -5.19 -7.52 -11.55
CA CYS B 24 -6.39 -7.12 -10.84
C CYS B 24 -6.01 -6.04 -9.83
N CYS B 25 -4.94 -6.32 -9.09
CA CYS B 25 -4.43 -5.49 -8.05
C CYS B 25 -4.18 -4.12 -8.58
N SER B 26 -3.42 -4.04 -9.64
CA SER B 26 -3.12 -2.77 -10.27
C SER B 26 -4.38 -2.04 -10.69
N GLY B 27 -5.38 -2.73 -11.22
CA GLY B 27 -6.62 -2.06 -11.57
C GLY B 27 -7.38 -1.67 -10.34
N ILE B 28 -6.92 -2.21 -9.25
CA ILE B 28 -7.53 -2.07 -7.95
C ILE B 28 -6.83 -0.97 -7.17
N LEU B 29 -5.53 -0.90 -7.34
CA LEU B 29 -4.70 0.14 -6.79
C LEU B 29 -4.72 1.35 -7.66
N LYS B 30 -4.73 1.12 -8.94
CA LYS B 30 -4.78 2.21 -9.86
C LYS B 30 -6.19 2.75 -9.81
N GLU B 31 -7.08 1.92 -9.26
CA GLU B 31 -8.37 2.37 -8.80
C GLU B 31 -8.12 3.26 -7.63
N MET B 32 -7.32 2.83 -6.65
CA MET B 32 -7.07 3.61 -5.49
C MET B 32 -6.44 4.89 -5.94
N PHE B 33 -5.68 4.76 -7.01
CA PHE B 33 -4.98 5.84 -7.62
C PHE B 33 -5.90 6.75 -8.41
N ALA B 34 -7.18 6.37 -8.49
CA ALA B 34 -8.18 7.15 -9.17
C ALA B 34 -8.42 8.44 -8.44
N LYS B 35 -8.69 9.50 -9.19
CA LYS B 35 -8.86 10.84 -8.65
C LYS B 35 -10.05 10.93 -7.70
N LYS B 36 -10.63 9.79 -7.37
CA LYS B 36 -11.71 9.72 -6.41
C LYS B 36 -11.13 9.37 -5.06
N HIS B 37 -10.19 8.42 -5.04
CA HIS B 37 -9.56 8.03 -3.82
C HIS B 37 -8.43 8.96 -3.54
N ALA B 38 -8.22 9.89 -4.42
CA ALA B 38 -7.17 10.86 -4.23
C ALA B 38 -7.57 11.98 -3.30
N ALA B 39 -8.75 11.88 -2.73
CA ALA B 39 -9.05 12.64 -1.54
C ALA B 39 -8.49 11.88 -0.35
N TYR B 40 -8.34 10.59 -0.57
CA TYR B 40 -7.99 9.68 0.49
C TYR B 40 -7.06 8.56 0.05
N ALA B 41 -6.05 8.87 -0.75
CA ALA B 41 -5.08 7.87 -1.18
C ALA B 41 -3.86 8.55 -1.68
N TRP B 42 -3.95 9.83 -1.78
CA TRP B 42 -2.92 10.63 -2.40
C TRP B 42 -1.66 10.77 -1.50
N PRO B 43 -1.76 10.64 -0.14
CA PRO B 43 -0.58 10.56 0.71
C PRO B 43 0.03 9.19 0.58
N PHE B 44 -0.75 8.36 -0.12
CA PHE B 44 -0.42 7.00 -0.40
C PHE B 44 0.06 6.90 -1.84
N TYR B 45 -0.52 7.65 -2.78
CA TYR B 45 -0.08 7.60 -4.18
C TYR B 45 1.43 7.66 -4.28
N LYS B 46 2.05 8.27 -3.29
CA LYS B 46 3.47 8.52 -3.30
C LYS B 46 4.06 8.34 -1.90
N PRO B 47 5.37 8.11 -1.84
CA PRO B 47 6.10 7.76 -0.59
C PRO B 47 6.07 8.87 0.47
N VAL B 48 6.43 8.45 1.65
CA VAL B 48 6.64 9.32 2.80
C VAL B 48 7.95 10.05 2.62
N ASP B 49 7.87 11.36 2.68
CA ASP B 49 9.03 12.21 2.56
C ASP B 49 9.33 12.74 3.92
N VAL B 50 10.21 12.05 4.56
CA VAL B 50 10.41 12.15 5.98
C VAL B 50 11.15 13.42 6.34
N GLU B 51 11.83 13.94 5.35
CA GLU B 51 12.52 15.21 5.46
C GLU B 51 11.57 16.32 5.09
N ALA B 52 10.45 15.91 4.53
CA ALA B 52 9.43 16.83 4.05
C ALA B 52 8.36 17.07 5.09
N LEU B 53 7.64 16.00 5.40
CA LEU B 53 6.57 16.02 6.38
C LEU B 53 7.14 16.39 7.74
N GLY B 54 8.47 16.26 7.85
CA GLY B 54 9.18 16.65 9.04
C GLY B 54 9.35 15.52 10.03
N LEU B 55 9.26 14.30 9.52
CA LEU B 55 9.35 13.09 10.32
C LEU B 55 10.59 13.05 11.18
N HIS B 56 11.69 12.58 10.61
CA HIS B 56 13.00 12.48 11.27
C HIS B 56 12.99 11.29 12.24
N ASP B 57 11.82 11.04 12.80
CA ASP B 57 11.55 9.85 13.59
C ASP B 57 11.28 8.67 12.67
N TYR B 58 10.81 8.97 11.47
CA TYR B 58 10.46 7.99 10.42
C TYR B 58 11.14 6.66 10.52
N CYS B 59 12.42 6.64 10.45
CA CYS B 59 13.17 5.38 10.43
C CYS B 59 12.93 4.55 11.71
N ASP B 60 12.24 5.13 12.69
CA ASP B 60 11.88 4.45 13.92
C ASP B 60 10.54 3.84 13.76
N ILE B 61 9.81 4.43 12.85
CA ILE B 61 8.46 4.03 12.58
C ILE B 61 8.41 3.25 11.30
N ILE B 62 8.66 3.97 10.26
CA ILE B 62 8.45 3.56 8.92
C ILE B 62 9.66 2.79 8.41
N LYS B 63 9.59 1.48 8.54
CA LYS B 63 10.67 0.61 8.19
C LYS B 63 10.58 0.29 6.75
N HIS B 64 9.35 0.18 6.35
CA HIS B 64 8.99 -0.20 5.02
C HIS B 64 7.80 0.59 4.57
N PRO B 65 8.03 1.87 4.35
CA PRO B 65 7.04 2.79 3.89
C PRO B 65 6.47 2.32 2.60
N MET B 66 5.21 2.10 2.66
CA MET B 66 4.49 1.63 1.52
C MET B 66 3.51 2.69 1.10
N ASP B 67 3.37 2.85 -0.18
CA ASP B 67 2.52 3.83 -0.72
C ASP B 67 1.92 3.22 -1.94
N MET B 68 0.79 3.73 -2.34
CA MET B 68 0.06 3.19 -3.46
C MET B 68 1.01 2.94 -4.60
N SER B 69 1.59 4.01 -5.12
CA SER B 69 2.54 3.94 -6.24
C SER B 69 3.58 2.88 -6.04
N THR B 70 3.97 2.61 -4.83
CA THR B 70 5.00 1.60 -4.64
C THR B 70 4.39 0.23 -4.75
N ILE B 71 3.21 0.01 -4.19
CA ILE B 71 2.62 -1.31 -4.30
C ILE B 71 1.92 -1.39 -5.63
N LYS B 72 1.82 -0.25 -6.26
CA LYS B 72 1.24 -0.11 -7.54
C LYS B 72 2.27 -0.47 -8.55
N SER B 73 3.45 0.01 -8.28
CA SER B 73 4.58 -0.16 -9.15
C SER B 73 5.19 -1.50 -8.98
N LYS B 74 5.39 -1.94 -7.75
CA LYS B 74 5.88 -3.26 -7.48
C LYS B 74 4.94 -4.29 -8.03
N LEU B 75 3.68 -4.01 -7.87
CA LEU B 75 2.66 -4.73 -8.52
C LEU B 75 3.00 -4.94 -9.98
N GLU B 76 3.10 -3.82 -10.68
CA GLU B 76 3.38 -3.82 -12.10
C GLU B 76 4.81 -4.27 -12.41
N ALA B 77 5.70 -4.04 -11.46
CA ALA B 77 7.08 -4.50 -11.52
C ALA B 77 7.11 -5.98 -11.38
N ARG B 78 6.01 -6.48 -10.86
CA ARG B 78 5.80 -7.88 -10.70
C ARG B 78 6.66 -8.40 -9.56
N GLU B 79 6.99 -7.50 -8.63
CA GLU B 79 7.62 -7.87 -7.38
C GLU B 79 6.57 -8.58 -6.57
N TYR B 80 5.33 -8.25 -6.90
CA TYR B 80 4.18 -8.84 -6.29
C TYR B 80 4.11 -10.29 -6.57
N ARG B 81 4.42 -10.98 -5.50
CA ARG B 81 4.42 -12.41 -5.48
C ARG B 81 3.05 -12.87 -5.81
N ASP B 82 2.13 -11.95 -5.54
CA ASP B 82 0.76 -12.02 -5.95
C ASP B 82 0.01 -10.89 -5.31
N ALA B 83 -1.29 -10.92 -5.46
CA ALA B 83 -2.17 -9.97 -4.85
C ALA B 83 -1.97 -9.88 -3.36
N GLN B 84 -1.54 -10.94 -2.76
CA GLN B 84 -1.37 -10.93 -1.35
C GLN B 84 -0.06 -10.23 -1.03
N GLU B 85 0.66 -9.90 -2.09
CA GLU B 85 1.78 -8.98 -1.99
C GLU B 85 1.25 -7.60 -2.29
N PHE B 86 0.26 -7.54 -3.18
CA PHE B 86 -0.45 -6.33 -3.45
C PHE B 86 -1.08 -5.78 -2.19
N GLY B 87 -2.08 -6.49 -1.72
CA GLY B 87 -2.80 -6.11 -0.54
C GLY B 87 -1.97 -6.15 0.69
N ALA B 88 -0.74 -6.58 0.53
CA ALA B 88 0.17 -6.56 1.62
C ALA B 88 0.67 -5.16 1.82
N ASP B 89 1.09 -4.54 0.74
CA ASP B 89 1.72 -3.25 0.82
C ASP B 89 0.69 -2.14 0.63
N VAL B 90 -0.52 -2.46 0.13
CA VAL B 90 -1.63 -1.50 0.19
C VAL B 90 -1.96 -1.31 1.63
N ARG B 91 -1.99 -2.42 2.32
CA ARG B 91 -2.32 -2.38 3.73
C ARG B 91 -1.09 -1.96 4.54
N LEU B 92 0.12 -2.13 3.99
CA LEU B 92 1.31 -1.64 4.63
C LEU B 92 1.38 -0.15 4.40
N MET B 93 0.90 0.29 3.24
CA MET B 93 0.56 1.68 3.04
C MET B 93 -0.24 2.12 4.21
N PHE B 94 -1.37 1.44 4.37
CA PHE B 94 -2.33 1.79 5.38
C PHE B 94 -1.69 1.66 6.77
N SER B 95 -0.70 0.77 6.85
CA SER B 95 0.00 0.51 8.10
C SER B 95 0.94 1.65 8.45
N ASN B 96 1.86 2.01 7.54
CA ASN B 96 2.83 3.09 7.80
C ASN B 96 2.10 4.34 8.24
N CYS B 97 0.86 4.40 7.83
CA CYS B 97 -0.03 5.46 8.24
C CYS B 97 -0.38 5.32 9.72
N TYR B 98 -0.98 4.19 10.07
CA TYR B 98 -1.41 3.96 11.45
C TYR B 98 -0.23 3.93 12.43
N LYS B 99 0.93 3.40 12.02
CA LYS B 99 2.10 3.32 12.91
C LYS B 99 2.59 4.69 13.32
N TYR B 100 2.84 5.52 12.32
CA TYR B 100 3.43 6.81 12.54
C TYR B 100 2.40 7.76 13.13
N ASN B 101 1.24 7.77 12.51
CA ASN B 101 0.24 8.78 12.77
C ASN B 101 -0.84 8.21 13.66
N PRO B 102 -1.57 9.06 14.39
CA PRO B 102 -2.73 8.62 15.14
C PRO B 102 -3.83 8.24 14.16
N PRO B 103 -4.69 7.28 14.52
CA PRO B 103 -5.72 6.78 13.61
C PRO B 103 -6.83 7.82 13.34
N ASP B 104 -6.61 9.03 13.83
CA ASP B 104 -7.55 10.12 13.62
C ASP B 104 -6.95 11.07 12.59
N HIS B 105 -5.76 10.70 12.14
CA HIS B 105 -4.98 11.45 11.17
C HIS B 105 -5.61 11.41 9.78
N GLU B 106 -5.18 12.32 8.91
CA GLU B 106 -5.64 12.34 7.52
C GLU B 106 -5.06 11.19 6.69
N VAL B 107 -3.73 11.00 6.69
CA VAL B 107 -3.17 9.82 6.01
C VAL B 107 -3.87 8.56 6.46
N VAL B 108 -3.97 8.33 7.75
CA VAL B 108 -4.59 7.11 8.21
C VAL B 108 -6.05 7.07 7.77
N ALA B 109 -6.58 8.25 7.56
CA ALA B 109 -7.96 8.45 7.19
C ALA B 109 -8.19 7.92 5.80
N MET B 110 -7.19 8.13 4.96
CA MET B 110 -7.19 7.55 3.63
C MET B 110 -7.23 6.08 3.78
N ALA B 111 -6.23 5.61 4.47
CA ALA B 111 -6.02 4.19 4.69
C ALA B 111 -7.30 3.42 4.99
N ARG B 112 -8.07 3.86 5.99
CA ARG B 112 -9.32 3.17 6.33
C ARG B 112 -10.35 3.30 5.21
N LYS B 113 -10.25 4.39 4.47
CA LYS B 113 -11.16 4.72 3.41
C LYS B 113 -10.78 4.00 2.11
N LEU B 114 -9.50 4.08 1.77
CA LEU B 114 -8.88 3.21 0.80
C LEU B 114 -9.11 1.78 1.15
N GLN B 115 -9.38 1.50 2.39
CA GLN B 115 -9.64 0.15 2.82
C GLN B 115 -11.03 -0.25 2.39
N ASP B 116 -11.95 0.71 2.39
CA ASP B 116 -13.27 0.47 1.83
C ASP B 116 -13.14 0.05 0.38
N VAL B 117 -12.42 0.86 -0.39
CA VAL B 117 -12.17 0.55 -1.80
C VAL B 117 -11.22 -0.62 -1.97
N PHE B 118 -9.98 -0.48 -1.51
CA PHE B 118 -8.97 -1.50 -1.70
C PHE B 118 -9.47 -2.87 -1.29
N GLU B 119 -9.95 -2.98 -0.06
CA GLU B 119 -10.33 -4.27 0.46
C GLU B 119 -11.52 -4.84 -0.33
N MET B 120 -12.43 -3.93 -0.74
CA MET B 120 -13.54 -4.30 -1.62
C MET B 120 -12.99 -4.83 -2.94
N ARG B 121 -12.14 -4.03 -3.55
CA ARG B 121 -11.40 -4.38 -4.74
C ARG B 121 -10.78 -5.76 -4.59
N PHE B 122 -9.94 -5.84 -3.59
CA PHE B 122 -9.08 -6.98 -3.31
C PHE B 122 -9.88 -8.26 -3.16
N ALA B 123 -11.06 -8.12 -2.60
CA ALA B 123 -11.89 -9.27 -2.30
C ALA B 123 -12.54 -9.80 -3.56
N LYS B 124 -12.67 -8.93 -4.56
CA LYS B 124 -13.25 -9.30 -5.83
C LYS B 124 -12.17 -9.76 -6.81
N MET B 125 -10.95 -9.94 -6.30
CA MET B 125 -9.86 -10.46 -7.13
C MET B 125 -10.13 -11.93 -7.45
N PRO B 126 -9.32 -12.56 -8.31
CA PRO B 126 -9.37 -13.99 -8.51
C PRO B 126 -9.16 -14.74 -7.20
N ASP B 127 -9.39 -16.03 -7.21
CA ASP B 127 -9.40 -16.82 -5.98
C ASP B 127 -8.59 -18.06 -6.07
N GLU B 128 -8.77 -18.71 -7.20
CA GLU B 128 -8.38 -20.08 -7.46
C GLU B 128 -9.49 -21.05 -7.04
N ARG A 1 10.53 8.83 25.03
CA ARG A 1 10.65 9.59 23.76
C ARG A 1 9.28 9.75 23.10
N THR A 2 8.81 10.99 23.03
CA THR A 2 7.59 11.29 22.31
C THR A 2 7.94 11.95 20.98
N TYR A 3 7.33 11.47 19.90
CA TYR A 3 7.65 11.95 18.57
C TYR A 3 6.41 11.93 17.69
N GLU A 4 5.40 12.70 18.09
CA GLU A 4 4.13 12.74 17.37
C GLU A 4 4.20 13.75 16.22
N THR A 5 5.23 13.67 15.40
CA THR A 5 5.37 14.53 14.23
C THR A 5 4.22 14.30 13.26
N PHE A 6 3.96 13.01 13.00
CA PHE A 6 3.01 12.54 11.97
C PHE A 6 3.30 13.14 10.57
OH ALY A 7 0.98 8.16 6.21
CH ALY A 7 1.60 8.36 5.16
CH3 ALY A 7 0.84 8.56 3.87
NZ ALY A 7 2.91 8.41 5.15
CE ALY A 7 3.72 8.22 6.36
CD ALY A 7 3.41 9.28 7.42
CG ALY A 7 3.90 10.65 7.01
CB ALY A 7 2.84 11.73 7.14
CA ALY A 7 3.17 12.82 8.16
N ALY A 7 2.98 12.36 9.53
C ALY A 7 2.28 14.03 7.91
O ALY A 7 1.06 13.90 7.75
HH31 ALY A 7 -0.06 7.95 3.88
HH32 ALY A 7 0.56 9.59 3.77
HH33 ALY A 7 1.46 8.26 3.04
HZ ALY A 7 3.37 8.56 4.30
HE3 ALY A 7 3.52 7.25 6.78
HE2 ALY A 7 4.77 8.29 6.10
HD3 ALY A 7 2.33 9.33 7.55
HD2 ALY A 7 3.88 9.00 8.35
HG3 ALY A 7 4.75 10.92 7.62
HG2 ALY A 7 4.21 10.60 5.98
HB3 ALY A 7 2.74 12.20 6.18
HB2 ALY A 7 1.87 11.25 7.41
HA ALY A 7 4.22 13.10 8.05
H ALY A 7 2.60 11.48 9.70
N SER A 8 2.88 15.22 7.93
CA SER A 8 2.14 16.47 7.78
C SER A 8 1.32 16.52 6.50
N ILE A 9 0.06 16.91 6.65
CA ILE A 9 -0.85 17.09 5.52
C ILE A 9 -1.47 18.48 5.59
N MET A 10 -0.78 19.45 4.98
CA MET A 10 -1.20 20.86 5.01
C MET A 10 -1.30 21.35 6.45
N LYS A 11 -0.16 21.69 7.04
CA LYS A 11 -0.13 22.19 8.40
C LYS A 11 -0.70 23.60 8.46
N LYS A 12 -1.47 23.89 9.50
CA LYS A 12 -2.10 25.19 9.65
C LYS A 12 -2.50 25.45 11.10
N SER A 13 -2.20 26.64 11.58
CA SER A 13 -2.58 27.06 12.91
C SER A 13 -3.40 28.34 12.84
N LYS B 1 10.21 -22.84 7.37
CA LYS B 1 9.30 -24.02 7.30
C LYS B 1 9.45 -24.73 5.96
N ASP B 2 9.34 -23.97 4.88
CA ASP B 2 9.47 -24.51 3.53
C ASP B 2 10.93 -24.82 3.24
N VAL B 3 11.17 -25.82 2.42
CA VAL B 3 12.53 -26.19 2.05
C VAL B 3 12.87 -25.66 0.66
N PRO B 4 14.12 -25.21 0.48
CA PRO B 4 14.59 -24.66 -0.78
C PRO B 4 14.91 -25.74 -1.82
N ASP B 5 14.92 -25.33 -3.09
CA ASP B 5 15.27 -26.22 -4.21
C ASP B 5 14.26 -27.35 -4.39
N SER B 6 13.12 -27.22 -3.75
CA SER B 6 12.08 -28.23 -3.86
C SER B 6 11.21 -27.96 -5.07
N GLN B 7 10.58 -29.01 -5.61
CA GLN B 7 9.73 -28.86 -6.78
C GLN B 7 8.31 -28.46 -6.36
N GLN B 8 8.19 -27.99 -5.13
CA GLN B 8 6.91 -27.52 -4.62
C GLN B 8 6.60 -26.15 -5.22
N HIS B 9 5.36 -25.97 -5.64
CA HIS B 9 4.94 -24.72 -6.24
C HIS B 9 4.01 -23.99 -5.32
N PRO B 10 4.29 -22.72 -5.13
CA PRO B 10 3.46 -21.83 -4.34
C PRO B 10 2.39 -21.19 -5.20
N ALA B 11 2.37 -21.57 -6.47
CA ALA B 11 1.50 -20.96 -7.44
C ALA B 11 0.96 -21.95 -8.44
N PRO B 12 -0.11 -21.51 -9.10
CA PRO B 12 -0.71 -22.19 -10.25
C PRO B 12 0.16 -22.07 -11.49
N GLU B 13 0.96 -23.11 -11.76
CA GLU B 13 1.94 -23.11 -12.85
C GLU B 13 2.68 -21.78 -12.91
N LYS B 14 2.93 -21.25 -11.72
CA LYS B 14 3.40 -19.89 -11.55
C LYS B 14 2.49 -18.88 -12.19
N SER B 15 1.63 -18.32 -11.36
CA SER B 15 1.06 -17.03 -11.66
C SER B 15 0.01 -17.07 -12.77
N SER B 16 -0.60 -18.23 -12.99
CA SER B 16 -1.76 -18.32 -13.86
C SER B 16 -2.97 -17.69 -13.16
N LYS B 17 -2.81 -17.48 -11.85
CA LYS B 17 -3.78 -16.80 -11.01
C LYS B 17 -3.20 -15.49 -10.51
N VAL B 18 -1.95 -15.54 -10.06
CA VAL B 18 -1.26 -14.39 -9.45
C VAL B 18 -1.28 -13.16 -10.32
N SER B 19 -0.61 -13.26 -11.44
CA SER B 19 -0.42 -12.11 -12.30
C SER B 19 -1.78 -11.58 -12.76
N GLU B 20 -2.78 -12.46 -12.71
CA GLU B 20 -4.17 -12.10 -12.96
C GLU B 20 -4.67 -11.29 -11.78
N GLN B 21 -4.32 -11.72 -10.57
CA GLN B 21 -4.63 -10.97 -9.37
C GLN B 21 -3.96 -9.63 -9.41
N LEU B 22 -2.68 -9.64 -9.73
CA LEU B 22 -1.85 -8.44 -9.79
C LEU B 22 -2.42 -7.47 -10.76
N LYS B 23 -2.68 -7.99 -11.92
CA LYS B 23 -3.38 -7.25 -12.95
C LYS B 23 -4.69 -6.68 -12.40
N CYS B 24 -5.31 -7.46 -11.54
CA CYS B 24 -6.50 -7.01 -10.82
C CYS B 24 -6.07 -5.95 -9.82
N CYS B 25 -5.00 -6.27 -9.08
CA CYS B 25 -4.46 -5.45 -8.06
C CYS B 25 -4.19 -4.07 -8.59
N SER B 26 -3.43 -4.01 -9.66
CA SER B 26 -3.12 -2.73 -10.28
C SER B 26 -4.37 -1.99 -10.70
N GLY B 27 -5.38 -2.67 -11.24
CA GLY B 27 -6.62 -1.99 -11.59
C GLY B 27 -7.38 -1.59 -10.35
N ILE B 28 -6.91 -2.14 -9.25
CA ILE B 28 -7.51 -1.99 -7.95
C ILE B 28 -6.81 -0.90 -7.18
N LEU B 29 -5.51 -0.84 -7.34
CA LEU B 29 -4.69 0.20 -6.78
C LEU B 29 -4.66 1.39 -7.67
N LYS B 30 -4.67 1.16 -8.95
CA LYS B 30 -4.73 2.24 -9.87
C LYS B 30 -6.14 2.79 -9.81
N GLU B 31 -7.03 1.93 -9.30
CA GLU B 31 -8.33 2.37 -8.85
C GLU B 31 -8.11 3.27 -7.68
N MET B 32 -7.31 2.86 -6.70
CA MET B 32 -7.07 3.65 -5.53
C MET B 32 -6.45 4.94 -5.99
N PHE B 33 -5.66 4.79 -7.04
CA PHE B 33 -4.95 5.86 -7.65
C PHE B 33 -5.87 6.74 -8.48
N ALA B 34 -7.14 6.38 -8.53
CA ALA B 34 -8.16 7.17 -9.21
C ALA B 34 -8.41 8.44 -8.46
N LYS B 35 -8.73 9.50 -9.20
CA LYS B 35 -8.93 10.83 -8.64
C LYS B 35 -10.14 10.85 -7.70
N LYS B 36 -10.70 9.69 -7.44
CA LYS B 36 -11.80 9.55 -6.51
C LYS B 36 -11.24 9.22 -5.14
N HIS B 37 -10.23 8.34 -5.11
CA HIS B 37 -9.62 7.97 -3.87
C HIS B 37 -8.52 8.93 -3.57
N ALA B 38 -8.30 9.85 -4.46
CA ALA B 38 -7.26 10.82 -4.25
C ALA B 38 -7.67 11.93 -3.30
N ALA B 39 -8.86 11.83 -2.74
CA ALA B 39 -9.17 12.58 -1.55
C ALA B 39 -8.60 11.85 -0.37
N TYR B 40 -8.41 10.56 -0.57
CA TYR B 40 -8.04 9.66 0.48
C TYR B 40 -7.09 8.57 0.03
N ALA B 41 -6.11 8.88 -0.78
CA ALA B 41 -5.13 7.90 -1.22
C ALA B 41 -3.93 8.59 -1.72
N TRP B 42 -4.02 9.87 -1.78
CA TRP B 42 -3.01 10.69 -2.41
C TRP B 42 -1.75 10.86 -1.52
N PRO B 43 -1.84 10.74 -0.16
CA PRO B 43 -0.65 10.69 0.69
C PRO B 43 -0.02 9.32 0.55
N PHE B 44 -0.81 8.47 -0.11
CA PHE B 44 -0.50 7.10 -0.38
C PHE B 44 -0.02 6.96 -1.80
N TYR B 45 -0.59 7.71 -2.75
CA TYR B 45 -0.10 7.65 -4.14
C TYR B 45 1.40 7.71 -4.20
N LYS B 46 2.00 8.32 -3.20
CA LYS B 46 3.42 8.57 -3.21
C LYS B 46 4.01 8.35 -1.82
N PRO B 47 5.34 8.12 -1.76
CA PRO B 47 6.08 7.77 -0.52
C PRO B 47 6.07 8.86 0.53
N VAL B 48 6.46 8.44 1.72
CA VAL B 48 6.66 9.32 2.86
C VAL B 48 7.99 10.05 2.67
N ASP B 49 7.89 11.36 2.67
CA ASP B 49 9.04 12.23 2.52
C ASP B 49 9.34 12.78 3.86
N VAL B 50 10.25 12.13 4.50
CA VAL B 50 10.45 12.24 5.91
C VAL B 50 11.15 13.52 6.28
N GLU B 51 11.84 14.06 5.30
CA GLU B 51 12.50 15.34 5.43
C GLU B 51 11.53 16.44 5.03
N ALA B 52 10.42 15.99 4.47
CA ALA B 52 9.37 16.88 3.98
C ALA B 52 8.30 17.10 5.02
N LEU B 53 7.62 16.03 5.35
CA LEU B 53 6.52 16.05 6.32
C LEU B 53 7.04 16.44 7.70
N GLY B 54 8.37 16.36 7.84
CA GLY B 54 9.04 16.77 9.05
C GLY B 54 9.23 15.65 10.04
N LEU B 55 9.27 14.43 9.51
CA LEU B 55 9.38 13.23 10.32
C LEU B 55 10.62 13.24 11.21
N HIS B 56 11.77 12.88 10.64
CA HIS B 56 13.07 12.88 11.35
C HIS B 56 13.15 11.71 12.32
N ASP B 57 11.99 11.17 12.64
CA ASP B 57 11.86 9.98 13.47
C ASP B 57 11.53 8.80 12.61
N TYR B 58 11.04 9.09 11.42
CA TYR B 58 10.66 8.12 10.39
C TYR B 58 11.36 6.79 10.47
N CYS B 59 12.65 6.80 10.41
CA CYS B 59 13.43 5.57 10.37
C CYS B 59 13.27 4.76 11.67
N ASP B 60 12.53 5.31 12.64
CA ASP B 60 12.21 4.61 13.87
C ASP B 60 10.92 3.90 13.69
N ILE B 61 10.11 4.53 12.88
CA ILE B 61 8.77 4.11 12.66
C ILE B 61 8.71 3.27 11.42
N ILE B 62 8.98 3.96 10.35
CA ILE B 62 8.74 3.51 9.03
C ILE B 62 9.92 2.69 8.52
N LYS B 63 9.78 1.39 8.66
CA LYS B 63 10.80 0.44 8.24
C LYS B 63 10.62 0.26 6.78
N HIS B 64 9.36 0.11 6.48
CA HIS B 64 8.89 -0.24 5.18
C HIS B 64 7.76 0.68 4.79
N PRO B 65 8.13 1.88 4.45
CA PRO B 65 7.22 2.84 3.94
C PRO B 65 6.66 2.35 2.66
N MET B 66 5.41 2.18 2.70
CA MET B 66 4.69 1.75 1.56
C MET B 66 3.74 2.82 1.16
N ASP B 67 3.39 2.86 -0.09
CA ASP B 67 2.45 3.80 -0.59
C ASP B 67 1.79 3.15 -1.76
N MET B 68 0.69 3.71 -2.18
CA MET B 68 -0.03 3.18 -3.32
C MET B 68 0.94 2.92 -4.44
N SER B 69 1.52 3.99 -4.97
CA SER B 69 2.45 3.91 -6.10
C SER B 69 3.50 2.83 -5.93
N THR B 70 3.93 2.58 -4.71
CA THR B 70 4.95 1.56 -4.55
C THR B 70 4.34 0.20 -4.67
N ILE B 71 3.16 -0.02 -4.11
CA ILE B 71 2.57 -1.33 -4.23
C ILE B 71 1.88 -1.41 -5.55
N LYS B 72 1.80 -0.26 -6.17
CA LYS B 72 1.23 -0.11 -7.46
C LYS B 72 2.27 -0.48 -8.47
N SER B 73 3.45 0.01 -8.19
CA SER B 73 4.59 -0.14 -9.05
C SER B 73 5.21 -1.50 -8.90
N LYS B 74 5.36 -1.95 -7.67
CA LYS B 74 5.85 -3.28 -7.42
C LYS B 74 4.94 -4.30 -8.00
N LEU B 75 3.65 -4.03 -7.85
CA LEU B 75 2.66 -4.74 -8.53
C LEU B 75 3.01 -4.92 -9.98
N GLU B 76 3.12 -3.79 -10.64
CA GLU B 76 3.42 -3.75 -12.06
C GLU B 76 4.86 -4.22 -12.35
N ALA B 77 5.74 -3.99 -11.40
CA ALA B 77 7.12 -4.46 -11.44
C ALA B 77 7.14 -5.94 -11.32
N ARG B 78 6.03 -6.44 -10.85
CA ARG B 78 5.82 -7.86 -10.73
C ARG B 78 6.66 -8.40 -9.58
N GLU B 79 6.98 -7.51 -8.63
CA GLU B 79 7.59 -7.92 -7.39
C GLU B 79 6.54 -8.66 -6.63
N TYR B 80 5.30 -8.29 -6.95
CA TYR B 80 4.14 -8.90 -6.37
C TYR B 80 4.06 -10.33 -6.71
N ARG B 81 4.36 -11.09 -5.67
CA ARG B 81 4.37 -12.51 -5.74
C ARG B 81 3.00 -12.95 -6.11
N ASP B 82 2.09 -12.06 -5.76
CA ASP B 82 0.70 -12.14 -6.06
C ASP B 82 -0.01 -11.01 -5.35
N ALA B 83 -1.31 -10.96 -5.49
CA ALA B 83 -2.14 -9.96 -4.86
C ALA B 83 -1.93 -9.86 -3.38
N GLN B 84 -1.54 -10.93 -2.76
CA GLN B 84 -1.35 -10.91 -1.35
C GLN B 84 -0.03 -10.24 -1.05
N GLU B 85 0.69 -9.93 -2.12
CA GLU B 85 1.82 -9.03 -2.02
C GLU B 85 1.30 -7.62 -2.31
N PHE B 86 0.31 -7.55 -3.21
CA PHE B 86 -0.40 -6.34 -3.49
C PHE B 86 -1.02 -5.78 -2.22
N GLY B 87 -2.03 -6.48 -1.75
CA GLY B 87 -2.74 -6.08 -0.55
C GLY B 87 -1.90 -6.18 0.68
N ALA B 88 -0.68 -6.60 0.51
CA ALA B 88 0.22 -6.61 1.59
C ALA B 88 0.77 -5.24 1.80
N ASP B 89 1.16 -4.62 0.72
CA ASP B 89 1.80 -3.33 0.78
C ASP B 89 0.77 -2.22 0.65
N VAL B 90 -0.42 -2.51 0.10
CA VAL B 90 -1.53 -1.55 0.20
C VAL B 90 -1.85 -1.41 1.66
N ARG B 91 -1.94 -2.53 2.31
CA ARG B 91 -2.27 -2.52 3.69
C ARG B 91 -1.07 -2.15 4.56
N LEU B 92 0.15 -2.30 4.03
CA LEU B 92 1.33 -1.86 4.74
C LEU B 92 1.41 -0.38 4.53
N MET B 93 1.07 0.06 3.34
CA MET B 93 1.03 1.46 3.09
C MET B 93 -0.07 2.09 3.94
N PHE B 94 -1.15 1.33 4.16
CA PHE B 94 -2.14 1.76 5.15
C PHE B 94 -1.52 1.70 6.55
N SER B 95 -0.74 0.66 6.78
CA SER B 95 -0.17 0.39 8.10
C SER B 95 0.87 1.41 8.48
N ASN B 96 1.77 1.77 7.56
CA ASN B 96 2.85 2.67 7.91
C ASN B 96 2.29 4.05 8.12
N CYS B 97 1.12 4.27 7.57
CA CYS B 97 0.33 5.43 7.94
C CYS B 97 -0.11 5.29 9.40
N TYR B 98 -0.63 4.12 9.75
CA TYR B 98 -1.13 3.87 11.11
C TYR B 98 -0.03 3.87 12.18
N LYS B 99 1.15 3.31 11.86
CA LYS B 99 2.26 3.23 12.84
C LYS B 99 2.76 4.62 13.19
N TYR B 100 2.99 5.41 12.17
CA TYR B 100 3.59 6.72 12.36
C TYR B 100 2.57 7.68 12.97
N ASN B 101 1.39 7.70 12.38
CA ASN B 101 0.40 8.69 12.70
C ASN B 101 -0.63 8.12 13.66
N PRO B 102 -1.35 8.98 14.38
CA PRO B 102 -2.51 8.54 15.15
C PRO B 102 -3.58 8.07 14.18
N PRO B 103 -4.39 7.08 14.55
CA PRO B 103 -5.37 6.49 13.63
C PRO B 103 -6.54 7.43 13.34
N ASP B 104 -6.44 8.67 13.81
CA ASP B 104 -7.44 9.68 13.56
C ASP B 104 -6.91 10.63 12.49
N HIS B 105 -5.65 10.40 12.16
CA HIS B 105 -4.91 11.23 11.23
C HIS B 105 -5.54 11.26 9.83
N GLU B 106 -5.22 12.28 9.06
CA GLU B 106 -5.70 12.39 7.68
C GLU B 106 -5.11 11.31 6.77
N VAL B 107 -3.79 11.13 6.75
CA VAL B 107 -3.23 10.00 6.02
C VAL B 107 -3.90 8.71 6.42
N VAL B 108 -3.93 8.39 7.70
CA VAL B 108 -4.51 7.13 8.10
C VAL B 108 -5.99 7.08 7.73
N ALA B 109 -6.54 8.26 7.55
CA ALA B 109 -7.94 8.44 7.21
C ALA B 109 -8.18 7.93 5.81
N MET B 110 -7.18 8.12 4.97
CA MET B 110 -7.17 7.55 3.64
C MET B 110 -7.19 6.07 3.78
N ALA B 111 -6.19 5.60 4.46
CA ALA B 111 -5.97 4.18 4.67
C ALA B 111 -7.26 3.41 4.95
N ARG B 112 -8.01 3.81 5.96
CA ARG B 112 -9.25 3.11 6.32
C ARG B 112 -10.32 3.29 5.22
N LYS B 113 -10.20 4.39 4.49
CA LYS B 113 -11.12 4.72 3.44
C LYS B 113 -10.75 4.00 2.15
N LEU B 114 -9.48 4.07 1.78
CA LEU B 114 -8.89 3.21 0.79
C LEU B 114 -9.13 1.77 1.13
N GLN B 115 -9.40 1.48 2.37
CA GLN B 115 -9.67 0.13 2.79
C GLN B 115 -11.09 -0.25 2.35
N ASP B 116 -11.98 0.74 2.34
CA ASP B 116 -13.30 0.56 1.74
C ASP B 116 -13.12 0.07 0.31
N VAL B 117 -12.45 0.90 -0.49
CA VAL B 117 -12.17 0.58 -1.88
C VAL B 117 -11.24 -0.63 -2.00
N PHE B 118 -9.99 -0.49 -1.55
CA PHE B 118 -8.97 -1.50 -1.74
C PHE B 118 -9.45 -2.88 -1.32
N GLU B 119 -9.94 -2.99 -0.10
CA GLU B 119 -10.28 -4.29 0.45
C GLU B 119 -11.43 -4.92 -0.34
N MET B 120 -12.39 -4.10 -0.75
CA MET B 120 -13.48 -4.54 -1.62
C MET B 120 -12.91 -4.99 -2.97
N ARG B 121 -12.07 -4.15 -3.53
CA ARG B 121 -11.32 -4.46 -4.72
C ARG B 121 -10.67 -5.83 -4.60
N PHE B 122 -9.90 -5.93 -3.53
CA PHE B 122 -9.06 -7.08 -3.22
C PHE B 122 -9.88 -8.34 -3.10
N ALA B 123 -11.14 -8.17 -2.75
CA ALA B 123 -11.98 -9.30 -2.44
C ALA B 123 -12.51 -9.94 -3.72
N LYS B 124 -12.70 -9.11 -4.74
CA LYS B 124 -13.15 -9.58 -6.03
C LYS B 124 -11.98 -9.87 -6.96
N MET B 125 -10.86 -10.29 -6.38
CA MET B 125 -9.71 -10.75 -7.16
C MET B 125 -9.85 -12.23 -7.47
N PRO B 126 -8.94 -12.82 -8.27
CA PRO B 126 -8.83 -14.26 -8.41
C PRO B 126 -8.42 -14.87 -7.07
N ASP B 127 -8.26 -16.19 -7.02
CA ASP B 127 -7.99 -16.84 -5.73
C ASP B 127 -7.31 -18.14 -5.89
N GLU B 128 -7.71 -18.72 -6.96
CA GLU B 128 -7.36 -20.06 -7.35
C GLU B 128 -6.01 -20.53 -6.81
N ARG A 1 12.28 8.17 21.16
CA ARG A 1 11.80 9.24 20.26
C ARG A 1 10.31 9.50 20.45
N THR A 2 9.98 10.60 21.10
CA THR A 2 8.59 11.01 21.24
C THR A 2 8.00 11.31 19.87
N TYR A 3 7.01 10.52 19.46
CA TYR A 3 6.43 10.64 18.14
C TYR A 3 5.45 11.81 18.07
N GLU A 4 5.98 13.02 18.18
CA GLU A 4 5.17 14.22 18.09
C GLU A 4 4.88 14.56 16.65
N THR A 5 5.77 14.15 15.77
CA THR A 5 5.61 14.40 14.35
C THR A 5 4.64 13.41 13.73
N PHE A 6 4.03 13.81 12.62
CA PHE A 6 3.22 12.94 11.81
C PHE A 6 3.49 13.27 10.34
OH ALY A 7 0.90 8.02 6.28
CH ALY A 7 1.50 8.21 5.21
CH3 ALY A 7 0.69 8.39 3.93
NZ ALY A 7 2.81 8.25 5.17
CE ALY A 7 3.64 8.08 6.36
CD ALY A 7 3.34 9.13 7.43
CG ALY A 7 3.84 10.50 7.02
CB ALY A 7 2.76 11.56 7.10
CA ALY A 7 3.13 12.76 8.00
N ALY A 7 2.99 12.44 9.42
C ALY A 7 2.26 13.96 7.67
O ALY A 7 1.08 13.81 7.33
HH31 ALY A 7 -0.22 7.81 3.99
HH32 ALY A 7 0.44 9.44 3.82
HH33 ALY A 7 1.28 8.07 3.09
HZ ALY A 7 3.25 8.41 4.31
HE3 ALY A 7 3.47 7.10 6.77
HE2 ALY A 7 4.68 8.16 6.07
HD3 ALY A 7 2.27 9.18 7.58
HD2 ALY A 7 3.83 8.84 8.35
HG3 ALY A 7 4.67 10.78 7.64
HG2 ALY A 7 4.17 10.44 5.98
HB3 ALY A 7 2.60 11.96 6.10
HB2 ALY A 7 1.82 11.12 7.45
HA ALY A 7 4.17 13.01 7.83
H ALY A 7 2.52 11.63 9.70
N SER A 8 2.82 15.16 7.84
CA SER A 8 2.10 16.42 7.64
C SER A 8 1.38 16.48 6.29
N ILE A 9 0.06 16.59 6.36
CA ILE A 9 -0.78 16.66 5.19
C ILE A 9 -1.28 18.08 4.94
N MET A 10 -1.00 18.58 3.74
CA MET A 10 -1.45 19.90 3.33
C MET A 10 -2.08 19.80 1.95
N LYS A 11 -3.28 19.24 1.88
CA LYS A 11 -3.97 19.05 0.61
C LYS A 11 -4.61 20.35 0.17
N LYS A 12 -5.22 21.03 1.12
CA LYS A 12 -5.87 22.31 0.85
C LYS A 12 -4.88 23.44 1.08
N SER A 13 -4.38 24.00 -0.01
CA SER A 13 -3.42 25.08 0.07
C SER A 13 -3.94 26.29 -0.69
N LYS B 1 16.80 -8.90 -17.75
CA LYS B 1 17.83 -9.81 -17.21
C LYS B 1 18.77 -9.08 -16.25
N ASP B 2 18.30 -7.98 -15.68
CA ASP B 2 19.12 -7.19 -14.76
C ASP B 2 18.65 -7.39 -13.33
N VAL B 3 19.32 -6.70 -12.40
CA VAL B 3 19.03 -6.74 -10.95
C VAL B 3 19.19 -8.16 -10.37
N PRO B 4 19.19 -8.30 -9.03
CA PRO B 4 19.20 -9.61 -8.38
C PRO B 4 18.18 -10.55 -8.99
N ASP B 5 18.65 -11.72 -9.41
CA ASP B 5 17.85 -12.68 -10.18
C ASP B 5 17.63 -12.16 -11.60
N SER B 6 18.56 -12.48 -12.49
CA SER B 6 18.48 -12.05 -13.87
C SER B 6 17.25 -12.62 -14.56
N GLN B 7 16.85 -13.81 -14.14
CA GLN B 7 15.62 -14.43 -14.63
C GLN B 7 14.42 -13.69 -14.07
N GLN B 8 14.36 -13.62 -12.74
CA GLN B 8 13.35 -12.83 -12.02
C GLN B 8 11.95 -13.45 -12.15
N HIS B 9 11.43 -13.92 -11.04
CA HIS B 9 10.05 -14.41 -11.00
C HIS B 9 9.32 -13.88 -9.80
N PRO B 10 8.20 -13.24 -10.08
CA PRO B 10 7.26 -12.84 -9.07
C PRO B 10 6.44 -14.01 -8.60
N ALA B 11 6.18 -14.89 -9.54
CA ALA B 11 5.27 -15.99 -9.34
C ALA B 11 5.99 -17.30 -9.14
N PRO B 12 5.23 -18.29 -8.68
CA PRO B 12 5.68 -19.66 -8.51
C PRO B 12 5.73 -20.42 -9.83
N GLU B 13 6.59 -19.95 -10.75
CA GLU B 13 6.66 -20.43 -12.14
C GLU B 13 5.27 -20.60 -12.75
N LYS B 14 4.34 -19.82 -12.25
CA LYS B 14 2.95 -19.90 -12.65
C LYS B 14 2.24 -18.68 -12.18
N SER B 15 1.24 -18.27 -12.92
CA SER B 15 0.57 -17.10 -12.52
C SER B 15 -0.80 -16.99 -13.17
N SER B 16 -1.48 -18.13 -13.25
CA SER B 16 -2.85 -18.16 -13.74
C SER B 16 -3.77 -17.51 -12.72
N LYS B 17 -3.25 -17.33 -11.52
CA LYS B 17 -3.91 -16.54 -10.51
C LYS B 17 -3.11 -15.29 -10.22
N VAL B 18 -1.91 -15.48 -9.67
CA VAL B 18 -1.05 -14.38 -9.20
C VAL B 18 -1.15 -13.14 -10.05
N SER B 19 -0.57 -13.22 -11.22
CA SER B 19 -0.40 -12.07 -12.06
C SER B 19 -1.74 -11.61 -12.63
N GLU B 20 -2.73 -12.49 -12.63
CA GLU B 20 -4.10 -12.10 -12.92
C GLU B 20 -4.62 -11.26 -11.77
N GLN B 21 -4.25 -11.68 -10.55
CA GLN B 21 -4.60 -10.95 -9.36
C GLN B 21 -3.88 -9.64 -9.33
N LEU B 22 -2.60 -9.67 -9.67
CA LEU B 22 -1.76 -8.48 -9.75
C LEU B 22 -2.33 -7.51 -10.74
N LYS B 23 -2.55 -8.01 -11.92
CA LYS B 23 -3.24 -7.27 -12.94
C LYS B 23 -4.55 -6.71 -12.40
N CYS B 24 -5.19 -7.50 -11.57
CA CYS B 24 -6.39 -7.07 -10.87
C CYS B 24 -6.01 -6.00 -9.88
N CYS B 25 -4.95 -6.29 -9.13
CA CYS B 25 -4.43 -5.46 -8.10
C CYS B 25 -4.17 -4.08 -8.64
N SER B 26 -3.41 -4.03 -9.71
CA SER B 26 -3.15 -2.76 -10.39
C SER B 26 -4.44 -2.03 -10.69
N GLY B 27 -5.43 -2.70 -11.27
CA GLY B 27 -6.66 -2.01 -11.61
C GLY B 27 -7.43 -1.63 -10.36
N ILE B 28 -6.95 -2.19 -9.28
CA ILE B 28 -7.56 -2.07 -7.99
C ILE B 28 -6.87 -0.97 -7.18
N LEU B 29 -5.58 -0.89 -7.34
CA LEU B 29 -4.77 0.16 -6.77
C LEU B 29 -4.79 1.37 -7.63
N LYS B 30 -4.76 1.15 -8.92
CA LYS B 30 -4.80 2.23 -9.85
C LYS B 30 -6.22 2.76 -9.84
N GLU B 31 -7.11 1.92 -9.29
CA GLU B 31 -8.40 2.38 -8.87
C GLU B 31 -8.18 3.32 -7.72
N MET B 32 -7.42 2.91 -6.71
CA MET B 32 -7.20 3.73 -5.55
C MET B 32 -6.53 5.00 -6.01
N PHE B 33 -5.73 4.81 -7.05
CA PHE B 33 -5.00 5.87 -7.65
C PHE B 33 -5.90 6.78 -8.49
N ALA B 34 -7.18 6.42 -8.56
CA ALA B 34 -8.19 7.22 -9.23
C ALA B 34 -8.47 8.49 -8.45
N LYS B 35 -8.76 9.56 -9.18
CA LYS B 35 -8.95 10.89 -8.60
C LYS B 35 -10.16 10.92 -7.65
N LYS B 36 -10.73 9.75 -7.41
CA LYS B 36 -11.84 9.62 -6.48
C LYS B 36 -11.29 9.24 -5.12
N HIS B 37 -10.28 8.37 -5.10
CA HIS B 37 -9.65 7.98 -3.87
C HIS B 37 -8.56 8.93 -3.57
N ALA B 38 -8.33 9.85 -4.46
CA ALA B 38 -7.29 10.82 -4.27
C ALA B 38 -7.72 11.94 -3.32
N ALA B 39 -8.90 11.81 -2.77
CA ALA B 39 -9.24 12.58 -1.61
C ALA B 39 -8.68 11.86 -0.40
N TYR B 40 -8.46 10.58 -0.59
CA TYR B 40 -8.10 9.69 0.48
C TYR B 40 -7.16 8.58 0.06
N ALA B 41 -6.16 8.89 -0.77
CA ALA B 41 -5.19 7.89 -1.19
C ALA B 41 -3.97 8.55 -1.71
N TRP B 42 -4.03 9.83 -1.77
CA TRP B 42 -3.03 10.64 -2.42
C TRP B 42 -1.75 10.81 -1.55
N PRO B 43 -1.82 10.70 -0.18
CA PRO B 43 -0.62 10.66 0.66
C PRO B 43 0.00 9.28 0.53
N PHE B 44 -0.78 8.45 -0.14
CA PHE B 44 -0.47 7.08 -0.41
C PHE B 44 -0.02 6.94 -1.85
N TYR B 45 -0.62 7.71 -2.78
CA TYR B 45 -0.19 7.67 -4.18
C TYR B 45 1.31 7.73 -4.32
N LYS B 46 1.99 8.22 -3.30
CA LYS B 46 3.44 8.22 -3.29
C LYS B 46 4.02 8.12 -1.88
N PRO B 47 5.35 7.91 -1.81
CA PRO B 47 6.09 7.58 -0.57
C PRO B 47 6.01 8.67 0.49
N VAL B 48 6.45 8.28 1.67
CA VAL B 48 6.63 9.16 2.80
C VAL B 48 7.94 9.92 2.62
N ASP B 49 7.81 11.21 2.64
CA ASP B 49 8.94 12.09 2.50
C ASP B 49 9.23 12.65 3.85
N VAL B 50 10.13 11.98 4.48
CA VAL B 50 10.34 12.11 5.90
C VAL B 50 11.05 13.41 6.22
N GLU B 51 11.71 13.92 5.22
CA GLU B 51 12.38 15.20 5.29
C GLU B 51 11.40 16.30 4.92
N ALA B 52 10.27 15.85 4.40
CA ALA B 52 9.22 16.73 3.90
C ALA B 52 8.14 16.97 4.93
N LEU B 53 7.48 15.88 5.28
CA LEU B 53 6.39 15.91 6.24
C LEU B 53 6.93 16.31 7.61
N GLY B 54 8.26 16.23 7.73
CA GLY B 54 8.94 16.67 8.92
C GLY B 54 9.16 15.57 9.93
N LEU B 55 9.14 14.34 9.43
CA LEU B 55 9.26 13.14 10.25
C LEU B 55 10.50 13.15 11.14
N HIS B 56 11.62 12.71 10.58
CA HIS B 56 12.92 12.66 11.28
C HIS B 56 12.94 11.50 12.28
N ASP B 57 11.74 11.16 12.76
CA ASP B 57 11.52 9.98 13.58
C ASP B 57 11.25 8.79 12.69
N TYR B 58 10.81 9.06 11.47
CA TYR B 58 10.47 8.07 10.44
C TYR B 58 11.15 6.73 10.57
N CYS B 59 12.44 6.72 10.50
CA CYS B 59 13.18 5.46 10.52
C CYS B 59 12.97 4.68 11.84
N ASP B 60 12.25 5.28 12.79
CA ASP B 60 11.88 4.61 14.04
C ASP B 60 10.61 3.87 13.80
N ILE B 61 9.83 4.50 12.96
CA ILE B 61 8.50 4.08 12.67
C ILE B 61 8.47 3.24 11.43
N ILE B 62 8.75 3.93 10.37
CA ILE B 62 8.53 3.48 9.03
C ILE B 62 9.74 2.69 8.55
N LYS B 63 9.64 1.38 8.71
CA LYS B 63 10.72 0.49 8.36
C LYS B 63 10.65 0.29 6.89
N HIS B 64 9.43 0.09 6.50
CA HIS B 64 9.08 -0.29 5.17
C HIS B 64 7.92 0.51 4.70
N PRO B 65 8.18 1.78 4.44
CA PRO B 65 7.20 2.70 3.93
C PRO B 65 6.67 2.22 2.64
N MET B 66 5.42 2.01 2.67
CA MET B 66 4.71 1.63 1.50
C MET B 66 3.76 2.73 1.15
N ASP B 67 3.39 2.78 -0.09
CA ASP B 67 2.42 3.74 -0.56
C ASP B 67 1.76 3.12 -1.74
N MET B 68 0.67 3.71 -2.16
CA MET B 68 -0.04 3.24 -3.33
C MET B 68 0.93 2.99 -4.44
N SER B 69 1.52 4.08 -4.94
CA SER B 69 2.45 4.02 -6.08
C SER B 69 3.47 2.94 -5.94
N THR B 70 3.90 2.64 -4.73
CA THR B 70 4.90 1.61 -4.60
C THR B 70 4.26 0.27 -4.74
N ILE B 71 3.15 0.03 -4.06
CA ILE B 71 2.57 -1.29 -4.16
C ILE B 71 1.90 -1.40 -5.50
N LYS B 72 1.71 -0.23 -6.07
CA LYS B 72 1.22 -0.09 -7.39
C LYS B 72 2.33 -0.45 -8.36
N SER B 73 3.52 0.01 -8.02
CA SER B 73 4.68 -0.14 -8.86
C SER B 73 5.29 -1.51 -8.74
N LYS B 74 5.34 -2.05 -7.54
CA LYS B 74 5.81 -3.39 -7.30
C LYS B 74 4.92 -4.36 -7.97
N LEU B 75 3.66 -4.08 -7.83
CA LEU B 75 2.64 -4.74 -8.52
C LEU B 75 2.99 -4.90 -9.97
N GLU B 76 3.17 -3.77 -10.60
CA GLU B 76 3.49 -3.71 -12.01
C GLU B 76 4.93 -4.14 -12.30
N ALA B 77 5.79 -3.86 -11.34
CA ALA B 77 7.18 -4.30 -11.34
C ALA B 77 7.21 -5.77 -11.29
N ARG B 78 6.13 -6.30 -10.78
CA ARG B 78 5.97 -7.69 -10.65
C ARG B 78 6.93 -8.19 -9.59
N GLU B 79 7.10 -7.37 -8.53
CA GLU B 79 7.71 -7.85 -7.34
C GLU B 79 6.67 -8.70 -6.65
N TYR B 80 5.42 -8.29 -6.88
CA TYR B 80 4.25 -8.94 -6.32
C TYR B 80 4.21 -10.39 -6.64
N ARG B 81 4.44 -11.12 -5.57
CA ARG B 81 4.43 -12.54 -5.60
C ARG B 81 3.06 -12.98 -5.96
N ASP B 82 2.16 -12.05 -5.69
CA ASP B 82 0.78 -12.12 -6.07
C ASP B 82 0.04 -10.99 -5.38
N ALA B 83 -1.26 -10.95 -5.58
CA ALA B 83 -2.12 -9.98 -4.93
C ALA B 83 -1.91 -9.88 -3.44
N GLN B 84 -1.52 -10.95 -2.85
CA GLN B 84 -1.40 -10.98 -1.45
C GLN B 84 -0.10 -10.29 -1.07
N GLU B 85 0.68 -9.95 -2.10
CA GLU B 85 1.78 -9.02 -1.94
C GLU B 85 1.28 -7.63 -2.30
N PHE B 86 0.31 -7.57 -3.23
CA PHE B 86 -0.41 -6.35 -3.50
C PHE B 86 -1.03 -5.80 -2.24
N GLY B 87 -2.03 -6.52 -1.77
CA GLY B 87 -2.74 -6.14 -0.58
C GLY B 87 -1.91 -6.20 0.65
N ALA B 88 -0.70 -6.66 0.49
CA ALA B 88 0.21 -6.66 1.58
C ALA B 88 0.76 -5.29 1.79
N ASP B 89 1.15 -4.67 0.71
CA ASP B 89 1.80 -3.38 0.78
C ASP B 89 0.77 -2.28 0.68
N VAL B 90 -0.41 -2.55 0.13
CA VAL B 90 -1.52 -1.58 0.22
C VAL B 90 -1.84 -1.41 1.68
N ARG B 91 -1.94 -2.52 2.35
CA ARG B 91 -2.27 -2.47 3.75
C ARG B 91 -1.04 -2.12 4.58
N LEU B 92 0.17 -2.32 4.03
CA LEU B 92 1.37 -1.93 4.70
C LEU B 92 1.46 -0.44 4.55
N MET B 93 1.13 0.03 3.37
CA MET B 93 1.09 1.44 3.12
C MET B 93 -0.01 2.08 3.97
N PHE B 94 -1.11 1.36 4.16
CA PHE B 94 -2.11 1.79 5.15
C PHE B 94 -1.49 1.74 6.54
N SER B 95 -0.58 0.79 6.72
CA SER B 95 0.07 0.57 8.01
C SER B 95 1.02 1.70 8.32
N ASN B 96 1.91 2.07 7.38
CA ASN B 96 2.90 3.13 7.65
C ASN B 96 2.19 4.38 8.10
N CYS B 97 0.97 4.51 7.64
CA CYS B 97 0.10 5.57 8.10
C CYS B 97 -0.28 5.36 9.57
N TYR B 98 -0.83 4.19 9.88
CA TYR B 98 -1.30 3.92 11.25
C TYR B 98 -0.14 3.86 12.26
N LYS B 99 1.02 3.35 11.85
CA LYS B 99 2.18 3.20 12.76
C LYS B 99 2.73 4.55 13.15
N TYR B 100 2.80 5.44 12.20
CA TYR B 100 3.38 6.73 12.43
C TYR B 100 2.38 7.66 13.08
N ASN B 101 1.21 7.71 12.49
CA ASN B 101 0.22 8.70 12.82
C ASN B 101 -0.87 8.08 13.68
N PRO B 102 -1.64 8.91 14.41
CA PRO B 102 -2.82 8.44 15.13
C PRO B 102 -3.91 8.07 14.12
N PRO B 103 -4.80 7.14 14.46
CA PRO B 103 -5.80 6.64 13.51
C PRO B 103 -6.91 7.65 13.21
N ASP B 104 -6.73 8.88 13.68
CA ASP B 104 -7.68 9.95 13.41
C ASP B 104 -7.05 10.89 12.38
N HIS B 105 -5.80 10.58 12.08
CA HIS B 105 -4.99 11.36 11.16
C HIS B 105 -5.58 11.38 9.76
N GLU B 106 -5.20 12.36 8.95
CA GLU B 106 -5.67 12.45 7.58
C GLU B 106 -5.06 11.38 6.68
N VAL B 107 -3.75 11.15 6.73
CA VAL B 107 -3.18 10.01 6.02
C VAL B 107 -3.88 8.73 6.42
N VAL B 108 -3.96 8.44 7.70
CA VAL B 108 -4.57 7.18 8.11
C VAL B 108 -6.03 7.15 7.67
N ALA B 109 -6.57 8.34 7.46
CA ALA B 109 -7.93 8.51 7.01
C ALA B 109 -8.08 7.85 5.66
N MET B 110 -7.13 8.12 4.81
CA MET B 110 -7.07 7.49 3.49
C MET B 110 -7.15 6.02 3.67
N ALA B 111 -6.18 5.54 4.39
CA ALA B 111 -6.02 4.12 4.64
C ALA B 111 -7.34 3.43 5.00
N ARG B 112 -8.17 4.04 5.84
CA ARG B 112 -9.38 3.38 6.28
C ARG B 112 -10.47 3.35 5.19
N LYS B 113 -10.55 4.36 4.34
CA LYS B 113 -11.56 4.33 3.28
C LYS B 113 -10.95 3.81 1.97
N LEU B 114 -9.63 3.93 1.81
CA LEU B 114 -8.91 3.15 0.84
C LEU B 114 -9.07 1.69 1.16
N GLN B 115 -9.36 1.41 2.40
CA GLN B 115 -9.61 0.05 2.81
C GLN B 115 -11.00 -0.34 2.38
N ASP B 116 -11.92 0.62 2.43
CA ASP B 116 -13.23 0.46 1.84
C ASP B 116 -13.09 0.02 0.39
N VAL B 117 -12.37 0.82 -0.38
CA VAL B 117 -12.14 0.54 -1.78
C VAL B 117 -11.17 -0.63 -1.97
N PHE B 118 -9.93 -0.49 -1.53
CA PHE B 118 -8.91 -1.50 -1.76
C PHE B 118 -9.39 -2.88 -1.39
N GLU B 119 -9.90 -3.03 -0.17
CA GLU B 119 -10.29 -4.34 0.30
C GLU B 119 -11.49 -4.86 -0.51
N MET B 120 -12.42 -3.96 -0.83
CA MET B 120 -13.54 -4.28 -1.73
C MET B 120 -12.99 -4.82 -3.04
N ARG B 121 -12.11 -4.03 -3.62
CA ARG B 121 -11.36 -4.39 -4.80
C ARG B 121 -10.76 -5.77 -4.66
N PHE B 122 -9.92 -5.87 -3.65
CA PHE B 122 -9.09 -7.03 -3.36
C PHE B 122 -9.91 -8.30 -3.26
N ALA B 123 -11.11 -8.15 -2.74
CA ALA B 123 -11.96 -9.28 -2.47
C ALA B 123 -12.62 -9.77 -3.75
N LYS B 124 -12.73 -8.90 -4.73
CA LYS B 124 -13.31 -9.27 -6.02
C LYS B 124 -12.22 -9.74 -6.98
N MET B 125 -11.00 -9.90 -6.47
CA MET B 125 -9.92 -10.46 -7.28
C MET B 125 -10.25 -11.91 -7.61
N PRO B 126 -9.47 -12.54 -8.49
CA PRO B 126 -9.51 -13.95 -8.65
C PRO B 126 -8.56 -14.55 -7.64
N ASP B 127 -9.08 -15.15 -6.60
CA ASP B 127 -8.25 -15.50 -5.43
C ASP B 127 -7.55 -16.81 -5.60
N GLU B 128 -8.38 -17.80 -5.64
CA GLU B 128 -8.03 -19.19 -5.76
C GLU B 128 -6.61 -19.54 -5.29
N ARG A 1 2.83 9.00 21.91
CA ARG A 1 3.57 8.86 23.19
C ARG A 1 5.08 9.04 22.98
N THR A 2 5.61 8.53 21.86
CA THR A 2 7.05 8.67 21.61
C THR A 2 7.34 9.23 20.21
N TYR A 3 6.30 9.71 19.55
CA TYR A 3 6.42 10.24 18.21
C TYR A 3 5.60 11.51 18.06
N GLU A 4 6.25 12.64 18.18
CA GLU A 4 5.55 13.92 18.13
C GLU A 4 5.11 14.22 16.71
N THR A 5 5.97 13.89 15.76
CA THR A 5 5.71 14.19 14.36
C THR A 5 4.67 13.23 13.76
N PHE A 6 4.06 13.69 12.68
CA PHE A 6 3.22 12.87 11.84
C PHE A 6 3.43 13.30 10.39
OH ALY A 7 0.86 7.98 6.24
CH ALY A 7 1.50 8.21 5.21
CH3 ALY A 7 0.75 8.34 3.89
NZ ALY A 7 2.80 8.36 5.23
CE ALY A 7 3.59 8.23 6.46
CD ALY A 7 3.26 9.36 7.44
CG ALY A 7 3.76 10.70 6.93
CB ALY A 7 2.72 11.80 7.05
CA ALY A 7 3.11 12.92 8.03
N ALY A 7 3.00 12.50 9.42
C ALY A 7 2.20 14.13 7.82
O ALY A 7 0.99 13.99 7.65
HH31 ALY A 7 -0.07 7.64 3.87
HH32 ALY A 7 0.37 9.35 3.80
HH33 ALY A 7 1.44 8.14 3.08
HZ ALY A 7 3.28 8.53 4.39
HE3 ALY A 7 3.36 7.30 6.93
HE2 ALY A 7 4.63 8.29 6.21
HD3 ALY A 7 2.19 9.42 7.55
HD2 ALY A 7 3.71 9.15 8.39
HG3 ALY A 7 4.65 10.98 7.50
HG2 ALY A 7 4.04 10.58 5.89
HB3 ALY A 7 2.62 12.25 6.07
HB2 ALY A 7 1.77 11.36 7.34
HA ALY A 7 4.14 13.20 7.86
H ALY A 7 2.60 11.63 9.64
N SER A 8 2.79 15.33 7.87
CA SER A 8 2.03 16.58 7.88
C SER A 8 1.23 16.77 6.59
N ILE A 9 -0.10 16.80 6.75
CA ILE A 9 -1.01 16.99 5.63
C ILE A 9 -1.48 18.44 5.60
N MET A 10 -1.11 19.19 6.63
CA MET A 10 -1.48 20.59 6.72
C MET A 10 -0.51 21.45 5.93
N LYS A 11 0.76 21.45 6.34
CA LYS A 11 1.78 22.19 5.63
C LYS A 11 3.16 21.61 5.91
N LYS A 12 3.67 21.85 7.11
CA LYS A 12 4.99 21.37 7.49
C LYS A 12 4.99 20.93 8.95
N SER A 13 4.34 21.71 9.79
CA SER A 13 4.20 21.36 11.20
C SER A 13 2.77 20.90 11.45
N LYS B 1 8.00 -29.16 14.37
CA LYS B 1 8.97 -29.63 13.37
C LYS B 1 8.49 -29.29 11.96
N ASP B 2 9.32 -28.55 11.23
CA ASP B 2 9.01 -28.17 9.87
C ASP B 2 10.22 -28.32 8.98
N VAL B 3 10.23 -29.36 8.15
CA VAL B 3 11.31 -29.58 7.21
C VAL B 3 11.26 -28.51 6.11
N PRO B 4 12.43 -28.13 5.58
CA PRO B 4 12.54 -27.07 4.57
C PRO B 4 11.94 -27.47 3.22
N ASP B 5 10.62 -27.46 3.15
CA ASP B 5 9.91 -27.74 1.91
C ASP B 5 9.89 -26.49 1.05
N SER B 6 9.16 -25.47 1.50
CA SER B 6 9.14 -24.16 0.83
C SER B 6 8.73 -24.25 -0.63
N GLN B 7 8.98 -23.18 -1.39
CA GLN B 7 8.59 -23.10 -2.80
C GLN B 7 7.09 -23.27 -2.94
N GLN B 8 6.35 -22.73 -1.99
CA GLN B 8 4.89 -22.79 -2.01
C GLN B 8 4.35 -21.75 -2.98
N HIS B 9 4.14 -22.16 -4.22
CA HIS B 9 3.65 -21.25 -5.25
C HIS B 9 2.16 -21.06 -5.14
N PRO B 10 1.75 -19.83 -5.41
CA PRO B 10 0.35 -19.47 -5.52
C PRO B 10 -0.14 -19.65 -6.95
N ALA B 11 0.77 -20.19 -7.76
CA ALA B 11 0.58 -20.35 -9.18
C ALA B 11 1.13 -21.66 -9.64
N PRO B 12 0.70 -22.06 -10.82
CA PRO B 12 1.19 -23.24 -11.50
C PRO B 12 2.71 -23.21 -11.68
N GLU B 13 3.20 -22.17 -12.35
CA GLU B 13 4.62 -21.97 -12.53
C GLU B 13 4.97 -20.49 -12.65
N LYS B 14 3.94 -19.65 -12.53
CA LYS B 14 4.12 -18.21 -12.71
C LYS B 14 2.91 -17.48 -12.18
N SER B 15 1.81 -17.57 -12.90
CA SER B 15 0.62 -16.88 -12.52
C SER B 15 -0.64 -17.69 -12.85
N SER B 16 -1.30 -17.41 -13.97
CA SER B 16 -2.65 -17.93 -14.25
C SER B 16 -3.65 -17.37 -13.22
N LYS B 17 -3.17 -17.21 -12.00
CA LYS B 17 -3.90 -16.62 -10.91
C LYS B 17 -3.23 -15.30 -10.46
N VAL B 18 -1.92 -15.37 -10.14
CA VAL B 18 -1.20 -14.25 -9.49
C VAL B 18 -1.21 -12.98 -10.27
N SER B 19 -0.45 -12.96 -11.34
CA SER B 19 -0.27 -11.76 -12.14
C SER B 19 -1.60 -11.34 -12.75
N GLU B 20 -2.57 -12.21 -12.58
CA GLU B 20 -3.96 -11.92 -12.90
C GLU B 20 -4.59 -11.17 -11.74
N GLN B 21 -4.26 -11.60 -10.51
CA GLN B 21 -4.61 -10.86 -9.31
C GLN B 21 -3.92 -9.54 -9.33
N LEU B 22 -2.65 -9.56 -9.68
CA LEU B 22 -1.81 -8.38 -9.72
C LEU B 22 -2.35 -7.41 -10.72
N LYS B 23 -2.62 -7.93 -11.87
CA LYS B 23 -3.33 -7.20 -12.89
C LYS B 23 -4.63 -6.63 -12.33
N CYS B 24 -5.26 -7.44 -11.51
CA CYS B 24 -6.45 -7.03 -10.78
C CYS B 24 -6.05 -5.94 -9.81
N CYS B 25 -4.99 -6.24 -9.06
CA CYS B 25 -4.46 -5.43 -8.02
C CYS B 25 -4.18 -4.05 -8.55
N SER B 26 -3.40 -3.99 -9.60
CA SER B 26 -3.08 -2.72 -10.23
C SER B 26 -4.34 -1.98 -10.65
N GLY B 27 -5.32 -2.66 -11.22
CA GLY B 27 -6.55 -1.97 -11.59
C GLY B 27 -7.33 -1.57 -10.37
N ILE B 28 -6.89 -2.12 -9.26
CA ILE B 28 -7.50 -1.99 -7.96
C ILE B 28 -6.82 -0.89 -7.17
N LEU B 29 -5.52 -0.84 -7.31
CA LEU B 29 -4.70 0.19 -6.73
C LEU B 29 -4.69 1.40 -7.60
N LYS B 30 -4.61 1.18 -8.88
CA LYS B 30 -4.65 2.25 -9.81
C LYS B 30 -6.07 2.79 -9.81
N GLU B 31 -6.97 1.93 -9.31
CA GLU B 31 -8.27 2.37 -8.92
C GLU B 31 -8.10 3.34 -7.79
N MET B 32 -7.34 2.97 -6.75
CA MET B 32 -7.20 3.83 -5.62
C MET B 32 -6.48 5.06 -6.06
N PHE B 33 -5.65 4.86 -7.06
CA PHE B 33 -4.89 5.89 -7.66
C PHE B 33 -5.77 6.80 -8.52
N ALA B 34 -7.03 6.42 -8.64
CA ALA B 34 -8.03 7.22 -9.33
C ALA B 34 -8.31 8.45 -8.53
N LYS B 35 -8.51 9.56 -9.22
CA LYS B 35 -8.66 10.86 -8.60
C LYS B 35 -9.92 10.94 -7.73
N LYS B 36 -10.57 9.79 -7.55
CA LYS B 36 -11.70 9.68 -6.65
C LYS B 36 -11.18 9.31 -5.28
N HIS B 37 -10.20 8.39 -5.23
CA HIS B 37 -9.62 8.00 -3.99
C HIS B 37 -8.52 8.95 -3.65
N ALA B 38 -8.28 9.89 -4.52
CA ALA B 38 -7.23 10.86 -4.29
C ALA B 38 -7.66 11.96 -3.35
N ALA B 39 -8.85 11.86 -2.82
CA ALA B 39 -9.17 12.62 -1.61
C ALA B 39 -8.66 11.86 -0.42
N TYR B 40 -8.47 10.58 -0.65
CA TYR B 40 -8.19 9.65 0.41
C TYR B 40 -7.22 8.55 0.01
N ALA B 41 -6.20 8.87 -0.80
CA ALA B 41 -5.21 7.87 -1.22
C ALA B 41 -3.98 8.54 -1.70
N TRP B 42 -4.03 9.83 -1.76
CA TRP B 42 -3.02 10.63 -2.42
C TRP B 42 -1.73 10.76 -1.58
N PRO B 43 -1.78 10.69 -0.21
CA PRO B 43 -0.57 10.66 0.61
C PRO B 43 0.04 9.27 0.50
N PHE B 44 -0.74 8.44 -0.17
CA PHE B 44 -0.43 7.06 -0.43
C PHE B 44 0.01 6.92 -1.88
N TYR B 45 -0.61 7.68 -2.80
CA TYR B 45 -0.20 7.65 -4.21
C TYR B 45 1.30 7.70 -4.37
N LYS B 46 1.99 8.21 -3.38
CA LYS B 46 3.43 8.22 -3.37
C LYS B 46 4.01 8.14 -1.96
N PRO B 47 5.34 7.96 -1.87
CA PRO B 47 6.06 7.63 -0.62
C PRO B 47 5.97 8.72 0.44
N VAL B 48 6.43 8.33 1.62
CA VAL B 48 6.60 9.22 2.74
C VAL B 48 7.94 9.93 2.59
N ASP B 49 7.88 11.23 2.60
CA ASP B 49 9.06 12.06 2.48
C ASP B 49 9.32 12.64 3.83
N VAL B 50 10.21 11.99 4.50
CA VAL B 50 10.37 12.12 5.92
C VAL B 50 11.11 13.40 6.27
N GLU B 51 11.80 13.89 5.28
CA GLU B 51 12.49 15.17 5.36
C GLU B 51 11.52 16.27 4.93
N ALA B 52 10.41 15.83 4.39
CA ALA B 52 9.39 16.72 3.85
C ALA B 52 8.28 16.99 4.85
N LEU B 53 7.60 15.91 5.21
CA LEU B 53 6.48 15.97 6.15
C LEU B 53 7.00 16.36 7.54
N GLY B 54 8.32 16.28 7.68
CA GLY B 54 8.99 16.70 8.90
C GLY B 54 9.17 15.58 9.90
N LEU B 55 9.13 14.35 9.39
CA LEU B 55 9.21 13.15 10.20
C LEU B 55 10.45 13.12 11.09
N HIS B 56 11.57 12.65 10.53
CA HIS B 56 12.86 12.54 11.23
C HIS B 56 12.81 11.37 12.22
N ASP B 57 11.63 11.13 12.75
CA ASP B 57 11.32 9.95 13.55
C ASP B 57 11.13 8.75 12.64
N TYR B 58 10.67 9.01 11.43
CA TYR B 58 10.37 8.01 10.39
C TYR B 58 11.09 6.70 10.50
N CYS B 59 12.37 6.72 10.41
CA CYS B 59 13.15 5.49 10.38
C CYS B 59 12.99 4.68 11.69
N ASP B 60 12.25 5.22 12.65
CA ASP B 60 11.90 4.51 13.88
C ASP B 60 10.62 3.77 13.64
N ILE B 61 9.80 4.44 12.87
CA ILE B 61 8.47 4.00 12.59
C ILE B 61 8.44 3.17 11.35
N ILE B 62 8.69 3.86 10.28
CA ILE B 62 8.48 3.43 8.95
C ILE B 62 9.66 2.63 8.45
N LYS B 63 9.60 1.33 8.65
CA LYS B 63 10.67 0.43 8.28
C LYS B 63 10.59 0.23 6.83
N HIS B 64 9.35 0.07 6.44
CA HIS B 64 8.99 -0.34 5.13
C HIS B 64 7.82 0.46 4.65
N PRO B 65 8.09 1.72 4.38
CA PRO B 65 7.11 2.63 3.88
C PRO B 65 6.54 2.13 2.59
N MET B 66 5.29 1.94 2.65
CA MET B 66 4.55 1.49 1.51
C MET B 66 3.54 2.53 1.19
N ASP B 67 3.34 2.74 -0.08
CA ASP B 67 2.43 3.72 -0.56
C ASP B 67 1.81 3.15 -1.78
N MET B 68 0.70 3.70 -2.18
CA MET B 68 -0.02 3.22 -3.34
C MET B 68 0.95 2.98 -4.47
N SER B 69 1.58 4.06 -4.95
CA SER B 69 2.53 4.00 -6.08
C SER B 69 3.51 2.89 -5.94
N THR B 70 3.92 2.58 -4.72
CA THR B 70 4.94 1.58 -4.57
C THR B 70 4.34 0.21 -4.68
N ILE B 71 3.18 0.01 -4.10
CA ILE B 71 2.57 -1.29 -4.19
C ILE B 71 1.88 -1.39 -5.51
N LYS B 72 1.80 -0.24 -6.16
CA LYS B 72 1.22 -0.09 -7.43
C LYS B 72 2.25 -0.47 -8.45
N SER B 73 3.45 0.00 -8.18
CA SER B 73 4.57 -0.15 -9.06
C SER B 73 5.19 -1.50 -8.91
N LYS B 74 5.35 -1.95 -7.69
CA LYS B 74 5.84 -3.27 -7.44
C LYS B 74 4.92 -4.29 -7.99
N LEU B 75 3.64 -4.01 -7.82
CA LEU B 75 2.63 -4.71 -8.49
C LEU B 75 2.94 -4.88 -9.96
N GLU B 76 3.05 -3.76 -10.62
CA GLU B 76 3.31 -3.73 -12.05
C GLU B 76 4.72 -4.21 -12.39
N ALA B 77 5.64 -4.00 -11.45
CA ALA B 77 7.00 -4.49 -11.54
C ALA B 77 7.00 -5.97 -11.45
N ARG B 78 5.91 -6.45 -10.90
CA ARG B 78 5.68 -7.85 -10.73
C ARG B 78 6.59 -8.38 -9.64
N GLU B 79 6.89 -7.50 -8.67
CA GLU B 79 7.54 -7.90 -7.44
C GLU B 79 6.52 -8.72 -6.71
N TYR B 80 5.28 -8.34 -6.95
CA TYR B 80 4.13 -8.97 -6.34
C TYR B 80 4.08 -10.41 -6.62
N ARG B 81 4.35 -11.11 -5.54
CA ARG B 81 4.35 -12.53 -5.51
C ARG B 81 2.96 -13.00 -5.83
N ASP B 82 2.06 -12.07 -5.55
CA ASP B 82 0.67 -12.13 -5.91
C ASP B 82 -0.04 -10.98 -5.26
N ALA B 83 -1.32 -10.94 -5.42
CA ALA B 83 -2.17 -9.97 -4.78
C ALA B 83 -1.95 -9.87 -3.31
N GLN B 84 -1.57 -10.94 -2.69
CA GLN B 84 -1.39 -10.93 -1.29
C GLN B 84 -0.08 -10.26 -0.97
N GLU B 85 0.66 -9.95 -2.05
CA GLU B 85 1.78 -9.05 -1.95
C GLU B 85 1.27 -7.65 -2.24
N PHE B 86 0.29 -7.56 -3.15
CA PHE B 86 -0.41 -6.35 -3.42
C PHE B 86 -1.03 -5.79 -2.16
N GLY B 87 -2.04 -6.47 -1.69
CA GLY B 87 -2.75 -6.06 -0.51
C GLY B 87 -1.88 -6.02 0.70
N ALA B 88 -0.77 -6.70 0.62
CA ALA B 88 0.15 -6.68 1.70
C ALA B 88 0.78 -5.33 1.84
N ASP B 89 1.12 -4.76 0.71
CA ASP B 89 1.82 -3.51 0.70
C ASP B 89 0.81 -2.37 0.61
N VAL B 90 -0.41 -2.63 0.11
CA VAL B 90 -1.52 -1.65 0.23
C VAL B 90 -1.84 -1.48 1.67
N ARG B 91 -1.92 -2.57 2.37
CA ARG B 91 -2.24 -2.53 3.76
C ARG B 91 -1.02 -2.12 4.59
N LEU B 92 0.19 -2.44 4.12
CA LEU B 92 1.42 -1.95 4.74
C LEU B 92 1.50 -0.47 4.46
N MET B 93 1.09 -0.12 3.27
CA MET B 93 0.87 1.25 2.87
C MET B 93 -0.06 1.90 3.89
N PHE B 94 -1.21 1.26 4.13
CA PHE B 94 -2.14 1.72 5.14
C PHE B 94 -1.48 1.67 6.54
N SER B 95 -0.55 0.72 6.71
CA SER B 95 0.14 0.56 8.00
C SER B 95 1.02 1.74 8.28
N ASN B 96 1.94 2.07 7.36
CA ASN B 96 2.91 3.15 7.61
C ASN B 96 2.17 4.41 8.00
N CYS B 97 0.96 4.52 7.52
CA CYS B 97 0.07 5.58 7.95
C CYS B 97 -0.34 5.41 9.42
N TYR B 98 -0.86 4.24 9.77
CA TYR B 98 -1.33 3.99 11.13
C TYR B 98 -0.17 3.96 12.16
N LYS B 99 0.95 3.33 11.79
CA LYS B 99 2.09 3.20 12.70
C LYS B 99 2.64 4.56 13.09
N TYR B 100 2.75 5.44 12.11
CA TYR B 100 3.33 6.73 12.34
C TYR B 100 2.33 7.68 12.97
N ASN B 101 1.14 7.71 12.39
CA ASN B 101 0.16 8.73 12.73
C ASN B 101 -0.96 8.12 13.57
N PRO B 102 -1.72 8.95 14.30
CA PRO B 102 -2.91 8.47 14.99
C PRO B 102 -3.97 8.07 13.98
N PRO B 103 -4.79 7.07 14.28
CA PRO B 103 -5.77 6.55 13.31
C PRO B 103 -6.92 7.51 13.02
N ASP B 104 -6.81 8.73 13.53
CA ASP B 104 -7.80 9.77 13.28
C ASP B 104 -7.21 10.75 12.27
N HIS B 105 -5.93 10.52 11.98
CA HIS B 105 -5.15 11.34 11.08
C HIS B 105 -5.74 11.37 9.68
N GLU B 106 -5.32 12.34 8.87
CA GLU B 106 -5.78 12.43 7.49
C GLU B 106 -5.16 11.35 6.59
N VAL B 107 -3.84 11.18 6.63
CA VAL B 107 -3.26 10.04 5.91
C VAL B 107 -3.93 8.75 6.30
N VAL B 108 -3.98 8.45 7.58
CA VAL B 108 -4.57 7.19 7.98
C VAL B 108 -6.03 7.12 7.55
N ALA B 109 -6.59 8.30 7.34
CA ALA B 109 -7.96 8.44 6.96
C ALA B 109 -8.18 7.89 5.58
N MET B 110 -7.18 8.12 4.74
CA MET B 110 -7.11 7.48 3.43
C MET B 110 -7.16 6.02 3.65
N ALA B 111 -6.18 5.56 4.36
CA ALA B 111 -5.99 4.14 4.60
C ALA B 111 -7.27 3.42 5.00
N ARG B 112 -7.97 3.94 5.99
CA ARG B 112 -9.23 3.36 6.45
C ARG B 112 -10.29 3.38 5.33
N LYS B 113 -10.17 4.38 4.49
CA LYS B 113 -11.14 4.70 3.49
C LYS B 113 -10.79 4.04 2.14
N LEU B 114 -9.51 4.08 1.77
CA LEU B 114 -8.94 3.21 0.78
C LEU B 114 -9.19 1.76 1.14
N GLN B 115 -9.41 1.51 2.40
CA GLN B 115 -9.69 0.17 2.85
C GLN B 115 -11.08 -0.24 2.39
N ASP B 116 -12.00 0.71 2.41
CA ASP B 116 -13.30 0.51 1.78
C ASP B 116 -13.11 0.03 0.34
N VAL B 117 -12.47 0.86 -0.47
CA VAL B 117 -12.21 0.52 -1.87
C VAL B 117 -11.27 -0.66 -2.00
N PHE B 118 -10.03 -0.53 -1.52
CA PHE B 118 -8.99 -1.53 -1.72
C PHE B 118 -9.47 -2.91 -1.32
N GLU B 119 -9.95 -3.06 -0.09
CA GLU B 119 -10.33 -4.36 0.41
C GLU B 119 -11.47 -4.97 -0.41
N MET B 120 -12.43 -4.14 -0.83
CA MET B 120 -13.51 -4.60 -1.71
C MET B 120 -12.94 -5.04 -3.05
N ARG B 121 -12.09 -4.20 -3.60
CA ARG B 121 -11.34 -4.50 -4.80
C ARG B 121 -10.69 -5.88 -4.66
N PHE B 122 -9.90 -5.95 -3.61
CA PHE B 122 -9.07 -7.09 -3.26
C PHE B 122 -9.89 -8.34 -3.08
N ALA B 123 -11.13 -8.14 -2.70
CA ALA B 123 -11.98 -9.24 -2.28
C ALA B 123 -12.53 -9.99 -3.47
N LYS B 124 -12.75 -9.29 -4.58
CA LYS B 124 -13.23 -9.96 -5.78
C LYS B 124 -12.10 -10.21 -6.77
N MET B 125 -10.90 -10.45 -6.25
CA MET B 125 -9.77 -10.87 -7.08
C MET B 125 -9.90 -12.35 -7.46
N PRO B 126 -8.98 -12.88 -8.30
CA PRO B 126 -8.84 -14.32 -8.56
C PRO B 126 -8.64 -15.14 -7.27
N ASP B 127 -8.36 -16.43 -7.43
CA ASP B 127 -8.37 -17.35 -6.28
C ASP B 127 -7.73 -18.67 -6.59
N GLU B 128 -7.88 -19.00 -7.83
CA GLU B 128 -7.66 -20.33 -8.38
C GLU B 128 -8.30 -21.43 -7.53
N ARG A 1 2.42 11.86 23.37
CA ARG A 1 2.97 11.20 22.16
C ARG A 1 4.46 11.50 22.05
N THR A 2 5.27 10.46 21.92
CA THR A 2 6.70 10.63 21.76
C THR A 2 7.04 10.96 20.31
N TYR A 3 6.23 10.44 19.39
CA TYR A 3 6.37 10.75 17.97
C TYR A 3 5.50 11.96 17.63
N GLU A 4 5.87 13.11 18.14
CA GLU A 4 5.06 14.31 17.94
C GLU A 4 5.43 14.98 16.62
N THR A 5 4.97 14.38 15.54
CA THR A 5 5.13 14.94 14.21
C THR A 5 4.01 14.46 13.31
N PHE A 6 4.01 13.14 13.08
CA PHE A 6 3.17 12.48 12.07
C PHE A 6 3.32 13.10 10.68
OH ALY A 7 0.87 7.98 6.23
CH ALY A 7 1.53 8.23 5.22
CH3 ALY A 7 0.81 8.41 3.89
NZ ALY A 7 2.84 8.36 5.26
CE ALY A 7 3.60 8.20 6.51
CD ALY A 7 3.24 9.27 7.52
CG ALY A 7 3.76 10.63 7.10
CB ALY A 7 2.71 11.73 7.24
CA ALY A 7 3.09 12.81 8.27
N ALY A 7 2.95 12.33 9.64
C ALY A 7 2.18 14.03 8.06
O ALY A 7 0.99 13.87 7.82
HH31 ALY A 7 -0.06 7.77 3.86
HH32 ALY A 7 0.50 9.44 3.80
HH33 ALY A 7 1.47 8.15 3.08
HZ ALY A 7 3.33 8.56 4.44
HE3 ALY A 7 3.38 7.23 6.92
HE2 ALY A 7 4.65 8.26 6.27
HD3 ALY A 7 2.17 9.33 7.61
HD2 ALY A 7 3.68 9.01 8.47
HG3 ALY A 7 4.62 10.88 7.70
HG2 ALY A 7 4.05 10.57 6.06
HB3 ALY A 7 2.61 12.21 6.28
HB2 ALY A 7 1.76 11.27 7.52
HA ALY A 7 4.12 13.09 8.12
H ALY A 7 2.57 11.45 9.81
N SER A 8 2.75 15.21 8.19
CA SER A 8 2.00 16.46 8.09
C SER A 8 1.31 16.57 6.74
N ILE A 9 -0.01 16.69 6.77
CA ILE A 9 -0.80 16.90 5.57
C ILE A 9 -1.27 18.35 5.51
N MET A 10 -2.29 18.68 6.29
CA MET A 10 -2.71 20.07 6.40
C MET A 10 -1.79 20.79 7.35
N LYS A 11 -1.95 20.55 8.64
CA LYS A 11 -1.04 21.06 9.66
C LYS A 11 -0.91 20.06 10.79
N LYS A 12 -2.02 19.83 11.49
CA LYS A 12 -2.04 18.88 12.59
C LYS A 12 -3.38 18.15 12.65
N SER A 13 -3.67 17.38 11.62
CA SER A 13 -4.92 16.65 11.55
C SER A 13 -4.65 15.14 11.59
N LYS B 1 -3.69 -11.79 10.99
CA LYS B 1 -4.64 -11.43 9.91
C LYS B 1 -3.89 -11.01 8.64
N ASP B 2 -2.79 -10.28 8.82
CA ASP B 2 -1.93 -9.92 7.70
C ASP B 2 -1.10 -11.14 7.28
N VAL B 3 -0.87 -11.25 5.97
CA VAL B 3 -0.15 -12.36 5.40
C VAL B 3 1.24 -12.55 6.04
N PRO B 4 1.55 -13.78 6.45
CA PRO B 4 2.79 -14.09 7.15
C PRO B 4 3.96 -14.28 6.20
N ASP B 5 5.16 -13.96 6.69
CA ASP B 5 6.37 -13.97 5.88
C ASP B 5 6.76 -15.39 5.46
N SER B 6 6.11 -16.37 6.07
CA SER B 6 6.34 -17.76 5.73
C SER B 6 5.81 -18.07 4.33
N GLN B 7 4.88 -17.25 3.86
CA GLN B 7 4.33 -17.41 2.52
C GLN B 7 5.17 -16.63 1.52
N GLN B 8 5.98 -17.32 0.76
CA GLN B 8 6.82 -16.69 -0.24
C GLN B 8 6.06 -16.52 -1.55
N HIS B 9 5.52 -17.63 -2.05
CA HIS B 9 4.74 -17.60 -3.28
C HIS B 9 3.59 -18.57 -3.19
N PRO B 10 2.43 -18.11 -3.64
CA PRO B 10 1.22 -18.90 -3.71
C PRO B 10 1.13 -19.68 -5.02
N ALA B 11 1.93 -19.21 -5.97
CA ALA B 11 1.94 -19.76 -7.31
C ALA B 11 2.66 -21.07 -7.37
N PRO B 12 2.42 -21.78 -8.46
CA PRO B 12 3.12 -23.02 -8.77
C PRO B 12 4.63 -22.81 -8.75
N GLU B 13 5.05 -21.79 -9.47
CA GLU B 13 6.43 -21.32 -9.44
C GLU B 13 6.52 -19.95 -10.09
N LYS B 14 5.59 -19.67 -11.00
CA LYS B 14 5.49 -18.36 -11.61
C LYS B 14 4.36 -17.58 -11.00
N SER B 15 3.19 -17.67 -11.60
CA SER B 15 2.10 -16.83 -11.20
C SER B 15 0.76 -17.38 -11.65
N SER B 16 0.47 -17.28 -12.94
CA SER B 16 -0.86 -17.55 -13.47
C SER B 16 -1.88 -16.73 -12.69
N LYS B 17 -2.65 -17.39 -11.83
CA LYS B 17 -3.65 -16.75 -10.95
C LYS B 17 -3.12 -15.46 -10.35
N VAL B 18 -1.92 -15.55 -9.79
CA VAL B 18 -1.25 -14.40 -9.21
C VAL B 18 -1.27 -13.21 -10.12
N SER B 19 -0.68 -13.39 -11.27
CA SER B 19 -0.47 -12.31 -12.19
C SER B 19 -1.81 -11.78 -12.66
N GLU B 20 -2.82 -12.64 -12.67
CA GLU B 20 -4.21 -12.23 -12.90
C GLU B 20 -4.65 -11.35 -11.74
N GLN B 21 -4.33 -11.80 -10.52
CA GLN B 21 -4.61 -11.04 -9.32
C GLN B 21 -3.95 -9.70 -9.37
N LEU B 22 -2.67 -9.67 -9.70
CA LEU B 22 -1.86 -8.46 -9.77
C LEU B 22 -2.43 -7.51 -10.76
N LYS B 23 -2.67 -8.05 -11.92
CA LYS B 23 -3.37 -7.34 -12.97
C LYS B 23 -4.67 -6.74 -12.43
N CYS B 24 -5.29 -7.48 -11.55
CA CYS B 24 -6.47 -7.01 -10.84
C CYS B 24 -6.05 -5.95 -9.84
N CYS B 25 -5.00 -6.28 -9.09
CA CYS B 25 -4.48 -5.47 -8.05
C CYS B 25 -4.21 -4.08 -8.57
N SER B 26 -3.44 -4.03 -9.63
CA SER B 26 -3.15 -2.78 -10.30
C SER B 26 -4.41 -2.02 -10.62
N GLY B 27 -5.36 -2.65 -11.27
CA GLY B 27 -6.60 -1.94 -11.61
C GLY B 27 -7.37 -1.55 -10.36
N ILE B 28 -6.94 -2.13 -9.26
CA ILE B 28 -7.54 -1.99 -7.96
C ILE B 28 -6.84 -0.92 -7.14
N LEU B 29 -5.53 -0.85 -7.30
CA LEU B 29 -4.72 0.17 -6.70
C LEU B 29 -4.72 1.40 -7.54
N LYS B 30 -4.62 1.18 -8.82
CA LYS B 30 -4.71 2.24 -9.77
C LYS B 30 -6.10 2.80 -9.72
N GLU B 31 -6.97 1.93 -9.27
CA GLU B 31 -8.28 2.33 -8.84
C GLU B 31 -8.12 3.30 -7.72
N MET B 32 -7.35 2.94 -6.69
CA MET B 32 -7.19 3.80 -5.55
C MET B 32 -6.50 5.05 -6.01
N PHE B 33 -5.66 4.85 -7.00
CA PHE B 33 -4.93 5.89 -7.61
C PHE B 33 -5.83 6.80 -8.44
N ALA B 34 -7.09 6.39 -8.59
CA ALA B 34 -8.09 7.18 -9.29
C ALA B 34 -8.36 8.46 -8.55
N LYS B 35 -8.67 9.51 -9.30
CA LYS B 35 -8.86 10.85 -8.74
C LYS B 35 -10.05 10.91 -7.79
N LYS B 36 -10.62 9.75 -7.48
CA LYS B 36 -11.70 9.65 -6.53
C LYS B 36 -11.14 9.31 -5.18
N HIS B 37 -10.17 8.40 -5.15
CA HIS B 37 -9.56 8.02 -3.91
C HIS B 37 -8.47 8.96 -3.60
N ALA B 38 -8.22 9.88 -4.49
CA ALA B 38 -7.18 10.85 -4.29
C ALA B 38 -7.60 11.97 -3.35
N ALA B 39 -8.79 11.85 -2.80
CA ALA B 39 -9.12 12.63 -1.63
C ALA B 39 -8.57 11.92 -0.42
N TYR B 40 -8.38 10.62 -0.60
CA TYR B 40 -8.04 9.73 0.46
C TYR B 40 -7.11 8.61 0.04
N ALA B 41 -6.10 8.91 -0.78
CA ALA B 41 -5.14 7.90 -1.19
C ALA B 41 -3.91 8.55 -1.70
N TRP B 42 -3.97 9.84 -1.76
CA TRP B 42 -2.95 10.63 -2.40
C TRP B 42 -1.68 10.81 -1.53
N PRO B 43 -1.76 10.70 -0.16
CA PRO B 43 -0.56 10.65 0.68
C PRO B 43 0.04 9.26 0.56
N PHE B 44 -0.76 8.43 -0.12
CA PHE B 44 -0.46 7.05 -0.36
C PHE B 44 -0.01 6.90 -1.80
N TYR B 45 -0.58 7.65 -2.74
CA TYR B 45 -0.11 7.59 -4.12
C TYR B 45 1.40 7.67 -4.19
N LYS B 46 2.00 8.24 -3.17
CA LYS B 46 3.42 8.49 -3.17
C LYS B 46 4.01 8.27 -1.77
N PRO B 47 5.32 8.05 -1.71
CA PRO B 47 6.05 7.70 -0.48
C PRO B 47 6.02 8.80 0.59
N VAL B 48 6.44 8.40 1.76
CA VAL B 48 6.64 9.28 2.90
C VAL B 48 7.95 10.02 2.71
N ASP B 49 7.87 11.33 2.81
CA ASP B 49 9.03 12.19 2.73
C ASP B 49 9.28 12.72 4.11
N VAL B 50 10.14 12.05 4.77
CA VAL B 50 10.29 12.15 6.19
C VAL B 50 11.02 13.42 6.57
N GLU B 51 11.70 13.96 5.60
CA GLU B 51 12.38 15.24 5.74
C GLU B 51 11.43 16.35 5.34
N ALA B 52 10.33 15.92 4.74
CA ALA B 52 9.31 16.83 4.22
C ALA B 52 8.19 17.04 5.22
N LEU B 53 7.50 15.96 5.53
CA LEU B 53 6.39 15.96 6.48
C LEU B 53 6.91 16.33 7.87
N GLY B 54 8.24 16.24 8.00
CA GLY B 54 8.91 16.66 9.22
C GLY B 54 9.10 15.53 10.21
N LEU B 55 9.03 14.31 9.70
CA LEU B 55 9.12 13.09 10.51
C LEU B 55 10.35 13.07 11.41
N HIS B 56 11.49 12.66 10.82
CA HIS B 56 12.79 12.61 11.50
C HIS B 56 12.86 11.39 12.42
N ASP B 57 11.70 11.02 12.93
CA ASP B 57 11.54 9.80 13.72
C ASP B 57 11.24 8.62 12.83
N TYR B 58 10.75 8.93 11.65
CA TYR B 58 10.40 7.97 10.59
C TYR B 58 11.10 6.64 10.65
N CYS B 59 12.38 6.65 10.58
CA CYS B 59 13.15 5.42 10.53
C CYS B 59 12.95 4.55 11.80
N ASP B 60 12.23 5.10 12.79
CA ASP B 60 11.89 4.35 13.99
C ASP B 60 10.60 3.64 13.73
N ILE B 61 9.78 4.35 13.00
CA ILE B 61 8.45 3.94 12.72
C ILE B 61 8.41 3.12 11.46
N ILE B 62 8.71 3.83 10.42
CA ILE B 62 8.47 3.41 9.07
C ILE B 62 9.67 2.65 8.56
N LYS B 63 9.63 1.34 8.75
CA LYS B 63 10.71 0.46 8.37
C LYS B 63 10.64 0.32 6.89
N HIS B 64 9.41 0.13 6.52
CA HIS B 64 9.04 -0.24 5.20
C HIS B 64 7.87 0.58 4.75
N PRO B 65 8.13 1.84 4.48
CA PRO B 65 7.16 2.75 3.99
C PRO B 65 6.62 2.29 2.68
N MET B 66 5.39 2.05 2.72
CA MET B 66 4.68 1.66 1.55
C MET B 66 3.76 2.76 1.16
N ASP B 67 3.40 2.78 -0.10
CA ASP B 67 2.46 3.73 -0.59
C ASP B 67 1.79 3.09 -1.76
N MET B 68 0.68 3.63 -2.16
CA MET B 68 -0.05 3.15 -3.31
C MET B 68 0.91 2.89 -4.44
N SER B 69 1.51 3.95 -4.95
CA SER B 69 2.44 3.88 -6.08
C SER B 69 3.46 2.80 -5.91
N THR B 70 3.88 2.53 -4.70
CA THR B 70 4.92 1.53 -4.55
C THR B 70 4.31 0.15 -4.66
N ILE B 71 3.15 -0.07 -4.09
CA ILE B 71 2.55 -1.38 -4.21
C ILE B 71 1.86 -1.45 -5.55
N LYS B 72 1.78 -0.30 -6.17
CA LYS B 72 1.21 -0.15 -7.46
C LYS B 72 2.26 -0.52 -8.46
N SER B 73 3.43 0.00 -8.21
CA SER B 73 4.56 -0.14 -9.06
C SER B 73 5.19 -1.49 -8.91
N LYS B 74 5.36 -1.94 -7.69
CA LYS B 74 5.86 -3.25 -7.45
C LYS B 74 4.95 -4.28 -8.01
N LEU B 75 3.67 -4.04 -7.84
CA LEU B 75 2.68 -4.76 -8.51
C LEU B 75 3.01 -4.91 -9.97
N GLU B 76 3.10 -3.77 -10.63
CA GLU B 76 3.38 -3.71 -12.06
C GLU B 76 4.80 -4.18 -12.38
N ALA B 77 5.71 -3.95 -11.44
CA ALA B 77 7.10 -4.39 -11.53
C ALA B 77 7.14 -5.88 -11.44
N ARG B 78 6.04 -6.39 -10.92
CA ARG B 78 5.82 -7.78 -10.79
C ARG B 78 6.73 -8.33 -9.70
N GLU B 79 7.00 -7.46 -8.73
CA GLU B 79 7.62 -7.88 -7.49
C GLU B 79 6.59 -8.70 -6.78
N TYR B 80 5.35 -8.28 -7.02
CA TYR B 80 4.20 -8.90 -6.41
C TYR B 80 4.11 -10.33 -6.71
N ARG B 81 4.36 -11.06 -5.65
CA ARG B 81 4.35 -12.47 -5.67
C ARG B 81 2.96 -12.90 -6.01
N ASP B 82 2.08 -11.96 -5.72
CA ASP B 82 0.68 -12.08 -5.96
C ASP B 82 -0.04 -10.92 -5.31
N ALA B 83 -1.35 -10.92 -5.42
CA ALA B 83 -2.17 -9.91 -4.80
C ALA B 83 -1.96 -9.84 -3.31
N GLN B 84 -1.59 -10.92 -2.70
CA GLN B 84 -1.37 -10.86 -1.30
C GLN B 84 -0.03 -10.24 -1.03
N GLU B 85 0.68 -9.95 -2.11
CA GLU B 85 1.81 -9.05 -2.02
C GLU B 85 1.29 -7.65 -2.29
N PHE B 86 0.31 -7.56 -3.20
CA PHE B 86 -0.39 -6.34 -3.45
C PHE B 86 -1.00 -5.78 -2.19
N GLY B 87 -2.01 -6.47 -1.70
CA GLY B 87 -2.70 -6.09 -0.50
C GLY B 87 -1.85 -6.18 0.72
N ALA B 88 -0.66 -6.66 0.55
CA ALA B 88 0.26 -6.65 1.63
C ALA B 88 0.81 -5.28 1.83
N ASP B 89 1.21 -4.67 0.74
CA ASP B 89 1.84 -3.39 0.81
C ASP B 89 0.82 -2.27 0.70
N VAL B 90 -0.37 -2.56 0.15
CA VAL B 90 -1.48 -1.60 0.25
C VAL B 90 -1.81 -1.42 1.70
N ARG B 91 -1.86 -2.53 2.38
CA ARG B 91 -2.21 -2.50 3.77
C ARG B 91 -0.98 -2.21 4.63
N LEU B 92 0.21 -2.32 4.05
CA LEU B 92 1.41 -1.90 4.72
C LEU B 92 1.48 -0.41 4.56
N MET B 93 1.08 0.07 3.40
CA MET B 93 1.02 1.49 3.18
C MET B 93 -0.12 2.09 4.00
N PHE B 94 -1.18 1.30 4.21
CA PHE B 94 -2.18 1.68 5.20
C PHE B 94 -1.57 1.56 6.58
N SER B 95 -0.57 0.71 6.71
CA SER B 95 0.09 0.51 7.98
C SER B 95 0.98 1.70 8.30
N ASN B 96 1.84 2.12 7.35
CA ASN B 96 2.80 3.19 7.62
C ASN B 96 2.07 4.45 8.06
N CYS B 97 0.85 4.60 7.59
CA CYS B 97 0.04 5.72 8.06
C CYS B 97 -0.46 5.46 9.49
N TYR B 98 -0.91 4.24 9.78
CA TYR B 98 -1.43 3.92 11.12
C TYR B 98 -0.31 3.88 12.18
N LYS B 99 0.83 3.29 11.82
CA LYS B 99 1.96 3.13 12.76
C LYS B 99 2.48 4.47 13.20
N TYR B 100 2.72 5.34 12.25
CA TYR B 100 3.30 6.63 12.52
C TYR B 100 2.28 7.56 13.14
N ASN B 101 1.16 7.68 12.46
CA ASN B 101 0.19 8.72 12.75
C ASN B 101 -0.90 8.19 13.66
N PRO B 102 -1.61 9.08 14.35
CA PRO B 102 -2.80 8.70 15.12
C PRO B 102 -3.90 8.31 14.14
N PRO B 103 -4.74 7.34 14.51
CA PRO B 103 -5.76 6.81 13.59
C PRO B 103 -6.88 7.80 13.30
N ASP B 104 -6.71 9.04 13.75
CA ASP B 104 -7.68 10.10 13.49
C ASP B 104 -7.11 11.01 12.43
N HIS B 105 -5.87 10.71 12.07
CA HIS B 105 -5.10 11.47 11.11
C HIS B 105 -5.73 11.43 9.71
N GLU B 106 -5.36 12.38 8.88
CA GLU B 106 -5.80 12.40 7.49
C GLU B 106 -5.16 11.30 6.63
N VAL B 107 -3.84 11.11 6.70
CA VAL B 107 -3.24 9.95 6.01
C VAL B 107 -3.92 8.66 6.44
N VAL B 108 -4.02 8.42 7.73
CA VAL B 108 -4.63 7.17 8.16
C VAL B 108 -6.07 7.08 7.67
N ALA B 109 -6.63 8.25 7.44
CA ALA B 109 -7.98 8.38 6.98
C ALA B 109 -8.10 7.73 5.64
N MET B 110 -7.16 8.06 4.78
CA MET B 110 -7.06 7.46 3.45
C MET B 110 -7.11 6.00 3.58
N ALA B 111 -6.14 5.51 4.31
CA ALA B 111 -6.01 4.08 4.56
C ALA B 111 -7.33 3.42 4.93
N ARG B 112 -8.14 4.10 5.73
CA ARG B 112 -9.37 3.53 6.22
C ARG B 112 -10.46 3.45 5.14
N LYS B 113 -10.54 4.43 4.25
CA LYS B 113 -11.54 4.38 3.19
C LYS B 113 -10.92 3.83 1.88
N LEU B 114 -9.59 3.93 1.76
CA LEU B 114 -8.86 3.14 0.80
C LEU B 114 -9.02 1.70 1.17
N GLN B 115 -9.33 1.45 2.41
CA GLN B 115 -9.63 0.12 2.88
C GLN B 115 -11.00 -0.28 2.38
N ASP B 116 -11.91 0.69 2.43
CA ASP B 116 -13.22 0.54 1.81
C ASP B 116 -13.05 0.08 0.37
N VAL B 117 -12.38 0.91 -0.43
CA VAL B 117 -12.10 0.59 -1.82
C VAL B 117 -11.17 -0.61 -1.94
N PHE B 118 -9.94 -0.51 -1.45
CA PHE B 118 -8.91 -1.52 -1.68
C PHE B 118 -9.40 -2.91 -1.31
N GLU B 119 -9.93 -3.07 -0.10
CA GLU B 119 -10.32 -4.39 0.38
C GLU B 119 -11.46 -4.96 -0.48
N MET B 120 -12.44 -4.11 -0.78
CA MET B 120 -13.54 -4.48 -1.67
C MET B 120 -13.00 -4.87 -3.05
N ARG B 121 -12.09 -4.05 -3.55
CA ARG B 121 -11.34 -4.35 -4.75
C ARG B 121 -10.73 -5.73 -4.65
N PHE B 122 -9.92 -5.87 -3.61
CA PHE B 122 -9.12 -7.04 -3.34
C PHE B 122 -9.94 -8.31 -3.36
N ALA B 123 -11.19 -8.17 -2.99
CA ALA B 123 -12.09 -9.29 -2.88
C ALA B 123 -12.66 -9.65 -4.24
N LYS B 124 -12.70 -8.68 -5.16
CA LYS B 124 -13.16 -8.95 -6.52
C LYS B 124 -12.07 -9.63 -7.33
N MET B 125 -10.93 -9.87 -6.71
CA MET B 125 -9.81 -10.43 -7.46
C MET B 125 -10.13 -11.86 -7.90
N PRO B 126 -9.45 -12.33 -8.96
CA PRO B 126 -9.63 -13.66 -9.45
C PRO B 126 -8.87 -14.65 -8.59
N ASP B 127 -9.56 -15.67 -8.14
CA ASP B 127 -8.92 -16.69 -7.33
C ASP B 127 -8.56 -17.85 -8.19
N GLU B 128 -8.13 -18.90 -7.54
CA GLU B 128 -7.86 -20.14 -8.22
C GLU B 128 -9.14 -20.81 -8.68
N ARG A 1 8.22 12.15 24.59
CA ARG A 1 8.97 13.32 24.07
C ARG A 1 9.13 13.22 22.56
N THR A 2 9.67 12.10 22.09
CA THR A 2 9.89 11.88 20.67
C THR A 2 8.57 11.50 19.98
N TYR A 3 8.62 11.24 18.67
CA TYR A 3 7.43 10.95 17.90
C TYR A 3 6.51 12.17 17.87
N GLU A 4 5.22 11.95 17.57
CA GLU A 4 4.23 13.01 17.56
C GLU A 4 4.57 14.07 16.51
N THR A 5 5.17 13.63 15.42
CA THR A 5 5.50 14.55 14.34
C THR A 5 4.28 14.78 13.44
N PHE A 6 3.56 13.70 13.10
CA PHE A 6 2.41 13.79 12.21
C PHE A 6 2.90 14.05 10.78
OH ALY A 7 1.08 8.13 6.53
CH ALY A 7 1.93 8.37 5.68
CH3 ALY A 7 1.53 8.48 4.21
NZ ALY A 7 3.19 8.55 6.03
CE ALY A 7 3.65 8.47 7.40
CD ALY A 7 3.25 9.70 8.20
CG ALY A 7 3.77 10.96 7.55
CB ALY A 7 2.72 12.07 7.55
CA ALY A 7 3.05 13.28 8.45
N ALY A 7 2.75 13.05 9.87
C ALY A 7 2.21 14.47 7.97
O ALY A 7 0.99 14.34 7.82
HH31 ALY A 7 0.89 7.65 3.95
HH32 ALY A 7 0.99 9.41 4.04
HH33 ALY A 7 2.40 8.46 3.59
HZ ALY A 7 3.84 8.74 5.32
HE3 ALY A 7 3.22 7.59 7.88
HE2 ALY A 7 4.73 8.38 7.41
HD3 ALY A 7 2.17 9.75 8.24
HD2 ALY A 7 3.66 9.63 9.20
HG3 ALY A 7 4.65 11.30 8.06
HG2 ALY A 7 4.01 10.73 6.52
HB3 ALY A 7 2.64 12.43 6.52
HB2 ALY A 7 1.75 11.64 7.84
HA ALY A 7 4.11 13.50 8.36
H ALY A 7 2.45 12.16 10.17
N SER A 8 2.84 15.63 7.79
CA SER A 8 2.13 16.86 7.38
C SER A 8 1.24 16.62 6.16
N ILE A 9 0.01 17.12 6.24
CA ILE A 9 -0.98 16.85 5.19
C ILE A 9 -1.74 18.11 4.79
N MET A 10 -1.88 18.30 3.49
CA MET A 10 -2.74 19.34 2.96
C MET A 10 -4.16 18.80 2.83
N LYS A 11 -5.13 19.58 3.26
CA LYS A 11 -6.51 19.13 3.30
C LYS A 11 -7.12 19.03 1.90
N LYS A 12 -6.87 17.92 1.24
CA LYS A 12 -7.45 17.63 -0.06
C LYS A 12 -8.82 16.97 0.14
N SER A 13 -9.83 17.80 0.30
CA SER A 13 -11.17 17.31 0.59
C SER A 13 -11.97 17.18 -0.70
N LYS B 1 11.30 -20.91 -35.75
CA LYS B 1 10.80 -20.22 -34.54
C LYS B 1 11.94 -20.00 -33.55
N ASP B 2 11.67 -19.22 -32.52
CA ASP B 2 12.65 -18.95 -31.48
C ASP B 2 11.97 -18.84 -30.13
N VAL B 3 12.23 -19.80 -29.26
CA VAL B 3 11.71 -19.75 -27.90
C VAL B 3 12.84 -19.45 -26.92
N PRO B 4 12.58 -18.60 -25.93
CA PRO B 4 13.58 -18.24 -24.93
C PRO B 4 13.76 -19.32 -23.89
N ASP B 5 14.83 -20.08 -23.99
CA ASP B 5 15.14 -21.11 -23.01
C ASP B 5 15.52 -20.46 -21.69
N SER B 6 16.22 -19.34 -21.78
CA SER B 6 16.59 -18.57 -20.62
C SER B 6 15.51 -17.54 -20.29
N GLN B 7 14.53 -17.96 -19.52
CA GLN B 7 13.44 -17.07 -19.13
C GLN B 7 13.61 -16.60 -17.69
N GLN B 8 12.73 -15.72 -17.26
CA GLN B 8 12.73 -15.19 -15.92
C GLN B 8 11.31 -14.95 -15.44
N HIS B 9 11.01 -15.35 -14.22
CA HIS B 9 9.67 -15.16 -13.69
C HIS B 9 9.67 -14.30 -12.44
N PRO B 10 8.84 -13.28 -12.50
CA PRO B 10 8.60 -12.39 -11.37
C PRO B 10 7.76 -13.08 -10.31
N ALA B 11 6.81 -13.84 -10.79
CA ALA B 11 5.96 -14.65 -9.95
C ALA B 11 6.69 -15.89 -9.49
N PRO B 12 6.08 -16.60 -8.56
CA PRO B 12 6.59 -17.86 -8.08
C PRO B 12 6.38 -19.00 -9.08
N GLU B 13 6.54 -20.22 -8.61
CA GLU B 13 6.23 -21.39 -9.41
C GLU B 13 4.73 -21.64 -9.38
N LYS B 14 4.02 -20.62 -9.86
CA LYS B 14 2.59 -20.54 -9.69
C LYS B 14 2.04 -19.54 -10.71
N SER B 15 1.37 -18.51 -10.21
CA SER B 15 0.97 -17.38 -11.02
C SER B 15 -0.18 -17.68 -11.96
N SER B 16 -0.77 -18.86 -11.83
CA SER B 16 -1.98 -19.16 -12.56
C SER B 16 -3.10 -18.23 -12.08
N LYS B 17 -2.92 -17.67 -10.88
CA LYS B 17 -3.73 -16.56 -10.43
C LYS B 17 -2.94 -15.29 -10.27
N VAL B 18 -1.82 -15.38 -9.57
CA VAL B 18 -0.99 -14.22 -9.20
C VAL B 18 -1.04 -13.10 -10.19
N SER B 19 -0.40 -13.31 -11.32
CA SER B 19 -0.23 -12.25 -12.29
C SER B 19 -1.58 -11.69 -12.73
N GLU B 20 -2.58 -12.56 -12.80
CA GLU B 20 -3.96 -12.16 -13.07
C GLU B 20 -4.48 -11.32 -11.90
N GLN B 21 -4.12 -11.76 -10.70
CA GLN B 21 -4.43 -11.06 -9.47
C GLN B 21 -3.78 -9.70 -9.44
N LEU B 22 -2.50 -9.65 -9.76
CA LEU B 22 -1.72 -8.41 -9.77
C LEU B 22 -2.30 -7.46 -10.77
N LYS B 23 -2.56 -8.01 -11.92
CA LYS B 23 -3.27 -7.31 -12.95
C LYS B 23 -4.59 -6.75 -12.40
N CYS B 24 -5.21 -7.54 -11.55
CA CYS B 24 -6.39 -7.11 -10.81
C CYS B 24 -5.99 -6.04 -9.82
N CYS B 25 -4.93 -6.35 -9.07
CA CYS B 25 -4.41 -5.52 -8.03
C CYS B 25 -4.17 -4.13 -8.57
N SER B 26 -3.40 -4.06 -9.62
CA SER B 26 -3.10 -2.78 -10.25
C SER B 26 -4.35 -2.05 -10.68
N GLY B 27 -5.34 -2.74 -11.22
CA GLY B 27 -6.58 -2.05 -11.59
C GLY B 27 -7.35 -1.64 -10.37
N ILE B 28 -6.90 -2.19 -9.26
CA ILE B 28 -7.51 -2.04 -7.97
C ILE B 28 -6.83 -0.94 -7.18
N LEU B 29 -5.52 -0.89 -7.34
CA LEU B 29 -4.70 0.16 -6.79
C LEU B 29 -4.69 1.36 -7.66
N LYS B 30 -4.67 1.13 -8.95
CA LYS B 30 -4.72 2.21 -9.87
C LYS B 30 -6.14 2.75 -9.83
N GLU B 31 -7.03 1.90 -9.31
CA GLU B 31 -8.32 2.34 -8.88
C GLU B 31 -8.12 3.25 -7.71
N MET B 32 -7.32 2.85 -6.72
CA MET B 32 -7.10 3.66 -5.56
C MET B 32 -6.46 4.94 -6.02
N PHE B 33 -5.68 4.78 -7.07
CA PHE B 33 -4.95 5.85 -7.67
C PHE B 33 -5.85 6.75 -8.51
N ALA B 34 -7.13 6.37 -8.58
CA ALA B 34 -8.11 7.15 -9.29
C ALA B 34 -8.36 8.44 -8.56
N LYS B 35 -8.63 9.49 -9.33
CA LYS B 35 -8.77 10.85 -8.78
C LYS B 35 -9.96 10.95 -7.82
N LYS B 36 -10.57 9.81 -7.52
CA LYS B 36 -11.65 9.75 -6.58
C LYS B 36 -11.10 9.40 -5.21
N HIS B 37 -10.15 8.46 -5.18
CA HIS B 37 -9.55 8.07 -3.93
C HIS B 37 -8.43 8.99 -3.62
N ALA B 38 -8.21 9.93 -4.49
CA ALA B 38 -7.14 10.88 -4.29
C ALA B 38 -7.52 12.00 -3.34
N ALA B 39 -8.70 11.91 -2.77
CA ALA B 39 -9.00 12.67 -1.57
C ALA B 39 -8.48 11.90 -0.39
N TYR B 40 -8.35 10.61 -0.61
CA TYR B 40 -8.07 9.69 0.45
C TYR B 40 -7.10 8.57 0.04
N ALA B 41 -6.11 8.89 -0.78
CA ALA B 41 -5.12 7.90 -1.20
C ALA B 41 -3.89 8.56 -1.70
N TRP B 42 -3.95 9.84 -1.77
CA TRP B 42 -2.92 10.63 -2.43
C TRP B 42 -1.65 10.76 -1.56
N PRO B 43 -1.72 10.65 -0.18
CA PRO B 43 -0.52 10.59 0.65
C PRO B 43 0.06 9.20 0.52
N PHE B 44 -0.73 8.38 -0.16
CA PHE B 44 -0.43 7.02 -0.42
C PHE B 44 0.02 6.89 -1.85
N TYR B 45 -0.57 7.67 -2.78
CA TYR B 45 -0.11 7.64 -4.17
C TYR B 45 1.40 7.68 -4.27
N LYS B 46 2.06 8.20 -3.25
CA LYS B 46 3.51 8.21 -3.20
C LYS B 46 4.04 8.15 -1.77
N PRO B 47 5.37 7.98 -1.64
CA PRO B 47 6.04 7.67 -0.36
C PRO B 47 5.95 8.78 0.67
N VAL B 48 6.24 8.38 1.88
CA VAL B 48 6.42 9.26 3.01
C VAL B 48 7.75 9.98 2.87
N ASP B 49 7.68 11.28 2.87
CA ASP B 49 8.86 12.11 2.71
C ASP B 49 9.18 12.68 4.05
N VAL B 50 10.08 12.00 4.70
CA VAL B 50 10.28 12.12 6.11
C VAL B 50 11.05 13.38 6.45
N GLU B 51 11.72 13.88 5.45
CA GLU B 51 12.44 15.13 5.55
C GLU B 51 11.50 16.25 5.16
N ALA B 52 10.36 15.85 4.63
CA ALA B 52 9.35 16.76 4.13
C ALA B 52 8.27 17.03 5.15
N LEU B 53 7.56 15.97 5.51
CA LEU B 53 6.48 16.02 6.48
C LEU B 53 7.03 16.38 7.86
N GLY B 54 8.35 16.27 7.97
CA GLY B 54 9.04 16.67 9.17
C GLY B 54 9.22 15.53 10.16
N LEU B 55 9.16 14.32 9.64
CA LEU B 55 9.24 13.11 10.45
C LEU B 55 10.48 13.04 11.30
N HIS B 56 11.57 12.54 10.71
CA HIS B 56 12.86 12.36 11.40
C HIS B 56 12.74 11.19 12.40
N ASP B 57 11.58 11.08 13.01
CA ASP B 57 11.19 9.89 13.78
C ASP B 57 11.01 8.71 12.85
N TYR B 58 10.52 8.99 11.66
CA TYR B 58 10.22 8.00 10.60
C TYR B 58 10.96 6.69 10.70
N CYS B 59 12.26 6.74 10.64
CA CYS B 59 13.05 5.52 10.60
C CYS B 59 12.89 4.68 11.89
N ASP B 60 12.15 5.22 12.86
CA ASP B 60 11.82 4.50 14.08
C ASP B 60 10.53 3.77 13.85
N ILE B 61 9.73 4.38 13.03
CA ILE B 61 8.41 3.94 12.76
C ILE B 61 8.38 3.12 11.49
N ILE B 62 8.64 3.83 10.44
CA ILE B 62 8.42 3.42 9.10
C ILE B 62 9.63 2.66 8.58
N LYS B 63 9.61 1.36 8.78
CA LYS B 63 10.71 0.49 8.38
C LYS B 63 10.61 0.32 6.91
N HIS B 64 9.37 0.09 6.55
CA HIS B 64 9.01 -0.30 5.24
C HIS B 64 7.83 0.52 4.78
N PRO B 65 8.11 1.78 4.51
CA PRO B 65 7.13 2.69 4.00
C PRO B 65 6.63 2.21 2.68
N MET B 66 5.39 1.99 2.69
CA MET B 66 4.69 1.61 1.51
C MET B 66 3.77 2.72 1.13
N ASP B 67 3.40 2.76 -0.12
CA ASP B 67 2.45 3.72 -0.59
C ASP B 67 1.79 3.09 -1.78
N MET B 68 0.69 3.66 -2.19
CA MET B 68 -0.02 3.18 -3.35
C MET B 68 0.95 2.93 -4.47
N SER B 69 1.53 4.00 -5.00
CA SER B 69 2.44 3.92 -6.14
C SER B 69 3.50 2.87 -5.96
N THR B 70 3.90 2.60 -4.75
CA THR B 70 4.93 1.59 -4.57
C THR B 70 4.32 0.22 -4.68
N ILE B 71 3.14 0.00 -4.10
CA ILE B 71 2.54 -1.31 -4.22
C ILE B 71 1.85 -1.40 -5.55
N LYS B 72 1.77 -0.25 -6.19
CA LYS B 72 1.20 -0.11 -7.47
C LYS B 72 2.24 -0.47 -8.48
N SER B 73 3.42 0.04 -8.21
CA SER B 73 4.55 -0.11 -9.08
C SER B 73 5.19 -1.44 -8.91
N LYS B 74 5.36 -1.89 -7.70
CA LYS B 74 5.86 -3.21 -7.43
C LYS B 74 4.94 -4.24 -7.98
N LEU B 75 3.66 -3.97 -7.82
CA LEU B 75 2.65 -4.67 -8.49
C LEU B 75 3.00 -4.85 -9.96
N GLU B 76 3.09 -3.72 -10.63
CA GLU B 76 3.36 -3.69 -12.06
C GLU B 76 4.78 -4.14 -12.38
N ALA B 77 5.68 -3.92 -11.44
CA ALA B 77 7.06 -4.39 -11.49
C ALA B 77 7.07 -5.87 -11.36
N ARG B 78 5.96 -6.34 -10.84
CA ARG B 78 5.74 -7.74 -10.71
C ARG B 78 6.64 -8.29 -9.61
N GLU B 79 6.97 -7.41 -8.66
CA GLU B 79 7.62 -7.81 -7.44
C GLU B 79 6.62 -8.61 -6.66
N TYR B 80 5.37 -8.24 -6.92
CA TYR B 80 4.22 -8.86 -6.32
C TYR B 80 4.17 -10.31 -6.59
N ARG B 81 4.45 -11.01 -5.52
CA ARG B 81 4.46 -12.43 -5.49
C ARG B 81 3.07 -12.89 -5.81
N ASP B 82 2.16 -11.95 -5.56
CA ASP B 82 0.79 -12.03 -5.95
C ASP B 82 0.02 -10.89 -5.33
N ALA B 83 -1.27 -10.93 -5.49
CA ALA B 83 -2.17 -9.99 -4.87
C ALA B 83 -1.96 -9.91 -3.39
N GLN B 84 -1.55 -10.98 -2.80
CA GLN B 84 -1.38 -10.99 -1.40
C GLN B 84 -0.09 -10.27 -1.05
N GLU B 85 0.64 -9.93 -2.12
CA GLU B 85 1.75 -9.02 -2.01
C GLU B 85 1.23 -7.62 -2.28
N PHE B 86 0.25 -7.55 -3.19
CA PHE B 86 -0.46 -6.35 -3.46
C PHE B 86 -1.08 -5.79 -2.20
N GLY B 87 -2.10 -6.50 -1.73
CA GLY B 87 -2.82 -6.10 -0.55
C GLY B 87 -1.98 -6.19 0.67
N ALA B 88 -0.76 -6.63 0.52
CA ALA B 88 0.15 -6.64 1.60
C ALA B 88 0.70 -5.25 1.80
N ASP B 89 1.11 -4.65 0.72
CA ASP B 89 1.77 -3.37 0.79
C ASP B 89 0.74 -2.25 0.68
N VAL B 90 -0.45 -2.53 0.11
CA VAL B 90 -1.56 -1.55 0.21
C VAL B 90 -1.89 -1.39 1.65
N ARG B 91 -1.99 -2.50 2.31
CA ARG B 91 -2.32 -2.48 3.71
C ARG B 91 -1.12 -2.07 4.54
N LEU B 92 0.10 -2.32 4.05
CA LEU B 92 1.29 -1.92 4.75
C LEU B 92 1.40 -0.43 4.59
N MET B 93 1.06 0.04 3.41
CA MET B 93 1.05 1.46 3.17
C MET B 93 -0.06 2.10 3.99
N PHE B 94 -1.16 1.35 4.20
CA PHE B 94 -2.17 1.79 5.16
C PHE B 94 -1.54 1.76 6.56
N SER B 95 -0.68 0.77 6.79
CA SER B 95 -0.01 0.61 8.07
C SER B 95 0.93 1.75 8.35
N ASN B 96 1.81 2.11 7.40
CA ASN B 96 2.81 3.15 7.66
C ASN B 96 2.12 4.41 8.12
N CYS B 97 0.91 4.57 7.63
CA CYS B 97 0.05 5.65 8.09
C CYS B 97 -0.39 5.42 9.55
N TYR B 98 -0.88 4.23 9.85
CA TYR B 98 -1.36 3.92 11.21
C TYR B 98 -0.21 3.89 12.23
N LYS B 99 0.88 3.19 11.90
CA LYS B 99 2.04 3.05 12.80
C LYS B 99 2.59 4.39 13.21
N TYR B 100 2.65 5.30 12.27
CA TYR B 100 3.26 6.58 12.49
C TYR B 100 2.32 7.53 13.19
N ASN B 101 1.09 7.57 12.72
CA ASN B 101 0.18 8.62 13.10
C ASN B 101 -0.94 8.09 13.97
N PRO B 102 -1.67 8.98 14.65
CA PRO B 102 -2.89 8.60 15.34
C PRO B 102 -3.96 8.28 14.31
N PRO B 103 -4.88 7.36 14.62
CA PRO B 103 -5.90 6.92 13.66
C PRO B 103 -6.93 8.01 13.35
N ASP B 104 -6.69 9.21 13.86
CA ASP B 104 -7.54 10.35 13.61
C ASP B 104 -6.93 11.16 12.48
N HIS B 105 -5.73 10.74 12.12
CA HIS B 105 -4.92 11.43 11.15
C HIS B 105 -5.55 11.39 9.77
N GLU B 106 -5.13 12.31 8.92
CA GLU B 106 -5.62 12.37 7.56
C GLU B 106 -5.04 11.27 6.68
N VAL B 107 -3.72 11.05 6.73
CA VAL B 107 -3.16 9.88 6.04
C VAL B 107 -3.87 8.62 6.48
N VAL B 108 -3.93 8.36 7.76
CA VAL B 108 -4.55 7.13 8.21
C VAL B 108 -6.01 7.08 7.74
N ALA B 109 -6.54 8.27 7.52
CA ALA B 109 -7.91 8.46 7.13
C ALA B 109 -8.13 7.89 5.76
N MET B 110 -7.15 8.12 4.91
CA MET B 110 -7.11 7.51 3.58
C MET B 110 -7.17 6.04 3.77
N ALA B 111 -6.18 5.56 4.46
CA ALA B 111 -5.99 4.15 4.67
C ALA B 111 -7.28 3.37 4.94
N ARG B 112 -8.01 3.74 5.98
CA ARG B 112 -9.25 3.01 6.32
C ARG B 112 -10.34 3.26 5.27
N LYS B 113 -10.18 4.33 4.53
CA LYS B 113 -11.12 4.75 3.53
C LYS B 113 -10.78 4.11 2.16
N LEU B 114 -9.49 4.12 1.81
CA LEU B 114 -8.93 3.25 0.78
C LEU B 114 -9.19 1.81 1.12
N GLN B 115 -9.42 1.54 2.37
CA GLN B 115 -9.69 0.19 2.80
C GLN B 115 -11.11 -0.19 2.40
N ASP B 116 -12.00 0.79 2.37
CA ASP B 116 -13.30 0.60 1.76
C ASP B 116 -13.14 0.12 0.32
N VAL B 117 -12.48 0.95 -0.48
CA VAL B 117 -12.21 0.63 -1.88
C VAL B 117 -11.27 -0.58 -2.01
N PHE B 118 -10.02 -0.44 -1.57
CA PHE B 118 -8.99 -1.46 -1.76
C PHE B 118 -9.48 -2.83 -1.32
N GLU B 119 -9.96 -2.93 -0.09
CA GLU B 119 -10.30 -4.22 0.47
C GLU B 119 -11.45 -4.86 -0.32
N MET B 120 -12.41 -4.04 -0.73
CA MET B 120 -13.51 -4.50 -1.59
C MET B 120 -12.95 -4.96 -2.94
N ARG B 121 -12.09 -4.12 -3.51
CA ARG B 121 -11.36 -4.45 -4.71
C ARG B 121 -10.73 -5.83 -4.55
N PHE B 122 -9.93 -5.90 -3.50
CA PHE B 122 -9.10 -7.05 -3.16
C PHE B 122 -9.93 -8.29 -2.92
N ALA B 123 -11.19 -8.08 -2.60
CA ALA B 123 -12.04 -9.17 -2.17
C ALA B 123 -12.59 -9.93 -3.36
N LYS B 124 -12.82 -9.22 -4.45
CA LYS B 124 -13.32 -9.87 -5.66
C LYS B 124 -12.21 -10.08 -6.68
N MET B 125 -10.97 -10.18 -6.20
CA MET B 125 -9.84 -10.57 -7.04
C MET B 125 -9.97 -12.07 -7.36
N PRO B 126 -9.09 -12.63 -8.21
CA PRO B 126 -9.00 -14.06 -8.39
C PRO B 126 -8.75 -14.76 -7.05
N ASP B 127 -8.84 -16.07 -7.03
CA ASP B 127 -8.75 -16.81 -5.78
C ASP B 127 -7.87 -18.01 -5.88
N GLU B 128 -8.15 -18.76 -6.92
CA GLU B 128 -7.76 -20.15 -7.06
C GLU B 128 -8.77 -21.04 -6.36
N ARG A 1 9.85 5.34 24.61
CA ARG A 1 9.97 5.99 23.27
C ARG A 1 8.80 6.93 23.05
N THR A 2 9.06 8.02 22.33
CA THR A 2 8.05 9.03 22.08
C THR A 2 8.48 9.94 20.92
N TYR A 3 7.50 10.37 20.13
CA TYR A 3 7.76 11.26 19.01
C TYR A 3 6.50 12.06 18.69
N GLU A 4 6.67 13.36 18.48
CA GLU A 4 5.54 14.26 18.30
C GLU A 4 5.18 14.43 16.83
N THR A 5 6.11 14.07 15.95
CA THR A 5 5.91 14.26 14.52
C THR A 5 4.91 13.27 13.93
N PHE A 6 4.25 13.70 12.87
CA PHE A 6 3.41 12.83 12.05
C PHE A 6 3.63 13.20 10.59
OH ALY A 7 1.01 8.01 6.34
CH ALY A 7 1.67 8.12 5.31
CH3 ALY A 7 0.93 8.23 3.98
NZ ALY A 7 2.98 8.17 5.32
CE ALY A 7 3.74 8.07 6.57
CD ALY A 7 3.37 9.17 7.57
CG ALY A 7 3.88 10.53 7.13
CB ALY A 7 2.83 11.62 7.28
CA ALY A 7 3.23 12.76 8.24
N ALY A 7 3.15 12.39 9.65
C ALY A 7 2.33 13.97 8.00
O ALY A 7 1.12 13.82 7.85
HH31 ALY A 7 0.10 7.53 3.96
HH32 ALY A 7 0.57 9.23 3.85
HH33 ALY A 7 1.62 7.99 3.17
HZ ALY A 7 3.46 8.27 4.48
HE3 ALY A 7 3.57 7.11 7.02
HE2 ALY A 7 4.80 8.16 6.33
HD3 ALY A 7 2.29 9.21 7.64
HD2 ALY A 7 3.78 8.93 8.53
HG3 ALY A 7 4.75 10.78 7.72
HG2 ALY A 7 4.16 10.47 6.09
HB3 ALY A 7 2.68 12.06 6.31
HB2 ALY A 7 1.89 11.18 7.62
HA ALY A 7 4.27 13.04 8.04
H ALY A 7 2.72 11.54 9.91
N SER A 8 2.93 15.16 8.01
CA SER A 8 2.19 16.41 7.87
C SER A 8 1.37 16.44 6.59
N ILE A 9 0.17 16.99 6.69
CA ILE A 9 -0.75 17.07 5.59
C ILE A 9 -1.32 18.49 5.48
N MET A 10 -0.62 19.36 4.77
CA MET A 10 -1.07 20.73 4.64
C MET A 10 -2.23 20.81 3.65
N LYS A 11 -2.14 20.00 2.61
CA LYS A 11 -3.20 19.89 1.62
C LYS A 11 -2.92 18.73 0.69
N LYS A 12 -1.84 18.85 -0.06
CA LYS A 12 -1.35 17.76 -0.90
C LYS A 12 0.07 17.40 -0.47
N SER A 13 0.74 18.36 0.16
CA SER A 13 2.05 18.14 0.74
C SER A 13 2.26 19.13 1.90
N LYS B 1 17.03 -15.00 -3.04
CA LYS B 1 16.24 -15.32 -1.83
C LYS B 1 15.42 -16.59 -2.05
N ASP B 2 16.11 -17.71 -2.20
CA ASP B 2 15.45 -18.98 -2.39
C ASP B 2 15.09 -19.59 -1.05
N VAL B 3 13.91 -20.19 -0.98
CA VAL B 3 13.46 -20.81 0.25
C VAL B 3 13.19 -22.29 0.06
N PRO B 4 13.63 -23.13 1.01
CA PRO B 4 13.35 -24.57 0.99
C PRO B 4 11.86 -24.84 1.17
N ASP B 5 11.21 -25.30 0.10
CA ASP B 5 9.77 -25.54 0.09
C ASP B 5 9.02 -24.29 0.56
N SER B 6 8.37 -24.37 1.72
CA SER B 6 7.61 -23.25 2.28
C SER B 6 6.44 -22.86 1.37
N GLN B 7 6.75 -22.14 0.30
CA GLN B 7 5.77 -21.70 -0.67
C GLN B 7 6.47 -21.52 -2.01
N GLN B 8 6.74 -22.63 -2.68
CA GLN B 8 7.49 -22.60 -3.93
C GLN B 8 6.80 -21.76 -4.99
N HIS B 9 5.50 -21.96 -5.15
CA HIS B 9 4.72 -21.15 -6.07
C HIS B 9 3.42 -20.73 -5.43
N PRO B 10 3.09 -19.46 -5.60
CA PRO B 10 1.87 -18.85 -5.10
C PRO B 10 0.74 -18.98 -6.10
N ALA B 11 0.79 -20.02 -6.89
CA ALA B 11 -0.03 -20.16 -8.07
C ALA B 11 -0.22 -21.61 -8.39
N PRO B 12 -1.18 -21.85 -9.28
CA PRO B 12 -1.47 -23.17 -9.82
C PRO B 12 -0.22 -23.82 -10.40
N GLU B 13 0.68 -22.99 -10.91
CA GLU B 13 2.00 -23.43 -11.35
C GLU B 13 2.92 -22.23 -11.57
N LYS B 14 2.33 -21.11 -11.99
CA LYS B 14 3.09 -19.91 -12.28
C LYS B 14 2.40 -18.68 -11.74
N SER B 15 1.35 -18.25 -12.43
CA SER B 15 0.70 -17.03 -12.04
C SER B 15 -0.66 -16.86 -12.71
N SER B 16 -1.31 -17.98 -13.03
CA SER B 16 -2.68 -17.94 -13.56
C SER B 16 -3.64 -17.45 -12.49
N LYS B 17 -3.11 -17.28 -11.30
CA LYS B 17 -3.80 -16.58 -10.23
C LYS B 17 -3.09 -15.27 -9.96
N VAL B 18 -1.81 -15.35 -9.62
CA VAL B 18 -1.03 -14.19 -9.21
C VAL B 18 -1.07 -13.05 -10.19
N SER B 19 -0.41 -13.23 -11.31
CA SER B 19 -0.22 -12.15 -12.26
C SER B 19 -1.57 -11.59 -12.71
N GLU B 20 -2.57 -12.45 -12.68
CA GLU B 20 -3.94 -12.07 -12.98
C GLU B 20 -4.54 -11.32 -11.79
N GLN B 21 -4.14 -11.75 -10.60
CA GLN B 21 -4.42 -11.04 -9.36
C GLN B 21 -3.80 -9.67 -9.36
N LEU B 22 -2.54 -9.60 -9.74
CA LEU B 22 -1.76 -8.37 -9.76
C LEU B 22 -2.33 -7.42 -10.76
N LYS B 23 -2.54 -7.93 -11.92
CA LYS B 23 -3.22 -7.21 -12.97
C LYS B 23 -4.58 -6.73 -12.46
N CYS B 24 -5.14 -7.51 -11.57
CA CYS B 24 -6.36 -7.14 -10.88
C CYS B 24 -6.03 -6.05 -9.88
N CYS B 25 -4.99 -6.33 -9.11
CA CYS B 25 -4.50 -5.49 -8.07
C CYS B 25 -4.24 -4.10 -8.59
N SER B 26 -3.43 -4.02 -9.62
CA SER B 26 -3.13 -2.73 -10.24
C SER B 26 -4.40 -2.01 -10.65
N GLY B 27 -5.35 -2.68 -11.28
CA GLY B 27 -6.57 -1.99 -11.66
C GLY B 27 -7.37 -1.58 -10.44
N ILE B 28 -6.95 -2.15 -9.34
CA ILE B 28 -7.59 -2.01 -8.05
C ILE B 28 -6.89 -0.93 -7.23
N LEU B 29 -5.58 -0.88 -7.35
CA LEU B 29 -4.75 0.14 -6.75
C LEU B 29 -4.74 1.37 -7.60
N LYS B 30 -4.69 1.16 -8.88
CA LYS B 30 -4.73 2.25 -9.80
C LYS B 30 -6.13 2.80 -9.79
N GLU B 31 -7.04 1.97 -9.30
CA GLU B 31 -8.34 2.41 -8.88
C GLU B 31 -8.16 3.33 -7.72
N MET B 32 -7.40 2.90 -6.70
CA MET B 32 -7.19 3.69 -5.53
C MET B 32 -6.50 4.96 -5.95
N PHE B 33 -5.71 4.80 -6.99
CA PHE B 33 -4.97 5.86 -7.56
C PHE B 33 -5.87 6.81 -8.36
N ALA B 34 -7.13 6.43 -8.51
CA ALA B 34 -8.12 7.25 -9.20
C ALA B 34 -8.37 8.52 -8.44
N LYS B 35 -8.61 9.60 -9.17
CA LYS B 35 -8.80 10.93 -8.59
C LYS B 35 -10.03 10.97 -7.65
N LYS B 36 -10.60 9.81 -7.39
CA LYS B 36 -11.71 9.69 -6.46
C LYS B 36 -11.18 9.30 -5.10
N HIS B 37 -10.17 8.43 -5.07
CA HIS B 37 -9.58 8.05 -3.82
C HIS B 37 -8.47 8.97 -3.51
N ALA B 38 -8.22 9.91 -4.39
CA ALA B 38 -7.17 10.86 -4.18
C ALA B 38 -7.57 11.97 -3.22
N ALA B 39 -8.75 11.86 -2.66
CA ALA B 39 -9.07 12.62 -1.47
C ALA B 39 -8.52 11.87 -0.28
N TYR B 40 -8.34 10.58 -0.48
CA TYR B 40 -8.01 9.68 0.57
C TYR B 40 -7.08 8.54 0.13
N ALA B 41 -6.09 8.84 -0.70
CA ALA B 41 -5.13 7.84 -1.13
C ALA B 41 -3.89 8.49 -1.61
N TRP B 42 -3.94 9.76 -1.67
CA TRP B 42 -2.91 10.55 -2.33
C TRP B 42 -1.62 10.68 -1.49
N PRO B 43 -1.67 10.58 -0.12
CA PRO B 43 -0.46 10.51 0.70
C PRO B 43 0.12 9.12 0.59
N PHE B 44 -0.68 8.31 -0.10
CA PHE B 44 -0.40 6.94 -0.38
C PHE B 44 0.03 6.82 -1.83
N TYR B 45 -0.58 7.61 -2.74
CA TYR B 45 -0.15 7.59 -4.13
C TYR B 45 1.36 7.63 -4.26
N LYS B 46 2.04 8.13 -3.24
CA LYS B 46 3.48 8.15 -3.23
C LYS B 46 4.05 8.07 -1.80
N PRO B 47 5.38 7.90 -1.71
CA PRO B 47 6.10 7.60 -0.47
C PRO B 47 6.00 8.69 0.59
N VAL B 48 6.38 8.28 1.79
CA VAL B 48 6.59 9.16 2.91
C VAL B 48 7.90 9.90 2.72
N ASP B 49 7.78 11.19 2.66
CA ASP B 49 8.93 12.06 2.49
C ASP B 49 9.25 12.64 3.83
N VAL B 50 10.18 12.00 4.46
CA VAL B 50 10.39 12.15 5.87
C VAL B 50 11.12 13.44 6.18
N GLU B 51 11.74 13.95 5.16
CA GLU B 51 12.41 15.24 5.21
C GLU B 51 11.42 16.32 4.82
N ALA B 52 10.29 15.86 4.33
CA ALA B 52 9.24 16.72 3.82
C ALA B 52 8.16 16.97 4.86
N LEU B 53 7.53 15.89 5.29
CA LEU B 53 6.46 15.92 6.26
C LEU B 53 7.02 16.33 7.62
N GLY B 54 8.34 16.26 7.73
CA GLY B 54 9.02 16.69 8.92
C GLY B 54 9.25 15.58 9.91
N LEU B 55 9.26 14.36 9.40
CA LEU B 55 9.40 13.16 10.22
C LEU B 55 10.68 13.17 11.04
N HIS B 56 11.78 12.71 10.44
CA HIS B 56 13.10 12.63 11.09
C HIS B 56 13.11 11.46 12.08
N ASP B 57 11.94 11.20 12.64
CA ASP B 57 11.69 10.03 13.47
C ASP B 57 11.41 8.82 12.60
N TYR B 58 10.94 9.08 11.40
CA TYR B 58 10.60 8.08 10.37
C TYR B 58 11.31 6.76 10.48
N CYS B 59 12.60 6.77 10.39
CA CYS B 59 13.35 5.52 10.37
C CYS B 59 13.20 4.74 11.69
N ASP B 60 12.46 5.30 12.64
CA ASP B 60 12.14 4.60 13.88
C ASP B 60 10.86 3.88 13.69
N ILE B 61 10.04 4.52 12.89
CA ILE B 61 8.70 4.09 12.65
C ILE B 61 8.63 3.26 11.40
N ILE B 62 8.87 3.96 10.34
CA ILE B 62 8.62 3.50 9.01
C ILE B 62 9.80 2.66 8.52
N LYS B 63 9.70 1.37 8.77
CA LYS B 63 10.76 0.44 8.42
C LYS B 63 10.67 0.22 6.96
N HIS B 64 9.42 0.08 6.58
CA HIS B 64 9.06 -0.33 5.27
C HIS B 64 7.92 0.50 4.78
N PRO B 65 8.22 1.75 4.48
CA PRO B 65 7.29 2.68 3.95
C PRO B 65 6.74 2.20 2.65
N MET B 66 5.47 2.03 2.68
CA MET B 66 4.74 1.63 1.53
C MET B 66 3.82 2.75 1.13
N ASP B 67 3.45 2.75 -0.12
CA ASP B 67 2.47 3.67 -0.60
C ASP B 67 1.81 3.04 -1.77
N MET B 68 0.70 3.59 -2.18
CA MET B 68 -0.01 3.12 -3.34
C MET B 68 0.96 2.89 -4.47
N SER B 69 1.55 3.97 -4.97
CA SER B 69 2.50 3.92 -6.09
C SER B 69 3.52 2.83 -5.93
N THR B 70 3.91 2.53 -4.72
CA THR B 70 4.93 1.50 -4.56
C THR B 70 4.32 0.15 -4.65
N ILE B 71 3.15 -0.06 -4.07
CA ILE B 71 2.54 -1.37 -4.19
C ILE B 71 1.86 -1.45 -5.52
N LYS B 72 1.76 -0.30 -6.16
CA LYS B 72 1.23 -0.20 -7.46
C LYS B 72 2.30 -0.56 -8.44
N SER B 73 3.45 0.01 -8.19
CA SER B 73 4.59 -0.13 -9.03
C SER B 73 5.22 -1.48 -8.90
N LYS B 74 5.36 -1.96 -7.69
CA LYS B 74 5.82 -3.29 -7.45
C LYS B 74 4.87 -4.29 -8.03
N LEU B 75 3.61 -4.02 -7.84
CA LEU B 75 2.58 -4.70 -8.52
C LEU B 75 2.90 -4.83 -9.99
N GLU B 76 3.01 -3.69 -10.63
CA GLU B 76 3.28 -3.63 -12.05
C GLU B 76 4.68 -4.13 -12.39
N ALA B 77 5.60 -3.96 -11.45
CA ALA B 77 6.96 -4.47 -11.54
C ALA B 77 6.95 -5.96 -11.46
N ARG B 78 5.85 -6.43 -10.92
CA ARG B 78 5.58 -7.83 -10.81
C ARG B 78 6.44 -8.42 -9.70
N GLU B 79 6.83 -7.55 -8.76
CA GLU B 79 7.51 -7.97 -7.55
C GLU B 79 6.49 -8.74 -6.74
N TYR B 80 5.24 -8.37 -7.00
CA TYR B 80 4.10 -8.95 -6.35
C TYR B 80 4.00 -10.40 -6.59
N ARG B 81 4.30 -11.07 -5.50
CA ARG B 81 4.21 -12.49 -5.42
C ARG B 81 2.81 -12.88 -5.75
N ASP B 82 1.95 -11.92 -5.48
CA ASP B 82 0.57 -11.91 -5.88
C ASP B 82 -0.09 -10.70 -5.32
N ALA B 83 -1.39 -10.71 -5.43
CA ALA B 83 -2.22 -9.78 -4.76
C ALA B 83 -1.97 -9.77 -3.29
N GLN B 84 -1.56 -10.89 -2.78
CA GLN B 84 -1.37 -11.00 -1.38
C GLN B 84 -0.07 -10.30 -1.04
N GLU B 85 0.66 -9.93 -2.09
CA GLU B 85 1.78 -9.01 -1.98
C GLU B 85 1.25 -7.62 -2.25
N PHE B 86 0.28 -7.53 -3.18
CA PHE B 86 -0.42 -6.31 -3.46
C PHE B 86 -1.02 -5.73 -2.20
N GLY B 87 -2.05 -6.41 -1.72
CA GLY B 87 -2.73 -6.01 -0.52
C GLY B 87 -1.81 -5.83 0.62
N ALA B 88 -0.80 -6.65 0.67
CA ALA B 88 0.10 -6.63 1.77
C ALA B 88 0.72 -5.26 1.95
N ASP B 89 1.13 -4.68 0.85
CA ASP B 89 1.80 -3.41 0.90
C ASP B 89 0.80 -2.26 0.77
N VAL B 90 -0.41 -2.55 0.24
CA VAL B 90 -1.52 -1.59 0.31
C VAL B 90 -1.82 -1.34 1.76
N ARG B 91 -1.80 -2.40 2.49
CA ARG B 91 -2.14 -2.34 3.89
C ARG B 91 -0.90 -2.06 4.71
N LEU B 92 0.27 -2.21 4.09
CA LEU B 92 1.48 -1.84 4.75
C LEU B 92 1.57 -0.34 4.60
N MET B 93 1.14 0.15 3.46
CA MET B 93 1.07 1.59 3.26
C MET B 93 -0.09 2.15 4.09
N PHE B 94 -1.14 1.34 4.27
CA PHE B 94 -2.16 1.69 5.26
C PHE B 94 -1.57 1.53 6.67
N SER B 95 -0.45 0.83 6.76
CA SER B 95 0.23 0.63 8.01
C SER B 95 1.16 1.80 8.29
N ASN B 96 1.92 2.25 7.28
CA ASN B 96 2.91 3.30 7.53
C ASN B 96 2.21 4.56 7.99
N CYS B 97 0.96 4.70 7.59
CA CYS B 97 0.15 5.78 8.11
C CYS B 97 -0.33 5.47 9.54
N TYR B 98 -0.85 4.27 9.78
CA TYR B 98 -1.34 3.92 11.12
C TYR B 98 -0.20 3.86 12.15
N LYS B 99 1.00 3.51 11.71
CA LYS B 99 2.14 3.34 12.61
C LYS B 99 2.67 4.69 13.07
N TYR B 100 2.89 5.55 12.11
CA TYR B 100 3.50 6.84 12.38
C TYR B 100 2.48 7.78 13.01
N ASN B 101 1.25 7.70 12.53
CA ASN B 101 0.24 8.68 12.88
C ASN B 101 -0.87 8.05 13.71
N PRO B 102 -1.65 8.87 14.41
CA PRO B 102 -2.85 8.40 15.10
C PRO B 102 -3.92 8.03 14.09
N PRO B 103 -4.78 7.07 14.39
CA PRO B 103 -5.76 6.55 13.44
C PRO B 103 -6.90 7.52 13.12
N ASP B 104 -6.78 8.76 13.61
CA ASP B 104 -7.76 9.79 13.31
C ASP B 104 -7.14 10.77 12.32
N HIS B 105 -5.88 10.51 12.04
CA HIS B 105 -5.06 11.31 11.14
C HIS B 105 -5.63 11.31 9.72
N GLU B 106 -5.20 12.27 8.92
CA GLU B 106 -5.63 12.35 7.53
C GLU B 106 -5.00 11.26 6.66
N VAL B 107 -3.69 11.07 6.72
CA VAL B 107 -3.10 9.92 6.02
C VAL B 107 -3.77 8.64 6.42
N VAL B 108 -3.88 8.37 7.71
CA VAL B 108 -4.48 7.12 8.12
C VAL B 108 -5.93 7.06 7.67
N ALA B 109 -6.49 8.24 7.45
CA ALA B 109 -7.85 8.39 7.00
C ALA B 109 -7.99 7.75 5.66
N MET B 110 -7.04 8.06 4.80
CA MET B 110 -6.96 7.46 3.48
C MET B 110 -7.10 5.99 3.63
N ALA B 111 -6.16 5.48 4.38
CA ALA B 111 -6.04 4.08 4.62
C ALA B 111 -7.36 3.38 4.93
N ARG B 112 -8.16 3.96 5.81
CA ARG B 112 -9.39 3.30 6.24
C ARG B 112 -10.46 3.26 5.13
N LYS B 113 -10.53 4.29 4.29
CA LYS B 113 -11.53 4.28 3.23
C LYS B 113 -10.91 3.79 1.92
N LEU B 114 -9.59 3.88 1.79
CA LEU B 114 -8.86 3.11 0.81
C LEU B 114 -9.04 1.65 1.12
N GLN B 115 -9.32 1.35 2.36
CA GLN B 115 -9.57 -0.01 2.76
C GLN B 115 -10.99 -0.37 2.35
N ASP B 116 -11.87 0.61 2.39
CA ASP B 116 -13.19 0.47 1.82
C ASP B 116 -13.08 0.05 0.36
N VAL B 117 -12.41 0.88 -0.44
CA VAL B 117 -12.16 0.58 -1.85
C VAL B 117 -11.23 -0.62 -2.00
N PHE B 118 -9.98 -0.52 -1.54
CA PHE B 118 -8.96 -1.54 -1.78
C PHE B 118 -9.46 -2.93 -1.41
N GLU B 119 -10.00 -3.06 -0.21
CA GLU B 119 -10.33 -4.37 0.31
C GLU B 119 -11.49 -4.96 -0.48
N MET B 120 -12.45 -4.10 -0.82
CA MET B 120 -13.56 -4.45 -1.69
C MET B 120 -13.04 -4.90 -3.06
N ARG B 121 -12.18 -4.06 -3.64
CA ARG B 121 -11.45 -4.38 -4.85
C ARG B 121 -10.84 -5.77 -4.74
N PHE B 122 -10.04 -5.90 -3.70
CA PHE B 122 -9.24 -7.08 -3.39
C PHE B 122 -10.08 -8.33 -3.37
N ALA B 123 -11.35 -8.15 -3.07
CA ALA B 123 -12.25 -9.27 -2.92
C ALA B 123 -12.74 -9.76 -4.27
N LYS B 124 -12.87 -8.85 -5.22
CA LYS B 124 -13.27 -9.21 -6.58
C LYS B 124 -12.15 -9.90 -7.35
N MET B 125 -10.97 -10.03 -6.74
CA MET B 125 -9.85 -10.65 -7.45
C MET B 125 -10.13 -12.13 -7.76
N PRO B 126 -9.26 -12.78 -8.57
CA PRO B 126 -9.32 -14.21 -8.82
C PRO B 126 -9.28 -15.04 -7.53
N ASP B 127 -9.13 -16.36 -7.68
CA ASP B 127 -9.15 -17.27 -6.53
C ASP B 127 -8.85 -18.67 -6.96
N GLU B 128 -9.28 -18.89 -8.16
CA GLU B 128 -9.29 -20.18 -8.83
C GLU B 128 -9.79 -21.31 -7.94
N ARG A 1 9.11 14.63 24.34
CA ARG A 1 8.61 14.62 22.94
C ARG A 1 8.57 13.20 22.41
N THR A 2 7.38 12.60 22.41
CA THR A 2 7.21 11.25 21.89
C THR A 2 6.64 11.31 20.49
N TYR A 3 7.52 11.39 19.50
CA TYR A 3 7.14 11.55 18.10
C TYR A 3 6.43 12.89 17.90
N GLU A 4 5.09 12.87 18.00
CA GLU A 4 4.28 14.09 17.89
C GLU A 4 4.50 14.82 16.56
N THR A 5 5.02 14.12 15.56
CA THR A 5 5.25 14.74 14.27
C THR A 5 4.07 14.51 13.34
N PHE A 6 3.82 13.24 13.05
CA PHE A 6 2.86 12.79 12.01
C PHE A 6 3.14 13.41 10.64
OH ALY A 7 0.92 7.98 6.31
CH ALY A 7 1.59 8.24 5.33
CH3 ALY A 7 0.95 8.22 3.95
NZ ALY A 7 2.87 8.52 5.43
CE ALY A 7 3.56 8.56 6.73
CD ALY A 7 3.12 9.76 7.57
CG ALY A 7 3.57 11.05 6.95
CB ALY A 7 2.57 12.18 7.15
CA ALY A 7 2.97 13.21 8.23
N ALY A 7 2.83 12.66 9.58
C ALY A 7 2.07 14.45 8.11
O ALY A 7 0.85 14.32 8.25
HH31 ALY A 7 0.08 7.57 3.96
HH32 ALY A 7 0.64 9.23 3.68
HH33 ALY A 7 1.66 7.85 3.22
HZ ALY A 7 3.39 8.72 4.63
HE3 ALY A 7 3.33 7.65 7.27
HE2 ALY A 7 4.62 8.63 6.56
HD3 ALY A 7 2.04 9.76 7.64
HD2 ALY A 7 3.55 9.66 8.56
HG3 ALY A 7 4.52 11.34 7.40
HG2 ALY A 7 3.71 10.90 5.89
HB3 ALY A 7 2.50 12.71 6.21
HB2 ALY A 7 1.59 11.76 7.40
HA ALY A 7 4.02 13.48 8.09
H ALY A 7 2.48 11.75 9.71
N SER A 8 2.66 15.63 7.92
CA SER A 8 1.95 16.92 7.97
C SER A 8 0.59 16.90 7.26
N ILE A 9 0.62 16.83 5.93
CA ILE A 9 -0.57 16.79 5.08
C ILE A 9 -1.21 18.16 4.92
N MET A 10 -1.46 18.53 3.67
CA MET A 10 -2.18 19.75 3.35
C MET A 10 -3.17 19.46 2.22
N LYS A 11 -4.45 19.71 2.50
CA LYS A 11 -5.50 19.45 1.52
C LYS A 11 -5.48 20.48 0.40
N LYS A 12 -6.43 20.37 -0.52
CA LYS A 12 -6.49 21.19 -1.73
C LYS A 12 -5.38 20.80 -2.69
N SER A 13 -5.71 19.97 -3.65
CA SER A 13 -4.76 19.51 -4.65
C SER A 13 -5.47 19.21 -5.97
N LYS B 1 22.49 -29.48 -15.69
CA LYS B 1 21.13 -29.45 -16.26
C LYS B 1 20.17 -30.26 -15.38
N ASP B 2 19.40 -29.57 -14.55
CA ASP B 2 18.46 -30.22 -13.66
C ASP B 2 17.10 -29.54 -13.74
N VAL B 3 16.26 -30.03 -14.66
CA VAL B 3 14.92 -29.48 -14.95
C VAL B 3 15.02 -28.03 -15.44
N PRO B 4 13.95 -27.50 -16.09
CA PRO B 4 13.91 -26.12 -16.55
C PRO B 4 14.32 -25.12 -15.46
N ASP B 5 13.50 -25.01 -14.42
CA ASP B 5 13.78 -24.10 -13.30
C ASP B 5 12.75 -24.27 -12.21
N SER B 6 13.22 -24.34 -10.97
CA SER B 6 12.34 -24.46 -9.82
C SER B 6 12.27 -23.14 -9.07
N GLN B 7 13.30 -22.86 -8.26
CA GLN B 7 13.43 -21.58 -7.56
C GLN B 7 12.25 -21.30 -6.63
N GLN B 8 12.21 -20.10 -6.08
CA GLN B 8 11.15 -19.70 -5.18
C GLN B 8 9.98 -19.13 -5.99
N HIS B 9 8.93 -19.94 -6.14
CA HIS B 9 7.78 -19.50 -6.92
C HIS B 9 6.53 -19.43 -6.08
N PRO B 10 5.82 -18.32 -6.23
CA PRO B 10 4.51 -18.10 -5.63
C PRO B 10 3.42 -18.68 -6.51
N ALA B 11 3.84 -19.22 -7.64
CA ALA B 11 2.95 -19.70 -8.66
C ALA B 11 3.40 -21.04 -9.17
N PRO B 12 2.49 -21.73 -9.84
CA PRO B 12 2.74 -22.99 -10.48
C PRO B 12 4.01 -22.96 -11.33
N GLU B 13 4.02 -22.10 -12.34
CA GLU B 13 5.22 -21.85 -13.12
C GLU B 13 5.27 -20.42 -13.61
N LYS B 14 4.32 -19.60 -13.16
CA LYS B 14 4.20 -18.22 -13.64
C LYS B 14 3.20 -17.46 -12.80
N SER B 15 1.93 -17.77 -12.98
CA SER B 15 0.88 -17.08 -12.26
C SER B 15 -0.35 -17.96 -12.10
N SER B 16 -1.09 -18.15 -13.19
CA SER B 16 -2.42 -18.75 -13.17
C SER B 16 -3.40 -17.85 -12.41
N LYS B 17 -3.02 -17.45 -11.21
CA LYS B 17 -3.78 -16.49 -10.45
C LYS B 17 -3.03 -15.18 -10.26
N VAL B 18 -1.79 -15.28 -9.82
CA VAL B 18 -0.98 -14.13 -9.41
C VAL B 18 -1.03 -12.96 -10.33
N SER B 19 -0.34 -13.07 -11.45
CA SER B 19 -0.15 -11.95 -12.33
C SER B 19 -1.51 -11.47 -12.85
N GLU B 20 -2.48 -12.37 -12.80
CA GLU B 20 -3.87 -12.04 -13.10
C GLU B 20 -4.40 -11.16 -11.95
N GLN B 21 -4.07 -11.59 -10.73
CA GLN B 21 -4.38 -10.88 -9.51
C GLN B 21 -3.68 -9.55 -9.44
N LEU B 22 -2.42 -9.52 -9.80
CA LEU B 22 -1.62 -8.31 -9.78
C LEU B 22 -2.18 -7.34 -10.76
N LYS B 23 -2.37 -7.84 -11.94
CA LYS B 23 -3.07 -7.11 -12.98
C LYS B 23 -4.43 -6.64 -12.48
N CYS B 24 -4.93 -7.36 -11.51
CA CYS B 24 -6.21 -7.03 -10.90
C CYS B 24 -5.94 -5.97 -9.87
N CYS B 25 -4.91 -6.23 -9.09
CA CYS B 25 -4.50 -5.43 -8.01
C CYS B 25 -4.14 -4.06 -8.51
N SER B 26 -3.39 -4.00 -9.59
CA SER B 26 -3.09 -2.73 -10.23
C SER B 26 -4.36 -2.02 -10.63
N GLY B 27 -5.33 -2.71 -11.21
CA GLY B 27 -6.58 -2.03 -11.56
C GLY B 27 -7.35 -1.66 -10.31
N ILE B 28 -6.88 -2.22 -9.22
CA ILE B 28 -7.49 -2.12 -7.91
C ILE B 28 -6.85 -0.99 -7.13
N LEU B 29 -5.55 -0.89 -7.29
CA LEU B 29 -4.75 0.14 -6.72
C LEU B 29 -4.76 1.36 -7.57
N LYS B 30 -4.71 1.14 -8.85
CA LYS B 30 -4.77 2.22 -9.79
C LYS B 30 -6.19 2.74 -9.78
N GLU B 31 -7.06 1.90 -9.24
CA GLU B 31 -8.37 2.33 -8.82
C GLU B 31 -8.17 3.29 -7.69
N MET B 32 -7.41 2.92 -6.66
CA MET B 32 -7.23 3.78 -5.53
C MET B 32 -6.53 5.02 -6.00
N PHE B 33 -5.72 4.81 -7.01
CA PHE B 33 -4.98 5.86 -7.61
C PHE B 33 -5.87 6.75 -8.48
N ALA B 34 -7.15 6.39 -8.55
CA ALA B 34 -8.16 7.19 -9.24
C ALA B 34 -8.41 8.46 -8.47
N LYS B 35 -8.68 9.53 -9.21
CA LYS B 35 -8.85 10.86 -8.63
C LYS B 35 -10.06 10.91 -7.69
N LYS B 36 -10.65 9.75 -7.44
CA LYS B 36 -11.74 9.63 -6.49
C LYS B 36 -11.18 9.29 -5.13
N HIS B 37 -10.19 8.39 -5.09
CA HIS B 37 -9.58 8.02 -3.85
C HIS B 37 -8.47 8.96 -3.56
N ALA B 38 -8.22 9.87 -4.46
CA ALA B 38 -7.17 10.84 -4.25
C ALA B 38 -7.57 11.95 -3.30
N ALA B 39 -8.76 11.85 -2.76
CA ALA B 39 -9.09 12.63 -1.59
C ALA B 39 -8.56 11.90 -0.37
N TYR B 40 -8.36 10.61 -0.56
CA TYR B 40 -8.02 9.72 0.51
C TYR B 40 -7.10 8.60 0.08
N ALA B 41 -6.09 8.89 -0.74
CA ALA B 41 -5.14 7.87 -1.16
C ALA B 41 -3.90 8.52 -1.67
N TRP B 42 -3.94 9.80 -1.73
CA TRP B 42 -2.93 10.59 -2.39
C TRP B 42 -1.64 10.74 -1.53
N PRO B 43 -1.69 10.64 -0.17
CA PRO B 43 -0.47 10.60 0.65
C PRO B 43 0.10 9.21 0.56
N PHE B 44 -0.67 8.39 -0.12
CA PHE B 44 -0.40 7.02 -0.38
C PHE B 44 0.02 6.87 -1.83
N TYR B 45 -0.58 7.63 -2.75
CA TYR B 45 -0.16 7.60 -4.16
C TYR B 45 1.35 7.65 -4.31
N LYS B 46 2.03 8.15 -3.30
CA LYS B 46 3.48 8.17 -3.29
C LYS B 46 4.04 8.09 -1.87
N PRO B 47 5.36 7.96 -1.76
CA PRO B 47 6.07 7.67 -0.50
C PRO B 47 5.98 8.78 0.52
N VAL B 48 6.35 8.42 1.72
CA VAL B 48 6.49 9.34 2.85
C VAL B 48 7.80 10.10 2.70
N ASP B 49 7.69 11.38 2.65
CA ASP B 49 8.82 12.27 2.50
C ASP B 49 9.14 12.80 3.86
N VAL B 50 10.03 12.11 4.47
CA VAL B 50 10.25 12.21 5.90
C VAL B 50 10.99 13.48 6.24
N GLU B 51 11.67 14.00 5.27
CA GLU B 51 12.36 15.28 5.39
C GLU B 51 11.40 16.40 5.03
N ALA B 52 10.28 15.99 4.49
CA ALA B 52 9.25 16.90 4.00
C ALA B 52 8.17 17.14 5.03
N LEU B 53 7.50 16.06 5.38
CA LEU B 53 6.40 16.09 6.33
C LEU B 53 6.94 16.39 7.73
N GLY B 54 8.26 16.39 7.83
CA GLY B 54 8.92 16.78 9.05
C GLY B 54 9.08 15.64 10.03
N LEU B 55 9.12 14.44 9.49
CA LEU B 55 9.19 13.22 10.27
C LEU B 55 10.43 13.19 11.16
N HIS B 56 11.55 12.76 10.59
CA HIS B 56 12.85 12.64 11.30
C HIS B 56 12.78 11.46 12.27
N ASP B 57 11.62 11.29 12.86
CA ASP B 57 11.26 10.12 13.64
C ASP B 57 11.06 8.94 12.73
N TYR B 58 10.58 9.20 11.52
CA TYR B 58 10.27 8.20 10.48
C TYR B 58 10.99 6.89 10.60
N CYS B 59 12.28 6.92 10.55
CA CYS B 59 13.07 5.70 10.54
C CYS B 59 12.89 4.89 11.85
N ASP B 60 12.15 5.44 12.82
CA ASP B 60 11.81 4.73 14.04
C ASP B 60 10.54 3.97 13.80
N ILE B 61 9.75 4.59 12.97
CA ILE B 61 8.43 4.16 12.69
C ILE B 61 8.40 3.32 11.45
N ILE B 62 8.66 4.02 10.38
CA ILE B 62 8.44 3.56 9.05
C ILE B 62 9.64 2.78 8.57
N LYS B 63 9.57 1.47 8.78
CA LYS B 63 10.65 0.57 8.44
C LYS B 63 10.60 0.36 6.98
N HIS B 64 9.37 0.17 6.58
CA HIS B 64 9.03 -0.22 5.27
C HIS B 64 7.87 0.59 4.78
N PRO B 65 8.14 1.84 4.50
CA PRO B 65 7.17 2.75 3.97
C PRO B 65 6.65 2.25 2.67
N MET B 66 5.41 2.04 2.69
CA MET B 66 4.70 1.64 1.52
C MET B 66 3.78 2.73 1.13
N ASP B 67 3.41 2.75 -0.12
CA ASP B 67 2.46 3.69 -0.61
C ASP B 67 1.77 3.05 -1.78
N MET B 68 0.67 3.62 -2.18
CA MET B 68 -0.06 3.14 -3.34
C MET B 68 0.90 2.91 -4.46
N SER B 69 1.52 4.00 -4.93
CA SER B 69 2.47 3.97 -6.04
C SER B 69 3.45 2.83 -5.92
N THR B 70 3.87 2.52 -4.73
CA THR B 70 4.89 1.51 -4.59
C THR B 70 4.27 0.14 -4.68
N ILE B 71 3.11 -0.07 -4.08
CA ILE B 71 2.52 -1.38 -4.18
C ILE B 71 1.84 -1.47 -5.51
N LYS B 72 1.76 -0.33 -6.15
CA LYS B 72 1.21 -0.21 -7.46
C LYS B 72 2.27 -0.61 -8.43
N SER B 73 3.42 -0.04 -8.20
CA SER B 73 4.55 -0.18 -9.06
C SER B 73 5.16 -1.53 -8.93
N LYS B 74 5.28 -2.03 -7.72
CA LYS B 74 5.76 -3.36 -7.48
C LYS B 74 4.82 -4.38 -8.05
N LEU B 75 3.55 -4.10 -7.87
CA LEU B 75 2.50 -4.79 -8.51
C LEU B 75 2.78 -4.93 -9.99
N GLU B 76 2.92 -3.79 -10.63
CA GLU B 76 3.18 -3.73 -12.05
C GLU B 76 4.58 -4.24 -12.39
N ALA B 77 5.51 -4.01 -11.47
CA ALA B 77 6.89 -4.49 -11.57
C ALA B 77 6.92 -5.98 -11.49
N ARG B 78 5.84 -6.48 -10.92
CA ARG B 78 5.63 -7.89 -10.78
C ARG B 78 6.58 -8.43 -9.73
N GLU B 79 6.92 -7.56 -8.75
CA GLU B 79 7.62 -7.97 -7.56
C GLU B 79 6.62 -8.75 -6.73
N TYR B 80 5.37 -8.41 -7.01
CA TYR B 80 4.23 -9.02 -6.38
C TYR B 80 4.17 -10.48 -6.64
N ARG B 81 4.36 -11.17 -5.53
CA ARG B 81 4.31 -12.59 -5.50
C ARG B 81 2.94 -13.00 -5.92
N ASP B 82 2.05 -12.05 -5.65
CA ASP B 82 0.68 -12.09 -6.05
C ASP B 82 -0.05 -10.95 -5.36
N ALA B 83 -1.34 -10.93 -5.53
CA ALA B 83 -2.20 -9.98 -4.88
C ALA B 83 -1.98 -9.88 -3.40
N GLN B 84 -1.58 -10.96 -2.81
CA GLN B 84 -1.41 -10.97 -1.40
C GLN B 84 -0.09 -10.30 -1.07
N GLU B 85 0.65 -9.97 -2.13
CA GLU B 85 1.78 -9.05 -2.01
C GLU B 85 1.25 -7.66 -2.28
N PHE B 86 0.28 -7.57 -3.19
CA PHE B 86 -0.44 -6.35 -3.42
C PHE B 86 -1.03 -5.81 -2.15
N GLY B 87 -2.04 -6.50 -1.66
CA GLY B 87 -2.75 -6.10 -0.49
C GLY B 87 -1.90 -6.06 0.72
N ALA B 88 -0.76 -6.69 0.64
CA ALA B 88 0.14 -6.69 1.73
C ALA B 88 0.74 -5.32 1.92
N ASP B 89 1.13 -4.71 0.82
CA ASP B 89 1.82 -3.45 0.90
C ASP B 89 0.83 -2.31 0.75
N VAL B 90 -0.37 -2.58 0.20
CA VAL B 90 -1.47 -1.61 0.29
C VAL B 90 -1.80 -1.43 1.74
N ARG B 91 -1.88 -2.53 2.42
CA ARG B 91 -2.22 -2.49 3.82
C ARG B 91 -0.99 -2.13 4.64
N LEU B 92 0.20 -2.30 4.08
CA LEU B 92 1.40 -1.90 4.75
C LEU B 92 1.47 -0.40 4.59
N MET B 93 1.10 0.07 3.41
CA MET B 93 1.06 1.49 3.18
C MET B 93 -0.09 2.10 4.00
N PHE B 94 -1.15 1.32 4.21
CA PHE B 94 -2.17 1.72 5.19
C PHE B 94 -1.56 1.63 6.59
N SER B 95 -0.58 0.76 6.74
CA SER B 95 0.08 0.57 8.02
C SER B 95 0.99 1.75 8.30
N ASN B 96 1.80 2.18 7.32
CA ASN B 96 2.77 3.25 7.58
C ASN B 96 2.05 4.50 8.01
N CYS B 97 0.83 4.66 7.56
CA CYS B 97 0.03 5.77 8.03
C CYS B 97 -0.46 5.52 9.47
N TYR B 98 -0.87 4.30 9.78
CA TYR B 98 -1.35 3.97 11.14
C TYR B 98 -0.21 3.94 12.17
N LYS B 99 0.92 3.36 11.79
CA LYS B 99 2.07 3.22 12.70
C LYS B 99 2.61 4.58 13.11
N TYR B 100 2.67 5.47 12.15
CA TYR B 100 3.26 6.77 12.37
C TYR B 100 2.25 7.71 13.00
N ASN B 101 1.06 7.70 12.46
CA ASN B 101 0.07 8.72 12.78
C ASN B 101 -1.08 8.13 13.58
N PRO B 102 -1.79 8.95 14.35
CA PRO B 102 -2.98 8.50 15.07
C PRO B 102 -4.07 8.15 14.08
N PRO B 103 -4.94 7.19 14.39
CA PRO B 103 -5.96 6.70 13.46
C PRO B 103 -7.07 7.73 13.16
N ASP B 104 -6.89 8.95 13.63
CA ASP B 104 -7.83 10.02 13.35
C ASP B 104 -7.17 10.99 12.38
N HIS B 105 -5.94 10.65 12.02
CA HIS B 105 -5.12 11.42 11.12
C HIS B 105 -5.69 11.43 9.70
N GLU B 106 -5.21 12.37 8.90
CA GLU B 106 -5.62 12.47 7.50
C GLU B 106 -5.03 11.35 6.64
N VAL B 107 -3.73 11.11 6.70
CA VAL B 107 -3.18 9.94 6.01
C VAL B 107 -3.89 8.69 6.42
N VAL B 108 -4.01 8.44 7.70
CA VAL B 108 -4.64 7.20 8.13
C VAL B 108 -6.09 7.16 7.66
N ALA B 109 -6.62 8.35 7.43
CA ALA B 109 -7.97 8.53 6.95
C ALA B 109 -8.09 7.86 5.62
N MET B 110 -7.12 8.13 4.77
CA MET B 110 -7.03 7.48 3.47
C MET B 110 -7.17 6.03 3.64
N ALA B 111 -6.24 5.50 4.38
CA ALA B 111 -6.13 4.09 4.61
C ALA B 111 -7.47 3.41 4.94
N ARG B 112 -8.28 4.03 5.80
CA ARG B 112 -9.51 3.38 6.23
C ARG B 112 -10.58 3.38 5.13
N LYS B 113 -10.61 4.38 4.27
CA LYS B 113 -11.59 4.36 3.19
C LYS B 113 -10.93 3.81 1.91
N LEU B 114 -9.61 3.90 1.82
CA LEU B 114 -8.86 3.15 0.84
C LEU B 114 -9.01 1.68 1.09
N GLN B 115 -9.32 1.28 2.30
CA GLN B 115 -9.55 -0.13 2.56
C GLN B 115 -11.00 -0.45 2.22
N ASP B 116 -11.86 0.55 2.36
CA ASP B 116 -13.21 0.47 1.83
C ASP B 116 -13.12 0.06 0.37
N VAL B 117 -12.38 0.85 -0.41
CA VAL B 117 -12.14 0.54 -1.81
C VAL B 117 -11.18 -0.63 -1.98
N PHE B 118 -9.96 -0.51 -1.48
CA PHE B 118 -8.92 -1.50 -1.69
C PHE B 118 -9.39 -2.89 -1.32
N GLU B 119 -9.93 -3.06 -0.12
CA GLU B 119 -10.37 -4.38 0.32
C GLU B 119 -11.53 -4.87 -0.54
N MET B 120 -12.45 -3.95 -0.90
CA MET B 120 -13.54 -4.26 -1.82
C MET B 120 -12.96 -4.81 -3.13
N ARG B 121 -12.04 -4.04 -3.67
CA ARG B 121 -11.24 -4.42 -4.81
C ARG B 121 -10.62 -5.80 -4.60
N PHE B 122 -9.93 -5.89 -3.48
CA PHE B 122 -9.09 -7.03 -3.12
C PHE B 122 -9.90 -8.28 -2.91
N ALA B 123 -11.20 -8.12 -2.86
CA ALA B 123 -12.09 -9.24 -2.66
C ALA B 123 -12.74 -9.64 -3.98
N LYS B 124 -12.72 -8.74 -4.94
CA LYS B 124 -13.30 -9.00 -6.25
C LYS B 124 -12.24 -9.41 -7.27
N MET B 125 -10.98 -9.48 -6.86
CA MET B 125 -9.95 -10.00 -7.75
C MET B 125 -10.04 -11.52 -7.78
N PRO B 126 -9.24 -12.20 -8.62
CA PRO B 126 -9.16 -13.64 -8.60
C PRO B 126 -8.91 -14.18 -7.18
N ASP B 127 -9.09 -15.47 -7.00
CA ASP B 127 -9.02 -16.06 -5.65
C ASP B 127 -8.47 -17.44 -5.64
N GLU B 128 -8.95 -18.19 -6.59
CA GLU B 128 -8.70 -19.61 -6.75
C GLU B 128 -8.86 -20.38 -5.43
#